data_1WF6
#
_entry.id   1WF6
#
_entity_poly.entity_id   1
_entity_poly.type   'polypeptide(L)'
_entity_poly.pdbx_seq_one_letter_code
;GSSGSSGSESICNSLNSKLEPTLENLENLDVSAFQAPEDLLDGCRIYLCGFSGRKLDKLRRLINSGGGVRFNQLNEDVTH
VIVGDYDDELKQFWNKSAHRPHVVGAKWLLECFSKGYMLSEEPYIHSGPSSG
;
_entity_poly.pdbx_strand_id   A
#
# COMPACT_ATOMS: atom_id res chain seq x y z
N GLY A 1 37.27 -17.01 40.82
CA GLY A 1 37.32 -15.65 40.30
C GLY A 1 36.43 -15.52 39.06
N SER A 2 37.04 -14.99 38.00
CA SER A 2 36.32 -14.80 36.75
C SER A 2 37.08 -15.48 35.60
N SER A 3 36.31 -15.99 34.65
CA SER A 3 36.90 -16.66 33.50
C SER A 3 35.80 -17.07 32.51
N GLY A 4 36.04 -16.74 31.25
CA GLY A 4 35.08 -17.06 30.21
C GLY A 4 35.69 -16.87 28.82
N SER A 5 34.85 -16.98 27.81
CA SER A 5 35.29 -16.83 26.44
C SER A 5 34.09 -16.77 25.50
N SER A 6 34.30 -16.14 24.34
CA SER A 6 33.24 -16.01 23.36
C SER A 6 33.58 -16.84 22.12
N GLY A 7 32.60 -16.96 21.24
CA GLY A 7 32.78 -17.72 20.01
C GLY A 7 32.08 -17.03 18.83
N SER A 8 32.14 -17.70 17.69
CA SER A 8 31.52 -17.16 16.49
C SER A 8 30.12 -17.78 16.30
N GLU A 9 29.20 -16.94 15.86
CA GLU A 9 27.83 -17.38 15.64
C GLU A 9 27.27 -16.74 14.37
N SER A 10 26.08 -17.19 14.00
CA SER A 10 25.41 -16.66 12.82
C SER A 10 23.92 -16.48 13.09
N ILE A 11 23.60 -15.39 13.76
CA ILE A 11 22.22 -15.09 14.10
C ILE A 11 21.62 -14.19 13.02
N CYS A 12 20.30 -14.15 12.98
CA CYS A 12 19.59 -13.34 12.00
C CYS A 12 19.17 -12.04 12.68
N ASN A 13 19.43 -10.94 12.00
CA ASN A 13 19.08 -9.63 12.52
C ASN A 13 19.00 -8.63 11.36
N SER A 14 17.99 -7.77 11.43
CA SER A 14 17.79 -6.76 10.41
C SER A 14 19.09 -5.99 10.17
N LEU A 15 19.31 -5.64 8.91
CA LEU A 15 20.51 -4.90 8.54
C LEU A 15 20.39 -4.43 7.09
N ASN A 16 20.41 -5.40 6.18
CA ASN A 16 20.30 -5.09 4.76
C ASN A 16 19.48 -6.18 4.07
N SER A 17 18.49 -5.74 3.32
CA SER A 17 17.62 -6.66 2.60
C SER A 17 17.25 -7.85 3.51
N LYS A 18 16.17 -7.67 4.25
CA LYS A 18 15.71 -8.70 5.15
C LYS A 18 14.26 -9.08 4.80
N LEU A 19 14.04 -10.37 4.64
CA LEU A 19 12.72 -10.87 4.31
C LEU A 19 12.27 -10.26 2.96
N GLU A 20 11.45 -11.01 2.25
CA GLU A 20 10.96 -10.57 0.96
C GLU A 20 9.98 -9.40 1.15
N PRO A 21 9.94 -8.52 0.11
CA PRO A 21 9.05 -7.36 0.15
C PRO A 21 7.60 -7.78 -0.09
N THR A 22 7.12 -8.69 0.73
CA THR A 22 5.77 -9.18 0.61
C THR A 22 4.94 -8.78 1.84
N LEU A 23 3.63 -8.70 1.63
CA LEU A 23 2.73 -8.33 2.72
C LEU A 23 3.03 -9.19 3.95
N GLU A 24 2.94 -10.50 3.75
CA GLU A 24 3.20 -11.44 4.83
C GLU A 24 4.36 -10.94 5.70
N ASN A 25 5.27 -10.22 5.05
CA ASN A 25 6.43 -9.69 5.75
C ASN A 25 6.51 -8.19 5.51
N LEU A 26 5.41 -7.51 5.79
CA LEU A 26 5.35 -6.07 5.62
C LEU A 26 6.02 -5.38 6.80
N GLU A 27 5.70 -5.87 7.99
CA GLU A 27 6.26 -5.31 9.21
C GLU A 27 7.79 -5.42 9.18
N ASN A 28 8.27 -6.39 8.42
CA ASN A 28 9.70 -6.61 8.30
C ASN A 28 10.11 -6.49 6.84
N LEU A 29 9.44 -5.59 6.14
CA LEU A 29 9.73 -5.36 4.73
C LEU A 29 10.72 -4.21 4.59
N ASP A 30 11.83 -4.50 3.94
CA ASP A 30 12.86 -3.50 3.73
C ASP A 30 12.47 -2.61 2.55
N VAL A 31 11.68 -1.59 2.86
CA VAL A 31 11.24 -0.66 1.83
C VAL A 31 12.45 -0.09 1.09
N SER A 32 13.53 0.06 1.83
CA SER A 32 14.76 0.58 1.26
C SER A 32 15.35 -0.41 0.27
N ALA A 33 14.76 -1.60 0.25
CA ALA A 33 15.20 -2.64 -0.65
C ALA A 33 14.74 -2.33 -2.08
N PHE A 34 13.48 -1.95 -2.18
CA PHE A 34 12.90 -1.62 -3.48
C PHE A 34 13.81 -0.66 -4.25
N GLN A 35 14.30 -1.15 -5.39
CA GLN A 35 15.17 -0.34 -6.22
C GLN A 35 14.36 0.65 -7.05
N ALA A 36 13.04 0.57 -6.88
CA ALA A 36 12.15 1.45 -7.61
C ALA A 36 12.71 2.87 -7.61
N PRO A 37 12.16 3.71 -8.53
CA PRO A 37 12.60 5.09 -8.65
C PRO A 37 12.08 5.94 -7.49
N GLU A 38 12.77 7.03 -7.23
CA GLU A 38 12.38 7.93 -6.15
C GLU A 38 11.15 8.73 -6.55
N ASP A 39 10.71 8.50 -7.78
CA ASP A 39 9.53 9.20 -8.30
C ASP A 39 8.53 8.17 -8.82
N LEU A 40 8.68 6.94 -8.34
CA LEU A 40 7.81 5.87 -8.75
C LEU A 40 6.37 6.39 -8.86
N LEU A 41 5.88 6.91 -7.75
CA LEU A 41 4.53 7.46 -7.70
C LEU A 41 4.61 8.99 -7.65
N ASP A 42 5.15 9.56 -8.71
CA ASP A 42 5.28 11.00 -8.79
C ASP A 42 3.90 11.63 -8.85
N GLY A 43 3.65 12.55 -7.93
CA GLY A 43 2.37 13.23 -7.86
C GLY A 43 1.21 12.23 -7.82
N CYS A 44 1.44 11.15 -7.08
CA CYS A 44 0.43 10.12 -6.95
C CYS A 44 -0.07 10.11 -5.50
N ARG A 45 -1.28 10.63 -5.32
CA ARG A 45 -1.88 10.69 -4.00
C ARG A 45 -2.66 9.41 -3.71
N ILE A 46 -2.15 8.65 -2.77
CA ILE A 46 -2.80 7.40 -2.39
C ILE A 46 -3.37 7.53 -0.98
N TYR A 47 -4.45 6.79 -0.73
CA TYR A 47 -5.10 6.82 0.56
C TYR A 47 -4.90 5.50 1.31
N LEU A 48 -4.19 5.59 2.44
CA LEU A 48 -3.93 4.41 3.24
C LEU A 48 -5.07 4.20 4.23
N CYS A 49 -5.57 2.97 4.27
CA CYS A 49 -6.66 2.62 5.15
C CYS A 49 -6.45 1.19 5.64
N GLY A 50 -6.68 1.00 6.93
CA GLY A 50 -6.52 -0.32 7.54
C GLY A 50 -5.22 -0.40 8.33
N PHE A 51 -4.12 -0.40 7.61
CA PHE A 51 -2.81 -0.48 8.24
C PHE A 51 -2.75 0.42 9.48
N SER A 52 -1.76 0.15 10.32
CA SER A 52 -1.58 0.91 11.54
C SER A 52 -0.17 0.69 12.10
N GLY A 53 0.14 -0.57 12.34
CA GLY A 53 1.45 -0.93 12.87
C GLY A 53 2.56 -0.54 11.88
N ARG A 54 3.46 -1.49 11.66
CA ARG A 54 4.57 -1.28 10.75
C ARG A 54 4.07 -1.24 9.30
N LYS A 55 3.12 -2.11 9.02
CA LYS A 55 2.55 -2.18 7.68
C LYS A 55 2.38 -0.76 7.13
N LEU A 56 1.76 0.09 7.94
CA LEU A 56 1.53 1.46 7.55
C LEU A 56 2.86 2.19 7.42
N ASP A 57 3.60 2.19 8.53
CA ASP A 57 4.90 2.85 8.56
C ASP A 57 5.63 2.59 7.25
N LYS A 58 5.41 1.39 6.71
CA LYS A 58 6.05 1.00 5.46
C LYS A 58 5.49 1.86 4.33
N LEU A 59 4.22 1.64 4.02
CA LEU A 59 3.56 2.38 2.96
C LEU A 59 4.03 3.83 3.00
N ARG A 60 4.15 4.36 4.21
CA ARG A 60 4.59 5.73 4.39
C ARG A 60 5.95 5.94 3.73
N ARG A 61 6.88 5.06 4.08
CA ARG A 61 8.22 5.14 3.53
C ARG A 61 8.22 4.80 2.04
N LEU A 62 7.29 3.92 1.68
CA LEU A 62 7.17 3.49 0.29
C LEU A 62 6.65 4.67 -0.54
N ILE A 63 5.38 4.98 -0.34
CA ILE A 63 4.75 6.08 -1.07
C ILE A 63 5.75 7.22 -1.21
N ASN A 64 6.28 7.66 -0.09
CA ASN A 64 7.25 8.74 -0.09
C ASN A 64 8.48 8.32 -0.90
N SER A 65 8.92 7.10 -0.66
CA SER A 65 10.08 6.57 -1.35
C SER A 65 9.87 6.68 -2.87
N GLY A 66 8.63 6.48 -3.28
CA GLY A 66 8.29 6.54 -4.69
C GLY A 66 7.84 7.96 -5.07
N GLY A 67 7.96 8.86 -4.11
CA GLY A 67 7.57 10.25 -4.34
C GLY A 67 6.08 10.45 -4.03
N GLY A 68 5.35 9.35 -4.05
CA GLY A 68 3.92 9.40 -3.77
C GLY A 68 3.63 10.24 -2.53
N VAL A 69 2.37 10.61 -2.38
CA VAL A 69 1.95 11.41 -1.24
C VAL A 69 0.90 10.64 -0.44
N ARG A 70 1.20 10.44 0.83
CA ARG A 70 0.31 9.72 1.71
C ARG A 70 -0.67 10.70 2.39
N PHE A 71 -1.90 10.66 1.94
CA PHE A 71 -2.93 11.53 2.49
C PHE A 71 -3.48 10.97 3.80
N ASN A 72 -3.73 11.88 4.74
CA ASN A 72 -4.26 11.48 6.04
C ASN A 72 -5.76 11.23 5.92
N GLN A 73 -6.36 11.84 4.89
CA GLN A 73 -7.78 11.68 4.67
C GLN A 73 -8.04 11.30 3.20
N LEU A 74 -9.30 11.04 2.91
CA LEU A 74 -9.70 10.68 1.56
C LEU A 74 -10.33 11.88 0.87
N ASN A 75 -10.32 11.83 -0.46
CA ASN A 75 -10.88 12.91 -1.25
C ASN A 75 -10.90 12.50 -2.72
N GLU A 76 -11.29 13.44 -3.57
CA GLU A 76 -11.36 13.19 -5.00
C GLU A 76 -9.96 13.18 -5.59
N ASP A 77 -9.01 13.71 -4.82
CA ASP A 77 -7.64 13.78 -5.26
C ASP A 77 -7.02 12.37 -5.20
N VAL A 78 -7.44 11.62 -4.19
CA VAL A 78 -6.94 10.26 -4.01
C VAL A 78 -6.93 9.55 -5.37
N THR A 79 -5.75 9.08 -5.74
CA THR A 79 -5.60 8.37 -7.00
C THR A 79 -5.59 6.86 -6.76
N HIS A 80 -5.47 6.49 -5.50
CA HIS A 80 -5.45 5.09 -5.13
C HIS A 80 -5.80 4.94 -3.65
N VAL A 81 -6.24 3.74 -3.29
CA VAL A 81 -6.61 3.46 -1.92
C VAL A 81 -6.06 2.08 -1.52
N ILE A 82 -4.90 2.11 -0.87
CA ILE A 82 -4.27 0.88 -0.42
C ILE A 82 -4.97 0.37 0.83
N VAL A 83 -5.76 -0.67 0.65
CA VAL A 83 -6.49 -1.26 1.75
C VAL A 83 -5.70 -2.44 2.33
N GLY A 84 -5.88 -2.67 3.61
CA GLY A 84 -5.19 -3.76 4.28
C GLY A 84 -6.18 -4.81 4.81
N ASP A 85 -7.33 -4.31 5.23
CA ASP A 85 -8.37 -5.18 5.76
C ASP A 85 -9.74 -4.69 5.29
N TYR A 86 -9.96 -3.39 5.47
CA TYR A 86 -11.21 -2.78 5.07
C TYR A 86 -11.12 -1.25 5.11
N ASP A 87 -11.83 -0.63 4.18
CA ASP A 87 -11.82 0.82 4.10
C ASP A 87 -13.24 1.33 4.36
N ASP A 88 -13.42 1.88 5.56
CA ASP A 88 -14.72 2.42 5.94
C ASP A 88 -14.90 3.81 5.33
N GLU A 89 -13.96 4.68 5.65
CA GLU A 89 -13.98 6.04 5.14
C GLU A 89 -14.45 6.05 3.68
N LEU A 90 -13.90 5.12 2.91
CA LEU A 90 -14.25 5.01 1.51
C LEU A 90 -15.75 5.20 1.34
N LYS A 91 -16.51 4.50 2.16
CA LYS A 91 -17.95 4.59 2.11
C LYS A 91 -18.38 6.04 2.29
N GLN A 92 -17.88 6.65 3.35
CA GLN A 92 -18.19 8.04 3.64
C GLN A 92 -17.85 8.92 2.44
N PHE A 93 -16.61 8.80 2.00
CA PHE A 93 -16.14 9.58 0.86
C PHE A 93 -17.06 9.40 -0.34
N TRP A 94 -17.57 8.19 -0.47
CA TRP A 94 -18.46 7.88 -1.58
C TRP A 94 -19.77 8.65 -1.37
N ASN A 95 -20.12 8.82 -0.10
CA ASN A 95 -21.33 9.53 0.25
C ASN A 95 -21.07 11.03 0.18
N LYS A 96 -19.80 11.38 0.04
CA LYS A 96 -19.41 12.78 -0.05
C LYS A 96 -19.27 13.18 -1.51
N SER A 97 -18.13 12.80 -2.09
CA SER A 97 -17.85 13.11 -3.48
C SER A 97 -18.15 11.89 -4.35
N ALA A 98 -18.38 12.16 -5.63
CA ALA A 98 -18.68 11.10 -6.58
C ALA A 98 -17.42 10.75 -7.35
N HIS A 99 -16.77 9.67 -6.91
CA HIS A 99 -15.55 9.22 -7.55
C HIS A 99 -15.30 7.74 -7.19
N ARG A 100 -14.54 7.09 -8.05
CA ARG A 100 -14.22 5.68 -7.85
C ARG A 100 -12.71 5.47 -7.87
N PRO A 101 -12.10 5.54 -6.66
CA PRO A 101 -10.67 5.35 -6.54
C PRO A 101 -10.28 3.88 -6.68
N HIS A 102 -9.01 3.65 -6.95
CA HIS A 102 -8.50 2.30 -7.11
C HIS A 102 -8.17 1.70 -5.73
N VAL A 103 -9.04 0.80 -5.30
CA VAL A 103 -8.86 0.16 -4.01
C VAL A 103 -8.08 -1.15 -4.21
N VAL A 104 -6.85 -1.13 -3.74
CA VAL A 104 -6.00 -2.30 -3.85
C VAL A 104 -5.28 -2.54 -2.52
N GLY A 105 -4.50 -3.61 -2.48
CA GLY A 105 -3.76 -3.97 -1.29
C GLY A 105 -2.29 -3.54 -1.40
N ALA A 106 -1.72 -3.20 -0.26
CA ALA A 106 -0.32 -2.78 -0.23
C ALA A 106 0.51 -3.68 -1.14
N LYS A 107 0.11 -4.95 -1.18
CA LYS A 107 0.80 -5.92 -2.01
C LYS A 107 1.17 -5.28 -3.35
N TRP A 108 0.17 -4.63 -3.95
CA TRP A 108 0.36 -3.97 -5.23
C TRP A 108 1.50 -2.96 -5.06
N LEU A 109 1.27 -2.00 -4.18
CA LEU A 109 2.26 -0.97 -3.92
C LEU A 109 3.66 -1.59 -3.94
N LEU A 110 3.79 -2.68 -3.20
CA LEU A 110 5.06 -3.38 -3.11
C LEU A 110 5.53 -3.75 -4.51
N GLU A 111 4.75 -4.61 -5.15
CA GLU A 111 5.07 -5.06 -6.49
C GLU A 111 5.55 -3.89 -7.34
N CYS A 112 4.85 -2.77 -7.18
CA CYS A 112 5.19 -1.57 -7.93
C CYS A 112 6.64 -1.20 -7.61
N PHE A 113 6.90 -1.00 -6.33
CA PHE A 113 8.24 -0.64 -5.89
C PHE A 113 9.20 -1.81 -6.07
N SER A 114 8.64 -2.95 -6.41
CA SER A 114 9.44 -4.15 -6.62
C SER A 114 9.85 -4.26 -8.10
N LYS A 115 8.88 -4.01 -8.96
CA LYS A 115 9.12 -4.08 -10.39
C LYS A 115 9.80 -2.78 -10.85
N GLY A 116 9.63 -1.74 -10.05
CA GLY A 116 10.22 -0.45 -10.35
C GLY A 116 9.22 0.45 -11.07
N TYR A 117 8.11 -0.15 -11.45
CA TYR A 117 7.05 0.59 -12.14
C TYR A 117 5.67 0.16 -11.66
N MET A 118 4.71 1.05 -11.84
CA MET A 118 3.34 0.78 -11.43
C MET A 118 2.75 -0.38 -12.23
N LEU A 119 1.98 -1.20 -11.54
CA LEU A 119 1.35 -2.35 -12.18
C LEU A 119 -0.17 -2.17 -12.15
N SER A 120 -0.85 -3.13 -12.75
CA SER A 120 -2.31 -3.10 -12.80
C SER A 120 -2.88 -3.23 -11.39
N GLU A 121 -4.01 -2.56 -11.18
CA GLU A 121 -4.66 -2.60 -9.88
C GLU A 121 -5.78 -3.65 -9.89
N GLU A 122 -6.27 -3.95 -11.08
CA GLU A 122 -7.32 -4.93 -11.23
C GLU A 122 -6.90 -6.26 -10.58
N PRO A 123 -5.64 -6.66 -10.87
CA PRO A 123 -5.11 -7.90 -10.33
C PRO A 123 -4.77 -7.76 -8.85
N TYR A 124 -5.07 -6.58 -8.32
CA TYR A 124 -4.81 -6.31 -6.92
C TYR A 124 -5.96 -5.52 -6.28
N ILE A 125 -7.17 -5.93 -6.64
CA ILE A 125 -8.36 -5.28 -6.12
C ILE A 125 -8.73 -5.89 -4.77
N HIS A 126 -9.15 -5.03 -3.85
CA HIS A 126 -9.54 -5.49 -2.53
C HIS A 126 -11.07 -5.55 -2.43
N SER A 127 -11.56 -6.78 -2.36
CA SER A 127 -13.00 -6.99 -2.26
C SER A 127 -13.34 -7.60 -0.90
N GLY A 128 -14.64 -7.70 -0.64
CA GLY A 128 -15.12 -8.25 0.61
C GLY A 128 -15.13 -9.79 0.56
N PRO A 129 -15.52 -10.39 1.72
CA PRO A 129 -15.58 -11.84 1.81
C PRO A 129 -16.80 -12.38 1.07
N SER A 130 -16.90 -13.71 1.06
CA SER A 130 -18.00 -14.37 0.38
C SER A 130 -17.89 -14.17 -1.14
N SER A 131 -18.59 -15.04 -1.87
CA SER A 131 -18.57 -14.97 -3.31
C SER A 131 -19.98 -15.18 -3.87
N GLY A 132 -20.56 -16.31 -3.47
CA GLY A 132 -21.90 -16.65 -3.92
C GLY A 132 -21.97 -18.09 -4.41
N GLY A 1 -26.16 -8.05 -4.85
CA GLY A 1 -27.42 -7.88 -4.15
C GLY A 1 -27.51 -8.84 -2.97
N SER A 2 -26.44 -8.88 -2.18
CA SER A 2 -26.39 -9.76 -1.02
C SER A 2 -25.44 -9.17 0.03
N SER A 3 -25.98 -9.02 1.23
CA SER A 3 -25.20 -8.48 2.33
C SER A 3 -24.25 -9.54 2.88
N GLY A 4 -23.71 -9.26 4.06
CA GLY A 4 -22.78 -10.17 4.70
C GLY A 4 -22.76 -9.98 6.21
N SER A 5 -21.59 -10.17 6.80
CA SER A 5 -21.43 -10.00 8.23
C SER A 5 -19.98 -9.63 8.56
N SER A 6 -19.78 -9.19 9.79
CA SER A 6 -18.46 -8.80 10.24
C SER A 6 -17.89 -9.85 11.19
N GLY A 7 -16.72 -9.55 11.74
CA GLY A 7 -16.06 -10.45 12.66
C GLY A 7 -15.16 -9.69 13.63
N SER A 8 -13.86 -9.94 13.48
CA SER A 8 -12.88 -9.29 14.34
C SER A 8 -11.58 -9.06 13.55
N GLU A 9 -10.67 -8.34 14.19
CA GLU A 9 -9.39 -8.05 13.57
C GLU A 9 -8.38 -9.16 13.87
N SER A 10 -7.29 -9.15 13.11
CA SER A 10 -6.25 -10.15 13.29
C SER A 10 -4.93 -9.46 13.64
N ILE A 11 -3.98 -10.28 14.08
CA ILE A 11 -2.67 -9.77 14.46
C ILE A 11 -1.61 -10.82 14.15
N CYS A 12 -0.61 -10.41 13.38
CA CYS A 12 0.47 -11.29 13.01
C CYS A 12 1.77 -10.77 13.62
N ASN A 13 2.63 -11.70 13.98
CA ASN A 13 3.90 -11.36 14.58
C ASN A 13 4.95 -12.41 14.21
N SER A 14 6.21 -12.00 14.27
CA SER A 14 7.30 -12.89 13.94
C SER A 14 8.62 -12.32 14.46
N LEU A 15 9.64 -13.16 14.48
CA LEU A 15 10.95 -12.76 14.94
C LEU A 15 11.59 -11.83 13.89
N ASN A 16 12.71 -11.24 14.28
CA ASN A 16 13.42 -10.34 13.39
C ASN A 16 14.09 -11.16 12.28
N SER A 17 13.60 -10.96 11.07
CA SER A 17 14.14 -11.68 9.92
C SER A 17 13.49 -11.15 8.63
N LYS A 18 14.34 -10.67 7.73
CA LYS A 18 13.87 -10.15 6.46
C LYS A 18 12.96 -11.18 5.80
N LEU A 19 11.94 -10.68 5.12
CA LEU A 19 10.99 -11.54 4.44
C LEU A 19 10.51 -10.85 3.15
N GLU A 20 10.19 -11.67 2.17
CA GLU A 20 9.71 -11.15 0.90
C GLU A 20 8.78 -9.96 1.12
N PRO A 21 8.74 -9.07 0.10
CA PRO A 21 7.91 -7.88 0.16
C PRO A 21 6.43 -8.23 -0.03
N THR A 22 5.89 -8.94 0.94
CA THR A 22 4.49 -9.34 0.89
C THR A 22 3.72 -8.75 2.06
N LEU A 23 2.40 -8.69 1.89
CA LEU A 23 1.54 -8.15 2.93
C LEU A 23 1.82 -8.87 4.25
N GLU A 24 1.66 -10.18 4.22
CA GLU A 24 1.88 -11.00 5.41
C GLU A 24 3.24 -10.68 6.01
N ASN A 25 4.11 -10.12 5.18
CA ASN A 25 5.44 -9.76 5.62
C ASN A 25 5.67 -8.26 5.40
N LEU A 26 4.84 -7.47 6.05
CA LEU A 26 4.93 -6.02 5.93
C LEU A 26 5.79 -5.47 7.06
N GLU A 27 5.58 -6.02 8.25
CA GLU A 27 6.32 -5.60 9.41
C GLU A 27 7.82 -5.85 9.21
N ASN A 28 8.12 -6.98 8.57
CA ASN A 28 9.49 -7.34 8.30
C ASN A 28 9.82 -7.07 6.83
N LEU A 29 9.41 -5.89 6.37
CA LEU A 29 9.65 -5.50 5.00
C LEU A 29 10.82 -4.51 4.95
N ASP A 30 11.53 -4.54 3.83
CA ASP A 30 12.67 -3.66 3.65
C ASP A 30 12.38 -2.69 2.52
N VAL A 31 11.62 -1.64 2.84
CA VAL A 31 11.26 -0.64 1.85
C VAL A 31 12.53 -0.10 1.19
N SER A 32 13.64 -0.25 1.91
CA SER A 32 14.92 0.22 1.41
C SER A 32 15.44 -0.73 0.33
N ALA A 33 14.83 -1.91 0.29
CA ALA A 33 15.23 -2.93 -0.68
C ALA A 33 14.80 -2.47 -2.07
N PHE A 34 13.55 -2.02 -2.17
CA PHE A 34 13.02 -1.56 -3.44
C PHE A 34 14.00 -0.63 -4.15
N GLN A 35 14.34 -0.99 -5.37
CA GLN A 35 15.26 -0.19 -6.16
C GLN A 35 14.50 0.79 -7.04
N ALA A 36 13.17 0.71 -6.96
CA ALA A 36 12.32 1.58 -7.74
C ALA A 36 12.87 3.02 -7.69
N PRO A 37 12.33 3.87 -8.60
CA PRO A 37 12.76 5.25 -8.66
C PRO A 37 12.17 6.07 -7.50
N GLU A 38 12.86 7.14 -7.16
CA GLU A 38 12.42 8.00 -6.08
C GLU A 38 11.18 8.78 -6.51
N ASP A 39 10.81 8.63 -7.76
CA ASP A 39 9.65 9.31 -8.31
C ASP A 39 8.66 8.28 -8.83
N LEU A 40 8.82 7.05 -8.34
CA LEU A 40 7.94 5.97 -8.76
C LEU A 40 6.50 6.49 -8.84
N LEU A 41 6.02 7.00 -7.72
CA LEU A 41 4.67 7.53 -7.65
C LEU A 41 4.72 9.06 -7.65
N ASP A 42 5.18 9.61 -8.76
CA ASP A 42 5.29 11.05 -8.90
C ASP A 42 3.90 11.65 -9.14
N GLY A 43 3.52 12.57 -8.27
CA GLY A 43 2.22 13.22 -8.39
C GLY A 43 1.09 12.19 -8.29
N CYS A 44 1.29 11.21 -7.43
CA CYS A 44 0.29 10.18 -7.22
C CYS A 44 -0.15 10.21 -5.76
N ARG A 45 -1.39 10.67 -5.57
CA ARG A 45 -1.95 10.76 -4.23
C ARG A 45 -2.70 9.47 -3.88
N ILE A 46 -2.12 8.71 -2.97
CA ILE A 46 -2.73 7.46 -2.54
C ILE A 46 -3.22 7.61 -1.10
N TYR A 47 -4.22 6.80 -0.77
CA TYR A 47 -4.79 6.83 0.57
C TYR A 47 -4.60 5.49 1.27
N LEU A 48 -3.97 5.54 2.43
CA LEU A 48 -3.72 4.35 3.21
C LEU A 48 -4.91 4.10 4.16
N CYS A 49 -5.41 2.88 4.11
CA CYS A 49 -6.53 2.51 4.96
C CYS A 49 -6.23 1.14 5.61
N GLY A 50 -6.58 1.04 6.87
CA GLY A 50 -6.35 -0.19 7.61
C GLY A 50 -5.02 -0.14 8.36
N PHE A 51 -3.94 -0.16 7.58
CA PHE A 51 -2.61 -0.12 8.17
C PHE A 51 -2.56 0.81 9.38
N SER A 52 -1.61 0.52 10.27
CA SER A 52 -1.46 1.32 11.47
C SER A 52 0.00 1.26 11.95
N GLY A 53 0.39 0.08 12.42
CA GLY A 53 1.74 -0.11 12.90
C GLY A 53 2.75 -0.13 11.75
N ARG A 54 3.77 -0.95 11.91
CA ARG A 54 4.80 -1.07 10.89
C ARG A 54 4.16 -1.15 9.50
N LYS A 55 3.13 -1.96 9.40
CA LYS A 55 2.42 -2.12 8.14
C LYS A 55 2.25 -0.76 7.47
N LEU A 56 1.77 0.19 8.27
CA LEU A 56 1.55 1.54 7.77
C LEU A 56 2.90 2.21 7.55
N ASP A 57 3.64 2.39 8.64
CA ASP A 57 4.94 3.02 8.57
C ASP A 57 5.63 2.64 7.27
N LYS A 58 5.48 1.36 6.92
CA LYS A 58 6.09 0.85 5.70
C LYS A 58 5.61 1.69 4.50
N LEU A 59 4.33 1.54 4.18
CA LEU A 59 3.75 2.27 3.08
C LEU A 59 4.25 3.72 3.10
N ARG A 60 4.18 4.32 4.28
CA ARG A 60 4.63 5.69 4.46
C ARG A 60 6.01 5.87 3.84
N ARG A 61 6.86 4.89 4.07
CA ARG A 61 8.22 4.93 3.54
C ARG A 61 8.22 4.63 2.04
N LEU A 62 7.32 3.74 1.64
CA LEU A 62 7.20 3.35 0.26
C LEU A 62 6.69 4.54 -0.56
N ILE A 63 5.42 4.87 -0.33
CA ILE A 63 4.81 5.99 -1.03
C ILE A 63 5.83 7.10 -1.20
N ASN A 64 6.40 7.54 -0.08
CA ASN A 64 7.38 8.60 -0.10
C ASN A 64 8.57 8.16 -0.95
N SER A 65 9.04 6.94 -0.68
CA SER A 65 10.17 6.40 -1.42
C SER A 65 9.90 6.44 -2.92
N GLY A 66 8.61 6.34 -3.25
CA GLY A 66 8.21 6.37 -4.65
C GLY A 66 7.88 7.79 -5.10
N GLY A 67 7.71 8.67 -4.12
CA GLY A 67 7.40 10.06 -4.40
C GLY A 67 5.91 10.35 -4.18
N GLY A 68 5.14 9.27 -4.12
CA GLY A 68 3.70 9.40 -3.92
C GLY A 68 3.39 10.20 -2.66
N VAL A 69 2.17 10.69 -2.59
CA VAL A 69 1.74 11.48 -1.45
C VAL A 69 0.69 10.69 -0.66
N ARG A 70 1.05 10.38 0.57
CA ARG A 70 0.16 9.62 1.44
C ARG A 70 -0.89 10.56 2.06
N PHE A 71 -2.08 10.51 1.49
CA PHE A 71 -3.17 11.34 1.97
C PHE A 71 -3.76 10.78 3.27
N ASN A 72 -3.73 11.60 4.30
CA ASN A 72 -4.26 11.20 5.59
C ASN A 72 -5.78 11.21 5.55
N GLN A 73 -6.31 11.90 4.54
CA GLN A 73 -7.75 11.99 4.38
C GLN A 73 -8.14 11.64 2.93
N LEU A 74 -9.36 11.15 2.79
CA LEU A 74 -9.87 10.77 1.48
C LEU A 74 -10.73 11.91 0.93
N ASN A 75 -10.94 11.86 -0.39
CA ASN A 75 -11.74 12.87 -1.05
C ASN A 75 -11.37 12.91 -2.54
N GLU A 76 -11.99 13.85 -3.24
CA GLU A 76 -11.73 14.00 -4.66
C GLU A 76 -10.28 14.41 -4.90
N ASP A 77 -9.44 13.40 -5.13
CA ASP A 77 -8.03 13.65 -5.37
C ASP A 77 -7.26 12.32 -5.25
N VAL A 78 -7.74 11.49 -4.33
CA VAL A 78 -7.11 10.20 -4.12
C VAL A 78 -7.05 9.43 -5.43
N THR A 79 -5.83 9.19 -5.89
CA THR A 79 -5.61 8.47 -7.13
C THR A 79 -5.61 6.97 -6.89
N HIS A 80 -5.40 6.60 -5.63
CA HIS A 80 -5.37 5.21 -5.25
C HIS A 80 -5.71 5.06 -3.76
N VAL A 81 -6.09 3.85 -3.39
CA VAL A 81 -6.46 3.57 -2.01
C VAL A 81 -5.90 2.21 -1.60
N ILE A 82 -4.74 2.23 -0.97
CA ILE A 82 -4.09 1.01 -0.53
C ILE A 82 -4.76 0.53 0.76
N VAL A 83 -5.51 -0.56 0.62
CA VAL A 83 -6.21 -1.14 1.76
C VAL A 83 -5.34 -2.23 2.39
N GLY A 84 -5.20 -2.15 3.70
CA GLY A 84 -4.40 -3.12 4.44
C GLY A 84 -5.27 -4.25 4.97
N ASP A 85 -6.45 -3.87 5.46
CA ASP A 85 -7.38 -4.85 6.01
C ASP A 85 -8.78 -4.57 5.46
N TYR A 86 -9.16 -3.31 5.50
CA TYR A 86 -10.46 -2.90 5.01
C TYR A 86 -10.44 -1.45 4.51
N ASP A 87 -11.57 -1.01 3.99
CA ASP A 87 -11.68 0.34 3.47
C ASP A 87 -13.10 0.86 3.75
N ASP A 88 -13.32 1.20 5.02
CA ASP A 88 -14.61 1.73 5.43
C ASP A 88 -14.67 3.23 5.12
N GLU A 89 -13.62 3.93 5.52
CA GLU A 89 -13.55 5.36 5.29
C GLU A 89 -14.14 5.72 3.93
N LEU A 90 -13.86 4.86 2.96
CA LEU A 90 -14.37 5.07 1.61
C LEU A 90 -15.87 5.39 1.67
N LYS A 91 -16.61 4.51 2.32
CA LYS A 91 -18.03 4.68 2.46
C LYS A 91 -18.34 6.16 2.69
N GLN A 92 -17.72 6.70 3.73
CA GLN A 92 -17.92 8.10 4.07
C GLN A 92 -17.74 8.97 2.83
N PHE A 93 -16.59 8.81 2.19
CA PHE A 93 -16.28 9.58 0.99
C PHE A 93 -17.24 9.24 -0.14
N TRP A 94 -17.69 8.00 -0.16
CA TRP A 94 -18.61 7.55 -1.18
C TRP A 94 -19.99 8.12 -0.86
N ASN A 95 -20.10 8.68 0.34
CA ASN A 95 -21.35 9.26 0.79
C ASN A 95 -21.27 10.78 0.66
N LYS A 96 -20.11 11.24 0.20
CA LYS A 96 -19.89 12.67 0.02
C LYS A 96 -19.82 12.99 -1.47
N SER A 97 -18.63 12.80 -2.03
CA SER A 97 -18.42 13.06 -3.44
C SER A 97 -18.55 11.76 -4.24
N ALA A 98 -18.82 11.93 -5.53
CA ALA A 98 -18.97 10.78 -6.41
C ALA A 98 -17.64 10.50 -7.10
N HIS A 99 -16.93 9.52 -6.55
CA HIS A 99 -15.64 9.14 -7.09
C HIS A 99 -15.23 7.77 -6.54
N ARG A 100 -14.72 6.94 -7.43
CA ARG A 100 -14.29 5.60 -7.04
C ARG A 100 -12.82 5.40 -7.37
N PRO A 101 -11.97 5.54 -6.31
CA PRO A 101 -10.54 5.37 -6.46
C PRO A 101 -10.16 3.90 -6.62
N HIS A 102 -8.87 3.67 -6.83
CA HIS A 102 -8.38 2.32 -6.99
C HIS A 102 -8.06 1.70 -5.62
N VAL A 103 -8.97 0.85 -5.18
CA VAL A 103 -8.81 0.20 -3.89
C VAL A 103 -8.03 -1.10 -4.08
N VAL A 104 -6.73 -1.02 -3.84
CA VAL A 104 -5.86 -2.17 -3.98
C VAL A 104 -5.13 -2.42 -2.66
N GLY A 105 -4.38 -3.50 -2.63
CA GLY A 105 -3.62 -3.86 -1.44
C GLY A 105 -2.14 -3.52 -1.61
N ALA A 106 -1.51 -3.23 -0.48
CA ALA A 106 -0.10 -2.89 -0.48
C ALA A 106 0.65 -3.82 -1.44
N LYS A 107 0.20 -5.06 -1.49
CA LYS A 107 0.82 -6.05 -2.36
C LYS A 107 1.17 -5.39 -3.69
N TRP A 108 0.24 -4.59 -4.19
CA TRP A 108 0.46 -3.90 -5.45
C TRP A 108 1.62 -2.93 -5.28
N LEU A 109 1.41 -1.96 -4.41
CA LEU A 109 2.44 -0.96 -4.13
C LEU A 109 3.80 -1.64 -4.10
N LEU A 110 3.89 -2.70 -3.30
CA LEU A 110 5.14 -3.43 -3.18
C LEU A 110 5.66 -3.80 -4.57
N GLU A 111 4.88 -4.62 -5.26
CA GLU A 111 5.25 -5.05 -6.60
C GLU A 111 5.68 -3.84 -7.44
N CYS A 112 4.94 -2.75 -7.28
CA CYS A 112 5.23 -1.54 -8.02
C CYS A 112 6.70 -1.17 -7.77
N PHE A 113 7.04 -1.01 -6.51
CA PHE A 113 8.40 -0.67 -6.12
C PHE A 113 9.35 -1.82 -6.42
N SER A 114 8.87 -3.03 -6.17
CA SER A 114 9.67 -4.22 -6.40
C SER A 114 10.04 -4.33 -7.89
N LYS A 115 9.06 -4.04 -8.72
CA LYS A 115 9.27 -4.10 -10.16
C LYS A 115 9.99 -2.83 -10.62
N GLY A 116 9.80 -1.76 -9.85
CA GLY A 116 10.42 -0.50 -10.17
C GLY A 116 9.46 0.42 -10.92
N TYR A 117 8.35 -0.17 -11.35
CA TYR A 117 7.34 0.57 -12.09
C TYR A 117 5.93 0.15 -11.67
N MET A 118 5.02 1.10 -11.74
CA MET A 118 3.64 0.84 -11.37
C MET A 118 3.03 -0.27 -12.24
N LEU A 119 2.24 -1.11 -11.60
CA LEU A 119 1.60 -2.22 -12.30
C LEU A 119 0.08 -2.03 -12.26
N SER A 120 -0.61 -2.95 -12.92
CA SER A 120 -2.06 -2.89 -12.96
C SER A 120 -2.64 -3.05 -11.55
N GLU A 121 -3.73 -2.34 -11.31
CA GLU A 121 -4.39 -2.39 -10.02
C GLU A 121 -5.53 -3.40 -10.04
N GLU A 122 -5.84 -3.87 -11.25
CA GLU A 122 -6.91 -4.84 -11.41
C GLU A 122 -6.53 -6.17 -10.76
N PRO A 123 -5.25 -6.57 -10.97
CA PRO A 123 -4.75 -7.82 -10.41
C PRO A 123 -4.50 -7.67 -8.90
N TYR A 124 -4.82 -6.49 -8.40
CA TYR A 124 -4.63 -6.22 -6.98
C TYR A 124 -5.80 -5.40 -6.41
N ILE A 125 -6.99 -5.80 -6.82
CA ILE A 125 -8.20 -5.12 -6.37
C ILE A 125 -8.62 -5.70 -5.01
N HIS A 126 -9.18 -4.83 -4.18
CA HIS A 126 -9.63 -5.24 -2.86
C HIS A 126 -11.16 -5.29 -2.83
N SER A 127 -11.68 -6.51 -2.74
CA SER A 127 -13.11 -6.71 -2.71
C SER A 127 -13.53 -7.30 -1.36
N GLY A 128 -14.84 -7.38 -1.17
CA GLY A 128 -15.38 -7.93 0.07
C GLY A 128 -15.48 -9.45 -0.01
N PRO A 129 -14.68 -10.13 0.85
CA PRO A 129 -14.67 -11.58 0.89
C PRO A 129 -15.93 -12.11 1.60
N SER A 130 -16.80 -12.70 0.80
CA SER A 130 -18.04 -13.25 1.32
C SER A 130 -18.37 -14.57 0.62
N SER A 131 -18.40 -14.50 -0.70
CA SER A 131 -18.70 -15.68 -1.50
C SER A 131 -20.21 -15.94 -1.50
N GLY A 132 -20.74 -16.14 -0.31
CA GLY A 132 -22.16 -16.40 -0.14
C GLY A 132 -22.42 -17.89 0.12
N GLY A 1 7.20 0.49 -28.91
CA GLY A 1 6.63 -0.82 -28.71
C GLY A 1 7.62 -1.74 -28.01
N SER A 2 7.14 -2.35 -26.93
CA SER A 2 7.97 -3.25 -26.15
C SER A 2 7.10 -4.06 -25.17
N SER A 3 7.10 -5.36 -25.37
CA SER A 3 6.31 -6.25 -24.52
C SER A 3 7.20 -6.84 -23.42
N GLY A 4 6.55 -7.50 -22.48
CA GLY A 4 7.27 -8.12 -21.37
C GLY A 4 6.47 -9.30 -20.79
N SER A 5 7.06 -9.93 -19.79
CA SER A 5 6.42 -11.06 -19.14
C SER A 5 7.13 -11.37 -17.82
N SER A 6 6.47 -12.19 -17.02
CA SER A 6 7.02 -12.57 -15.72
C SER A 6 7.08 -14.10 -15.61
N GLY A 7 8.08 -14.56 -14.88
CA GLY A 7 8.26 -16.00 -14.68
C GLY A 7 9.37 -16.27 -13.67
N SER A 8 8.98 -16.26 -12.40
CA SER A 8 9.92 -16.50 -11.32
C SER A 8 9.54 -17.78 -10.58
N GLU A 9 10.08 -18.89 -11.07
CA GLU A 9 9.81 -20.19 -10.47
C GLU A 9 11.00 -20.64 -9.62
N SER A 10 10.71 -20.99 -8.38
CA SER A 10 11.74 -21.44 -7.45
C SER A 10 12.72 -20.30 -7.18
N ILE A 11 12.74 -19.86 -5.92
CA ILE A 11 13.62 -18.79 -5.52
C ILE A 11 14.20 -19.12 -4.14
N CYS A 12 15.46 -18.72 -3.96
CA CYS A 12 16.15 -18.96 -2.70
C CYS A 12 16.07 -17.68 -1.86
N ASN A 13 16.14 -17.86 -0.55
CA ASN A 13 16.09 -16.74 0.37
C ASN A 13 17.05 -16.99 1.54
N SER A 14 18.06 -16.16 1.61
CA SER A 14 19.06 -16.28 2.66
C SER A 14 19.84 -14.98 2.79
N LEU A 15 19.43 -14.16 3.74
CA LEU A 15 20.08 -12.88 3.98
C LEU A 15 19.60 -12.29 5.31
N ASN A 16 20.20 -11.18 5.68
CA ASN A 16 19.83 -10.51 6.91
C ASN A 16 18.30 -10.34 6.97
N SER A 17 17.83 -9.94 8.13
CA SER A 17 16.40 -9.73 8.34
C SER A 17 15.80 -9.03 7.11
N LYS A 18 15.23 -9.84 6.23
CA LYS A 18 14.61 -9.31 5.03
C LYS A 18 13.73 -10.39 4.40
N LEU A 19 12.42 -10.19 4.51
CA LEU A 19 11.46 -11.13 3.95
C LEU A 19 11.03 -10.65 2.57
N GLU A 20 9.97 -11.27 2.07
CA GLU A 20 9.44 -10.92 0.76
C GLU A 20 8.50 -9.71 0.88
N PRO A 21 8.45 -8.91 -0.22
CA PRO A 21 7.60 -7.73 -0.26
C PRO A 21 6.14 -8.12 -0.45
N THR A 22 5.62 -8.85 0.53
CA THR A 22 4.24 -9.29 0.49
C THR A 22 3.45 -8.69 1.66
N LEU A 23 2.15 -8.54 1.43
CA LEU A 23 1.28 -7.97 2.45
C LEU A 23 1.63 -8.58 3.81
N GLU A 24 1.53 -9.90 3.88
CA GLU A 24 1.84 -10.60 5.11
C GLU A 24 3.17 -10.10 5.70
N ASN A 25 4.24 -10.47 5.02
CA ASN A 25 5.58 -10.06 5.46
C ASN A 25 5.80 -8.59 5.10
N LEU A 26 4.91 -7.75 5.61
CA LEU A 26 5.01 -6.32 5.36
C LEU A 26 5.72 -5.64 6.52
N GLU A 27 5.59 -6.26 7.68
CA GLU A 27 6.22 -5.72 8.89
C GLU A 27 7.74 -5.88 8.81
N ASN A 28 8.16 -7.06 8.35
CA ASN A 28 9.58 -7.35 8.22
C ASN A 28 10.02 -7.06 6.78
N LEU A 29 9.44 -6.02 6.21
CA LEU A 29 9.77 -5.64 4.85
C LEU A 29 10.89 -4.61 4.87
N ASP A 30 11.57 -4.50 3.73
CA ASP A 30 12.66 -3.55 3.61
C ASP A 30 12.36 -2.57 2.48
N VAL A 31 11.61 -1.52 2.83
CA VAL A 31 11.24 -0.52 1.85
C VAL A 31 12.50 0.02 1.18
N SER A 32 13.62 -0.13 1.87
CA SER A 32 14.90 0.32 1.34
C SER A 32 15.38 -0.62 0.24
N ALA A 33 14.84 -1.84 0.27
CA ALA A 33 15.21 -2.84 -0.71
C ALA A 33 14.76 -2.38 -2.10
N PHE A 34 13.50 -1.95 -2.16
CA PHE A 34 12.94 -1.49 -3.42
C PHE A 34 13.90 -0.54 -4.14
N GLN A 35 14.30 -0.96 -5.34
CA GLN A 35 15.22 -0.16 -6.13
C GLN A 35 14.45 0.80 -7.03
N ALA A 36 13.13 0.73 -6.94
CA ALA A 36 12.27 1.58 -7.73
C ALA A 36 12.80 3.02 -7.69
N PRO A 37 12.23 3.87 -8.59
CA PRO A 37 12.65 5.25 -8.66
C PRO A 37 12.09 6.06 -7.49
N GLU A 38 12.73 7.19 -7.23
CA GLU A 38 12.31 8.06 -6.14
C GLU A 38 11.06 8.84 -6.54
N ASP A 39 10.64 8.64 -7.78
CA ASP A 39 9.46 9.31 -8.29
C ASP A 39 8.46 8.27 -8.80
N LEU A 40 8.63 7.05 -8.31
CA LEU A 40 7.75 5.96 -8.71
C LEU A 40 6.32 6.47 -8.80
N LEU A 41 5.82 6.97 -7.68
CA LEU A 41 4.47 7.50 -7.63
C LEU A 41 4.51 9.03 -7.68
N ASP A 42 5.17 9.54 -8.71
CA ASP A 42 5.30 10.97 -8.88
C ASP A 42 3.91 11.59 -9.05
N GLY A 43 3.67 12.64 -8.29
CA GLY A 43 2.39 13.33 -8.34
C GLY A 43 1.23 12.33 -8.27
N CYS A 44 1.38 11.36 -7.38
CA CYS A 44 0.37 10.33 -7.20
C CYS A 44 -0.06 10.34 -5.72
N ARG A 45 -1.28 10.81 -5.50
CA ARG A 45 -1.82 10.88 -4.15
C ARG A 45 -2.57 9.59 -3.82
N ILE A 46 -2.00 8.82 -2.91
CA ILE A 46 -2.62 7.56 -2.50
C ILE A 46 -3.12 7.70 -1.06
N TYR A 47 -4.15 6.93 -0.76
CA TYR A 47 -4.74 6.95 0.57
C TYR A 47 -4.55 5.60 1.27
N LEU A 48 -3.87 5.66 2.40
CA LEU A 48 -3.61 4.45 3.18
C LEU A 48 -4.84 4.14 4.05
N CYS A 49 -5.40 2.97 3.83
CA CYS A 49 -6.56 2.54 4.58
C CYS A 49 -6.24 1.20 5.25
N GLY A 50 -6.53 1.13 6.54
CA GLY A 50 -6.27 -0.08 7.30
C GLY A 50 -4.77 -0.31 7.47
N PHE A 51 -4.14 0.61 8.16
CA PHE A 51 -2.70 0.52 8.40
C PHE A 51 -2.31 1.26 9.68
N SER A 52 -1.58 0.56 10.52
CA SER A 52 -1.13 1.13 11.78
C SER A 52 0.02 0.30 12.35
N GLY A 53 1.06 1.00 12.79
CA GLY A 53 2.23 0.35 13.36
C GLY A 53 3.35 0.25 12.32
N ARG A 54 3.63 -0.98 11.92
CA ARG A 54 4.68 -1.22 10.94
C ARG A 54 4.10 -1.18 9.52
N LYS A 55 3.03 -1.92 9.33
CA LYS A 55 2.37 -1.98 8.04
C LYS A 55 2.23 -0.56 7.48
N LEU A 56 1.86 0.35 8.36
CA LEU A 56 1.69 1.74 7.96
C LEU A 56 3.07 2.36 7.69
N ASP A 57 3.84 2.52 8.75
CA ASP A 57 5.17 3.09 8.64
C ASP A 57 5.79 2.66 7.32
N LYS A 58 5.69 1.37 7.04
CA LYS A 58 6.25 0.82 5.82
C LYS A 58 5.73 1.62 4.63
N LEU A 59 4.42 1.50 4.40
CA LEU A 59 3.78 2.21 3.31
C LEU A 59 4.25 3.66 3.30
N ARG A 60 4.18 4.28 4.47
CA ARG A 60 4.59 5.66 4.62
C ARG A 60 5.95 5.89 3.94
N ARG A 61 6.85 4.95 4.20
CA ARG A 61 8.18 5.03 3.64
C ARG A 61 8.16 4.71 2.14
N LEU A 62 7.37 3.70 1.80
CA LEU A 62 7.24 3.29 0.41
C LEU A 62 6.74 4.47 -0.42
N ILE A 63 5.51 4.86 -0.15
CA ILE A 63 4.90 5.96 -0.88
C ILE A 63 5.94 7.08 -1.06
N ASN A 64 6.51 7.49 0.06
CA ASN A 64 7.51 8.54 0.05
C ASN A 64 8.69 8.11 -0.82
N SER A 65 9.11 6.87 -0.61
CA SER A 65 10.22 6.32 -1.37
C SER A 65 9.93 6.43 -2.87
N GLY A 66 8.67 6.22 -3.22
CA GLY A 66 8.25 6.29 -4.61
C GLY A 66 7.88 7.73 -5.00
N GLY A 67 8.02 8.62 -4.04
CA GLY A 67 7.71 10.02 -4.25
C GLY A 67 6.21 10.29 -4.04
N GLY A 68 5.45 9.21 -3.98
CA GLY A 68 4.01 9.32 -3.78
C GLY A 68 3.70 10.19 -2.56
N VAL A 69 2.46 10.66 -2.53
CA VAL A 69 2.02 11.51 -1.43
C VAL A 69 0.96 10.77 -0.61
N ARG A 70 1.30 10.50 0.64
CA ARG A 70 0.40 9.80 1.53
C ARG A 70 -0.64 10.76 2.10
N PHE A 71 -1.85 10.65 1.58
CA PHE A 71 -2.94 11.51 2.04
C PHE A 71 -3.53 11.00 3.35
N ASN A 72 -3.54 11.88 4.34
CA ASN A 72 -4.07 11.53 5.65
C ASN A 72 -5.60 11.53 5.58
N GLN A 73 -6.11 12.14 4.54
CA GLN A 73 -7.55 12.22 4.34
C GLN A 73 -7.93 11.69 2.96
N LEU A 74 -9.23 11.49 2.78
CA LEU A 74 -9.74 10.99 1.51
C LEU A 74 -10.48 12.11 0.79
N ASN A 75 -10.64 11.93 -0.51
CA ASN A 75 -11.33 12.92 -1.33
C ASN A 75 -11.15 12.56 -2.81
N GLU A 76 -11.67 13.44 -3.66
CA GLU A 76 -11.57 13.23 -5.10
C GLU A 76 -10.12 13.31 -5.55
N ASP A 77 -9.29 13.86 -4.68
CA ASP A 77 -7.88 14.02 -4.98
C ASP A 77 -7.22 12.63 -5.00
N VAL A 78 -7.57 11.84 -3.99
CA VAL A 78 -7.02 10.50 -3.88
C VAL A 78 -7.03 9.83 -5.26
N THR A 79 -5.88 9.30 -5.63
CA THR A 79 -5.75 8.63 -6.92
C THR A 79 -5.68 7.11 -6.73
N HIS A 80 -5.54 6.71 -5.47
CA HIS A 80 -5.45 5.31 -5.14
C HIS A 80 -5.83 5.10 -3.66
N VAL A 81 -6.25 3.88 -3.35
CA VAL A 81 -6.64 3.55 -2.00
C VAL A 81 -6.08 2.17 -1.63
N ILE A 82 -4.96 2.19 -0.92
CA ILE A 82 -4.31 0.96 -0.51
C ILE A 82 -4.99 0.42 0.74
N VAL A 83 -5.79 -0.61 0.53
CA VAL A 83 -6.52 -1.23 1.64
C VAL A 83 -5.63 -2.28 2.30
N GLY A 84 -5.43 -2.10 3.60
CA GLY A 84 -4.60 -3.03 4.36
C GLY A 84 -5.45 -4.13 4.98
N ASP A 85 -6.55 -3.70 5.61
CA ASP A 85 -7.44 -4.65 6.25
C ASP A 85 -8.85 -4.49 5.66
N TYR A 86 -9.27 -3.23 5.55
CA TYR A 86 -10.58 -2.94 5.00
C TYR A 86 -10.69 -1.46 4.63
N ASP A 87 -11.56 -1.19 3.67
CA ASP A 87 -11.78 0.17 3.21
C ASP A 87 -13.18 0.63 3.60
N ASP A 88 -13.28 1.14 4.82
CA ASP A 88 -14.55 1.61 5.33
C ASP A 88 -14.68 3.11 5.06
N GLU A 89 -13.66 3.84 5.48
CA GLU A 89 -13.64 5.28 5.29
C GLU A 89 -14.25 5.65 3.94
N LEU A 90 -13.98 4.81 2.96
CA LEU A 90 -14.50 5.03 1.62
C LEU A 90 -16.00 5.28 1.69
N LYS A 91 -16.70 4.37 2.36
CA LYS A 91 -18.13 4.49 2.50
C LYS A 91 -18.50 5.95 2.72
N GLN A 92 -17.86 6.55 3.72
CA GLN A 92 -18.11 7.95 4.04
C GLN A 92 -17.89 8.82 2.80
N PHE A 93 -16.70 8.69 2.24
CA PHE A 93 -16.35 9.46 1.06
C PHE A 93 -17.34 9.21 -0.08
N TRP A 94 -17.68 7.95 -0.26
CA TRP A 94 -18.63 7.57 -1.30
C TRP A 94 -19.98 8.21 -0.98
N ASN A 95 -20.20 8.43 0.31
CA ASN A 95 -21.44 9.04 0.76
C ASN A 95 -21.35 10.55 0.61
N LYS A 96 -20.15 11.01 0.31
CA LYS A 96 -19.91 12.44 0.13
C LYS A 96 -19.83 12.76 -1.36
N SER A 97 -18.65 12.54 -1.92
CA SER A 97 -18.43 12.80 -3.34
C SER A 97 -18.60 11.51 -4.13
N ALA A 98 -18.88 11.68 -5.42
CA ALA A 98 -19.07 10.54 -6.30
C ALA A 98 -17.76 10.27 -7.05
N HIS A 99 -17.01 9.30 -6.55
CA HIS A 99 -15.75 8.93 -7.17
C HIS A 99 -15.40 7.48 -6.82
N ARG A 100 -14.70 6.83 -7.73
CA ARG A 100 -14.31 5.46 -7.54
C ARG A 100 -12.80 5.30 -7.71
N PRO A 101 -12.08 5.45 -6.57
CA PRO A 101 -10.63 5.34 -6.58
C PRO A 101 -10.20 3.88 -6.70
N HIS A 102 -8.92 3.69 -6.98
CA HIS A 102 -8.37 2.36 -7.13
C HIS A 102 -8.12 1.75 -5.75
N VAL A 103 -9.03 0.87 -5.36
CA VAL A 103 -8.93 0.22 -4.06
C VAL A 103 -8.14 -1.08 -4.22
N VAL A 104 -6.85 -0.99 -3.92
CA VAL A 104 -5.97 -2.15 -4.02
C VAL A 104 -5.28 -2.37 -2.68
N GLY A 105 -4.47 -3.43 -2.63
CA GLY A 105 -3.75 -3.77 -1.42
C GLY A 105 -2.27 -3.38 -1.54
N ALA A 106 -1.68 -3.09 -0.40
CA ALA A 106 -0.28 -2.71 -0.36
C ALA A 106 0.53 -3.62 -1.29
N LYS A 107 0.14 -4.88 -1.31
CA LYS A 107 0.80 -5.87 -2.15
C LYS A 107 1.16 -5.22 -3.49
N TRP A 108 0.17 -4.56 -4.07
CA TRP A 108 0.37 -3.89 -5.35
C TRP A 108 1.60 -2.99 -5.23
N LEU A 109 1.46 -1.96 -4.42
CA LEU A 109 2.55 -1.02 -4.20
C LEU A 109 3.87 -1.78 -4.13
N LEU A 110 3.93 -2.69 -3.17
CA LEU A 110 5.13 -3.48 -2.97
C LEU A 110 5.68 -3.90 -4.33
N GLU A 111 4.88 -4.66 -5.07
CA GLU A 111 5.29 -5.12 -6.38
C GLU A 111 5.67 -3.93 -7.27
N CYS A 112 4.88 -2.87 -7.18
CA CYS A 112 5.13 -1.67 -7.95
C CYS A 112 6.59 -1.25 -7.73
N PHE A 113 6.95 -1.15 -6.46
CA PHE A 113 8.31 -0.76 -6.10
C PHE A 113 9.30 -1.88 -6.41
N SER A 114 8.90 -3.10 -6.04
CA SER A 114 9.75 -4.25 -6.26
C SER A 114 10.10 -4.36 -7.75
N LYS A 115 9.11 -4.06 -8.59
CA LYS A 115 9.31 -4.12 -10.02
C LYS A 115 10.00 -2.84 -10.50
N GLY A 116 9.83 -1.79 -9.72
CA GLY A 116 10.42 -0.51 -10.04
C GLY A 116 9.45 0.38 -10.82
N TYR A 117 8.37 -0.24 -11.26
CA TYR A 117 7.35 0.47 -12.02
C TYR A 117 5.94 0.05 -11.59
N MET A 118 5.02 1.00 -11.67
CA MET A 118 3.64 0.73 -11.31
C MET A 118 3.04 -0.39 -12.17
N LEU A 119 2.31 -1.27 -11.50
CA LEU A 119 1.68 -2.38 -12.19
C LEU A 119 0.16 -2.18 -12.19
N SER A 120 -0.52 -3.11 -12.85
CA SER A 120 -1.97 -3.05 -12.92
C SER A 120 -2.58 -3.15 -11.53
N GLU A 121 -3.71 -2.47 -11.36
CA GLU A 121 -4.40 -2.48 -10.08
C GLU A 121 -5.50 -3.53 -10.08
N GLU A 122 -5.77 -4.05 -11.26
CA GLU A 122 -6.81 -5.08 -11.41
C GLU A 122 -6.39 -6.35 -10.67
N PRO A 123 -5.10 -6.72 -10.86
CA PRO A 123 -4.57 -7.92 -10.22
C PRO A 123 -4.34 -7.69 -8.73
N TYR A 124 -4.86 -6.57 -8.23
CA TYR A 124 -4.72 -6.23 -6.84
C TYR A 124 -5.91 -5.41 -6.35
N ILE A 125 -7.10 -5.85 -6.75
CA ILE A 125 -8.32 -5.17 -6.36
C ILE A 125 -8.84 -5.78 -5.06
N HIS A 126 -9.51 -4.95 -4.28
CA HIS A 126 -10.07 -5.38 -3.01
C HIS A 126 -11.60 -5.33 -3.08
N SER A 127 -12.19 -6.52 -3.14
CA SER A 127 -13.64 -6.63 -3.21
C SER A 127 -14.17 -7.26 -1.92
N GLY A 128 -15.50 -7.27 -1.81
CA GLY A 128 -16.14 -7.84 -0.64
C GLY A 128 -17.14 -8.92 -1.04
N PRO A 129 -16.76 -10.19 -0.75
CA PRO A 129 -17.61 -11.33 -1.07
C PRO A 129 -18.78 -11.42 -0.10
N SER A 130 -18.48 -11.20 1.18
CA SER A 130 -19.51 -11.26 2.20
C SER A 130 -20.44 -12.45 1.95
N SER A 131 -20.08 -13.58 2.57
CA SER A 131 -20.88 -14.79 2.41
C SER A 131 -21.24 -15.35 3.79
N GLY A 132 -22.52 -15.66 3.95
CA GLY A 132 -23.00 -16.21 5.21
C GLY A 132 -24.47 -16.64 5.09
N GLY A 1 47.00 27.20 -10.27
CA GLY A 1 45.91 27.00 -9.34
C GLY A 1 46.32 26.04 -8.22
N SER A 2 45.62 26.17 -7.10
CA SER A 2 45.89 25.32 -5.95
C SER A 2 44.60 25.05 -5.18
N SER A 3 44.60 23.91 -4.49
CA SER A 3 43.43 23.53 -3.71
C SER A 3 43.80 22.41 -2.73
N GLY A 4 42.90 22.17 -1.78
CA GLY A 4 43.13 21.13 -0.79
C GLY A 4 42.16 19.97 -0.99
N SER A 5 42.07 19.13 0.04
CA SER A 5 41.19 17.98 -0.01
C SER A 5 41.25 17.21 1.32
N SER A 6 40.13 16.62 1.68
CA SER A 6 40.04 15.87 2.92
C SER A 6 38.68 15.18 3.03
N GLY A 7 38.65 14.11 3.81
CA GLY A 7 37.41 13.37 4.00
C GLY A 7 37.71 11.94 4.47
N SER A 8 36.66 11.29 4.96
CA SER A 8 36.78 9.93 5.45
C SER A 8 36.77 8.94 4.27
N GLU A 9 37.10 7.70 4.58
CA GLU A 9 37.13 6.67 3.56
C GLU A 9 36.55 5.36 4.11
N SER A 10 35.22 5.31 4.15
CA SER A 10 34.53 4.14 4.66
C SER A 10 33.06 4.21 4.29
N ILE A 11 32.76 3.86 3.04
CA ILE A 11 31.40 3.88 2.56
C ILE A 11 31.12 2.58 1.78
N CYS A 12 30.24 1.77 2.35
CA CYS A 12 29.88 0.51 1.74
C CYS A 12 28.41 0.22 2.04
N ASN A 13 27.77 -0.48 1.11
CA ASN A 13 26.37 -0.81 1.27
C ASN A 13 26.12 -2.22 0.71
N SER A 14 25.31 -2.98 1.44
CA SER A 14 24.99 -4.33 1.03
C SER A 14 23.72 -4.80 1.73
N LEU A 15 22.63 -4.81 0.98
CA LEU A 15 21.35 -5.23 1.52
C LEU A 15 20.71 -6.25 0.57
N ASN A 16 19.79 -7.04 1.12
CA ASN A 16 19.11 -8.06 0.34
C ASN A 16 17.68 -8.22 0.87
N SER A 17 16.73 -7.97 -0.02
CA SER A 17 15.33 -8.08 0.34
C SER A 17 15.10 -9.35 1.16
N LYS A 18 14.50 -9.17 2.33
CA LYS A 18 14.22 -10.29 3.21
C LYS A 18 12.74 -10.66 3.09
N LEU A 19 12.52 -11.93 2.77
CA LEU A 19 11.17 -12.44 2.62
C LEU A 19 10.47 -11.67 1.49
N GLU A 20 9.54 -12.36 0.85
CA GLU A 20 8.79 -11.75 -0.24
C GLU A 20 8.10 -10.47 0.23
N PRO A 21 8.03 -9.49 -0.69
CA PRO A 21 7.39 -8.21 -0.38
C PRO A 21 5.87 -8.35 -0.36
N THR A 22 5.40 -9.23 0.51
CA THR A 22 3.97 -9.46 0.64
C THR A 22 3.40 -8.64 1.80
N LEU A 23 2.08 -8.68 1.91
CA LEU A 23 1.41 -7.95 2.97
C LEU A 23 1.85 -8.50 4.33
N GLU A 24 1.53 -9.76 4.56
CA GLU A 24 1.88 -10.41 5.81
C GLU A 24 3.28 -9.99 6.25
N ASN A 25 4.24 -10.22 5.36
CA ASN A 25 5.62 -9.87 5.63
C ASN A 25 5.88 -8.43 5.21
N LEU A 26 5.10 -7.53 5.80
CA LEU A 26 5.24 -6.11 5.48
C LEU A 26 6.11 -5.43 6.55
N GLU A 27 5.94 -5.91 7.77
CA GLU A 27 6.70 -5.36 8.89
C GLU A 27 8.20 -5.64 8.71
N ASN A 28 8.49 -6.91 8.41
CA ASN A 28 9.87 -7.33 8.22
C ASN A 28 10.38 -6.80 6.88
N LEU A 29 9.44 -6.64 5.95
CA LEU A 29 9.78 -6.14 4.63
C LEU A 29 10.70 -4.93 4.77
N ASP A 30 11.67 -4.85 3.86
CA ASP A 30 12.62 -3.76 3.87
C ASP A 30 12.32 -2.83 2.69
N VAL A 31 11.54 -1.81 2.96
CA VAL A 31 11.18 -0.85 1.93
C VAL A 31 12.45 -0.33 1.25
N SER A 32 13.49 -0.18 2.07
CA SER A 32 14.76 0.31 1.57
C SER A 32 15.35 -0.68 0.57
N ALA A 33 14.74 -1.85 0.52
CA ALA A 33 15.19 -2.90 -0.39
C ALA A 33 14.79 -2.53 -1.82
N PHE A 34 13.54 -2.11 -1.97
CA PHE A 34 13.02 -1.73 -3.27
C PHE A 34 13.98 -0.77 -3.97
N GLN A 35 14.34 -1.13 -5.20
CA GLN A 35 15.26 -0.32 -5.98
C GLN A 35 14.46 0.65 -6.87
N ALA A 36 13.15 0.64 -6.67
CA ALA A 36 12.28 1.52 -7.44
C ALA A 36 12.89 2.92 -7.49
N PRO A 37 12.32 3.76 -8.39
CA PRO A 37 12.79 5.13 -8.55
C PRO A 37 12.32 6.00 -7.39
N GLU A 38 12.91 7.18 -7.31
CA GLU A 38 12.57 8.13 -6.26
C GLU A 38 11.37 8.97 -6.68
N ASP A 39 10.74 8.56 -7.76
CA ASP A 39 9.58 9.27 -8.27
C ASP A 39 8.57 8.26 -8.82
N LEU A 40 8.68 7.04 -8.32
CA LEU A 40 7.79 5.98 -8.74
C LEU A 40 6.36 6.52 -8.84
N LEU A 41 5.81 6.87 -7.68
CA LEU A 41 4.46 7.40 -7.63
C LEU A 41 4.52 8.93 -7.66
N ASP A 42 5.19 9.44 -8.69
CA ASP A 42 5.33 10.87 -8.86
C ASP A 42 3.96 11.49 -9.14
N GLY A 43 3.63 12.50 -8.35
CA GLY A 43 2.35 13.18 -8.49
C GLY A 43 1.19 12.20 -8.40
N CYS A 44 1.33 11.25 -7.47
CA CYS A 44 0.31 10.24 -7.27
C CYS A 44 -0.14 10.30 -5.81
N ARG A 45 -1.40 10.67 -5.62
CA ARG A 45 -1.96 10.77 -4.28
C ARG A 45 -2.70 9.49 -3.93
N ILE A 46 -2.14 8.76 -2.97
CA ILE A 46 -2.73 7.51 -2.53
C ILE A 46 -3.25 7.67 -1.10
N TYR A 47 -4.21 6.83 -0.76
CA TYR A 47 -4.79 6.87 0.57
C TYR A 47 -4.60 5.54 1.31
N LEU A 48 -3.97 5.63 2.47
CA LEU A 48 -3.72 4.44 3.27
C LEU A 48 -4.87 4.24 4.25
N CYS A 49 -5.40 3.02 4.27
CA CYS A 49 -6.49 2.69 5.17
C CYS A 49 -6.32 1.24 5.62
N GLY A 50 -6.59 1.02 6.90
CA GLY A 50 -6.47 -0.31 7.47
C GLY A 50 -5.02 -0.81 7.41
N PHE A 51 -4.18 -0.16 8.22
CA PHE A 51 -2.78 -0.53 8.27
C PHE A 51 -2.21 -0.32 9.68
N SER A 52 -1.93 0.94 9.98
CA SER A 52 -1.38 1.29 11.28
C SER A 52 -0.13 0.45 11.57
N GLY A 53 0.53 0.78 12.66
CA GLY A 53 1.73 0.07 13.06
C GLY A 53 2.79 0.12 11.96
N ARG A 54 3.69 -0.84 12.01
CA ARG A 54 4.77 -0.91 11.03
C ARG A 54 4.18 -0.95 9.61
N LYS A 55 3.18 -1.79 9.45
CA LYS A 55 2.53 -1.93 8.15
C LYS A 55 2.38 -0.56 7.50
N LEU A 56 1.84 0.37 8.29
CA LEU A 56 1.64 1.72 7.80
C LEU A 56 3.00 2.38 7.55
N ASP A 57 3.81 2.42 8.61
CA ASP A 57 5.13 3.01 8.51
C ASP A 57 5.77 2.62 7.18
N LYS A 58 5.58 1.36 6.81
CA LYS A 58 6.14 0.85 5.57
C LYS A 58 5.64 1.71 4.41
N LEU A 59 4.36 1.56 4.10
CA LEU A 59 3.76 2.33 3.02
C LEU A 59 4.25 3.77 3.08
N ARG A 60 4.17 4.33 4.28
CA ARG A 60 4.62 5.71 4.48
C ARG A 60 6.01 5.92 3.88
N ARG A 61 6.86 4.92 4.08
CA ARG A 61 8.22 4.98 3.57
C ARG A 61 8.23 4.67 2.07
N LEU A 62 7.43 3.69 1.69
CA LEU A 62 7.34 3.28 0.29
C LEU A 62 6.86 4.47 -0.54
N ILE A 63 5.62 4.86 -0.29
CA ILE A 63 5.02 5.98 -1.02
C ILE A 63 6.08 7.07 -1.21
N ASN A 64 6.66 7.49 -0.10
CA ASN A 64 7.68 8.53 -0.14
C ASN A 64 8.81 8.08 -1.06
N SER A 65 9.21 6.83 -0.90
CA SER A 65 10.28 6.28 -1.72
C SER A 65 9.91 6.37 -3.20
N GLY A 66 8.60 6.43 -3.45
CA GLY A 66 8.11 6.51 -4.81
C GLY A 66 7.78 7.96 -5.19
N GLY A 67 7.72 8.80 -4.18
CA GLY A 67 7.44 10.21 -4.39
C GLY A 67 5.95 10.51 -4.15
N GLY A 68 5.16 9.44 -4.12
CA GLY A 68 3.73 9.57 -3.91
C GLY A 68 3.44 10.39 -2.65
N VAL A 69 2.18 10.78 -2.52
CA VAL A 69 1.76 11.56 -1.37
C VAL A 69 0.72 10.78 -0.57
N ARG A 70 1.08 10.49 0.67
CA ARG A 70 0.18 9.73 1.55
C ARG A 70 -0.90 10.65 2.11
N PHE A 71 -2.10 10.49 1.57
CA PHE A 71 -3.23 11.29 2.01
C PHE A 71 -3.81 10.76 3.32
N ASN A 72 -3.98 11.66 4.27
CA ASN A 72 -4.52 11.31 5.57
C ASN A 72 -6.02 11.59 5.58
N GLN A 73 -6.56 11.88 4.41
CA GLN A 73 -7.97 12.17 4.28
C GLN A 73 -8.51 11.60 2.96
N LEU A 74 -9.78 11.24 2.99
CA LEU A 74 -10.42 10.68 1.81
C LEU A 74 -11.11 11.79 1.03
N ASN A 75 -10.70 11.93 -0.23
CA ASN A 75 -11.27 12.95 -1.09
C ASN A 75 -11.15 12.50 -2.56
N GLU A 76 -11.58 13.38 -3.44
CA GLU A 76 -11.53 13.09 -4.87
C GLU A 76 -10.08 13.18 -5.37
N ASP A 77 -9.30 14.00 -4.68
CA ASP A 77 -7.90 14.19 -5.05
C ASP A 77 -7.20 12.83 -5.05
N VAL A 78 -7.61 11.98 -4.13
CA VAL A 78 -7.03 10.65 -4.01
C VAL A 78 -7.08 9.96 -5.38
N THR A 79 -5.93 9.43 -5.77
CA THR A 79 -5.82 8.74 -7.04
C THR A 79 -5.77 7.22 -6.83
N HIS A 80 -5.51 6.85 -5.59
CA HIS A 80 -5.43 5.44 -5.23
C HIS A 80 -5.74 5.26 -3.74
N VAL A 81 -6.12 4.04 -3.40
CA VAL A 81 -6.44 3.72 -2.01
C VAL A 81 -5.86 2.35 -1.66
N ILE A 82 -4.78 2.37 -0.91
CA ILE A 82 -4.13 1.14 -0.49
C ILE A 82 -4.79 0.62 0.78
N VAL A 83 -5.46 -0.51 0.64
CA VAL A 83 -6.15 -1.13 1.75
C VAL A 83 -5.31 -2.29 2.29
N GLY A 84 -5.25 -2.39 3.61
CA GLY A 84 -4.48 -3.45 4.25
C GLY A 84 -5.41 -4.55 4.77
N ASP A 85 -6.49 -4.12 5.42
CA ASP A 85 -7.45 -5.06 5.96
C ASP A 85 -8.84 -4.74 5.41
N TYR A 86 -9.17 -3.45 5.41
CA TYR A 86 -10.45 -3.00 4.91
C TYR A 86 -10.48 -1.48 4.75
N ASP A 87 -11.48 -1.02 4.02
CA ASP A 87 -11.63 0.41 3.78
C ASP A 87 -13.07 0.82 4.08
N ASP A 88 -13.25 1.40 5.27
CA ASP A 88 -14.57 1.84 5.70
C ASP A 88 -14.73 3.32 5.34
N GLU A 89 -13.80 4.12 5.81
CA GLU A 89 -13.83 5.55 5.55
C GLU A 89 -14.33 5.81 4.12
N LEU A 90 -13.77 5.05 3.19
CA LEU A 90 -14.15 5.20 1.79
C LEU A 90 -15.67 5.30 1.68
N LYS A 91 -16.34 4.28 2.20
CA LYS A 91 -17.79 4.23 2.17
C LYS A 91 -18.34 5.64 2.46
N GLN A 92 -17.75 6.28 3.47
CA GLN A 92 -18.17 7.61 3.85
C GLN A 92 -17.89 8.60 2.73
N PHE A 93 -16.69 8.51 2.18
CA PHE A 93 -16.29 9.39 1.10
C PHE A 93 -17.13 9.15 -0.14
N TRP A 94 -17.66 7.94 -0.24
CA TRP A 94 -18.50 7.58 -1.37
C TRP A 94 -19.87 8.23 -1.18
N ASN A 95 -20.18 8.54 0.07
CA ASN A 95 -21.44 9.17 0.40
C ASN A 95 -21.28 10.69 0.37
N LYS A 96 -20.03 11.12 0.22
CA LYS A 96 -19.73 12.54 0.17
C LYS A 96 -19.55 12.96 -1.29
N SER A 97 -18.43 12.54 -1.86
CA SER A 97 -18.12 12.87 -3.25
C SER A 97 -18.38 11.66 -4.14
N ALA A 98 -18.59 11.95 -5.42
CA ALA A 98 -18.84 10.89 -6.39
C ALA A 98 -17.55 10.57 -7.15
N HIS A 99 -16.88 9.52 -6.72
CA HIS A 99 -15.64 9.12 -7.36
C HIS A 99 -15.32 7.67 -6.98
N ARG A 100 -14.66 6.98 -7.90
CA ARG A 100 -14.29 5.60 -7.69
C ARG A 100 -12.77 5.43 -7.78
N PRO A 101 -12.10 5.56 -6.60
CA PRO A 101 -10.66 5.42 -6.54
C PRO A 101 -10.24 3.95 -6.65
N HIS A 102 -8.95 3.76 -6.91
CA HIS A 102 -8.42 2.42 -7.05
C HIS A 102 -8.11 1.85 -5.66
N VAL A 103 -8.99 0.97 -5.21
CA VAL A 103 -8.82 0.35 -3.90
C VAL A 103 -8.06 -0.96 -4.06
N VAL A 104 -6.75 -0.87 -3.88
CA VAL A 104 -5.90 -2.05 -4.00
C VAL A 104 -5.16 -2.27 -2.68
N GLY A 105 -4.43 -3.38 -2.63
CA GLY A 105 -3.69 -3.73 -1.44
C GLY A 105 -2.20 -3.39 -1.60
N ALA A 106 -1.57 -3.07 -0.47
CA ALA A 106 -0.16 -2.73 -0.49
C ALA A 106 0.59 -3.69 -1.43
N LYS A 107 0.16 -4.94 -1.40
CA LYS A 107 0.77 -5.96 -2.23
C LYS A 107 1.13 -5.35 -3.59
N TRP A 108 0.21 -4.54 -4.11
CA TRP A 108 0.42 -3.89 -5.38
C TRP A 108 1.62 -2.96 -5.26
N LEU A 109 1.44 -1.90 -4.49
CA LEU A 109 2.50 -0.93 -4.28
C LEU A 109 3.82 -1.67 -4.09
N LEU A 110 3.79 -2.67 -3.22
CA LEU A 110 4.98 -3.46 -2.94
C LEU A 110 5.62 -3.89 -4.25
N GLU A 111 4.88 -4.69 -5.01
CA GLU A 111 5.37 -5.17 -6.28
C GLU A 111 5.88 -4.00 -7.14
N CYS A 112 5.09 -2.94 -7.16
CA CYS A 112 5.44 -1.76 -7.93
C CYS A 112 6.88 -1.36 -7.56
N PHE A 113 7.08 -1.09 -6.28
CA PHE A 113 8.39 -0.70 -5.79
C PHE A 113 9.40 -1.82 -5.96
N SER A 114 8.88 -2.98 -6.38
CA SER A 114 9.73 -4.14 -6.59
C SER A 114 10.24 -4.16 -8.03
N LYS A 115 9.34 -3.83 -8.95
CA LYS A 115 9.68 -3.81 -10.36
C LYS A 115 10.24 -2.43 -10.72
N GLY A 116 9.85 -1.43 -9.94
CA GLY A 116 10.30 -0.08 -10.16
C GLY A 116 9.26 0.72 -10.94
N TYR A 117 8.29 0.01 -11.49
CA TYR A 117 7.24 0.64 -12.26
C TYR A 117 5.86 0.17 -11.79
N MET A 118 4.91 1.08 -11.85
CA MET A 118 3.55 0.79 -11.44
C MET A 118 2.95 -0.35 -12.27
N LEU A 119 2.16 -1.18 -11.60
CA LEU A 119 1.53 -2.30 -12.27
C LEU A 119 0.01 -2.13 -12.23
N SER A 120 -0.68 -3.07 -12.86
CA SER A 120 -2.13 -3.03 -12.91
C SER A 120 -2.70 -3.18 -11.49
N GLU A 121 -3.83 -2.52 -11.28
CA GLU A 121 -4.49 -2.57 -9.98
C GLU A 121 -5.57 -3.65 -9.98
N GLU A 122 -5.99 -4.03 -11.18
CA GLU A 122 -7.02 -5.04 -11.33
C GLU A 122 -6.60 -6.34 -10.61
N PRO A 123 -5.31 -6.71 -10.81
CA PRO A 123 -4.78 -7.91 -10.18
C PRO A 123 -4.53 -7.69 -8.69
N TYR A 124 -4.89 -6.50 -8.23
CA TYR A 124 -4.70 -6.15 -6.84
C TYR A 124 -5.88 -5.32 -6.32
N ILE A 125 -7.08 -5.77 -6.67
CA ILE A 125 -8.28 -5.08 -6.24
C ILE A 125 -8.72 -5.61 -4.88
N HIS A 126 -9.35 -4.73 -4.12
CA HIS A 126 -9.82 -5.10 -2.79
C HIS A 126 -11.35 -5.12 -2.78
N SER A 127 -11.89 -6.33 -2.72
CA SER A 127 -13.33 -6.50 -2.70
C SER A 127 -13.77 -7.10 -1.36
N GLY A 128 -14.99 -6.76 -0.97
CA GLY A 128 -15.54 -7.26 0.29
C GLY A 128 -16.24 -8.59 0.09
N PRO A 129 -17.08 -8.96 1.09
CA PRO A 129 -17.82 -10.21 1.03
C PRO A 129 -18.99 -10.11 0.06
N SER A 130 -19.65 -11.24 -0.15
CA SER A 130 -20.78 -11.29 -1.05
C SER A 130 -20.30 -11.14 -2.50
N SER A 131 -21.11 -11.66 -3.41
CA SER A 131 -20.79 -11.58 -4.83
C SER A 131 -22.04 -11.28 -5.64
N GLY A 132 -22.01 -10.12 -6.30
CA GLY A 132 -23.14 -9.70 -7.11
C GLY A 132 -24.14 -8.89 -6.27
N GLY A 1 34.68 -39.30 20.93
CA GLY A 1 35.45 -38.89 22.10
C GLY A 1 35.97 -37.46 21.94
N SER A 2 37.26 -37.38 21.62
CA SER A 2 37.90 -36.08 21.43
C SER A 2 38.56 -36.02 20.06
N SER A 3 37.94 -35.23 19.18
CA SER A 3 38.45 -35.08 17.83
C SER A 3 37.63 -34.03 17.07
N GLY A 4 37.94 -32.77 17.35
CA GLY A 4 37.24 -31.67 16.71
C GLY A 4 35.75 -31.99 16.54
N SER A 5 35.18 -31.44 15.48
CA SER A 5 33.76 -31.66 15.20
C SER A 5 33.46 -31.28 13.76
N SER A 6 32.37 -31.83 13.24
CA SER A 6 31.95 -31.56 11.88
C SER A 6 31.53 -30.10 11.75
N GLY A 7 30.47 -29.76 12.45
CA GLY A 7 29.95 -28.40 12.43
C GLY A 7 28.59 -28.35 11.71
N SER A 8 28.64 -28.11 10.41
CA SER A 8 27.44 -28.03 9.61
C SER A 8 26.68 -26.74 9.92
N GLU A 9 25.92 -26.28 8.95
CA GLU A 9 25.15 -25.06 9.11
C GLU A 9 24.32 -24.78 7.85
N SER A 10 23.06 -25.19 7.90
CA SER A 10 22.16 -25.00 6.78
C SER A 10 21.48 -23.64 6.88
N ILE A 11 20.90 -23.21 5.77
CA ILE A 11 20.21 -21.94 5.73
C ILE A 11 19.07 -21.93 6.75
N CYS A 12 19.11 -20.94 7.62
CA CYS A 12 18.09 -20.81 8.65
C CYS A 12 17.88 -19.33 8.93
N ASN A 13 16.73 -19.03 9.54
CA ASN A 13 16.40 -17.66 9.87
C ASN A 13 17.53 -17.04 10.69
N SER A 14 17.53 -15.72 10.76
CA SER A 14 18.55 -15.00 11.50
C SER A 14 18.02 -13.62 11.91
N LEU A 15 18.38 -13.23 13.13
CA LEU A 15 17.95 -11.95 13.65
C LEU A 15 18.29 -10.85 12.64
N ASN A 16 17.36 -9.93 12.48
CA ASN A 16 17.54 -8.82 11.55
C ASN A 16 17.63 -9.37 10.13
N SER A 17 16.47 -9.66 9.57
CA SER A 17 16.40 -10.19 8.22
C SER A 17 15.05 -9.85 7.59
N LYS A 18 15.10 -8.95 6.63
CA LYS A 18 13.89 -8.53 5.93
C LYS A 18 13.41 -9.66 5.01
N LEU A 19 12.11 -9.92 5.08
CA LEU A 19 11.52 -10.97 4.26
C LEU A 19 11.12 -10.38 2.91
N GLU A 20 10.38 -11.19 2.15
CA GLU A 20 9.92 -10.76 0.84
C GLU A 20 9.02 -9.54 0.95
N PRO A 21 9.05 -8.69 -0.11
CA PRO A 21 8.24 -7.48 -0.13
C PRO A 21 6.78 -7.82 -0.40
N THR A 22 6.14 -8.43 0.59
CA THR A 22 4.74 -8.80 0.48
C THR A 22 3.92 -8.17 1.60
N LEU A 23 2.62 -8.19 1.42
CA LEU A 23 1.71 -7.63 2.40
C LEU A 23 1.86 -8.38 3.73
N GLU A 24 1.54 -9.67 3.68
CA GLU A 24 1.65 -10.51 4.86
C GLU A 24 2.94 -10.21 5.63
N ASN A 25 3.92 -9.72 4.88
CA ASN A 25 5.21 -9.38 5.47
C ASN A 25 5.50 -7.90 5.25
N LEU A 26 4.59 -7.08 5.76
CA LEU A 26 4.73 -5.63 5.63
C LEU A 26 5.60 -5.11 6.76
N GLU A 27 5.43 -5.72 7.93
CA GLU A 27 6.19 -5.31 9.11
C GLU A 27 7.67 -5.64 8.91
N ASN A 28 7.93 -6.75 8.23
CA ASN A 28 9.29 -7.17 7.98
C ASN A 28 9.64 -6.90 6.51
N LEU A 29 9.14 -5.78 6.02
CA LEU A 29 9.39 -5.38 4.64
C LEU A 29 10.51 -4.35 4.60
N ASP A 30 11.40 -4.52 3.64
CA ASP A 30 12.52 -3.61 3.48
C ASP A 30 12.19 -2.59 2.39
N VAL A 31 11.74 -1.42 2.82
CA VAL A 31 11.38 -0.37 1.89
C VAL A 31 12.66 0.18 1.23
N SER A 32 13.78 -0.10 1.88
CA SER A 32 15.06 0.36 1.37
C SER A 32 15.62 -0.66 0.37
N ALA A 33 14.80 -1.66 0.08
CA ALA A 33 15.20 -2.70 -0.84
C ALA A 33 14.74 -2.33 -2.26
N PHE A 34 13.50 -1.87 -2.33
CA PHE A 34 12.94 -1.48 -3.61
C PHE A 34 13.90 -0.59 -4.39
N GLN A 35 14.29 -1.07 -5.55
CA GLN A 35 15.21 -0.33 -6.41
C GLN A 35 14.44 0.62 -7.32
N ALA A 36 13.12 0.57 -7.21
CA ALA A 36 12.26 1.41 -8.01
C ALA A 36 12.81 2.84 -8.00
N PRO A 37 12.22 3.69 -8.89
CA PRO A 37 12.64 5.08 -8.99
C PRO A 37 12.12 5.90 -7.80
N GLU A 38 12.79 7.00 -7.55
CA GLU A 38 12.41 7.88 -6.45
C GLU A 38 11.15 8.66 -6.81
N ASP A 39 10.70 8.45 -8.05
CA ASP A 39 9.50 9.13 -8.53
C ASP A 39 8.50 8.09 -9.04
N LEU A 40 8.58 6.91 -8.46
CA LEU A 40 7.69 5.83 -8.84
C LEU A 40 6.25 6.34 -8.91
N LEU A 41 5.77 6.79 -7.76
CA LEU A 41 4.42 7.32 -7.67
C LEU A 41 4.47 8.84 -7.66
N ASP A 42 5.35 9.38 -8.50
CA ASP A 42 5.51 10.82 -8.60
C ASP A 42 4.13 11.48 -8.67
N GLY A 43 3.92 12.45 -7.80
CA GLY A 43 2.66 13.17 -7.75
C GLY A 43 1.48 12.19 -7.70
N CYS A 44 1.64 11.17 -6.90
CA CYS A 44 0.60 10.16 -6.74
C CYS A 44 0.16 10.14 -5.28
N ARG A 45 -1.06 10.61 -5.07
CA ARG A 45 -1.62 10.65 -3.72
C ARG A 45 -2.43 9.38 -3.44
N ILE A 46 -1.88 8.55 -2.57
CA ILE A 46 -2.53 7.31 -2.20
C ILE A 46 -3.03 7.40 -0.76
N TYR A 47 -4.20 6.85 -0.54
CA TYR A 47 -4.81 6.86 0.79
C TYR A 47 -4.49 5.56 1.54
N LEU A 48 -3.73 5.71 2.62
CA LEU A 48 -3.35 4.56 3.43
C LEU A 48 -4.46 4.27 4.43
N CYS A 49 -5.05 3.09 4.28
CA CYS A 49 -6.13 2.67 5.17
C CYS A 49 -5.68 1.42 5.92
N GLY A 50 -6.40 1.12 6.99
CA GLY A 50 -6.08 -0.05 7.80
C GLY A 50 -4.74 0.12 8.51
N PHE A 51 -3.68 0.19 7.71
CA PHE A 51 -2.34 0.35 8.24
C PHE A 51 -2.35 1.30 9.44
N SER A 52 -1.54 0.95 10.44
CA SER A 52 -1.45 1.75 11.64
C SER A 52 -0.10 1.50 12.33
N GLY A 53 0.22 0.22 12.50
CA GLY A 53 1.46 -0.16 13.13
C GLY A 53 2.65 0.09 12.20
N ARG A 54 3.32 -0.99 11.85
CA ARG A 54 4.48 -0.90 10.97
C ARG A 54 4.02 -0.79 9.51
N LYS A 55 3.04 -1.60 9.16
CA LYS A 55 2.52 -1.60 7.80
C LYS A 55 2.42 -0.17 7.30
N LEU A 56 2.00 0.72 8.18
CA LEU A 56 1.86 2.12 7.84
C LEU A 56 3.26 2.75 7.70
N ASP A 57 3.99 2.77 8.81
CA ASP A 57 5.33 3.32 8.82
C ASP A 57 6.05 2.93 7.53
N LYS A 58 5.93 1.65 7.19
CA LYS A 58 6.56 1.13 5.99
C LYS A 58 6.09 1.94 4.78
N LEU A 59 4.78 1.87 4.55
CA LEU A 59 4.19 2.59 3.43
C LEU A 59 4.68 4.03 3.43
N ARG A 60 4.55 4.66 4.59
CA ARG A 60 4.98 6.04 4.74
C ARG A 60 6.33 6.26 4.08
N ARG A 61 7.10 5.18 4.00
CA ARG A 61 8.42 5.23 3.39
C ARG A 61 8.33 4.88 1.90
N LEU A 62 7.48 3.90 1.60
CA LEU A 62 7.30 3.46 0.23
C LEU A 62 6.68 4.60 -0.58
N ILE A 63 5.48 4.97 -0.20
CA ILE A 63 4.77 6.05 -0.88
C ILE A 63 5.71 7.24 -1.04
N ASN A 64 6.60 7.40 -0.08
CA ASN A 64 7.55 8.48 -0.10
C ASN A 64 8.69 8.15 -1.06
N SER A 65 9.20 6.94 -0.93
CA SER A 65 10.29 6.48 -1.79
C SER A 65 9.91 6.67 -3.26
N GLY A 66 8.70 6.21 -3.59
CA GLY A 66 8.21 6.31 -4.94
C GLY A 66 7.85 7.76 -5.29
N GLY A 67 8.01 8.63 -4.31
CA GLY A 67 7.71 10.03 -4.49
C GLY A 67 6.23 10.33 -4.20
N GLY A 68 5.45 9.26 -4.16
CA GLY A 68 4.02 9.38 -3.91
C GLY A 68 3.77 10.27 -2.69
N VAL A 69 2.50 10.58 -2.47
CA VAL A 69 2.11 11.41 -1.35
C VAL A 69 1.09 10.66 -0.49
N ARG A 70 1.50 10.33 0.71
CA ARG A 70 0.64 9.62 1.65
C ARG A 70 -0.40 10.57 2.24
N PHE A 71 -1.67 10.24 1.99
CA PHE A 71 -2.76 11.05 2.50
C PHE A 71 -3.42 10.39 3.70
N ASN A 72 -3.48 11.15 4.79
CA ASN A 72 -4.07 10.65 6.02
C ASN A 72 -5.59 10.72 5.90
N GLN A 73 -6.05 11.53 4.97
CA GLN A 73 -7.48 11.69 4.74
C GLN A 73 -7.84 11.27 3.31
N LEU A 74 -9.14 11.06 3.10
CA LEU A 74 -9.63 10.65 1.80
C LEU A 74 -10.30 11.85 1.12
N ASN A 75 -10.39 11.76 -0.20
CA ASN A 75 -11.01 12.82 -0.98
C ASN A 75 -10.71 12.59 -2.47
N GLU A 76 -11.33 13.41 -3.29
CA GLU A 76 -11.14 13.32 -4.73
C GLU A 76 -9.66 13.44 -5.08
N ASP A 77 -8.90 13.94 -4.11
CA ASP A 77 -7.46 14.12 -4.31
C ASP A 77 -6.78 12.75 -4.32
N VAL A 78 -7.42 11.80 -3.64
CA VAL A 78 -6.89 10.45 -3.56
C VAL A 78 -6.95 9.81 -4.95
N THR A 79 -5.80 9.33 -5.39
CA THR A 79 -5.71 8.69 -6.70
C THR A 79 -5.68 7.17 -6.54
N HIS A 80 -5.48 6.73 -5.31
CA HIS A 80 -5.43 5.31 -5.01
C HIS A 80 -5.70 5.09 -3.52
N VAL A 81 -6.39 4.00 -3.23
CA VAL A 81 -6.71 3.67 -1.85
C VAL A 81 -6.16 2.27 -1.53
N ILE A 82 -5.05 2.27 -0.81
CA ILE A 82 -4.41 1.01 -0.43
C ILE A 82 -5.09 0.46 0.83
N VAL A 83 -5.96 -0.51 0.61
CA VAL A 83 -6.68 -1.13 1.70
C VAL A 83 -5.79 -2.19 2.36
N GLY A 84 -5.83 -2.22 3.68
CA GLY A 84 -5.04 -3.18 4.43
C GLY A 84 -5.94 -4.11 5.25
N ASP A 85 -7.19 -3.69 5.41
CA ASP A 85 -8.15 -4.47 6.17
C ASP A 85 -9.45 -4.57 5.38
N TYR A 86 -10.13 -3.43 5.29
CA TYR A 86 -11.40 -3.36 4.57
C TYR A 86 -11.71 -1.92 4.15
N ASP A 87 -11.44 -1.00 5.07
CA ASP A 87 -11.70 0.40 4.81
C ASP A 87 -13.21 0.64 4.73
N ASP A 88 -13.71 1.33 5.75
CA ASP A 88 -15.14 1.63 5.81
C ASP A 88 -15.39 3.01 5.22
N GLU A 89 -14.55 3.95 5.61
CA GLU A 89 -14.67 5.32 5.12
C GLU A 89 -14.90 5.32 3.61
N LEU A 90 -14.18 4.45 2.92
CA LEU A 90 -14.30 4.34 1.47
C LEU A 90 -15.78 4.30 1.10
N LYS A 91 -16.56 3.65 1.95
CA LYS A 91 -17.99 3.53 1.73
C LYS A 91 -18.65 4.89 1.94
N GLN A 92 -18.21 5.57 2.98
CA GLN A 92 -18.75 6.88 3.31
C GLN A 92 -18.36 7.90 2.24
N PHE A 93 -17.08 7.88 1.90
CA PHE A 93 -16.56 8.80 0.89
C PHE A 93 -17.33 8.65 -0.42
N TRP A 94 -17.80 7.43 -0.67
CA TRP A 94 -18.54 7.15 -1.88
C TRP A 94 -19.91 7.82 -1.77
N ASN A 95 -20.30 8.10 -0.53
CA ASN A 95 -21.57 8.74 -0.27
C ASN A 95 -21.37 10.25 -0.15
N LYS A 96 -20.11 10.65 -0.19
CA LYS A 96 -19.77 12.06 -0.09
C LYS A 96 -19.48 12.61 -1.49
N SER A 97 -18.26 12.38 -1.94
CA SER A 97 -17.85 12.84 -3.26
C SER A 97 -18.07 11.74 -4.29
N ALA A 98 -18.18 12.15 -5.54
CA ALA A 98 -18.39 11.21 -6.63
C ALA A 98 -17.05 10.91 -7.32
N HIS A 99 -16.47 9.78 -6.93
CA HIS A 99 -15.20 9.37 -7.49
C HIS A 99 -14.96 7.90 -7.19
N ARG A 100 -14.18 7.27 -8.06
CA ARG A 100 -13.86 5.85 -7.91
C ARG A 100 -12.35 5.64 -7.87
N PRO A 101 -11.79 5.72 -6.63
CA PRO A 101 -10.36 5.54 -6.45
C PRO A 101 -9.97 4.07 -6.58
N HIS A 102 -8.71 3.85 -6.93
CA HIS A 102 -8.20 2.51 -7.10
C HIS A 102 -8.07 1.84 -5.73
N VAL A 103 -9.04 0.98 -5.42
CA VAL A 103 -9.04 0.27 -4.16
C VAL A 103 -8.24 -1.03 -4.30
N VAL A 104 -6.97 -0.95 -3.93
CA VAL A 104 -6.09 -2.10 -4.01
C VAL A 104 -5.39 -2.28 -2.66
N GLY A 105 -4.55 -3.32 -2.61
CA GLY A 105 -3.82 -3.62 -1.39
C GLY A 105 -2.34 -3.27 -1.56
N ALA A 106 -1.72 -2.92 -0.44
CA ALA A 106 -0.31 -2.56 -0.44
C ALA A 106 0.46 -3.54 -1.34
N LYS A 107 0.05 -4.79 -1.29
CA LYS A 107 0.67 -5.83 -2.09
C LYS A 107 1.00 -5.26 -3.47
N TRP A 108 0.05 -4.53 -4.02
CA TRP A 108 0.23 -3.94 -5.33
C TRP A 108 1.46 -3.04 -5.28
N LEU A 109 1.36 -1.99 -4.48
CA LEU A 109 2.46 -1.04 -4.32
C LEU A 109 3.78 -1.81 -4.27
N LEU A 110 3.88 -2.70 -3.29
CA LEU A 110 5.07 -3.50 -3.11
C LEU A 110 5.60 -3.93 -4.49
N GLU A 111 4.76 -4.64 -5.22
CA GLU A 111 5.13 -5.11 -6.54
C GLU A 111 5.51 -3.93 -7.43
N CYS A 112 4.76 -2.85 -7.28
CA CYS A 112 5.01 -1.65 -8.06
C CYS A 112 6.49 -1.25 -7.88
N PHE A 113 6.89 -1.18 -6.61
CA PHE A 113 8.25 -0.82 -6.29
C PHE A 113 9.22 -1.97 -6.58
N SER A 114 8.79 -3.17 -6.20
CA SER A 114 9.60 -4.35 -6.42
C SER A 114 9.94 -4.49 -7.90
N LYS A 115 8.95 -4.20 -8.73
CA LYS A 115 9.13 -4.29 -10.17
C LYS A 115 9.85 -3.04 -10.67
N GLY A 116 9.68 -1.96 -9.91
CA GLY A 116 10.31 -0.69 -10.27
C GLY A 116 9.32 0.22 -10.98
N TYR A 117 8.21 -0.36 -11.41
CA TYR A 117 7.18 0.38 -12.11
C TYR A 117 5.78 -0.04 -11.64
N MET A 118 4.86 0.90 -11.72
CA MET A 118 3.48 0.63 -11.31
C MET A 118 2.86 -0.47 -12.17
N LEU A 119 2.10 -1.32 -11.51
CA LEU A 119 1.44 -2.43 -12.20
C LEU A 119 -0.06 -2.22 -12.16
N SER A 120 -0.78 -3.12 -12.81
CA SER A 120 -2.22 -3.06 -12.86
C SER A 120 -2.81 -3.16 -11.44
N GLU A 121 -3.86 -2.41 -11.22
CA GLU A 121 -4.53 -2.40 -9.92
C GLU A 121 -5.71 -3.37 -9.92
N GLU A 122 -6.05 -3.85 -11.11
CA GLU A 122 -7.16 -4.77 -11.26
C GLU A 122 -6.82 -6.11 -10.60
N PRO A 123 -5.55 -6.56 -10.82
CA PRO A 123 -5.10 -7.82 -10.26
C PRO A 123 -4.81 -7.68 -8.77
N TYR A 124 -5.08 -6.48 -8.26
CA TYR A 124 -4.86 -6.20 -6.84
C TYR A 124 -6.03 -5.43 -6.25
N ILE A 125 -7.23 -5.79 -6.70
CA ILE A 125 -8.44 -5.14 -6.21
C ILE A 125 -8.87 -5.78 -4.89
N HIS A 126 -9.49 -4.97 -4.04
CA HIS A 126 -9.95 -5.44 -2.75
C HIS A 126 -11.48 -5.41 -2.71
N SER A 127 -12.06 -6.59 -2.57
CA SER A 127 -13.51 -6.70 -2.51
C SER A 127 -13.95 -6.97 -1.07
N GLY A 128 -13.60 -8.14 -0.58
CA GLY A 128 -13.95 -8.53 0.78
C GLY A 128 -13.63 -10.00 1.03
N PRO A 129 -14.71 -10.78 1.33
CA PRO A 129 -14.56 -12.20 1.60
C PRO A 129 -14.32 -12.98 0.30
N SER A 130 -15.23 -12.79 -0.63
CA SER A 130 -15.13 -13.47 -1.92
C SER A 130 -15.15 -14.99 -1.71
N SER A 131 -16.14 -15.62 -2.31
CA SER A 131 -16.28 -17.07 -2.20
C SER A 131 -16.57 -17.67 -3.58
N GLY A 132 -16.09 -18.89 -3.77
CA GLY A 132 -16.30 -19.59 -5.03
C GLY A 132 -15.04 -19.53 -5.90
N GLY A 1 51.02 -1.96 5.77
CA GLY A 1 49.79 -1.51 5.12
C GLY A 1 50.03 -1.24 3.63
N SER A 2 49.11 -1.75 2.82
CA SER A 2 49.21 -1.58 1.38
C SER A 2 47.81 -1.47 0.77
N SER A 3 47.78 -1.06 -0.49
CA SER A 3 46.52 -0.90 -1.19
C SER A 3 45.67 -2.16 -1.01
N GLY A 4 44.41 -2.05 -1.43
CA GLY A 4 43.49 -3.16 -1.31
C GLY A 4 43.47 -4.00 -2.60
N SER A 5 42.35 -4.70 -2.80
CA SER A 5 42.20 -5.53 -3.98
C SER A 5 40.74 -5.92 -4.16
N SER A 6 40.44 -6.48 -5.31
CA SER A 6 39.09 -6.92 -5.62
C SER A 6 39.09 -7.79 -6.87
N GLY A 7 38.16 -8.75 -6.89
CA GLY A 7 38.04 -9.66 -8.01
C GLY A 7 36.93 -10.68 -7.78
N SER A 8 36.47 -11.27 -8.87
CA SER A 8 35.41 -12.26 -8.79
C SER A 8 35.84 -13.42 -7.91
N GLU A 9 35.37 -13.40 -6.67
CA GLU A 9 35.70 -14.45 -5.73
C GLU A 9 34.62 -14.56 -4.66
N SER A 10 34.47 -15.77 -4.12
CA SER A 10 33.48 -16.01 -3.09
C SER A 10 33.70 -15.06 -1.91
N ILE A 11 32.75 -14.17 -1.73
CA ILE A 11 32.82 -13.20 -0.64
C ILE A 11 31.51 -13.20 0.13
N CYS A 12 31.61 -12.86 1.41
CA CYS A 12 30.44 -12.83 2.27
C CYS A 12 29.63 -11.57 1.92
N ASN A 13 28.32 -11.74 1.90
CA ASN A 13 27.42 -10.64 1.58
C ASN A 13 26.30 -10.58 2.62
N SER A 14 25.72 -9.41 2.75
CA SER A 14 24.63 -9.21 3.70
C SER A 14 23.29 -9.45 3.02
N LEU A 15 22.36 -10.00 3.79
CA LEU A 15 21.03 -10.28 3.26
C LEU A 15 20.32 -8.96 2.95
N ASN A 16 19.28 -9.07 2.13
CA ASN A 16 18.51 -7.91 1.75
C ASN A 16 17.07 -8.33 1.42
N SER A 17 16.16 -7.38 1.58
CA SER A 17 14.76 -7.65 1.32
C SER A 17 14.24 -8.75 2.24
N LYS A 18 14.43 -8.54 3.54
CA LYS A 18 14.00 -9.51 4.53
C LYS A 18 12.60 -10.02 4.16
N LEU A 19 12.55 -11.28 3.77
CA LEU A 19 11.29 -11.90 3.39
C LEU A 19 10.71 -11.16 2.19
N GLU A 20 10.04 -11.91 1.34
CA GLU A 20 9.44 -11.34 0.15
C GLU A 20 8.65 -10.08 0.51
N PRO A 21 8.60 -9.13 -0.46
CA PRO A 21 7.89 -7.87 -0.25
C PRO A 21 6.38 -8.09 -0.35
N THR A 22 5.86 -8.81 0.63
CA THR A 22 4.42 -9.08 0.67
C THR A 22 3.79 -8.45 1.92
N LEU A 23 2.48 -8.52 1.97
CA LEU A 23 1.74 -7.97 3.10
C LEU A 23 1.99 -8.82 4.35
N GLU A 24 1.73 -10.11 4.20
CA GLU A 24 1.92 -11.04 5.29
C GLU A 24 3.21 -10.70 6.06
N ASN A 25 4.17 -10.16 5.32
CA ASN A 25 5.44 -9.79 5.92
C ASN A 25 5.77 -8.35 5.55
N LEU A 26 4.81 -7.47 5.79
CA LEU A 26 4.99 -6.06 5.48
C LEU A 26 5.86 -5.41 6.56
N GLU A 27 5.66 -5.87 7.78
CA GLU A 27 6.42 -5.35 8.91
C GLU A 27 7.86 -5.87 8.87
N ASN A 28 8.06 -6.90 8.06
CA ASN A 28 9.38 -7.50 7.92
C ASN A 28 9.96 -7.12 6.56
N LEU A 29 9.12 -6.52 5.73
CA LEU A 29 9.53 -6.11 4.40
C LEU A 29 10.44 -4.89 4.51
N ASP A 30 11.59 -4.98 3.88
CA ASP A 30 12.55 -3.88 3.90
C ASP A 30 12.26 -2.94 2.72
N VAL A 31 11.47 -1.91 3.01
CA VAL A 31 11.12 -0.94 2.00
C VAL A 31 12.39 -0.43 1.32
N SER A 32 13.44 -0.32 2.11
CA SER A 32 14.73 0.15 1.59
C SER A 32 15.25 -0.82 0.54
N ALA A 33 14.64 -2.00 0.51
CA ALA A 33 15.05 -3.03 -0.44
C ALA A 33 14.64 -2.59 -1.85
N PHE A 34 13.40 -2.15 -1.96
CA PHE A 34 12.88 -1.71 -3.24
C PHE A 34 13.86 -0.76 -3.94
N GLN A 35 14.26 -1.15 -5.14
CA GLN A 35 15.18 -0.35 -5.92
C GLN A 35 14.43 0.61 -6.85
N ALA A 36 13.10 0.55 -6.74
CA ALA A 36 12.26 1.41 -7.56
C ALA A 36 12.81 2.83 -7.53
N PRO A 37 12.26 3.68 -8.44
CA PRO A 37 12.68 5.06 -8.55
C PRO A 37 12.11 5.89 -7.40
N GLU A 38 12.76 7.02 -7.15
CA GLU A 38 12.33 7.91 -6.08
C GLU A 38 11.10 8.70 -6.52
N ASP A 39 10.67 8.45 -7.74
CA ASP A 39 9.51 9.13 -8.29
C ASP A 39 8.52 8.10 -8.81
N LEU A 40 8.68 6.87 -8.32
CA LEU A 40 7.80 5.79 -8.73
C LEU A 40 6.36 6.31 -8.83
N LEU A 41 5.92 6.95 -7.76
CA LEU A 41 4.58 7.50 -7.71
C LEU A 41 4.66 9.02 -7.75
N ASP A 42 5.11 9.54 -8.89
CA ASP A 42 5.24 10.97 -9.08
C ASP A 42 3.85 11.58 -9.26
N GLY A 43 3.57 12.61 -8.46
CA GLY A 43 2.29 13.29 -8.52
C GLY A 43 1.14 12.28 -8.41
N CYS A 44 1.30 11.32 -7.52
CA CYS A 44 0.29 10.30 -7.33
C CYS A 44 -0.21 10.40 -5.88
N ARG A 45 -1.50 10.68 -5.75
CA ARG A 45 -2.11 10.81 -4.45
C ARG A 45 -2.81 9.51 -4.05
N ILE A 46 -2.23 8.83 -3.08
CA ILE A 46 -2.78 7.57 -2.61
C ILE A 46 -3.27 7.74 -1.17
N TYR A 47 -4.22 6.90 -0.81
CA TYR A 47 -4.79 6.94 0.53
C TYR A 47 -4.56 5.62 1.27
N LEU A 48 -3.85 5.71 2.38
CA LEU A 48 -3.55 4.53 3.18
C LEU A 48 -4.71 4.27 4.13
N CYS A 49 -5.17 3.03 4.12
CA CYS A 49 -6.28 2.63 4.98
C CYS A 49 -5.99 1.23 5.52
N GLY A 50 -6.33 1.03 6.78
CA GLY A 50 -6.12 -0.25 7.43
C GLY A 50 -4.63 -0.50 7.69
N PHE A 51 -3.96 0.56 8.11
CA PHE A 51 -2.54 0.49 8.41
C PHE A 51 -2.19 1.28 9.67
N SER A 52 -1.42 0.64 10.53
CA SER A 52 -1.01 1.26 11.78
C SER A 52 0.22 0.55 12.34
N GLY A 53 1.14 1.35 12.87
CA GLY A 53 2.36 0.82 13.44
C GLY A 53 3.45 0.68 12.37
N ARG A 54 3.86 -0.56 12.17
CA ARG A 54 4.90 -0.86 11.19
C ARG A 54 4.31 -0.81 9.78
N LYS A 55 3.23 -1.57 9.60
CA LYS A 55 2.56 -1.63 8.31
C LYS A 55 2.50 -0.23 7.71
N LEU A 56 1.92 0.68 8.47
CA LEU A 56 1.79 2.07 8.02
C LEU A 56 3.18 2.65 7.77
N ASP A 57 3.98 2.68 8.83
CA ASP A 57 5.33 3.21 8.74
C ASP A 57 5.95 2.75 7.42
N LYS A 58 5.78 1.47 7.13
CA LYS A 58 6.33 0.91 5.90
C LYS A 58 5.79 1.68 4.70
N LEU A 59 4.50 1.52 4.47
CA LEU A 59 3.84 2.20 3.37
C LEU A 59 4.27 3.67 3.35
N ARG A 60 4.28 4.26 4.54
CA ARG A 60 4.67 5.65 4.67
C ARG A 60 6.04 5.90 4.03
N ARG A 61 6.91 4.90 4.17
CA ARG A 61 8.25 4.99 3.63
C ARG A 61 8.23 4.65 2.13
N LEU A 62 7.36 3.72 1.79
CA LEU A 62 7.22 3.30 0.40
C LEU A 62 6.77 4.48 -0.45
N ILE A 63 5.52 4.88 -0.22
CA ILE A 63 4.95 6.00 -0.95
C ILE A 63 6.02 7.08 -1.15
N ASN A 64 6.59 7.51 -0.03
CA ASN A 64 7.62 8.53 -0.07
C ASN A 64 8.79 8.05 -0.92
N SER A 65 9.17 6.79 -0.69
CA SER A 65 10.27 6.19 -1.43
C SER A 65 9.95 6.19 -2.93
N GLY A 66 8.67 6.28 -3.24
CA GLY A 66 8.22 6.30 -4.62
C GLY A 66 7.88 7.71 -5.07
N GLY A 67 7.78 8.61 -4.10
CA GLY A 67 7.46 9.99 -4.38
C GLY A 67 5.96 10.27 -4.23
N GLY A 68 5.21 9.17 -4.12
CA GLY A 68 3.78 9.27 -3.95
C GLY A 68 3.41 10.19 -2.79
N VAL A 69 2.22 10.76 -2.87
CA VAL A 69 1.74 11.65 -1.82
C VAL A 69 0.78 10.89 -0.90
N ARG A 70 1.25 10.64 0.31
CA ARG A 70 0.45 9.92 1.29
C ARG A 70 -0.63 10.85 1.87
N PHE A 71 -1.84 10.68 1.35
CA PHE A 71 -2.96 11.48 1.81
C PHE A 71 -3.49 10.99 3.16
N ASN A 72 -3.51 11.89 4.12
CA ASN A 72 -3.98 11.56 5.45
C ASN A 72 -5.51 11.48 5.45
N GLN A 73 -6.09 12.03 4.37
CA GLN A 73 -7.53 12.03 4.23
C GLN A 73 -7.93 11.54 2.83
N LEU A 74 -9.23 11.36 2.65
CA LEU A 74 -9.75 10.91 1.37
C LEU A 74 -10.47 12.07 0.68
N ASN A 75 -10.79 11.85 -0.59
CA ASN A 75 -11.48 12.86 -1.37
C ASN A 75 -11.42 12.49 -2.85
N GLU A 76 -11.90 13.40 -3.67
CA GLU A 76 -11.91 13.18 -5.11
C GLU A 76 -10.49 13.33 -5.67
N ASP A 77 -9.57 13.68 -4.79
CA ASP A 77 -8.18 13.85 -5.18
C ASP A 77 -7.49 12.49 -5.19
N VAL A 78 -7.76 11.71 -4.14
CA VAL A 78 -7.17 10.39 -4.01
C VAL A 78 -7.27 9.67 -5.36
N THR A 79 -6.15 9.10 -5.78
CA THR A 79 -6.10 8.38 -7.03
C THR A 79 -6.05 6.86 -6.78
N HIS A 80 -5.72 6.52 -5.54
CA HIS A 80 -5.63 5.12 -5.15
C HIS A 80 -5.72 5.00 -3.63
N VAL A 81 -6.40 3.96 -3.19
CA VAL A 81 -6.55 3.73 -1.76
C VAL A 81 -6.03 2.33 -1.42
N ILE A 82 -4.88 2.29 -0.76
CA ILE A 82 -4.27 1.04 -0.38
C ILE A 82 -5.02 0.46 0.83
N VAL A 83 -5.86 -0.53 0.53
CA VAL A 83 -6.64 -1.17 1.58
C VAL A 83 -5.91 -2.43 2.06
N GLY A 84 -5.50 -2.39 3.31
CA GLY A 84 -4.79 -3.52 3.90
C GLY A 84 -5.75 -4.67 4.22
N ASP A 85 -6.56 -4.45 5.24
CA ASP A 85 -7.53 -5.45 5.66
C ASP A 85 -8.93 -5.01 5.24
N TYR A 86 -9.14 -3.70 5.28
CA TYR A 86 -10.43 -3.14 4.90
C TYR A 86 -10.40 -1.61 4.95
N ASP A 87 -11.40 -1.01 4.33
CA ASP A 87 -11.49 0.44 4.29
C ASP A 87 -12.91 0.86 4.69
N ASP A 88 -12.99 1.59 5.79
CA ASP A 88 -14.27 2.07 6.29
C ASP A 88 -14.55 3.46 5.73
N GLU A 89 -13.61 4.36 5.99
CA GLU A 89 -13.74 5.73 5.52
C GLU A 89 -14.26 5.75 4.09
N LEU A 90 -13.60 4.96 3.25
CA LEU A 90 -13.97 4.88 1.84
C LEU A 90 -15.49 4.68 1.75
N LYS A 91 -15.96 3.59 2.32
CA LYS A 91 -17.37 3.28 2.30
C LYS A 91 -18.18 4.56 2.49
N GLN A 92 -17.70 5.40 3.39
CA GLN A 92 -18.36 6.66 3.67
C GLN A 92 -18.15 7.64 2.50
N PHE A 93 -16.90 7.73 2.07
CA PHE A 93 -16.56 8.62 0.98
C PHE A 93 -17.33 8.24 -0.30
N TRP A 94 -17.74 6.99 -0.35
CA TRP A 94 -18.48 6.49 -1.50
C TRP A 94 -19.90 7.07 -1.43
N ASN A 95 -20.23 7.63 -0.28
CA ASN A 95 -21.54 8.22 -0.06
C ASN A 95 -21.39 9.72 0.20
N LYS A 96 -20.18 10.20 -0.04
CA LYS A 96 -19.89 11.62 0.16
C LYS A 96 -19.74 12.31 -1.19
N SER A 97 -18.59 12.10 -1.80
CA SER A 97 -18.31 12.69 -3.10
C SER A 97 -18.40 11.62 -4.19
N ALA A 98 -18.61 12.09 -5.41
CA ALA A 98 -18.71 11.19 -6.55
C ALA A 98 -17.33 10.98 -7.16
N HIS A 99 -16.69 9.89 -6.78
CA HIS A 99 -15.38 9.56 -7.28
C HIS A 99 -15.07 8.08 -7.02
N ARG A 100 -14.22 7.53 -7.87
CA ARG A 100 -13.85 6.13 -7.74
C ARG A 100 -12.33 6.00 -7.66
N PRO A 101 -11.81 6.02 -6.40
CA PRO A 101 -10.38 5.91 -6.17
C PRO A 101 -9.92 4.47 -6.37
N HIS A 102 -8.75 4.34 -6.99
CA HIS A 102 -8.18 3.03 -7.25
C HIS A 102 -7.90 2.31 -5.93
N VAL A 103 -8.81 1.43 -5.55
CA VAL A 103 -8.68 0.69 -4.32
C VAL A 103 -7.88 -0.60 -4.59
N VAL A 104 -6.77 -0.73 -3.88
CA VAL A 104 -5.92 -1.90 -4.03
C VAL A 104 -5.26 -2.22 -2.69
N GLY A 105 -4.52 -3.32 -2.68
CA GLY A 105 -3.84 -3.75 -1.47
C GLY A 105 -2.35 -3.41 -1.54
N ALA A 106 -1.77 -3.18 -0.37
CA ALA A 106 -0.36 -2.84 -0.28
C ALA A 106 0.43 -3.74 -1.24
N LYS A 107 -0.02 -4.98 -1.34
CA LYS A 107 0.63 -5.94 -2.21
C LYS A 107 1.02 -5.26 -3.52
N TRP A 108 0.07 -4.50 -4.06
CA TRP A 108 0.29 -3.80 -5.31
C TRP A 108 1.54 -2.94 -5.14
N LEU A 109 1.41 -1.92 -4.31
CA LEU A 109 2.52 -1.02 -4.05
C LEU A 109 3.82 -1.82 -3.98
N LEU A 110 3.79 -2.85 -3.15
CA LEU A 110 4.96 -3.71 -2.98
C LEU A 110 5.49 -4.11 -4.35
N GLU A 111 4.62 -4.72 -5.14
CA GLU A 111 5.00 -5.16 -6.47
C GLU A 111 5.44 -3.97 -7.32
N CYS A 112 4.77 -2.84 -7.09
CA CYS A 112 5.09 -1.64 -7.83
C CYS A 112 6.56 -1.29 -7.59
N PHE A 113 6.89 -1.11 -6.33
CA PHE A 113 8.26 -0.78 -5.95
C PHE A 113 9.20 -1.96 -6.22
N SER A 114 8.66 -3.15 -6.05
CA SER A 114 9.43 -4.37 -6.27
C SER A 114 9.82 -4.48 -7.75
N LYS A 115 8.85 -4.19 -8.61
CA LYS A 115 9.05 -4.26 -10.04
C LYS A 115 9.77 -2.99 -10.51
N GLY A 116 9.70 -1.97 -9.67
CA GLY A 116 10.34 -0.70 -9.98
C GLY A 116 9.39 0.22 -10.77
N TYR A 117 8.32 -0.38 -11.26
CA TYR A 117 7.34 0.35 -12.04
C TYR A 117 5.91 -0.03 -11.63
N MET A 118 5.07 0.99 -11.53
CA MET A 118 3.69 0.78 -11.15
C MET A 118 3.01 -0.25 -12.05
N LEU A 119 2.29 -1.17 -11.41
CA LEU A 119 1.60 -2.21 -12.15
C LEU A 119 0.09 -1.92 -12.15
N SER A 120 -0.65 -2.77 -12.85
CA SER A 120 -2.09 -2.62 -12.93
C SER A 120 -2.71 -2.71 -11.53
N GLU A 121 -3.72 -1.87 -11.31
CA GLU A 121 -4.40 -1.85 -10.03
C GLU A 121 -5.65 -2.72 -10.09
N GLU A 122 -6.03 -3.10 -11.30
CA GLU A 122 -7.20 -3.93 -11.50
C GLU A 122 -6.98 -5.33 -10.92
N PRO A 123 -5.76 -5.87 -11.20
CA PRO A 123 -5.40 -7.19 -10.71
C PRO A 123 -5.07 -7.16 -9.22
N TYR A 124 -5.22 -5.97 -8.65
CA TYR A 124 -4.94 -5.79 -7.23
C TYR A 124 -6.01 -4.92 -6.57
N ILE A 125 -7.25 -5.12 -7.02
CA ILE A 125 -8.36 -4.37 -6.48
C ILE A 125 -8.76 -4.95 -5.12
N HIS A 126 -9.01 -4.05 -4.17
CA HIS A 126 -9.40 -4.46 -2.84
C HIS A 126 -10.92 -4.35 -2.69
N SER A 127 -11.57 -5.50 -2.68
CA SER A 127 -13.02 -5.54 -2.55
C SER A 127 -13.41 -6.22 -1.23
N GLY A 128 -13.17 -7.53 -1.18
CA GLY A 128 -13.49 -8.30 0.01
C GLY A 128 -12.95 -9.72 -0.10
N PRO A 129 -13.73 -10.67 0.50
CA PRO A 129 -13.34 -12.08 0.47
C PRO A 129 -13.58 -12.68 -0.91
N SER A 130 -12.96 -13.83 -1.14
CA SER A 130 -13.10 -14.52 -2.41
C SER A 130 -12.53 -15.94 -2.30
N SER A 131 -13.00 -16.81 -3.19
CA SER A 131 -12.54 -18.18 -3.19
C SER A 131 -13.24 -18.96 -4.32
N GLY A 132 -12.68 -20.10 -4.65
CA GLY A 132 -13.25 -20.95 -5.68
C GLY A 132 -14.41 -21.78 -5.15
N GLY A 1 -19.55 5.76 14.85
CA GLY A 1 -19.48 5.82 16.31
C GLY A 1 -18.62 7.00 16.76
N SER A 2 -17.48 6.66 17.36
CA SER A 2 -16.56 7.69 17.84
C SER A 2 -15.23 7.05 18.22
N SER A 3 -14.30 7.09 17.26
CA SER A 3 -12.98 6.52 17.48
C SER A 3 -12.06 6.88 16.32
N GLY A 4 -10.77 6.63 16.53
CA GLY A 4 -9.78 6.93 15.52
C GLY A 4 -8.38 6.52 15.97
N SER A 5 -7.58 7.51 16.33
CA SER A 5 -6.22 7.26 16.80
C SER A 5 -5.68 8.48 17.52
N SER A 6 -5.13 8.23 18.70
CA SER A 6 -4.57 9.30 19.51
C SER A 6 -3.06 9.42 19.26
N GLY A 7 -2.49 10.49 19.78
CA GLY A 7 -1.06 10.73 19.61
C GLY A 7 -0.26 9.47 19.89
N SER A 8 0.46 9.04 18.87
CA SER A 8 1.29 7.84 18.98
C SER A 8 2.61 8.04 18.25
N GLU A 9 3.66 7.46 18.83
CA GLU A 9 4.98 7.57 18.24
C GLU A 9 5.91 6.52 18.84
N SER A 10 6.58 5.79 17.95
CA SER A 10 7.50 4.74 18.38
C SER A 10 8.26 4.19 17.18
N ILE A 11 9.49 3.79 17.43
CA ILE A 11 10.33 3.24 16.37
C ILE A 11 10.65 1.78 16.69
N CYS A 12 10.57 0.96 15.65
CA CYS A 12 10.83 -0.47 15.80
C CYS A 12 11.93 -0.85 14.80
N ASN A 13 12.66 -1.89 15.16
CA ASN A 13 13.74 -2.37 14.31
C ASN A 13 13.51 -3.86 13.98
N SER A 14 14.02 -4.26 12.83
CA SER A 14 13.87 -5.63 12.39
C SER A 14 15.25 -6.25 12.12
N LEU A 15 15.43 -7.45 12.65
CA LEU A 15 16.69 -8.15 12.48
C LEU A 15 16.88 -8.52 11.01
N ASN A 16 18.09 -8.96 10.69
CA ASN A 16 18.40 -9.34 9.32
C ASN A 16 17.41 -10.41 8.85
N SER A 17 16.42 -9.96 8.09
CA SER A 17 15.41 -10.86 7.57
C SER A 17 14.79 -10.27 6.29
N LYS A 18 14.45 -11.17 5.39
CA LYS A 18 13.84 -10.76 4.12
C LYS A 18 12.77 -11.76 3.72
N LEU A 19 11.72 -11.24 3.10
CA LEU A 19 10.61 -12.08 2.66
C LEU A 19 9.92 -11.42 1.47
N GLU A 20 9.11 -12.21 0.78
CA GLU A 20 8.38 -11.71 -0.37
C GLU A 20 7.63 -10.42 0.00
N PRO A 21 7.47 -9.54 -1.03
CA PRO A 21 6.78 -8.29 -0.84
C PRO A 21 5.28 -8.50 -0.73
N THR A 22 4.87 -9.14 0.36
CA THR A 22 3.47 -9.41 0.59
C THR A 22 2.94 -8.54 1.74
N LEU A 23 1.62 -8.47 1.83
CA LEU A 23 0.99 -7.68 2.86
C LEU A 23 1.40 -8.22 4.23
N GLU A 24 1.19 -9.51 4.41
CA GLU A 24 1.54 -10.15 5.67
C GLU A 24 2.97 -9.82 6.05
N ASN A 25 3.88 -10.07 5.11
CA ASN A 25 5.29 -9.80 5.34
C ASN A 25 5.60 -8.36 4.93
N LEU A 26 4.85 -7.43 5.50
CA LEU A 26 5.03 -6.03 5.21
C LEU A 26 5.91 -5.39 6.30
N GLU A 27 5.84 -5.98 7.48
CA GLU A 27 6.61 -5.48 8.61
C GLU A 27 8.07 -5.93 8.48
N ASN A 28 8.25 -7.19 8.13
CA ASN A 28 9.57 -7.75 7.97
C ASN A 28 10.13 -7.36 6.60
N LEU A 29 9.24 -6.81 5.78
CA LEU A 29 9.63 -6.39 4.44
C LEU A 29 10.63 -5.23 4.54
N ASP A 30 11.60 -5.25 3.64
CA ASP A 30 12.62 -4.22 3.61
C ASP A 30 12.33 -3.26 2.46
N VAL A 31 11.62 -2.19 2.80
CA VAL A 31 11.27 -1.18 1.81
C VAL A 31 12.55 -0.68 1.13
N SER A 32 13.61 -0.61 1.91
CA SER A 32 14.89 -0.15 1.40
C SER A 32 15.42 -1.12 0.36
N ALA A 33 14.76 -2.28 0.28
CA ALA A 33 15.16 -3.30 -0.67
C ALA A 33 14.78 -2.86 -2.08
N PHE A 34 13.55 -2.40 -2.20
CA PHE A 34 13.05 -1.95 -3.50
C PHE A 34 14.02 -0.96 -4.15
N GLN A 35 14.34 -1.22 -5.40
CA GLN A 35 15.25 -0.37 -6.14
C GLN A 35 14.47 0.61 -7.02
N ALA A 36 13.16 0.64 -6.80
CA ALA A 36 12.30 1.53 -7.56
C ALA A 36 12.89 2.95 -7.55
N PRO A 37 12.28 3.82 -8.41
CA PRO A 37 12.74 5.19 -8.51
C PRO A 37 12.27 6.01 -7.30
N GLU A 38 12.88 7.18 -7.16
CA GLU A 38 12.53 8.07 -6.05
C GLU A 38 11.29 8.89 -6.39
N ASP A 39 10.74 8.61 -7.57
CA ASP A 39 9.56 9.31 -8.02
C ASP A 39 8.55 8.31 -8.59
N LEU A 40 8.69 7.07 -8.13
CA LEU A 40 7.81 6.00 -8.59
C LEU A 40 6.38 6.55 -8.71
N LEU A 41 5.81 6.88 -7.56
CA LEU A 41 4.45 7.42 -7.53
C LEU A 41 4.51 8.94 -7.70
N ASP A 42 5.14 9.36 -8.78
CA ASP A 42 5.28 10.78 -9.07
C ASP A 42 3.92 11.33 -9.52
N GLY A 43 3.41 12.26 -8.74
CA GLY A 43 2.12 12.87 -9.05
C GLY A 43 0.99 11.86 -8.88
N CYS A 44 1.16 10.98 -7.92
CA CYS A 44 0.16 9.96 -7.64
C CYS A 44 -0.21 10.05 -6.16
N ARG A 45 -1.40 10.59 -5.90
CA ARG A 45 -1.88 10.73 -4.55
C ARG A 45 -2.66 9.49 -4.12
N ILE A 46 -2.08 8.75 -3.19
CA ILE A 46 -2.71 7.54 -2.70
C ILE A 46 -3.32 7.81 -1.32
N TYR A 47 -4.21 6.90 -0.91
CA TYR A 47 -4.87 7.04 0.38
C TYR A 47 -4.69 5.77 1.21
N LEU A 48 -3.97 5.92 2.31
CA LEU A 48 -3.73 4.80 3.21
C LEU A 48 -4.93 4.62 4.14
N CYS A 49 -5.40 3.38 4.20
CA CYS A 49 -6.54 3.06 5.05
C CYS A 49 -6.36 1.64 5.57
N GLY A 50 -6.07 1.55 6.86
CA GLY A 50 -5.88 0.25 7.50
C GLY A 50 -4.39 -0.06 7.66
N PHE A 51 -3.69 0.88 8.28
CA PHE A 51 -2.26 0.73 8.51
C PHE A 51 -1.82 1.49 9.76
N SER A 52 -1.05 0.79 10.60
CA SER A 52 -0.56 1.38 11.83
C SER A 52 0.59 0.55 12.38
N GLY A 53 1.51 1.24 13.05
CA GLY A 53 2.66 0.58 13.63
C GLY A 53 3.80 0.45 12.60
N ARG A 54 3.93 -0.76 12.08
CA ARG A 54 4.97 -1.03 11.09
C ARG A 54 4.39 -0.93 9.68
N LYS A 55 3.33 -1.69 9.45
CA LYS A 55 2.68 -1.69 8.15
C LYS A 55 2.63 -0.26 7.61
N LEU A 56 2.22 0.64 8.47
CA LEU A 56 2.12 2.05 8.10
C LEU A 56 3.53 2.60 7.83
N ASP A 57 4.34 2.60 8.88
CA ASP A 57 5.70 3.10 8.76
C ASP A 57 6.28 2.68 7.41
N LYS A 58 5.90 1.49 6.99
CA LYS A 58 6.37 0.96 5.71
C LYS A 58 5.85 1.84 4.58
N LEU A 59 4.54 1.79 4.38
CA LEU A 59 3.91 2.57 3.34
C LEU A 59 4.45 4.00 3.37
N ARG A 60 4.72 4.47 4.58
CA ARG A 60 5.26 5.80 4.77
C ARG A 60 6.60 5.95 4.08
N ARG A 61 7.44 4.92 4.25
CA ARG A 61 8.76 4.93 3.65
C ARG A 61 8.66 4.60 2.16
N LEU A 62 7.76 3.69 1.84
CA LEU A 62 7.56 3.28 0.46
C LEU A 62 7.06 4.49 -0.35
N ILE A 63 5.86 4.92 -0.03
CA ILE A 63 5.26 6.05 -0.74
C ILE A 63 6.33 7.12 -0.97
N ASN A 64 6.98 7.52 0.10
CA ASN A 64 8.03 8.52 0.03
C ASN A 64 9.12 8.04 -0.94
N SER A 65 9.46 6.76 -0.81
CA SER A 65 10.48 6.17 -1.66
C SER A 65 10.05 6.27 -3.13
N GLY A 66 8.75 6.37 -3.32
CA GLY A 66 8.19 6.47 -4.66
C GLY A 66 7.79 7.90 -4.99
N GLY A 67 7.87 8.75 -3.98
CA GLY A 67 7.51 10.16 -4.14
C GLY A 67 6.00 10.36 -3.95
N GLY A 68 5.29 9.24 -3.88
CA GLY A 68 3.85 9.28 -3.70
C GLY A 68 3.48 10.08 -2.44
N VAL A 69 2.18 10.31 -2.29
CA VAL A 69 1.68 11.05 -1.14
C VAL A 69 1.10 10.07 -0.12
N ARG A 70 0.81 10.59 1.06
CA ARG A 70 0.25 9.77 2.12
C ARG A 70 -0.88 10.52 2.82
N PHE A 71 -2.07 10.41 2.24
CA PHE A 71 -3.24 11.07 2.80
C PHE A 71 -3.85 10.24 3.94
N ASN A 72 -4.58 10.92 4.80
CA ASN A 72 -5.23 10.26 5.92
C ASN A 72 -6.74 10.47 5.83
N GLN A 73 -7.15 11.18 4.79
CA GLN A 73 -8.56 11.46 4.58
C GLN A 73 -8.98 11.05 3.16
N LEU A 74 -10.22 10.59 3.05
CA LEU A 74 -10.74 10.17 1.76
C LEU A 74 -11.34 11.37 1.04
N ASN A 75 -10.83 11.62 -0.16
CA ASN A 75 -11.32 12.74 -0.95
C ASN A 75 -11.23 12.37 -2.43
N GLU A 76 -11.52 13.35 -3.28
CA GLU A 76 -11.48 13.15 -4.71
C GLU A 76 -10.05 13.22 -5.23
N ASP A 77 -9.23 13.96 -4.50
CA ASP A 77 -7.83 14.13 -4.87
C ASP A 77 -7.15 12.76 -4.88
N VAL A 78 -7.60 11.90 -3.97
CA VAL A 78 -7.05 10.57 -3.86
C VAL A 78 -7.13 9.87 -5.21
N THR A 79 -5.98 9.42 -5.69
CA THR A 79 -5.91 8.73 -6.97
C THR A 79 -5.79 7.22 -6.76
N HIS A 80 -5.53 6.85 -5.51
CA HIS A 80 -5.38 5.44 -5.16
C HIS A 80 -5.70 5.26 -3.68
N VAL A 81 -6.16 4.04 -3.36
CA VAL A 81 -6.50 3.72 -1.99
C VAL A 81 -5.90 2.35 -1.62
N ILE A 82 -4.84 2.39 -0.85
CA ILE A 82 -4.16 1.17 -0.42
C ILE A 82 -4.86 0.62 0.82
N VAL A 83 -5.55 -0.49 0.63
CA VAL A 83 -6.27 -1.13 1.72
C VAL A 83 -5.41 -2.28 2.28
N GLY A 84 -5.11 -2.17 3.57
CA GLY A 84 -4.30 -3.18 4.23
C GLY A 84 -5.19 -4.30 4.79
N ASP A 85 -6.29 -3.90 5.39
CA ASP A 85 -7.22 -4.85 5.96
C ASP A 85 -8.64 -4.55 5.47
N TYR A 86 -8.97 -3.26 5.48
CA TYR A 86 -10.28 -2.82 5.03
C TYR A 86 -10.33 -1.31 4.86
N ASP A 87 -11.45 -0.84 4.32
CA ASP A 87 -11.62 0.58 4.09
C ASP A 87 -13.07 0.96 4.38
N ASP A 88 -13.27 1.64 5.50
CA ASP A 88 -14.60 2.06 5.90
C ASP A 88 -14.85 3.49 5.40
N GLU A 89 -13.89 4.35 5.68
CA GLU A 89 -13.99 5.74 5.26
C GLU A 89 -14.55 5.83 3.84
N LEU A 90 -13.90 5.10 2.93
CA LEU A 90 -14.32 5.09 1.54
C LEU A 90 -15.85 5.05 1.48
N LYS A 91 -16.41 4.01 2.07
CA LYS A 91 -17.85 3.84 2.09
C LYS A 91 -18.52 5.20 2.30
N GLN A 92 -17.91 6.00 3.16
CA GLN A 92 -18.43 7.32 3.46
C GLN A 92 -18.16 8.27 2.28
N PHE A 93 -16.93 8.22 1.77
CA PHE A 93 -16.55 9.06 0.66
C PHE A 93 -17.38 8.73 -0.58
N TRP A 94 -17.81 7.49 -0.67
CA TRP A 94 -18.62 7.03 -1.79
C TRP A 94 -20.01 7.65 -1.65
N ASN A 95 -20.30 8.10 -0.44
CA ASN A 95 -21.60 8.71 -0.16
C ASN A 95 -21.43 10.23 -0.10
N LYS A 96 -20.23 10.68 -0.46
CA LYS A 96 -19.94 12.11 -0.44
C LYS A 96 -19.76 12.59 -1.88
N SER A 97 -18.56 12.38 -2.41
CA SER A 97 -18.25 12.80 -3.76
C SER A 97 -18.40 11.61 -4.72
N ALA A 98 -18.60 11.93 -5.99
CA ALA A 98 -18.76 10.91 -7.01
C ALA A 98 -17.42 10.65 -7.68
N HIS A 99 -16.76 9.59 -7.23
CA HIS A 99 -15.46 9.22 -7.77
C HIS A 99 -15.18 7.75 -7.47
N ARG A 100 -14.42 7.13 -8.35
CA ARG A 100 -14.06 5.73 -8.20
C ARG A 100 -12.55 5.58 -8.11
N PRO A 101 -12.03 5.62 -6.85
CA PRO A 101 -10.60 5.48 -6.62
C PRO A 101 -10.15 4.03 -6.80
N HIS A 102 -8.85 3.86 -7.00
CA HIS A 102 -8.29 2.54 -7.17
C HIS A 102 -8.00 1.92 -5.80
N VAL A 103 -8.88 1.03 -5.39
CA VAL A 103 -8.72 0.36 -4.10
C VAL A 103 -7.93 -0.93 -4.30
N VAL A 104 -6.71 -0.93 -3.78
CA VAL A 104 -5.84 -2.09 -3.88
C VAL A 104 -5.12 -2.30 -2.55
N GLY A 105 -4.41 -3.41 -2.48
CA GLY A 105 -3.67 -3.75 -1.27
C GLY A 105 -2.19 -3.37 -1.41
N ALA A 106 -1.58 -3.07 -0.28
CA ALA A 106 -0.18 -2.70 -0.25
C ALA A 106 0.60 -3.60 -1.22
N LYS A 107 0.22 -4.87 -1.22
CA LYS A 107 0.87 -5.83 -2.08
C LYS A 107 1.17 -5.20 -3.43
N TRP A 108 0.28 -4.30 -3.84
CA TRP A 108 0.44 -3.61 -5.11
C TRP A 108 1.67 -2.70 -5.00
N LEU A 109 1.53 -1.67 -4.20
CA LEU A 109 2.63 -0.72 -4.00
C LEU A 109 3.95 -1.49 -3.91
N LEU A 110 3.93 -2.52 -3.07
CA LEU A 110 5.12 -3.33 -2.88
C LEU A 110 5.66 -3.76 -4.24
N GLU A 111 4.84 -4.51 -4.96
CA GLU A 111 5.23 -4.99 -6.27
C GLU A 111 5.70 -3.83 -7.15
N CYS A 112 4.97 -2.74 -7.07
CA CYS A 112 5.29 -1.55 -7.85
C CYS A 112 6.76 -1.20 -7.58
N PHE A 113 7.08 -1.02 -6.31
CA PHE A 113 8.43 -0.68 -5.91
C PHE A 113 9.39 -1.85 -6.17
N SER A 114 8.80 -2.96 -6.59
CA SER A 114 9.59 -4.15 -6.88
C SER A 114 10.04 -4.14 -8.34
N LYS A 115 9.12 -3.77 -9.21
CA LYS A 115 9.40 -3.71 -10.62
C LYS A 115 10.03 -2.35 -10.96
N GLY A 116 9.71 -1.37 -10.14
CA GLY A 116 10.24 -0.03 -10.34
C GLY A 116 9.16 0.91 -10.88
N TYR A 117 8.11 0.31 -11.42
CA TYR A 117 7.01 1.09 -11.96
C TYR A 117 5.68 0.60 -11.40
N MET A 118 4.64 1.39 -11.66
CA MET A 118 3.31 1.06 -11.18
C MET A 118 2.71 -0.10 -11.98
N LEU A 119 1.96 -0.93 -11.27
CA LEU A 119 1.33 -2.07 -11.90
C LEU A 119 -0.18 -1.87 -11.92
N SER A 120 -0.87 -2.84 -12.52
CA SER A 120 -2.33 -2.77 -12.62
C SER A 120 -2.95 -2.93 -11.23
N GLU A 121 -4.10 -2.30 -11.07
CA GLU A 121 -4.81 -2.37 -9.80
C GLU A 121 -5.86 -3.48 -9.82
N GLU A 122 -6.39 -3.71 -11.01
CA GLU A 122 -7.41 -4.74 -11.18
C GLU A 122 -6.93 -6.06 -10.58
N PRO A 123 -5.65 -6.41 -10.89
CA PRO A 123 -5.07 -7.64 -10.38
C PRO A 123 -4.71 -7.51 -8.90
N TYR A 124 -5.03 -6.34 -8.35
CA TYR A 124 -4.74 -6.08 -6.95
C TYR A 124 -5.89 -5.29 -6.30
N ILE A 125 -7.10 -5.74 -6.59
CA ILE A 125 -8.28 -5.09 -6.04
C ILE A 125 -8.60 -5.70 -4.66
N HIS A 126 -9.11 -4.85 -3.79
CA HIS A 126 -9.46 -5.30 -2.44
C HIS A 126 -10.97 -5.40 -2.32
N SER A 127 -11.45 -6.63 -2.23
CA SER A 127 -12.88 -6.88 -2.11
C SER A 127 -13.18 -7.54 -0.75
N GLY A 128 -12.40 -8.56 -0.44
CA GLY A 128 -12.58 -9.27 0.80
C GLY A 128 -11.77 -10.58 0.82
N PRO A 129 -11.45 -11.04 2.05
CA PRO A 129 -10.68 -12.27 2.21
C PRO A 129 -11.55 -13.50 1.92
N SER A 130 -12.01 -13.59 0.69
CA SER A 130 -12.85 -14.71 0.28
C SER A 130 -14.07 -14.80 1.19
N SER A 131 -15.20 -14.35 0.66
CA SER A 131 -16.44 -14.38 1.41
C SER A 131 -16.24 -13.74 2.79
N GLY A 132 -16.47 -12.44 2.84
CA GLY A 132 -16.31 -11.70 4.09
C GLY A 132 -17.62 -11.01 4.48
N GLY A 1 -3.96 -13.13 -5.03
CA GLY A 1 -4.31 -14.54 -4.98
C GLY A 1 -4.93 -14.99 -6.29
N SER A 2 -4.28 -15.99 -6.89
CA SER A 2 -4.76 -16.52 -8.16
C SER A 2 -5.21 -15.39 -9.08
N SER A 3 -4.27 -14.91 -9.88
CA SER A 3 -4.55 -13.83 -10.81
C SER A 3 -4.25 -14.27 -12.24
N GLY A 4 -4.95 -13.66 -13.17
CA GLY A 4 -4.78 -13.99 -14.57
C GLY A 4 -3.62 -13.19 -15.18
N SER A 5 -3.36 -13.45 -16.45
CA SER A 5 -2.29 -12.78 -17.15
C SER A 5 -2.40 -13.02 -18.66
N SER A 6 -1.97 -12.03 -19.42
CA SER A 6 -2.03 -12.12 -20.87
C SER A 6 -0.69 -12.67 -21.41
N GLY A 7 -0.69 -12.95 -22.70
CA GLY A 7 0.50 -13.47 -23.35
C GLY A 7 1.49 -12.34 -23.68
N SER A 8 2.43 -12.14 -22.78
CA SER A 8 3.44 -11.10 -22.97
C SER A 8 4.48 -11.18 -21.86
N GLU A 9 5.73 -11.41 -22.26
CA GLU A 9 6.82 -11.51 -21.32
C GLU A 9 8.15 -11.67 -22.06
N SER A 10 9.09 -10.82 -21.72
CA SER A 10 10.40 -10.86 -22.34
C SER A 10 11.24 -11.99 -21.73
N ILE A 11 12.00 -12.66 -22.59
CA ILE A 11 12.83 -13.75 -22.16
C ILE A 11 13.62 -13.32 -20.92
N CYS A 12 13.45 -14.10 -19.85
CA CYS A 12 14.14 -13.82 -18.61
C CYS A 12 13.81 -14.94 -17.61
N ASN A 13 14.75 -15.18 -16.72
CA ASN A 13 14.58 -16.22 -15.71
C ASN A 13 14.91 -15.64 -14.33
N SER A 14 14.06 -15.97 -13.37
CA SER A 14 14.25 -15.50 -12.01
C SER A 14 13.61 -16.48 -11.02
N LEU A 15 13.99 -16.33 -9.76
CA LEU A 15 13.46 -17.19 -8.71
C LEU A 15 13.28 -16.38 -7.43
N ASN A 16 12.74 -17.03 -6.42
CA ASN A 16 12.52 -16.38 -5.14
C ASN A 16 13.77 -16.52 -4.28
N SER A 17 13.94 -15.57 -3.37
CA SER A 17 15.09 -15.57 -2.48
C SER A 17 15.03 -14.35 -1.55
N LYS A 18 15.33 -14.60 -0.28
CA LYS A 18 15.32 -13.53 0.71
C LYS A 18 13.89 -13.04 0.90
N LEU A 19 13.59 -12.67 2.15
CA LEU A 19 12.26 -12.18 2.48
C LEU A 19 11.74 -11.32 1.33
N GLU A 20 10.62 -11.75 0.77
CA GLU A 20 10.00 -11.03 -0.33
C GLU A 20 9.10 -9.91 0.20
N PRO A 21 9.01 -8.82 -0.61
CA PRO A 21 8.19 -7.68 -0.24
C PRO A 21 6.70 -7.99 -0.41
N THR A 22 6.22 -8.92 0.42
CA THR A 22 4.83 -9.31 0.36
C THR A 22 4.09 -8.81 1.60
N LEU A 23 2.77 -8.73 1.47
CA LEU A 23 1.93 -8.26 2.56
C LEU A 23 2.16 -9.15 3.79
N GLU A 24 2.02 -10.45 3.57
CA GLU A 24 2.20 -11.42 4.64
C GLU A 24 3.37 -11.00 5.54
N ASN A 25 4.37 -10.40 4.90
CA ASN A 25 5.55 -9.95 5.63
C ASN A 25 5.73 -8.44 5.40
N LEU A 26 4.66 -7.71 5.62
CA LEU A 26 4.69 -6.26 5.43
C LEU A 26 5.40 -5.62 6.63
N GLU A 27 5.20 -6.22 7.79
CA GLU A 27 5.81 -5.72 9.01
C GLU A 27 7.30 -6.02 9.01
N ASN A 28 7.67 -7.11 8.36
CA ASN A 28 9.06 -7.51 8.28
C ASN A 28 9.60 -7.18 6.89
N LEU A 29 8.91 -6.27 6.22
CA LEU A 29 9.31 -5.85 4.89
C LEU A 29 10.46 -4.84 5.00
N ASP A 30 11.16 -4.67 3.90
CA ASP A 30 12.30 -3.75 3.86
C ASP A 30 12.09 -2.75 2.72
N VAL A 31 11.39 -1.67 3.03
CA VAL A 31 11.12 -0.64 2.04
C VAL A 31 12.45 -0.17 1.42
N SER A 32 13.50 -0.29 2.22
CA SER A 32 14.82 0.12 1.77
C SER A 32 15.38 -0.91 0.79
N ALA A 33 14.60 -1.95 0.56
CA ALA A 33 15.01 -3.02 -0.35
C ALA A 33 14.67 -2.60 -1.78
N PHE A 34 13.47 -2.08 -1.95
CA PHE A 34 13.01 -1.65 -3.26
C PHE A 34 14.01 -0.67 -3.89
N GLN A 35 14.35 -0.94 -5.13
CA GLN A 35 15.28 -0.10 -5.86
C GLN A 35 14.53 0.85 -6.80
N ALA A 36 13.21 0.74 -6.77
CA ALA A 36 12.37 1.57 -7.61
C ALA A 36 12.86 3.02 -7.55
N PRO A 37 12.32 3.85 -8.47
CA PRO A 37 12.70 5.25 -8.53
C PRO A 37 12.05 6.04 -7.39
N GLU A 38 12.64 7.19 -7.10
CA GLU A 38 12.12 8.04 -6.04
C GLU A 38 10.84 8.75 -6.50
N ASP A 39 10.58 8.65 -7.79
CA ASP A 39 9.40 9.27 -8.37
C ASP A 39 8.47 8.18 -8.90
N LEU A 40 8.66 6.98 -8.40
CA LEU A 40 7.85 5.85 -8.81
C LEU A 40 6.40 6.31 -8.98
N LEU A 41 5.87 6.89 -7.92
CA LEU A 41 4.50 7.37 -7.93
C LEU A 41 4.51 8.90 -8.03
N ASP A 42 5.24 9.39 -9.01
CA ASP A 42 5.34 10.83 -9.21
C ASP A 42 3.93 11.41 -9.38
N GLY A 43 3.67 12.46 -8.62
CA GLY A 43 2.37 13.12 -8.67
C GLY A 43 1.24 12.10 -8.51
N CYS A 44 1.44 11.17 -7.59
CA CYS A 44 0.45 10.14 -7.33
C CYS A 44 -0.07 10.33 -5.91
N ARG A 45 -1.38 10.54 -5.81
CA ARG A 45 -2.02 10.73 -4.52
C ARG A 45 -2.75 9.46 -4.10
N ILE A 46 -2.12 8.74 -3.18
CA ILE A 46 -2.71 7.50 -2.68
C ILE A 46 -3.19 7.72 -1.25
N TYR A 47 -4.13 6.88 -0.84
CA TYR A 47 -4.69 6.96 0.50
C TYR A 47 -4.54 5.63 1.24
N LEU A 48 -3.90 5.70 2.39
CA LEU A 48 -3.69 4.52 3.20
C LEU A 48 -4.88 4.32 4.14
N CYS A 49 -5.20 3.06 4.39
CA CYS A 49 -6.32 2.72 5.25
C CYS A 49 -6.20 1.25 5.65
N GLY A 50 -6.67 0.95 6.85
CA GLY A 50 -6.62 -0.41 7.36
C GLY A 50 -5.18 -0.87 7.52
N PHE A 51 -4.44 -0.15 8.36
CA PHE A 51 -3.06 -0.48 8.62
C PHE A 51 -2.65 -0.12 10.04
N SER A 52 -2.30 1.15 10.22
CA SER A 52 -1.89 1.63 11.54
C SER A 52 -0.80 0.73 12.11
N GLY A 53 0.43 1.22 12.03
CA GLY A 53 1.57 0.48 12.54
C GLY A 53 2.61 0.24 11.44
N ARG A 54 3.35 -0.84 11.59
CA ARG A 54 4.38 -1.18 10.63
C ARG A 54 3.82 -1.09 9.21
N LYS A 55 2.80 -1.90 8.95
CA LYS A 55 2.17 -1.92 7.65
C LYS A 55 2.01 -0.49 7.14
N LEU A 56 1.56 0.38 8.03
CA LEU A 56 1.36 1.78 7.69
C LEU A 56 2.72 2.43 7.41
N ASP A 57 3.50 2.59 8.47
CA ASP A 57 4.81 3.19 8.35
C ASP A 57 5.46 2.73 7.05
N LYS A 58 5.40 1.43 6.82
CA LYS A 58 5.97 0.84 5.62
C LYS A 58 5.54 1.65 4.40
N LEU A 59 4.23 1.63 4.15
CA LEU A 59 3.67 2.35 3.03
C LEU A 59 4.17 3.79 3.05
N ARG A 60 4.11 4.39 4.24
CA ARG A 60 4.55 5.75 4.42
C ARG A 60 5.98 5.94 3.87
N ARG A 61 6.80 4.92 4.11
CA ARG A 61 8.17 4.95 3.64
C ARG A 61 8.24 4.59 2.16
N LEU A 62 7.37 3.67 1.76
CA LEU A 62 7.32 3.24 0.38
C LEU A 62 6.88 4.41 -0.51
N ILE A 63 5.63 4.81 -0.32
CA ILE A 63 5.08 5.90 -1.09
C ILE A 63 6.14 7.01 -1.23
N ASN A 64 6.65 7.43 -0.08
CA ASN A 64 7.66 8.48 -0.07
C ASN A 64 8.87 8.03 -0.89
N SER A 65 9.22 6.76 -0.72
CA SER A 65 10.36 6.19 -1.43
C SER A 65 10.07 6.19 -2.94
N GLY A 66 8.80 6.37 -3.27
CA GLY A 66 8.38 6.37 -4.66
C GLY A 66 7.98 7.78 -5.10
N GLY A 67 8.04 8.70 -4.15
CA GLY A 67 7.69 10.09 -4.42
C GLY A 67 6.18 10.30 -4.32
N GLY A 68 5.46 9.19 -4.26
CA GLY A 68 4.01 9.24 -4.15
C GLY A 68 3.58 10.10 -2.96
N VAL A 69 2.33 10.55 -3.01
CA VAL A 69 1.79 11.38 -1.96
C VAL A 69 0.79 10.56 -1.13
N ARG A 70 1.18 10.27 0.09
CA ARG A 70 0.34 9.51 0.99
C ARG A 70 -0.68 10.41 1.67
N PHE A 71 -1.88 10.44 1.09
CA PHE A 71 -2.96 11.25 1.62
C PHE A 71 -3.55 10.62 2.88
N ASN A 72 -4.02 11.49 3.77
CA ASN A 72 -4.62 11.04 5.01
C ASN A 72 -6.11 11.39 5.02
N GLN A 73 -6.52 12.09 3.97
CA GLN A 73 -7.91 12.51 3.86
C GLN A 73 -8.54 11.90 2.60
N LEU A 74 -9.81 11.55 2.72
CA LEU A 74 -10.53 10.96 1.60
C LEU A 74 -11.15 12.07 0.76
N ASN A 75 -10.71 12.13 -0.49
CA ASN A 75 -11.22 13.14 -1.41
C ASN A 75 -11.02 12.65 -2.85
N GLU A 76 -11.72 13.32 -3.77
CA GLU A 76 -11.63 12.96 -5.17
C GLU A 76 -10.18 13.05 -5.64
N ASP A 77 -9.38 13.77 -4.88
CA ASP A 77 -7.97 13.94 -5.21
C ASP A 77 -7.29 12.58 -5.20
N VAL A 78 -7.64 11.77 -4.21
CA VAL A 78 -7.07 10.45 -4.08
C VAL A 78 -7.20 9.70 -5.41
N THR A 79 -6.09 9.10 -5.82
CA THR A 79 -6.07 8.35 -7.07
C THR A 79 -6.07 6.85 -6.79
N HIS A 80 -5.74 6.51 -5.56
CA HIS A 80 -5.70 5.10 -5.15
C HIS A 80 -5.72 5.01 -3.63
N VAL A 81 -6.43 4.00 -3.14
CA VAL A 81 -6.54 3.79 -1.71
C VAL A 81 -5.99 2.41 -1.35
N ILE A 82 -4.82 2.42 -0.73
CA ILE A 82 -4.17 1.18 -0.33
C ILE A 82 -4.87 0.62 0.89
N VAL A 83 -5.70 -0.39 0.65
CA VAL A 83 -6.44 -1.02 1.73
C VAL A 83 -5.72 -2.31 2.15
N GLY A 84 -5.43 -2.40 3.44
CA GLY A 84 -4.75 -3.56 3.98
C GLY A 84 -5.75 -4.60 4.47
N ASP A 85 -6.66 -4.14 5.33
CA ASP A 85 -7.68 -5.02 5.88
C ASP A 85 -9.06 -4.49 5.51
N TYR A 86 -9.22 -3.19 5.64
CA TYR A 86 -10.48 -2.54 5.32
C TYR A 86 -10.38 -1.02 5.44
N ASP A 87 -11.24 -0.34 4.69
CA ASP A 87 -11.25 1.10 4.70
C ASP A 87 -12.62 1.60 5.16
N ASP A 88 -12.64 2.21 6.33
CA ASP A 88 -13.87 2.73 6.88
C ASP A 88 -14.25 4.02 6.15
N GLU A 89 -13.34 4.97 6.17
CA GLU A 89 -13.55 6.25 5.52
C GLU A 89 -14.10 6.03 4.11
N LEU A 90 -13.34 5.29 3.32
CA LEU A 90 -13.72 5.00 1.96
C LEU A 90 -15.23 4.72 1.90
N LYS A 91 -15.63 3.68 2.61
CA LYS A 91 -17.03 3.30 2.65
C LYS A 91 -17.89 4.56 2.76
N GLN A 92 -17.50 5.42 3.69
CA GLN A 92 -18.22 6.66 3.91
C GLN A 92 -18.03 7.60 2.73
N PHE A 93 -16.77 7.83 2.38
CA PHE A 93 -16.45 8.70 1.27
C PHE A 93 -17.17 8.26 -0.01
N TRP A 94 -17.48 6.97 -0.06
CA TRP A 94 -18.16 6.41 -1.21
C TRP A 94 -19.61 6.90 -1.18
N ASN A 95 -19.99 7.48 -0.05
CA ASN A 95 -21.34 7.98 0.12
C ASN A 95 -21.28 9.50 0.35
N LYS A 96 -20.11 10.05 0.11
CA LYS A 96 -19.91 11.48 0.28
C LYS A 96 -19.72 12.14 -1.08
N SER A 97 -18.51 11.97 -1.63
CA SER A 97 -18.19 12.54 -2.92
C SER A 97 -18.35 11.48 -4.02
N ALA A 98 -18.54 11.96 -5.24
CA ALA A 98 -18.71 11.07 -6.37
C ALA A 98 -17.36 10.86 -7.05
N HIS A 99 -16.73 9.74 -6.72
CA HIS A 99 -15.44 9.40 -7.28
C HIS A 99 -15.12 7.93 -7.02
N ARG A 100 -14.24 7.39 -7.84
CA ARG A 100 -13.85 5.99 -7.70
C ARG A 100 -12.33 5.88 -7.60
N PRO A 101 -11.82 5.94 -6.34
CA PRO A 101 -10.39 5.84 -6.10
C PRO A 101 -9.90 4.40 -6.27
N HIS A 102 -8.73 4.28 -6.89
CA HIS A 102 -8.15 2.97 -7.12
C HIS A 102 -7.88 2.29 -5.77
N VAL A 103 -8.78 1.39 -5.41
CA VAL A 103 -8.66 0.66 -4.16
C VAL A 103 -7.85 -0.62 -4.40
N VAL A 104 -6.70 -0.68 -3.75
CA VAL A 104 -5.83 -1.84 -3.88
C VAL A 104 -5.15 -2.12 -2.54
N GLY A 105 -4.38 -3.20 -2.52
CA GLY A 105 -3.66 -3.58 -1.31
C GLY A 105 -2.19 -3.24 -1.42
N ALA A 106 -1.59 -2.94 -0.27
CA ALA A 106 -0.17 -2.60 -0.22
C ALA A 106 0.60 -3.53 -1.15
N LYS A 107 0.18 -4.78 -1.19
CA LYS A 107 0.83 -5.76 -2.02
C LYS A 107 1.20 -5.13 -3.37
N TRP A 108 0.24 -4.40 -3.93
CA TRP A 108 0.45 -3.74 -5.20
C TRP A 108 1.70 -2.87 -5.08
N LEU A 109 1.59 -1.85 -4.24
CA LEU A 109 2.70 -0.94 -4.02
C LEU A 109 4.01 -1.74 -3.97
N LEU A 110 4.03 -2.73 -3.11
CA LEU A 110 5.20 -3.57 -2.96
C LEU A 110 5.71 -4.00 -4.34
N GLU A 111 4.84 -4.69 -5.07
CA GLU A 111 5.18 -5.15 -6.40
C GLU A 111 5.63 -3.97 -7.28
N CYS A 112 4.95 -2.84 -7.08
CA CYS A 112 5.28 -1.64 -7.84
C CYS A 112 6.73 -1.28 -7.57
N PHE A 113 7.03 -1.07 -6.29
CA PHE A 113 8.38 -0.71 -5.89
C PHE A 113 9.35 -1.87 -6.12
N SER A 114 8.78 -3.08 -6.13
CA SER A 114 9.58 -4.28 -6.34
C SER A 114 9.95 -4.41 -7.82
N LYS A 115 8.99 -4.07 -8.68
CA LYS A 115 9.20 -4.16 -10.11
C LYS A 115 9.93 -2.89 -10.58
N GLY A 116 9.76 -1.83 -9.81
CA GLY A 116 10.38 -0.56 -10.14
C GLY A 116 9.41 0.36 -10.88
N TYR A 117 8.32 -0.22 -11.34
CA TYR A 117 7.30 0.53 -12.06
C TYR A 117 5.90 0.10 -11.62
N MET A 118 5.02 1.09 -11.51
CA MET A 118 3.65 0.84 -11.10
C MET A 118 3.01 -0.24 -11.99
N LEU A 119 2.28 -1.14 -11.36
CA LEU A 119 1.61 -2.21 -12.07
C LEU A 119 0.10 -1.98 -12.03
N SER A 120 -0.62 -2.85 -12.75
CA SER A 120 -2.06 -2.74 -12.80
C SER A 120 -2.64 -2.80 -11.39
N GLU A 121 -3.64 -1.96 -11.16
CA GLU A 121 -4.29 -1.91 -9.86
C GLU A 121 -5.56 -2.76 -9.86
N GLU A 122 -5.93 -3.21 -11.05
CA GLU A 122 -7.10 -4.05 -11.20
C GLU A 122 -6.86 -5.43 -10.60
N PRO A 123 -5.66 -5.99 -10.90
CA PRO A 123 -5.28 -7.29 -10.39
C PRO A 123 -4.92 -7.24 -8.91
N TYR A 124 -5.09 -6.05 -8.35
CA TYR A 124 -4.78 -5.83 -6.94
C TYR A 124 -5.86 -4.98 -6.26
N ILE A 125 -7.09 -5.17 -6.74
CA ILE A 125 -8.21 -4.43 -6.19
C ILE A 125 -8.56 -4.99 -4.81
N HIS A 126 -8.85 -4.08 -3.90
CA HIS A 126 -9.20 -4.47 -2.54
C HIS A 126 -10.73 -4.42 -2.37
N SER A 127 -11.32 -5.61 -2.34
CA SER A 127 -12.77 -5.72 -2.18
C SER A 127 -13.10 -6.54 -0.93
N GLY A 128 -12.84 -7.83 -1.04
CA GLY A 128 -13.10 -8.74 0.07
C GLY A 128 -13.37 -10.16 -0.43
N PRO A 129 -12.27 -10.97 -0.48
CA PRO A 129 -12.37 -12.34 -0.94
C PRO A 129 -13.01 -13.23 0.13
N SER A 130 -13.69 -14.26 -0.34
CA SER A 130 -14.35 -15.19 0.56
C SER A 130 -15.53 -14.51 1.26
N SER A 131 -16.37 -15.31 1.87
CA SER A 131 -17.53 -14.80 2.57
C SER A 131 -18.24 -15.93 3.32
N GLY A 132 -18.53 -15.66 4.59
CA GLY A 132 -19.20 -16.65 5.43
C GLY A 132 -20.72 -16.47 5.38
N GLY A 1 -17.38 -12.80 -13.77
CA GLY A 1 -16.15 -12.14 -13.36
C GLY A 1 -15.65 -12.72 -12.03
N SER A 2 -16.17 -12.15 -10.94
CA SER A 2 -15.78 -12.60 -9.61
C SER A 2 -16.62 -13.82 -9.21
N SER A 3 -16.06 -14.58 -8.27
CA SER A 3 -16.74 -15.77 -7.78
C SER A 3 -16.03 -16.32 -6.55
N GLY A 4 -16.72 -16.24 -5.42
CA GLY A 4 -16.16 -16.72 -4.18
C GLY A 4 -17.10 -16.41 -3.00
N SER A 5 -16.85 -17.09 -1.89
CA SER A 5 -17.66 -16.89 -0.70
C SER A 5 -16.76 -16.63 0.51
N SER A 6 -15.88 -17.58 0.78
CA SER A 6 -14.97 -17.45 1.90
C SER A 6 -13.95 -18.60 1.87
N GLY A 7 -12.77 -18.31 2.40
CA GLY A 7 -11.70 -19.31 2.44
C GLY A 7 -10.62 -18.99 1.41
N SER A 8 -9.80 -19.99 1.14
CA SER A 8 -8.71 -19.84 0.18
C SER A 8 -7.72 -18.79 0.69
N GLU A 9 -6.73 -19.27 1.42
CA GLU A 9 -5.71 -18.39 1.97
C GLU A 9 -6.33 -17.38 2.93
N SER A 10 -5.77 -17.32 4.13
CA SER A 10 -6.27 -16.41 5.14
C SER A 10 -5.30 -16.37 6.33
N ILE A 11 -5.10 -17.54 6.92
CA ILE A 11 -4.20 -17.66 8.06
C ILE A 11 -2.94 -16.83 7.79
N CYS A 12 -2.22 -16.55 8.87
CA CYS A 12 -0.99 -15.78 8.77
C CYS A 12 -0.03 -16.27 9.85
N ASN A 13 1.26 -16.10 9.57
CA ASN A 13 2.28 -16.52 10.51
C ASN A 13 3.00 -15.28 11.06
N SER A 14 3.30 -15.33 12.35
CA SER A 14 3.99 -14.22 13.00
C SER A 14 5.45 -14.60 13.27
N LEU A 15 6.34 -13.67 12.94
CA LEU A 15 7.75 -13.88 13.13
C LEU A 15 8.51 -12.61 12.78
N ASN A 16 9.42 -12.23 13.66
CA ASN A 16 10.23 -11.04 13.47
C ASN A 16 11.54 -11.42 12.79
N SER A 17 11.54 -11.30 11.47
CA SER A 17 12.73 -11.63 10.70
C SER A 17 12.56 -11.15 9.25
N LYS A 18 13.62 -10.55 8.73
CA LYS A 18 13.60 -10.04 7.36
C LYS A 18 12.95 -11.09 6.46
N LEU A 19 12.14 -10.58 5.53
CA LEU A 19 11.45 -11.45 4.59
C LEU A 19 11.13 -10.67 3.31
N GLU A 20 10.57 -11.38 2.35
CA GLU A 20 10.22 -10.77 1.08
C GLU A 20 9.28 -9.58 1.30
N PRO A 21 9.26 -8.67 0.30
CA PRO A 21 8.42 -7.48 0.38
C PRO A 21 6.95 -7.84 0.13
N THR A 22 6.46 -8.79 0.91
CA THR A 22 5.08 -9.23 0.79
C THR A 22 4.23 -8.62 1.91
N LEU A 23 2.92 -8.71 1.71
CA LEU A 23 1.99 -8.18 2.70
C LEU A 23 2.20 -8.88 4.04
N GLU A 24 2.09 -10.19 4.01
CA GLU A 24 2.27 -11.00 5.21
C GLU A 24 3.57 -10.61 5.91
N ASN A 25 4.47 -10.02 5.13
CA ASN A 25 5.76 -9.61 5.66
C ASN A 25 5.93 -8.10 5.44
N LEU A 26 5.02 -7.34 6.02
CA LEU A 26 5.06 -5.89 5.89
C LEU A 26 5.85 -5.29 7.07
N GLU A 27 5.53 -5.78 8.25
CA GLU A 27 6.19 -5.31 9.46
C GLU A 27 7.70 -5.53 9.36
N ASN A 28 8.06 -6.57 8.60
CA ASN A 28 9.47 -6.91 8.42
C ASN A 28 9.86 -6.62 6.97
N LEU A 29 9.38 -5.50 6.45
CA LEU A 29 9.68 -5.10 5.09
C LEU A 29 10.80 -4.05 5.10
N ASP A 30 11.51 -4.00 3.99
CA ASP A 30 12.62 -3.06 3.85
C ASP A 30 12.32 -2.10 2.69
N VAL A 31 11.54 -1.07 3.00
CA VAL A 31 11.17 -0.08 2.00
C VAL A 31 12.44 0.45 1.33
N SER A 32 13.55 0.34 2.05
CA SER A 32 14.83 0.80 1.54
C SER A 32 15.51 -0.32 0.74
N ALA A 33 14.69 -1.27 0.30
CA ALA A 33 15.20 -2.40 -0.46
C ALA A 33 14.81 -2.22 -1.93
N PHE A 34 13.56 -1.81 -2.13
CA PHE A 34 13.05 -1.60 -3.47
C PHE A 34 13.95 -0.63 -4.26
N GLN A 35 14.47 -1.12 -5.37
CA GLN A 35 15.33 -0.31 -6.22
C GLN A 35 14.49 0.64 -7.07
N ALA A 36 13.18 0.52 -6.92
CA ALA A 36 12.27 1.36 -7.68
C ALA A 36 12.78 2.80 -7.68
N PRO A 37 12.22 3.62 -8.61
CA PRO A 37 12.61 5.01 -8.72
C PRO A 37 12.03 5.85 -7.58
N GLU A 38 12.66 6.99 -7.34
CA GLU A 38 12.22 7.87 -6.28
C GLU A 38 11.00 8.67 -6.74
N ASP A 39 10.57 8.39 -7.96
CA ASP A 39 9.42 9.07 -8.53
C ASP A 39 8.41 8.04 -9.02
N LEU A 40 8.55 6.83 -8.50
CA LEU A 40 7.66 5.74 -8.87
C LEU A 40 6.22 6.27 -8.96
N LEU A 41 5.75 6.80 -7.84
CA LEU A 41 4.39 7.34 -7.78
C LEU A 41 4.46 8.86 -7.88
N ASP A 42 4.95 9.34 -9.02
CA ASP A 42 5.06 10.77 -9.25
C ASP A 42 3.68 11.34 -9.52
N GLY A 43 3.31 12.33 -8.72
CA GLY A 43 2.02 12.98 -8.87
C GLY A 43 0.88 11.96 -8.74
N CYS A 44 1.08 11.01 -7.85
CA CYS A 44 0.07 9.98 -7.63
C CYS A 44 -0.31 9.99 -6.14
N ARG A 45 -1.54 10.45 -5.88
CA ARG A 45 -2.04 10.51 -4.53
C ARG A 45 -2.71 9.20 -4.13
N ILE A 46 -2.25 8.64 -3.03
CA ILE A 46 -2.80 7.38 -2.54
C ILE A 46 -3.25 7.57 -1.09
N TYR A 47 -4.29 6.82 -0.73
CA TYR A 47 -4.83 6.89 0.61
C TYR A 47 -4.63 5.55 1.34
N LEU A 48 -3.90 5.63 2.44
CA LEU A 48 -3.64 4.43 3.24
C LEU A 48 -4.82 4.17 4.17
N CYS A 49 -5.40 2.99 4.02
CA CYS A 49 -6.55 2.60 4.83
C CYS A 49 -6.25 1.24 5.46
N GLY A 50 -6.80 1.04 6.64
CA GLY A 50 -6.61 -0.21 7.36
C GLY A 50 -5.12 -0.47 7.61
N PHE A 51 -4.42 0.61 7.93
CA PHE A 51 -2.99 0.51 8.20
C PHE A 51 -2.61 1.37 9.40
N SER A 52 -2.08 0.71 10.43
CA SER A 52 -1.68 1.40 11.64
C SER A 52 -0.26 0.99 12.02
N GLY A 53 -0.12 -0.28 12.38
CA GLY A 53 1.19 -0.81 12.77
C GLY A 53 2.24 -0.53 11.70
N ARG A 54 3.39 -1.14 11.88
CA ARG A 54 4.49 -0.96 10.93
C ARG A 54 3.94 -0.93 9.50
N LYS A 55 2.92 -1.73 9.26
CA LYS A 55 2.31 -1.80 7.95
C LYS A 55 2.19 -0.38 7.37
N LEU A 56 1.62 0.50 8.18
CA LEU A 56 1.45 1.88 7.77
C LEU A 56 2.81 2.53 7.58
N ASP A 57 3.58 2.55 8.66
CA ASP A 57 4.91 3.14 8.62
C ASP A 57 5.59 2.79 7.30
N LYS A 58 5.57 1.51 6.98
CA LYS A 58 6.17 1.03 5.75
C LYS A 58 5.65 1.85 4.57
N LEU A 59 4.37 1.63 4.27
CA LEU A 59 3.74 2.35 3.17
C LEU A 59 4.19 3.81 3.18
N ARG A 60 3.93 4.47 4.31
CA ARG A 60 4.31 5.86 4.46
C ARG A 60 5.68 6.11 3.84
N ARG A 61 6.60 5.20 4.13
CA ARG A 61 7.95 5.31 3.60
C ARG A 61 7.97 4.97 2.11
N LEU A 62 7.25 3.91 1.76
CA LEU A 62 7.17 3.48 0.38
C LEU A 62 6.60 4.61 -0.48
N ILE A 63 5.34 4.91 -0.25
CA ILE A 63 4.67 5.96 -0.99
C ILE A 63 5.63 7.12 -1.21
N ASN A 64 6.17 7.62 -0.10
CA ASN A 64 7.12 8.72 -0.17
C ASN A 64 8.31 8.33 -1.04
N SER A 65 8.79 7.12 -0.81
CA SER A 65 9.92 6.61 -1.57
C SER A 65 9.59 6.58 -3.05
N GLY A 66 8.31 6.35 -3.33
CA GLY A 66 7.84 6.30 -4.72
C GLY A 66 7.57 7.70 -5.25
N GLY A 67 7.39 8.63 -4.33
CA GLY A 67 7.11 10.01 -4.69
C GLY A 67 5.63 10.33 -4.55
N GLY A 68 4.84 9.28 -4.39
CA GLY A 68 3.40 9.44 -4.25
C GLY A 68 3.07 10.18 -2.95
N VAL A 69 1.84 10.71 -2.90
CA VAL A 69 1.39 11.45 -1.74
C VAL A 69 0.36 10.60 -0.98
N ARG A 70 0.67 10.35 0.28
CA ARG A 70 -0.21 9.56 1.13
C ARG A 70 -1.21 10.47 1.84
N PHE A 71 -2.46 10.38 1.40
CA PHE A 71 -3.52 11.18 1.99
C PHE A 71 -4.11 10.50 3.23
N ASN A 72 -3.92 11.15 4.36
CA ASN A 72 -4.42 10.62 5.62
C ASN A 72 -5.94 10.79 5.67
N GLN A 73 -6.46 11.52 4.69
CA GLN A 73 -7.89 11.76 4.61
C GLN A 73 -8.41 11.41 3.21
N LEU A 74 -9.57 10.77 3.19
CA LEU A 74 -10.18 10.38 1.93
C LEU A 74 -10.81 11.60 1.27
N ASN A 75 -10.34 11.89 0.07
CA ASN A 75 -10.84 13.03 -0.69
C ASN A 75 -10.73 12.75 -2.18
N GLU A 76 -11.04 13.76 -2.98
CA GLU A 76 -10.99 13.63 -4.42
C GLU A 76 -9.55 13.83 -4.91
N ASP A 77 -8.64 13.92 -3.95
CA ASP A 77 -7.24 14.12 -4.28
C ASP A 77 -6.57 12.76 -4.50
N VAL A 78 -6.82 11.86 -3.57
CA VAL A 78 -6.25 10.52 -3.64
C VAL A 78 -6.76 9.83 -4.91
N THR A 79 -5.86 9.13 -5.58
CA THR A 79 -6.19 8.43 -6.80
C THR A 79 -6.12 6.92 -6.58
N HIS A 80 -5.55 6.54 -5.44
CA HIS A 80 -5.42 5.14 -5.10
C HIS A 80 -5.74 4.94 -3.61
N VAL A 81 -6.30 3.78 -3.31
CA VAL A 81 -6.65 3.45 -1.94
C VAL A 81 -6.07 2.09 -1.57
N ILE A 82 -4.90 2.12 -0.97
CA ILE A 82 -4.23 0.89 -0.57
C ILE A 82 -4.88 0.36 0.70
N VAL A 83 -5.74 -0.63 0.51
CA VAL A 83 -6.44 -1.24 1.63
C VAL A 83 -5.63 -2.44 2.14
N GLY A 84 -5.37 -2.43 3.43
CA GLY A 84 -4.62 -3.50 4.05
C GLY A 84 -5.55 -4.54 4.69
N ASP A 85 -6.46 -4.05 5.51
CA ASP A 85 -7.41 -4.93 6.18
C ASP A 85 -8.78 -4.78 5.52
N TYR A 86 -9.20 -3.53 5.36
CA TYR A 86 -10.48 -3.24 4.74
C TYR A 86 -10.65 -1.75 4.49
N ASP A 87 -11.70 -1.42 3.75
CA ASP A 87 -11.97 -0.02 3.43
C ASP A 87 -13.38 0.34 3.94
N ASP A 88 -13.44 0.67 5.22
CA ASP A 88 -14.71 1.04 5.82
C ASP A 88 -14.88 2.55 5.78
N GLU A 89 -13.74 3.24 5.78
CA GLU A 89 -13.74 4.69 5.74
C GLU A 89 -13.91 5.19 4.30
N LEU A 90 -13.06 4.66 3.43
CA LEU A 90 -13.10 5.04 2.03
C LEU A 90 -14.54 4.89 1.51
N LYS A 91 -15.31 4.07 2.21
CA LYS A 91 -16.69 3.84 1.83
C LYS A 91 -17.52 5.08 2.15
N GLN A 92 -17.17 5.73 3.24
CA GLN A 92 -17.87 6.93 3.67
C GLN A 92 -17.66 8.05 2.64
N PHE A 93 -16.42 8.16 2.18
CA PHE A 93 -16.08 9.18 1.20
C PHE A 93 -16.87 8.98 -0.11
N TRP A 94 -17.36 7.77 -0.28
CA TRP A 94 -18.13 7.44 -1.46
C TRP A 94 -19.53 8.02 -1.30
N ASN A 95 -19.76 8.60 -0.13
CA ASN A 95 -21.05 9.19 0.17
C ASN A 95 -20.88 10.70 0.39
N LYS A 96 -19.69 11.18 0.05
CA LYS A 96 -19.37 12.59 0.20
C LYS A 96 -19.07 13.20 -1.17
N SER A 97 -17.85 12.96 -1.63
CA SER A 97 -17.42 13.46 -2.92
C SER A 97 -17.59 12.39 -3.99
N ALA A 98 -17.66 12.85 -5.24
CA ALA A 98 -17.82 11.94 -6.36
C ALA A 98 -16.44 11.59 -6.94
N HIS A 99 -15.94 10.44 -6.53
CA HIS A 99 -14.64 9.99 -6.99
C HIS A 99 -14.51 8.48 -6.77
N ARG A 100 -13.82 7.84 -7.71
CA ARG A 100 -13.61 6.40 -7.62
C ARG A 100 -12.12 6.08 -7.69
N PRO A 101 -11.48 6.06 -6.49
CA PRO A 101 -10.06 5.76 -6.41
C PRO A 101 -9.79 4.27 -6.62
N HIS A 102 -8.53 3.94 -6.80
CA HIS A 102 -8.13 2.56 -7.01
C HIS A 102 -7.94 1.86 -5.65
N VAL A 103 -8.93 1.08 -5.27
CA VAL A 103 -8.89 0.37 -4.01
C VAL A 103 -8.15 -0.95 -4.21
N VAL A 104 -6.86 -0.92 -3.91
CA VAL A 104 -6.03 -2.11 -4.04
C VAL A 104 -5.34 -2.40 -2.71
N GLY A 105 -4.58 -3.50 -2.70
CA GLY A 105 -3.86 -3.89 -1.51
C GLY A 105 -2.38 -3.52 -1.61
N ALA A 106 -1.79 -3.21 -0.45
CA ALA A 106 -0.39 -2.85 -0.41
C ALA A 106 0.41 -3.75 -1.34
N LYS A 107 0.00 -5.02 -1.37
CA LYS A 107 0.67 -6.00 -2.22
C LYS A 107 1.03 -5.34 -3.56
N TRP A 108 0.05 -4.65 -4.12
CA TRP A 108 0.25 -3.98 -5.39
C TRP A 108 1.48 -3.07 -5.26
N LEU A 109 1.32 -2.03 -4.47
CA LEU A 109 2.40 -1.09 -4.24
C LEU A 109 3.73 -1.84 -4.15
N LEU A 110 3.79 -2.74 -3.17
CA LEU A 110 4.98 -3.54 -2.97
C LEU A 110 5.54 -3.98 -4.32
N GLU A 111 4.69 -4.63 -5.10
CA GLU A 111 5.09 -5.09 -6.42
C GLU A 111 5.52 -3.93 -7.30
N CYS A 112 4.84 -2.80 -7.10
CA CYS A 112 5.14 -1.60 -7.88
C CYS A 112 6.61 -1.23 -7.62
N PHE A 113 6.95 -1.12 -6.34
CA PHE A 113 8.30 -0.78 -5.96
C PHE A 113 9.26 -1.94 -6.21
N SER A 114 8.70 -3.14 -6.21
CA SER A 114 9.50 -4.34 -6.44
C SER A 114 9.86 -4.43 -7.92
N LYS A 115 8.87 -4.24 -8.76
CA LYS A 115 9.08 -4.30 -10.20
C LYS A 115 9.81 -3.04 -10.66
N GLY A 116 9.72 -2.01 -9.83
CA GLY A 116 10.36 -0.74 -10.15
C GLY A 116 9.39 0.21 -10.84
N TYR A 117 8.27 -0.34 -11.28
CA TYR A 117 7.25 0.44 -11.95
C TYR A 117 5.85 0.06 -11.48
N MET A 118 4.89 0.91 -11.82
CA MET A 118 3.51 0.67 -11.43
C MET A 118 2.89 -0.46 -12.26
N LEU A 119 2.19 -1.34 -11.56
CA LEU A 119 1.54 -2.46 -12.21
C LEU A 119 0.02 -2.25 -12.21
N SER A 120 -0.67 -3.18 -12.84
CA SER A 120 -2.12 -3.11 -12.92
C SER A 120 -2.73 -3.20 -11.52
N GLU A 121 -3.82 -2.47 -11.34
CA GLU A 121 -4.51 -2.47 -10.05
C GLU A 121 -5.67 -3.46 -10.08
N GLU A 122 -6.13 -3.76 -11.28
CA GLU A 122 -7.23 -4.70 -11.45
C GLU A 122 -6.91 -6.04 -10.80
N PRO A 123 -5.64 -6.50 -11.03
CA PRO A 123 -5.20 -7.75 -10.47
C PRO A 123 -4.91 -7.62 -8.97
N TYR A 124 -5.18 -6.43 -8.45
CA TYR A 124 -4.95 -6.15 -7.04
C TYR A 124 -6.11 -5.32 -6.46
N ILE A 125 -7.32 -5.68 -6.86
CA ILE A 125 -8.49 -4.98 -6.39
C ILE A 125 -8.96 -5.60 -5.07
N HIS A 126 -9.41 -4.74 -4.16
CA HIS A 126 -9.89 -5.19 -2.86
C HIS A 126 -11.42 -5.14 -2.84
N SER A 127 -12.01 -6.32 -2.89
CA SER A 127 -13.47 -6.42 -2.87
C SER A 127 -13.92 -7.15 -1.61
N GLY A 128 -13.41 -8.36 -1.45
CA GLY A 128 -13.76 -9.19 -0.30
C GLY A 128 -13.55 -10.67 -0.60
N PRO A 129 -14.45 -11.21 -1.48
CA PRO A 129 -14.37 -12.61 -1.86
C PRO A 129 -13.23 -12.85 -2.83
N SER A 130 -12.57 -13.99 -2.65
CA SER A 130 -11.45 -14.35 -3.50
C SER A 130 -11.30 -15.88 -3.53
N SER A 131 -11.43 -16.43 -4.74
CA SER A 131 -11.30 -17.87 -4.91
C SER A 131 -10.79 -18.17 -6.32
N GLY A 132 -11.56 -17.73 -7.31
CA GLY A 132 -11.20 -17.94 -8.69
C GLY A 132 -12.37 -18.57 -9.46
N GLY A 1 -7.35 -12.06 -21.40
CA GLY A 1 -6.77 -13.13 -22.18
C GLY A 1 -5.76 -13.93 -21.35
N SER A 2 -4.53 -13.99 -21.84
CA SER A 2 -3.49 -14.71 -21.15
C SER A 2 -2.71 -13.76 -20.24
N SER A 3 -2.46 -14.23 -19.03
CA SER A 3 -1.74 -13.44 -18.06
C SER A 3 -0.78 -14.34 -17.25
N GLY A 4 0.09 -13.70 -16.49
CA GLY A 4 1.05 -14.41 -15.68
C GLY A 4 0.55 -14.57 -14.25
N SER A 5 1.44 -15.06 -13.39
CA SER A 5 1.10 -15.27 -11.99
C SER A 5 2.28 -14.87 -11.10
N SER A 6 2.01 -14.80 -9.81
CA SER A 6 3.03 -14.43 -8.85
C SER A 6 3.05 -15.44 -7.69
N GLY A 7 4.07 -15.31 -6.86
CA GLY A 7 4.22 -16.20 -5.72
C GLY A 7 4.88 -15.48 -4.54
N SER A 8 5.16 -16.24 -3.49
CA SER A 8 5.80 -15.69 -2.31
C SER A 8 6.53 -16.79 -1.55
N GLU A 9 7.58 -16.38 -0.84
CA GLU A 9 8.37 -17.32 -0.07
C GLU A 9 9.36 -16.56 0.83
N SER A 10 9.80 -17.25 1.87
CA SER A 10 10.75 -16.66 2.81
C SER A 10 12.17 -17.00 2.40
N ILE A 11 13.10 -16.16 2.84
CA ILE A 11 14.50 -16.37 2.54
C ILE A 11 15.35 -15.50 3.47
N CYS A 12 16.18 -16.18 4.26
CA CYS A 12 17.05 -15.50 5.20
C CYS A 12 18.45 -15.39 4.58
N ASN A 13 19.18 -14.39 5.02
CA ASN A 13 20.52 -14.17 4.52
C ASN A 13 21.17 -13.00 5.28
N SER A 14 22.47 -13.10 5.45
CA SER A 14 23.21 -12.06 6.15
C SER A 14 23.32 -10.81 5.28
N LEU A 15 22.80 -9.71 5.81
CA LEU A 15 22.83 -8.45 5.09
C LEU A 15 22.13 -8.62 3.74
N ASN A 16 20.88 -8.19 3.70
CA ASN A 16 20.09 -8.30 2.48
C ASN A 16 18.62 -8.01 2.81
N SER A 17 17.82 -7.98 1.76
CA SER A 17 16.40 -7.71 1.92
C SER A 17 15.80 -8.66 2.97
N LYS A 18 15.32 -8.06 4.05
CA LYS A 18 14.73 -8.83 5.13
C LYS A 18 13.30 -9.22 4.76
N LEU A 19 13.10 -10.51 4.56
CA LEU A 19 11.79 -11.03 4.20
C LEU A 19 11.35 -10.40 2.87
N GLU A 20 10.54 -11.15 2.14
CA GLU A 20 10.04 -10.67 0.85
C GLU A 20 9.18 -9.43 1.05
N PRO A 21 9.23 -8.53 0.02
CA PRO A 21 8.47 -7.30 0.07
C PRO A 21 6.98 -7.56 -0.19
N THR A 22 6.37 -8.28 0.75
CA THR A 22 4.96 -8.60 0.64
C THR A 22 4.20 -8.09 1.86
N LEU A 23 2.90 -7.89 1.66
CA LEU A 23 2.05 -7.40 2.74
C LEU A 23 2.19 -8.33 3.95
N GLU A 24 2.15 -9.62 3.67
CA GLU A 24 2.27 -10.61 4.73
C GLU A 24 3.55 -10.38 5.54
N ASN A 25 4.46 -9.61 4.94
CA ASN A 25 5.72 -9.30 5.59
C ASN A 25 5.98 -7.80 5.51
N LEU A 26 4.89 -7.05 5.40
CA LEU A 26 4.99 -5.61 5.31
C LEU A 26 5.77 -5.06 6.51
N GLU A 27 5.41 -5.56 7.68
CA GLU A 27 6.08 -5.15 8.90
C GLU A 27 7.58 -5.44 8.83
N ASN A 28 7.89 -6.57 8.20
CA ASN A 28 9.28 -6.97 8.05
C ASN A 28 9.68 -6.88 6.57
N LEU A 29 9.24 -5.80 5.94
CA LEU A 29 9.53 -5.57 4.54
C LEU A 29 10.61 -4.50 4.41
N ASP A 30 11.71 -4.88 3.77
CA ASP A 30 12.82 -3.96 3.58
C ASP A 30 12.44 -2.92 2.51
N VAL A 31 11.85 -1.84 2.97
CA VAL A 31 11.44 -0.78 2.06
C VAL A 31 12.67 -0.20 1.37
N SER A 32 13.82 -0.50 1.93
CA SER A 32 15.08 -0.02 1.38
C SER A 32 15.57 -0.97 0.28
N ALA A 33 14.89 -2.11 0.19
CA ALA A 33 15.24 -3.10 -0.81
C ALA A 33 14.80 -2.62 -2.19
N PHE A 34 13.55 -2.17 -2.25
CA PHE A 34 13.00 -1.67 -3.50
C PHE A 34 13.98 -0.73 -4.20
N GLN A 35 14.36 -1.12 -5.41
CA GLN A 35 15.28 -0.32 -6.20
C GLN A 35 14.52 0.65 -7.10
N ALA A 36 13.20 0.58 -6.99
CA ALA A 36 12.34 1.45 -7.79
C ALA A 36 12.90 2.88 -7.75
N PRO A 37 12.33 3.74 -8.64
CA PRO A 37 12.75 5.13 -8.72
C PRO A 37 12.22 5.94 -7.54
N GLU A 38 12.82 7.09 -7.33
CA GLU A 38 12.41 7.96 -6.24
C GLU A 38 11.15 8.72 -6.62
N ASP A 39 10.68 8.47 -7.83
CA ASP A 39 9.47 9.13 -8.33
C ASP A 39 8.51 8.06 -8.87
N LEU A 40 8.67 6.85 -8.36
CA LEU A 40 7.83 5.74 -8.77
C LEU A 40 6.38 6.24 -8.91
N LEU A 41 5.82 6.63 -7.77
CA LEU A 41 4.45 7.13 -7.75
C LEU A 41 4.45 8.64 -7.98
N ASP A 42 5.07 9.05 -9.08
CA ASP A 42 5.16 10.46 -9.42
C ASP A 42 3.79 10.93 -9.90
N GLY A 43 3.26 11.91 -9.18
CA GLY A 43 1.96 12.47 -9.53
C GLY A 43 0.84 11.47 -9.25
N CYS A 44 1.06 10.67 -8.22
CA CYS A 44 0.07 9.67 -7.83
C CYS A 44 -0.21 9.81 -6.34
N ARG A 45 -1.37 10.38 -6.03
CA ARG A 45 -1.77 10.58 -4.66
C ARG A 45 -2.53 9.36 -4.14
N ILE A 46 -1.88 8.63 -3.25
CA ILE A 46 -2.47 7.44 -2.68
C ILE A 46 -3.03 7.77 -1.29
N TYR A 47 -3.93 6.92 -0.82
CA TYR A 47 -4.54 7.11 0.48
C TYR A 47 -4.49 5.83 1.31
N LEU A 48 -3.88 5.94 2.48
CA LEU A 48 -3.75 4.80 3.37
C LEU A 48 -5.03 4.67 4.21
N CYS A 49 -5.52 3.45 4.28
CA CYS A 49 -6.73 3.17 5.04
C CYS A 49 -6.62 1.76 5.62
N GLY A 50 -6.47 1.70 6.94
CA GLY A 50 -6.36 0.42 7.62
C GLY A 50 -5.04 0.34 8.40
N PHE A 51 -3.95 0.27 7.66
CA PHE A 51 -2.64 0.19 8.27
C PHE A 51 -2.56 1.04 9.54
N SER A 52 -2.00 0.45 10.58
CA SER A 52 -1.86 1.15 11.85
C SER A 52 -0.83 0.44 12.73
N GLY A 53 0.43 0.78 12.50
CA GLY A 53 1.52 0.18 13.26
C GLY A 53 2.81 0.14 12.44
N ARG A 54 3.08 -1.03 11.88
CA ARG A 54 4.28 -1.20 11.07
C ARG A 54 3.94 -1.05 9.59
N LYS A 55 3.01 -1.89 9.14
CA LYS A 55 2.59 -1.86 7.75
C LYS A 55 2.45 -0.41 7.29
N LEU A 56 1.99 0.43 8.21
CA LEU A 56 1.82 1.85 7.90
C LEU A 56 3.19 2.50 7.78
N ASP A 57 3.85 2.63 8.92
CA ASP A 57 5.17 3.25 8.96
C ASP A 57 5.95 2.82 7.72
N LYS A 58 5.73 1.58 7.30
CA LYS A 58 6.41 1.04 6.14
C LYS A 58 5.99 1.84 4.90
N LEU A 59 4.71 1.74 4.58
CA LEU A 59 4.18 2.44 3.42
C LEU A 59 4.69 3.88 3.42
N ARG A 60 4.74 4.46 4.62
CA ARG A 60 5.20 5.83 4.77
C ARG A 60 6.57 6.00 4.11
N ARG A 61 7.36 4.95 4.18
CA ARG A 61 8.69 4.97 3.59
C ARG A 61 8.63 4.58 2.12
N LEU A 62 7.74 3.64 1.82
CA LEU A 62 7.56 3.18 0.46
C LEU A 62 6.96 4.30 -0.38
N ILE A 63 5.72 4.63 -0.08
CA ILE A 63 5.01 5.68 -0.80
C ILE A 63 5.96 6.87 -1.01
N ASN A 64 6.58 7.29 0.08
CA ASN A 64 7.50 8.40 0.04
C ASN A 64 8.67 8.06 -0.90
N SER A 65 9.18 6.85 -0.71
CA SER A 65 10.30 6.38 -1.53
C SER A 65 9.93 6.44 -3.01
N GLY A 66 8.67 6.16 -3.28
CA GLY A 66 8.18 6.18 -4.65
C GLY A 66 7.77 7.59 -5.06
N GLY A 67 7.88 8.51 -4.11
CA GLY A 67 7.53 9.90 -4.36
C GLY A 67 6.04 10.13 -4.17
N GLY A 68 5.30 9.03 -4.10
CA GLY A 68 3.86 9.10 -3.93
C GLY A 68 3.50 9.87 -2.65
N VAL A 69 2.21 10.14 -2.50
CA VAL A 69 1.73 10.86 -1.34
C VAL A 69 1.14 9.86 -0.33
N ARG A 70 0.90 10.36 0.87
CA ARG A 70 0.34 9.54 1.92
C ARG A 70 -0.75 10.30 2.68
N PHE A 71 -1.96 10.21 2.17
CA PHE A 71 -3.09 10.89 2.79
C PHE A 71 -3.65 10.06 3.95
N ASN A 72 -4.35 10.75 4.84
CA ASN A 72 -4.95 10.10 5.99
C ASN A 72 -6.48 10.24 5.91
N GLN A 73 -6.92 11.04 4.95
CA GLN A 73 -8.34 11.26 4.76
C GLN A 73 -8.75 10.88 3.34
N LEU A 74 -9.99 10.44 3.21
CA LEU A 74 -10.52 10.04 1.93
C LEU A 74 -11.13 11.26 1.23
N ASN A 75 -10.51 11.63 0.11
CA ASN A 75 -10.97 12.78 -0.65
C ASN A 75 -10.89 12.44 -2.14
N GLU A 76 -11.19 13.45 -2.95
CA GLU A 76 -11.16 13.29 -4.40
C GLU A 76 -9.72 13.35 -4.91
N ASP A 77 -8.92 14.18 -4.24
CA ASP A 77 -7.53 14.34 -4.61
C ASP A 77 -6.85 12.96 -4.61
N VAL A 78 -7.48 12.02 -3.92
CA VAL A 78 -6.94 10.67 -3.83
C VAL A 78 -7.02 10.01 -5.21
N THR A 79 -5.90 9.40 -5.59
CA THR A 79 -5.84 8.72 -6.87
C THR A 79 -5.69 7.21 -6.67
N HIS A 80 -5.47 6.84 -5.42
CA HIS A 80 -5.31 5.43 -5.08
C HIS A 80 -5.57 5.23 -3.59
N VAL A 81 -6.19 4.10 -3.28
CA VAL A 81 -6.51 3.78 -1.90
C VAL A 81 -5.93 2.40 -1.55
N ILE A 82 -4.75 2.44 -0.93
CA ILE A 82 -4.08 1.21 -0.53
C ILE A 82 -4.67 0.71 0.78
N VAL A 83 -5.51 -0.31 0.67
CA VAL A 83 -6.15 -0.89 1.84
C VAL A 83 -5.24 -1.98 2.42
N GLY A 84 -5.36 -2.16 3.73
CA GLY A 84 -4.56 -3.15 4.42
C GLY A 84 -5.44 -4.25 5.03
N ASP A 85 -6.64 -3.84 5.42
CA ASP A 85 -7.59 -4.77 6.02
C ASP A 85 -8.93 -4.64 5.31
N TYR A 86 -9.45 -3.42 5.30
CA TYR A 86 -10.73 -3.15 4.67
C TYR A 86 -10.94 -1.66 4.45
N ASP A 87 -11.90 -1.33 3.59
CA ASP A 87 -12.19 0.06 3.29
C ASP A 87 -13.65 0.35 3.67
N ASP A 88 -13.83 0.65 4.95
CA ASP A 88 -15.16 0.96 5.46
C ASP A 88 -15.38 2.47 5.42
N GLU A 89 -14.27 3.20 5.46
CA GLU A 89 -14.33 4.65 5.43
C GLU A 89 -14.66 5.14 4.02
N LEU A 90 -14.03 4.51 3.05
CA LEU A 90 -14.25 4.88 1.65
C LEU A 90 -15.75 5.03 1.40
N LYS A 91 -16.51 4.10 1.95
CA LYS A 91 -17.95 4.12 1.81
C LYS A 91 -18.48 5.52 2.15
N GLN A 92 -17.86 6.11 3.16
CA GLN A 92 -18.26 7.44 3.60
C GLN A 92 -17.95 8.47 2.51
N PHE A 93 -16.78 8.34 1.92
CA PHE A 93 -16.36 9.24 0.86
C PHE A 93 -17.25 9.10 -0.37
N TRP A 94 -17.81 7.91 -0.52
CA TRP A 94 -18.69 7.62 -1.64
C TRP A 94 -20.05 8.27 -1.36
N ASN A 95 -20.23 8.68 -0.12
CA ASN A 95 -21.47 9.32 0.30
C ASN A 95 -21.26 10.83 0.37
N LYS A 96 -20.06 11.25 -0.02
CA LYS A 96 -19.72 12.67 0.01
C LYS A 96 -19.48 13.15 -1.43
N SER A 97 -18.33 12.77 -1.96
CA SER A 97 -17.97 13.16 -3.31
C SER A 97 -18.18 11.98 -4.27
N ALA A 98 -18.33 12.32 -5.54
CA ALA A 98 -18.53 11.30 -6.56
C ALA A 98 -17.20 10.99 -7.24
N HIS A 99 -16.58 9.91 -6.79
CA HIS A 99 -15.30 9.48 -7.35
C HIS A 99 -15.06 8.01 -7.03
N ARG A 100 -14.45 7.32 -7.99
CA ARG A 100 -14.15 5.90 -7.82
C ARG A 100 -12.64 5.68 -7.82
N PRO A 101 -12.04 5.74 -6.60
CA PRO A 101 -10.61 5.54 -6.45
C PRO A 101 -10.25 4.06 -6.60
N HIS A 102 -8.95 3.81 -6.75
CA HIS A 102 -8.46 2.45 -6.90
C HIS A 102 -8.19 1.85 -5.52
N VAL A 103 -9.11 1.02 -5.08
CA VAL A 103 -8.98 0.37 -3.78
C VAL A 103 -8.18 -0.92 -3.95
N VAL A 104 -6.88 -0.81 -3.71
CA VAL A 104 -6.00 -1.96 -3.83
C VAL A 104 -5.25 -2.16 -2.51
N GLY A 105 -4.46 -3.21 -2.47
CA GLY A 105 -3.69 -3.53 -1.28
C GLY A 105 -2.21 -3.16 -1.46
N ALA A 106 -1.58 -2.79 -0.36
CA ALA A 106 -0.18 -2.41 -0.39
C ALA A 106 0.59 -3.37 -1.32
N LYS A 107 0.11 -4.61 -1.35
CA LYS A 107 0.74 -5.62 -2.18
C LYS A 107 1.10 -5.02 -3.54
N TRP A 108 0.14 -4.29 -4.10
CA TRP A 108 0.36 -3.66 -5.39
C TRP A 108 1.56 -2.72 -5.26
N LEU A 109 1.41 -1.72 -4.42
CA LEU A 109 2.47 -0.76 -4.20
C LEU A 109 3.82 -1.48 -4.17
N LEU A 110 3.88 -2.48 -3.30
CA LEU A 110 5.10 -3.27 -3.17
C LEU A 110 5.59 -3.69 -4.55
N GLU A 111 4.78 -4.51 -5.20
CA GLU A 111 5.11 -5.00 -6.53
C GLU A 111 5.58 -3.84 -7.42
N CYS A 112 4.89 -2.72 -7.27
CA CYS A 112 5.22 -1.53 -8.05
C CYS A 112 6.68 -1.17 -7.79
N PHE A 113 7.02 -1.13 -6.50
CA PHE A 113 8.38 -0.80 -6.10
C PHE A 113 9.34 -1.95 -6.40
N SER A 114 8.81 -3.16 -6.27
CA SER A 114 9.60 -4.36 -6.53
C SER A 114 9.93 -4.47 -8.02
N LYS A 115 8.95 -4.10 -8.83
CA LYS A 115 9.11 -4.16 -10.28
C LYS A 115 9.83 -2.89 -10.75
N GLY A 116 9.69 -1.84 -9.96
CA GLY A 116 10.32 -0.57 -10.28
C GLY A 116 9.33 0.36 -11.00
N TYR A 117 8.23 -0.21 -11.44
CA TYR A 117 7.21 0.55 -12.13
C TYR A 117 5.81 0.13 -11.68
N MET A 118 4.89 1.08 -11.79
CA MET A 118 3.52 0.83 -11.39
C MET A 118 2.89 -0.27 -12.23
N LEU A 119 2.11 -1.11 -11.57
CA LEU A 119 1.44 -2.21 -12.24
C LEU A 119 -0.07 -2.01 -12.18
N SER A 120 -0.79 -2.93 -12.82
CA SER A 120 -2.23 -2.86 -12.84
C SER A 120 -2.79 -3.02 -11.43
N GLU A 121 -3.89 -2.32 -11.18
CA GLU A 121 -4.53 -2.37 -9.87
C GLU A 121 -5.66 -3.40 -9.88
N GLU A 122 -5.98 -3.88 -11.07
CA GLU A 122 -7.03 -4.87 -11.22
C GLU A 122 -6.64 -6.18 -10.54
N PRO A 123 -5.35 -6.56 -10.73
CA PRO A 123 -4.84 -7.79 -10.14
C PRO A 123 -4.60 -7.61 -8.64
N TYR A 124 -4.94 -6.43 -8.15
CA TYR A 124 -4.77 -6.12 -6.74
C TYR A 124 -5.94 -5.27 -6.21
N ILE A 125 -7.15 -5.71 -6.54
CA ILE A 125 -8.34 -5.01 -6.11
C ILE A 125 -8.80 -5.56 -4.77
N HIS A 126 -9.29 -4.66 -3.93
CA HIS A 126 -9.76 -5.04 -2.61
C HIS A 126 -11.30 -5.02 -2.59
N SER A 127 -11.87 -6.21 -2.56
CA SER A 127 -13.32 -6.34 -2.54
C SER A 127 -13.78 -6.93 -1.20
N GLY A 128 -13.48 -8.20 -1.01
CA GLY A 128 -13.85 -8.89 0.22
C GLY A 128 -14.72 -10.10 -0.07
N PRO A 129 -16.04 -9.95 0.22
CA PRO A 129 -16.99 -11.02 0.00
C PRO A 129 -17.30 -11.17 -1.49
N SER A 130 -18.13 -12.17 -1.79
CA SER A 130 -18.52 -12.42 -3.16
C SER A 130 -20.05 -12.51 -3.28
N SER A 131 -20.60 -13.42 -2.50
CA SER A 131 -22.05 -13.61 -2.50
C SER A 131 -22.51 -14.06 -3.88
N GLY A 132 -23.70 -14.65 -3.91
CA GLY A 132 -24.27 -15.13 -5.16
C GLY A 132 -24.85 -13.97 -5.98
N GLY A 1 -16.17 -7.53 10.57
CA GLY A 1 -15.73 -8.89 10.31
C GLY A 1 -15.76 -9.20 8.81
N SER A 2 -16.80 -9.88 8.40
CA SER A 2 -16.96 -10.25 7.00
C SER A 2 -15.79 -11.14 6.57
N SER A 3 -16.06 -11.94 5.53
CA SER A 3 -15.05 -12.84 5.01
C SER A 3 -14.58 -12.37 3.63
N GLY A 4 -13.27 -12.41 3.44
CA GLY A 4 -12.68 -11.99 2.18
C GLY A 4 -12.41 -13.19 1.27
N SER A 5 -11.39 -13.95 1.65
CA SER A 5 -11.02 -15.13 0.87
C SER A 5 -10.96 -14.78 -0.62
N SER A 6 -9.79 -14.31 -1.03
CA SER A 6 -9.58 -13.95 -2.42
C SER A 6 -8.08 -13.68 -2.68
N GLY A 7 -7.74 -13.60 -3.95
CA GLY A 7 -6.37 -13.35 -4.34
C GLY A 7 -5.78 -14.55 -5.09
N SER A 8 -5.08 -14.24 -6.17
CA SER A 8 -4.46 -15.27 -6.98
C SER A 8 -2.98 -15.42 -6.61
N GLU A 9 -2.42 -16.55 -7.02
CA GLU A 9 -1.01 -16.83 -6.75
C GLU A 9 -0.76 -16.79 -5.24
N SER A 10 0.32 -17.46 -4.84
CA SER A 10 0.69 -17.52 -3.44
C SER A 10 1.97 -18.33 -3.27
N ILE A 11 2.94 -17.71 -2.62
CA ILE A 11 4.23 -18.36 -2.38
C ILE A 11 4.81 -17.84 -1.07
N CYS A 12 5.40 -18.77 -0.32
CA CYS A 12 5.99 -18.43 0.96
C CYS A 12 7.49 -18.77 0.89
N ASN A 13 8.29 -17.93 1.54
CA ASN A 13 9.73 -18.14 1.56
C ASN A 13 10.17 -18.40 3.00
N SER A 14 11.30 -19.09 3.12
CA SER A 14 11.85 -19.41 4.43
C SER A 14 12.07 -18.13 5.23
N LEU A 15 11.38 -18.06 6.37
CA LEU A 15 11.48 -16.90 7.23
C LEU A 15 12.85 -16.91 7.94
N ASN A 16 13.76 -16.10 7.41
CA ASN A 16 15.09 -16.02 7.97
C ASN A 16 15.88 -14.91 7.26
N SER A 17 15.98 -13.77 7.92
CA SER A 17 16.69 -12.64 7.36
C SER A 17 16.09 -12.26 6.00
N LYS A 18 15.33 -11.17 6.02
CA LYS A 18 14.69 -10.69 4.80
C LYS A 18 13.54 -11.64 4.43
N LEU A 19 12.53 -11.07 3.79
CA LEU A 19 11.38 -11.84 3.37
C LEU A 19 10.70 -11.13 2.20
N GLU A 20 9.99 -11.92 1.40
CA GLU A 20 9.29 -11.39 0.25
C GLU A 20 8.49 -10.16 0.64
N PRO A 21 8.38 -9.21 -0.33
CA PRO A 21 7.64 -7.98 -0.11
C PRO A 21 6.14 -8.23 -0.13
N THR A 22 5.66 -8.90 0.91
CA THR A 22 4.24 -9.21 1.02
C THR A 22 3.57 -8.27 2.01
N LEU A 23 2.29 -8.51 2.25
CA LEU A 23 1.52 -7.70 3.16
C LEU A 23 1.84 -8.12 4.60
N GLU A 24 1.79 -9.42 4.82
CA GLU A 24 2.07 -9.97 6.14
C GLU A 24 3.56 -9.85 6.46
N ASN A 25 4.29 -9.27 5.52
CA ASN A 25 5.72 -9.09 5.69
C ASN A 25 6.03 -7.59 5.75
N LEU A 26 5.01 -6.79 5.50
CA LEU A 26 5.17 -5.35 5.53
C LEU A 26 6.08 -4.95 6.69
N GLU A 27 5.88 -5.62 7.82
CA GLU A 27 6.67 -5.36 9.00
C GLU A 27 8.13 -5.76 8.76
N ASN A 28 8.31 -6.95 8.21
CA ASN A 28 9.64 -7.46 7.93
C ASN A 28 10.00 -7.14 6.48
N LEU A 29 9.51 -5.99 6.02
CA LEU A 29 9.78 -5.56 4.66
C LEU A 29 10.87 -4.48 4.67
N ASP A 30 11.54 -4.36 3.54
CA ASP A 30 12.60 -3.38 3.40
C ASP A 30 12.23 -2.39 2.29
N VAL A 31 11.84 -1.20 2.71
CA VAL A 31 11.46 -0.16 1.76
C VAL A 31 12.72 0.40 1.09
N SER A 32 13.84 0.23 1.78
CA SER A 32 15.11 0.70 1.26
C SER A 32 15.78 -0.38 0.42
N ALA A 33 14.96 -1.34 -0.02
CA ALA A 33 15.46 -2.44 -0.82
C ALA A 33 15.00 -2.25 -2.27
N PHE A 34 13.75 -1.86 -2.42
CA PHE A 34 13.18 -1.64 -3.74
C PHE A 34 14.09 -0.74 -4.59
N GLN A 35 14.40 -1.21 -5.78
CA GLN A 35 15.25 -0.46 -6.69
C GLN A 35 14.41 0.55 -7.48
N ALA A 36 13.10 0.42 -7.36
CA ALA A 36 12.19 1.31 -8.05
C ALA A 36 12.72 2.75 -7.97
N PRO A 37 12.18 3.62 -8.86
CA PRO A 37 12.59 5.01 -8.89
C PRO A 37 11.99 5.79 -7.72
N GLU A 38 12.63 6.91 -7.40
CA GLU A 38 12.16 7.75 -6.31
C GLU A 38 10.89 8.49 -6.72
N ASP A 39 10.60 8.44 -8.01
CA ASP A 39 9.42 9.11 -8.54
C ASP A 39 8.42 8.06 -9.04
N LEU A 40 8.55 6.86 -8.48
CA LEU A 40 7.67 5.77 -8.86
C LEU A 40 6.23 6.29 -8.95
N LEU A 41 5.73 6.74 -7.81
CA LEU A 41 4.37 7.25 -7.75
C LEU A 41 4.41 8.78 -7.76
N ASP A 42 5.23 9.30 -8.65
CA ASP A 42 5.38 10.75 -8.78
C ASP A 42 3.99 11.39 -8.79
N GLY A 43 3.83 12.39 -7.93
CA GLY A 43 2.56 13.09 -7.83
C GLY A 43 1.39 12.11 -7.77
N CYS A 44 1.58 11.06 -6.98
CA CYS A 44 0.55 10.04 -6.82
C CYS A 44 0.03 10.10 -5.38
N ARG A 45 -1.21 10.50 -5.24
CA ARG A 45 -1.84 10.60 -3.93
C ARG A 45 -2.60 9.31 -3.60
N ILE A 46 -2.00 8.53 -2.72
CA ILE A 46 -2.61 7.28 -2.30
C ILE A 46 -3.10 7.40 -0.87
N TYR A 47 -4.17 6.68 -0.58
CA TYR A 47 -4.76 6.70 0.75
C TYR A 47 -4.56 5.36 1.46
N LEU A 48 -4.07 5.46 2.69
CA LEU A 48 -3.83 4.26 3.48
C LEU A 48 -5.07 3.93 4.30
N CYS A 49 -5.38 2.64 4.36
CA CYS A 49 -6.54 2.18 5.11
C CYS A 49 -6.24 0.79 5.66
N GLY A 50 -6.00 0.74 6.95
CA GLY A 50 -5.71 -0.52 7.61
C GLY A 50 -4.20 -0.67 7.85
N PHE A 51 -3.65 0.31 8.54
CA PHE A 51 -2.22 0.30 8.84
C PHE A 51 -1.93 1.16 10.08
N SER A 52 -1.16 0.58 10.99
CA SER A 52 -0.79 1.28 12.21
C SER A 52 0.66 0.97 12.57
N GLY A 53 0.94 -0.31 12.74
CA GLY A 53 2.28 -0.75 13.08
C GLY A 53 3.28 -0.37 11.99
N ARG A 54 4.16 -1.31 11.69
CA ARG A 54 5.17 -1.09 10.66
C ARG A 54 4.51 -0.91 9.30
N LYS A 55 3.47 -1.70 9.07
CA LYS A 55 2.75 -1.63 7.80
C LYS A 55 2.60 -0.16 7.39
N LEU A 56 2.23 0.66 8.36
CA LEU A 56 2.05 2.08 8.10
C LEU A 56 3.41 2.72 7.81
N ASP A 57 4.22 2.79 8.86
CA ASP A 57 5.55 3.38 8.73
C ASP A 57 6.16 2.96 7.39
N LYS A 58 5.93 1.71 7.04
CA LYS A 58 6.46 1.18 5.80
C LYS A 58 5.90 1.98 4.63
N LEU A 59 4.60 1.83 4.42
CA LEU A 59 3.93 2.53 3.33
C LEU A 59 4.32 4.00 3.37
N ARG A 60 4.42 4.53 4.59
CA ARG A 60 4.78 5.92 4.78
C ARG A 60 6.12 6.22 4.11
N ARG A 61 6.97 5.20 4.09
CA ARG A 61 8.29 5.33 3.47
C ARG A 61 8.25 4.85 2.03
N LEU A 62 7.43 3.84 1.79
CA LEU A 62 7.29 3.28 0.46
C LEU A 62 6.62 4.31 -0.46
N ILE A 63 5.40 4.67 -0.10
CA ILE A 63 4.65 5.64 -0.87
C ILE A 63 5.53 6.86 -1.16
N ASN A 64 6.18 7.34 -0.10
CA ASN A 64 7.06 8.49 -0.22
C ASN A 64 8.28 8.11 -1.06
N SER A 65 8.82 6.93 -0.78
CA SER A 65 9.97 6.44 -1.49
C SER A 65 9.75 6.56 -3.00
N GLY A 66 8.53 6.21 -3.42
CA GLY A 66 8.17 6.27 -4.82
C GLY A 66 7.80 7.69 -5.23
N GLY A 67 7.98 8.62 -4.29
CA GLY A 67 7.66 10.01 -4.54
C GLY A 67 6.17 10.28 -4.34
N GLY A 68 5.42 9.19 -4.19
CA GLY A 68 3.99 9.29 -3.98
C GLY A 68 3.67 10.11 -2.72
N VAL A 69 2.41 10.50 -2.61
CA VAL A 69 1.96 11.26 -1.46
C VAL A 69 0.90 10.48 -0.70
N ARG A 70 1.26 10.05 0.50
CA ARG A 70 0.34 9.29 1.33
C ARG A 70 -0.70 10.22 1.95
N PHE A 71 -1.96 9.90 1.68
CA PHE A 71 -3.06 10.70 2.21
C PHE A 71 -3.74 9.98 3.37
N ASN A 72 -3.56 10.55 4.56
CA ASN A 72 -4.15 9.99 5.76
C ASN A 72 -5.67 10.15 5.70
N GLN A 73 -6.10 11.06 4.85
CA GLN A 73 -7.52 11.32 4.69
C GLN A 73 -7.96 11.06 3.25
N LEU A 74 -9.26 10.92 3.07
CA LEU A 74 -9.82 10.67 1.75
C LEU A 74 -10.59 11.90 1.29
N ASN A 75 -10.78 11.99 -0.02
CA ASN A 75 -11.51 13.10 -0.60
C ASN A 75 -11.23 13.16 -2.10
N GLU A 76 -11.76 14.21 -2.73
CA GLU A 76 -11.57 14.39 -4.16
C GLU A 76 -10.10 14.73 -4.46
N ASP A 77 -9.31 13.68 -4.62
CA ASP A 77 -7.90 13.85 -4.91
C ASP A 77 -7.20 12.49 -4.88
N VAL A 78 -7.67 11.66 -3.97
CA VAL A 78 -7.10 10.32 -3.82
C VAL A 78 -7.19 9.58 -5.16
N THR A 79 -6.05 9.09 -5.60
CA THR A 79 -5.97 8.37 -6.87
C THR A 79 -6.00 6.86 -6.62
N HIS A 80 -5.71 6.49 -5.38
CA HIS A 80 -5.68 5.09 -5.00
C HIS A 80 -5.75 4.97 -3.48
N VAL A 81 -6.46 3.93 -3.03
CA VAL A 81 -6.62 3.69 -1.61
C VAL A 81 -6.08 2.30 -1.27
N ILE A 82 -4.89 2.29 -0.68
CA ILE A 82 -4.26 1.03 -0.30
C ILE A 82 -4.97 0.46 0.93
N VAL A 83 -5.86 -0.49 0.69
CA VAL A 83 -6.60 -1.12 1.76
C VAL A 83 -5.87 -2.38 2.21
N GLY A 84 -5.76 -2.53 3.53
CA GLY A 84 -5.09 -3.69 4.10
C GLY A 84 -6.09 -4.81 4.39
N ASP A 85 -7.10 -4.47 5.18
CA ASP A 85 -8.12 -5.43 5.54
C ASP A 85 -9.47 -4.96 5.00
N TYR A 86 -9.76 -3.69 5.24
CA TYR A 86 -11.01 -3.11 4.80
C TYR A 86 -10.95 -1.59 4.82
N ASP A 87 -12.05 -0.97 4.40
CA ASP A 87 -12.13 0.48 4.38
C ASP A 87 -13.59 0.90 4.58
N ASP A 88 -13.82 1.59 5.68
CA ASP A 88 -15.16 2.06 6.00
C ASP A 88 -15.35 3.46 5.42
N GLU A 89 -14.31 4.27 5.55
CA GLU A 89 -14.36 5.63 5.05
C GLU A 89 -14.78 5.64 3.59
N LEU A 90 -14.03 4.90 2.78
CA LEU A 90 -14.31 4.82 1.35
C LEU A 90 -15.83 4.73 1.14
N LYS A 91 -16.40 3.64 1.67
CA LYS A 91 -17.83 3.42 1.55
C LYS A 91 -18.56 4.75 1.70
N GLN A 92 -18.10 5.54 2.67
CA GLN A 92 -18.70 6.83 2.92
C GLN A 92 -18.36 7.82 1.80
N PHE A 93 -17.08 7.84 1.46
CA PHE A 93 -16.61 8.72 0.40
C PHE A 93 -17.30 8.41 -0.93
N TRP A 94 -17.84 7.20 -1.01
CA TRP A 94 -18.53 6.77 -2.21
C TRP A 94 -19.93 7.39 -2.21
N ASN A 95 -20.32 7.88 -1.04
CA ASN A 95 -21.62 8.51 -0.89
C ASN A 95 -21.44 9.99 -0.52
N LYS A 96 -20.21 10.44 -0.66
CA LYS A 96 -19.87 11.82 -0.34
C LYS A 96 -19.59 12.58 -1.64
N SER A 97 -18.40 12.34 -2.18
CA SER A 97 -17.99 12.99 -3.40
C SER A 97 -18.08 12.00 -4.57
N ALA A 98 -18.17 12.55 -5.77
CA ALA A 98 -18.26 11.74 -6.97
C ALA A 98 -16.85 11.44 -7.49
N HIS A 99 -16.36 10.26 -7.12
CA HIS A 99 -15.04 9.85 -7.53
C HIS A 99 -14.80 8.40 -7.13
N ARG A 100 -13.96 7.72 -7.91
CA ARG A 100 -13.65 6.32 -7.65
C ARG A 100 -12.14 6.14 -7.55
N PRO A 101 -11.63 6.15 -6.28
CA PRO A 101 -10.22 5.98 -6.04
C PRO A 101 -9.80 4.52 -6.22
N HIS A 102 -8.62 4.34 -6.80
CA HIS A 102 -8.11 3.00 -7.04
C HIS A 102 -7.88 2.29 -5.71
N VAL A 103 -8.83 1.42 -5.38
CA VAL A 103 -8.76 0.67 -4.13
C VAL A 103 -7.98 -0.62 -4.37
N VAL A 104 -6.82 -0.70 -3.74
CA VAL A 104 -5.97 -1.88 -3.87
C VAL A 104 -5.29 -2.16 -2.53
N GLY A 105 -4.50 -3.22 -2.52
CA GLY A 105 -3.78 -3.61 -1.32
C GLY A 105 -2.29 -3.27 -1.43
N ALA A 106 -1.71 -2.94 -0.30
CA ALA A 106 -0.29 -2.58 -0.25
C ALA A 106 0.49 -3.54 -1.14
N LYS A 107 0.02 -4.78 -1.18
CA LYS A 107 0.67 -5.80 -2.00
C LYS A 107 1.02 -5.21 -3.37
N TRP A 108 0.05 -4.52 -3.95
CA TRP A 108 0.25 -3.90 -5.24
C TRP A 108 1.50 -3.02 -5.16
N LEU A 109 1.39 -1.97 -4.35
CA LEU A 109 2.50 -1.05 -4.17
C LEU A 109 3.82 -1.83 -4.11
N LEU A 110 3.85 -2.78 -3.19
CA LEU A 110 5.04 -3.61 -3.02
C LEU A 110 5.53 -4.08 -4.40
N GLU A 111 4.61 -4.66 -5.14
CA GLU A 111 4.93 -5.16 -6.47
C GLU A 111 5.37 -4.01 -7.38
N CYS A 112 4.77 -2.84 -7.15
CA CYS A 112 5.10 -1.67 -7.94
C CYS A 112 6.59 -1.37 -7.76
N PHE A 113 6.98 -1.18 -6.50
CA PHE A 113 8.37 -0.90 -6.18
C PHE A 113 9.26 -2.11 -6.45
N SER A 114 8.69 -3.28 -6.20
CA SER A 114 9.42 -4.52 -6.40
C SER A 114 9.84 -4.65 -7.88
N LYS A 115 8.89 -4.36 -8.75
CA LYS A 115 9.14 -4.44 -10.17
C LYS A 115 9.89 -3.18 -10.62
N GLY A 116 9.69 -2.11 -9.87
CA GLY A 116 10.33 -0.85 -10.16
C GLY A 116 9.37 0.12 -10.86
N TYR A 117 8.28 -0.46 -11.34
CA TYR A 117 7.26 0.34 -12.03
C TYR A 117 5.86 0.00 -11.51
N MET A 118 4.95 0.93 -11.74
CA MET A 118 3.58 0.75 -11.30
C MET A 118 2.87 -0.33 -12.13
N LEU A 119 2.23 -1.26 -11.43
CA LEU A 119 1.52 -2.34 -12.09
C LEU A 119 0.02 -2.04 -12.06
N SER A 120 -0.74 -2.92 -12.71
CA SER A 120 -2.18 -2.76 -12.75
C SER A 120 -2.78 -2.89 -11.35
N GLU A 121 -3.81 -2.11 -11.11
CA GLU A 121 -4.47 -2.12 -9.81
C GLU A 121 -5.68 -3.06 -9.86
N GLU A 122 -6.16 -3.32 -11.06
CA GLU A 122 -7.30 -4.19 -11.25
C GLU A 122 -7.03 -5.55 -10.62
N PRO A 123 -5.81 -6.08 -10.89
CA PRO A 123 -5.42 -7.38 -10.36
C PRO A 123 -5.09 -7.29 -8.87
N TYR A 124 -5.28 -6.09 -8.33
CA TYR A 124 -5.00 -5.86 -6.92
C TYR A 124 -6.07 -4.97 -6.30
N ILE A 125 -7.31 -5.22 -6.71
CA ILE A 125 -8.44 -4.45 -6.20
C ILE A 125 -8.85 -5.02 -4.84
N HIS A 126 -9.18 -4.11 -3.93
CA HIS A 126 -9.60 -4.50 -2.60
C HIS A 126 -11.12 -4.37 -2.48
N SER A 127 -11.77 -5.52 -2.46
CA SER A 127 -13.23 -5.55 -2.36
C SER A 127 -13.64 -6.04 -0.96
N GLY A 128 -14.91 -5.85 -0.66
CA GLY A 128 -15.44 -6.28 0.63
C GLY A 128 -16.17 -7.62 0.51
N PRO A 129 -17.30 -7.73 1.25
CA PRO A 129 -18.10 -8.94 1.24
C PRO A 129 -18.89 -9.06 -0.06
N SER A 130 -18.73 -10.20 -0.71
CA SER A 130 -19.43 -10.46 -1.96
C SER A 130 -20.04 -11.86 -1.94
N SER A 131 -21.34 -11.90 -2.21
CA SER A 131 -22.06 -13.17 -2.23
C SER A 131 -22.73 -13.37 -3.58
N GLY A 132 -23.67 -12.47 -3.89
CA GLY A 132 -24.39 -12.54 -5.15
C GLY A 132 -25.82 -13.05 -4.92
N GLY A 1 -7.02 -13.85 4.53
CA GLY A 1 -6.64 -12.65 5.22
C GLY A 1 -7.40 -12.50 6.54
N SER A 2 -6.65 -12.36 7.61
CA SER A 2 -7.25 -12.22 8.93
C SER A 2 -6.16 -11.94 9.97
N SER A 3 -6.05 -10.68 10.36
CA SER A 3 -5.06 -10.28 11.35
C SER A 3 -5.44 -8.92 11.93
N GLY A 4 -5.01 -8.71 13.17
CA GLY A 4 -5.28 -7.46 13.85
C GLY A 4 -4.00 -6.65 14.07
N SER A 5 -4.04 -5.41 13.62
CA SER A 5 -2.89 -4.53 13.75
C SER A 5 -3.25 -3.31 14.61
N SER A 6 -2.59 -3.21 15.75
CA SER A 6 -2.84 -2.11 16.66
C SER A 6 -1.72 -2.04 17.71
N GLY A 7 -1.48 -0.82 18.19
CA GLY A 7 -0.45 -0.62 19.19
C GLY A 7 -0.09 0.87 19.29
N SER A 8 1.20 1.13 19.49
CA SER A 8 1.67 2.49 19.61
C SER A 8 2.81 2.74 18.61
N GLU A 9 2.96 3.99 18.23
CA GLU A 9 3.99 4.37 17.28
C GLU A 9 5.28 3.62 17.57
N SER A 10 6.01 3.31 16.50
CA SER A 10 7.26 2.58 16.62
C SER A 10 8.43 3.57 16.66
N ILE A 11 9.03 3.66 17.85
CA ILE A 11 10.16 4.57 18.04
C ILE A 11 11.37 3.77 18.54
N CYS A 12 11.93 2.99 17.63
CA CYS A 12 13.09 2.17 17.97
C CYS A 12 13.66 1.59 16.67
N ASN A 13 14.92 1.18 16.75
CA ASN A 13 15.58 0.60 15.60
C ASN A 13 14.97 -0.76 15.29
N SER A 14 15.03 -1.13 14.02
CA SER A 14 14.49 -2.41 13.59
C SER A 14 15.62 -3.40 13.29
N LEU A 15 15.24 -4.64 13.07
CA LEU A 15 16.22 -5.68 12.78
C LEU A 15 16.56 -5.64 11.29
N ASN A 16 17.53 -6.48 10.92
CA ASN A 16 17.96 -6.54 9.54
C ASN A 16 17.82 -7.98 9.03
N SER A 17 16.92 -8.15 8.08
CA SER A 17 16.67 -9.47 7.51
C SER A 17 15.85 -9.33 6.22
N LYS A 18 16.34 -9.98 5.17
CA LYS A 18 15.68 -9.95 3.89
C LYS A 18 14.31 -10.61 4.00
N LEU A 19 13.28 -9.86 3.66
CA LEU A 19 11.92 -10.36 3.73
C LEU A 19 11.17 -9.98 2.45
N GLU A 20 10.43 -10.94 1.91
CA GLU A 20 9.67 -10.71 0.70
C GLU A 20 8.73 -9.52 0.87
N PRO A 21 8.62 -8.70 -0.21
CA PRO A 21 7.76 -7.52 -0.18
C PRO A 21 6.29 -7.92 -0.28
N THR A 22 5.83 -8.65 0.74
CA THR A 22 4.46 -9.09 0.77
C THR A 22 3.65 -8.26 1.77
N LEU A 23 2.35 -8.49 1.78
CA LEU A 23 1.46 -7.77 2.68
C LEU A 23 1.58 -8.37 4.09
N GLU A 24 1.29 -9.66 4.17
CA GLU A 24 1.35 -10.36 5.44
C GLU A 24 2.69 -10.08 6.12
N ASN A 25 3.66 -9.70 5.32
CA ASN A 25 4.99 -9.40 5.83
C ASN A 25 5.40 -7.99 5.40
N LEU A 26 4.43 -7.08 5.44
CA LEU A 26 4.68 -5.71 5.04
C LEU A 26 5.23 -4.93 6.23
N GLU A 27 4.88 -5.41 7.43
CA GLU A 27 5.33 -4.78 8.65
C GLU A 27 6.84 -4.88 8.77
N ASN A 28 7.39 -5.92 8.16
CA ASN A 28 8.82 -6.15 8.20
C ASN A 28 9.37 -6.11 6.76
N LEU A 29 8.62 -5.47 5.89
CA LEU A 29 9.03 -5.35 4.50
C LEU A 29 10.13 -4.29 4.38
N ASP A 30 11.31 -4.76 3.98
CA ASP A 30 12.44 -3.87 3.82
C ASP A 30 12.18 -2.90 2.67
N VAL A 31 11.44 -1.85 2.99
CA VAL A 31 11.11 -0.84 1.99
C VAL A 31 12.39 -0.34 1.32
N SER A 32 13.45 -0.33 2.11
CA SER A 32 14.75 0.13 1.61
C SER A 32 15.29 -0.88 0.60
N ALA A 33 14.59 -2.00 0.48
CA ALA A 33 14.99 -3.04 -0.45
C ALA A 33 14.64 -2.62 -1.88
N PHE A 34 13.42 -2.13 -2.02
CA PHE A 34 12.93 -1.69 -3.32
C PHE A 34 13.91 -0.70 -3.96
N GLN A 35 14.36 -1.05 -5.16
CA GLN A 35 15.29 -0.21 -5.88
C GLN A 35 14.54 0.74 -6.81
N ALA A 36 13.22 0.70 -6.70
CA ALA A 36 12.38 1.55 -7.53
C ALA A 36 12.94 2.96 -7.53
N PRO A 37 12.38 3.81 -8.46
CA PRO A 37 12.83 5.18 -8.58
C PRO A 37 12.27 6.04 -7.43
N GLU A 38 12.85 7.22 -7.29
CA GLU A 38 12.43 8.14 -6.25
C GLU A 38 11.18 8.91 -6.68
N ASP A 39 10.67 8.55 -7.86
CA ASP A 39 9.49 9.19 -8.40
C ASP A 39 8.53 8.12 -8.92
N LEU A 40 8.71 6.91 -8.42
CA LEU A 40 7.87 5.79 -8.83
C LEU A 40 6.43 6.27 -8.95
N LEU A 41 5.85 6.63 -7.81
CA LEU A 41 4.48 7.11 -7.78
C LEU A 41 4.48 8.63 -7.86
N ASP A 42 5.22 9.15 -8.83
CA ASP A 42 5.31 10.58 -9.02
C ASP A 42 3.90 11.15 -9.26
N GLY A 43 3.58 12.19 -8.50
CA GLY A 43 2.27 12.82 -8.61
C GLY A 43 1.15 11.79 -8.53
N CYS A 44 1.32 10.84 -7.62
CA CYS A 44 0.33 9.79 -7.43
C CYS A 44 -0.12 9.82 -5.96
N ARG A 45 -1.31 10.34 -5.76
CA ARG A 45 -1.86 10.43 -4.41
C ARG A 45 -2.60 9.13 -4.06
N ILE A 46 -2.08 8.46 -3.04
CA ILE A 46 -2.69 7.22 -2.59
C ILE A 46 -3.24 7.40 -1.17
N TYR A 47 -4.19 6.55 -0.83
CA TYR A 47 -4.81 6.60 0.48
C TYR A 47 -4.51 5.33 1.29
N LEU A 48 -4.03 5.54 2.50
CA LEU A 48 -3.70 4.43 3.37
C LEU A 48 -4.91 4.10 4.26
N CYS A 49 -5.39 2.88 4.11
CA CYS A 49 -6.53 2.43 4.89
C CYS A 49 -6.21 1.06 5.48
N GLY A 50 -6.25 1.00 6.80
CA GLY A 50 -5.96 -0.24 7.51
C GLY A 50 -4.46 -0.35 7.83
N PHE A 51 -3.88 0.79 8.15
CA PHE A 51 -2.46 0.84 8.48
C PHE A 51 -2.21 1.76 9.67
N SER A 52 -1.51 1.22 10.66
CA SER A 52 -1.19 1.97 11.85
C SER A 52 0.20 1.60 12.36
N GLY A 53 0.42 0.29 12.46
CA GLY A 53 1.71 -0.21 12.92
C GLY A 53 2.80 0.03 11.89
N ARG A 54 3.63 -0.99 11.69
CA ARG A 54 4.73 -0.90 10.74
C ARG A 54 4.17 -0.70 9.32
N LYS A 55 3.04 -1.35 9.07
CA LYS A 55 2.40 -1.25 7.77
C LYS A 55 2.41 0.21 7.31
N LEU A 56 1.95 1.08 8.19
CA LEU A 56 1.89 2.49 7.89
C LEU A 56 3.31 3.03 7.70
N ASP A 57 4.06 3.04 8.78
CA ASP A 57 5.43 3.52 8.75
C ASP A 57 6.10 3.03 7.46
N LYS A 58 5.84 1.77 7.14
CA LYS A 58 6.40 1.18 5.94
C LYS A 58 5.95 1.97 4.72
N LEU A 59 4.68 1.84 4.40
CA LEU A 59 4.11 2.54 3.26
C LEU A 59 4.60 3.99 3.26
N ARG A 60 4.50 4.61 4.43
CA ARG A 60 4.92 6.00 4.57
C ARG A 60 6.30 6.20 3.92
N ARG A 61 7.07 5.12 3.90
CA ARG A 61 8.41 5.17 3.32
C ARG A 61 8.34 4.84 1.83
N LEU A 62 7.37 4.00 1.48
CA LEU A 62 7.19 3.60 0.10
C LEU A 62 6.54 4.75 -0.68
N ILE A 63 5.28 5.01 -0.36
CA ILE A 63 4.55 6.07 -1.03
C ILE A 63 5.44 7.31 -1.16
N ASN A 64 6.27 7.50 -0.14
CA ASN A 64 7.18 8.65 -0.13
C ASN A 64 8.38 8.33 -1.04
N SER A 65 8.91 7.13 -0.88
CA SER A 65 10.05 6.70 -1.67
C SER A 65 9.72 6.79 -3.16
N GLY A 66 8.48 6.44 -3.48
CA GLY A 66 8.03 6.47 -4.85
C GLY A 66 7.65 7.90 -5.28
N GLY A 67 7.76 8.81 -4.32
CA GLY A 67 7.44 10.20 -4.56
C GLY A 67 5.93 10.45 -4.43
N GLY A 68 5.19 9.36 -4.34
CA GLY A 68 3.74 9.45 -4.19
C GLY A 68 3.36 10.12 -2.88
N VAL A 69 2.10 10.52 -2.80
CA VAL A 69 1.60 11.17 -1.61
C VAL A 69 0.49 10.31 -0.99
N ARG A 70 0.74 9.87 0.23
CA ARG A 70 -0.22 9.04 0.94
C ARG A 70 -1.18 9.91 1.74
N PHE A 71 -2.47 9.68 1.52
CA PHE A 71 -3.49 10.43 2.21
C PHE A 71 -4.03 9.66 3.42
N ASN A 72 -3.97 10.30 4.58
CA ASN A 72 -4.45 9.68 5.80
C ASN A 72 -5.97 9.68 5.81
N GLN A 73 -6.54 10.57 5.00
CA GLN A 73 -7.99 10.68 4.91
C GLN A 73 -8.44 10.56 3.46
N LEU A 74 -9.56 9.87 3.28
CA LEU A 74 -10.11 9.67 1.95
C LEU A 74 -10.67 11.00 1.42
N ASN A 75 -10.23 11.34 0.21
CA ASN A 75 -10.68 12.58 -0.41
C ASN A 75 -10.60 12.43 -1.93
N GLU A 76 -10.99 13.49 -2.62
CA GLU A 76 -10.97 13.50 -4.07
C GLU A 76 -9.56 13.78 -4.58
N ASP A 77 -8.62 13.82 -3.64
CA ASP A 77 -7.24 14.09 -3.99
C ASP A 77 -6.53 12.77 -4.29
N VAL A 78 -6.76 11.79 -3.44
CA VAL A 78 -6.16 10.48 -3.61
C VAL A 78 -6.65 9.87 -4.92
N THR A 79 -5.72 9.21 -5.61
CA THR A 79 -6.04 8.57 -6.87
C THR A 79 -6.10 7.05 -6.70
N HIS A 80 -5.51 6.59 -5.62
CA HIS A 80 -5.48 5.16 -5.33
C HIS A 80 -5.68 4.94 -3.83
N VAL A 81 -6.34 3.84 -3.52
CA VAL A 81 -6.62 3.50 -2.12
C VAL A 81 -5.99 2.14 -1.81
N ILE A 82 -5.03 2.17 -0.89
CA ILE A 82 -4.34 0.95 -0.49
C ILE A 82 -5.00 0.39 0.76
N VAL A 83 -5.75 -0.68 0.58
CA VAL A 83 -6.44 -1.32 1.68
C VAL A 83 -5.48 -2.28 2.39
N GLY A 84 -5.46 -2.19 3.71
CA GLY A 84 -4.60 -3.04 4.52
C GLY A 84 -5.41 -4.12 5.23
N ASP A 85 -6.68 -3.83 5.44
CA ASP A 85 -7.57 -4.76 6.11
C ASP A 85 -8.96 -4.68 5.49
N TYR A 86 -9.44 -3.44 5.36
CA TYR A 86 -10.76 -3.20 4.78
C TYR A 86 -10.92 -1.74 4.38
N ASP A 87 -11.56 -1.54 3.23
CA ASP A 87 -11.79 -0.20 2.74
C ASP A 87 -13.16 0.28 3.20
N ASP A 88 -13.21 0.74 4.43
CA ASP A 88 -14.44 1.24 5.02
C ASP A 88 -14.53 2.75 4.81
N GLU A 89 -13.47 3.43 5.24
CA GLU A 89 -13.42 4.87 5.12
C GLU A 89 -14.02 5.32 3.79
N LEU A 90 -13.62 4.63 2.73
CA LEU A 90 -14.11 4.93 1.40
C LEU A 90 -15.64 5.08 1.45
N LYS A 91 -16.27 4.09 2.03
CA LYS A 91 -17.73 4.09 2.15
C LYS A 91 -18.19 5.50 2.52
N GLN A 92 -17.41 6.14 3.37
CA GLN A 92 -17.74 7.48 3.81
C GLN A 92 -17.49 8.49 2.69
N PHE A 93 -16.35 8.32 2.03
CA PHE A 93 -15.99 9.21 0.93
C PHE A 93 -16.93 9.01 -0.27
N TRP A 94 -17.63 7.88 -0.25
CA TRP A 94 -18.56 7.58 -1.32
C TRP A 94 -19.88 8.28 -1.02
N ASN A 95 -20.07 8.62 0.25
CA ASN A 95 -21.28 9.30 0.68
C ASN A 95 -21.02 10.81 0.71
N LYS A 96 -19.83 11.19 0.26
CA LYS A 96 -19.44 12.58 0.24
C LYS A 96 -19.31 13.05 -1.21
N SER A 97 -18.12 12.87 -1.75
CA SER A 97 -17.85 13.26 -3.12
C SER A 97 -18.03 12.07 -4.07
N ALA A 98 -18.25 12.39 -5.33
CA ALA A 98 -18.45 11.35 -6.33
C ALA A 98 -17.10 11.03 -7.01
N HIS A 99 -16.48 9.97 -6.53
CA HIS A 99 -15.20 9.55 -7.08
C HIS A 99 -14.92 8.10 -6.70
N ARG A 100 -14.38 7.36 -7.65
CA ARG A 100 -14.06 5.96 -7.43
C ARG A 100 -12.56 5.72 -7.57
N PRO A 101 -11.86 5.76 -6.41
CA PRO A 101 -10.42 5.55 -6.40
C PRO A 101 -10.08 4.08 -6.60
N HIS A 102 -8.81 3.84 -6.87
CA HIS A 102 -8.34 2.47 -7.09
C HIS A 102 -8.07 1.80 -5.74
N VAL A 103 -9.01 0.95 -5.34
CA VAL A 103 -8.89 0.24 -4.09
C VAL A 103 -8.10 -1.05 -4.31
N VAL A 104 -6.86 -1.05 -3.81
CA VAL A 104 -6.00 -2.20 -3.94
C VAL A 104 -5.27 -2.44 -2.62
N GLY A 105 -4.47 -3.49 -2.60
CA GLY A 105 -3.70 -3.84 -1.42
C GLY A 105 -2.25 -3.40 -1.56
N ALA A 106 -1.67 -3.00 -0.43
CA ALA A 106 -0.29 -2.54 -0.41
C ALA A 106 0.56 -3.48 -1.27
N LYS A 107 0.17 -4.75 -1.28
CA LYS A 107 0.89 -5.74 -2.07
C LYS A 107 1.21 -5.16 -3.44
N TRP A 108 0.20 -4.55 -4.04
CA TRP A 108 0.36 -3.95 -5.36
C TRP A 108 1.57 -3.00 -5.30
N LEU A 109 1.41 -1.96 -4.50
CA LEU A 109 2.48 -0.98 -4.34
C LEU A 109 3.82 -1.69 -4.16
N LEU A 110 3.84 -2.57 -3.17
CA LEU A 110 5.05 -3.32 -2.88
C LEU A 110 5.67 -3.81 -4.18
N GLU A 111 4.90 -4.59 -4.91
CA GLU A 111 5.36 -5.13 -6.19
C GLU A 111 5.85 -4.00 -7.09
N CYS A 112 5.07 -2.93 -7.13
CA CYS A 112 5.41 -1.78 -7.94
C CYS A 112 6.84 -1.37 -7.61
N PHE A 113 7.08 -1.13 -6.33
CA PHE A 113 8.40 -0.73 -5.87
C PHE A 113 9.41 -1.87 -6.03
N SER A 114 8.88 -3.03 -6.43
CA SER A 114 9.73 -4.19 -6.62
C SER A 114 10.24 -4.24 -8.06
N LYS A 115 9.34 -3.93 -8.98
CA LYS A 115 9.69 -3.93 -10.39
C LYS A 115 10.26 -2.56 -10.77
N GLY A 116 9.86 -1.55 -10.01
CA GLY A 116 10.33 -0.20 -10.26
C GLY A 116 9.30 0.60 -11.06
N TYR A 117 8.29 -0.12 -11.54
CA TYR A 117 7.24 0.51 -12.32
C TYR A 117 5.86 0.07 -11.83
N MET A 118 4.93 1.02 -11.86
CA MET A 118 3.58 0.74 -11.42
C MET A 118 2.96 -0.39 -12.24
N LEU A 119 2.17 -1.21 -11.55
CA LEU A 119 1.52 -2.34 -12.19
C LEU A 119 0.01 -2.13 -12.17
N SER A 120 -0.70 -3.07 -12.80
CA SER A 120 -2.15 -3.00 -12.85
C SER A 120 -2.73 -3.11 -11.43
N GLU A 121 -3.79 -2.36 -11.20
CA GLU A 121 -4.45 -2.37 -9.90
C GLU A 121 -5.64 -3.33 -9.92
N GLU A 122 -6.00 -3.76 -11.12
CA GLU A 122 -7.12 -4.67 -11.29
C GLU A 122 -6.79 -6.03 -10.65
N PRO A 123 -5.53 -6.50 -10.90
CA PRO A 123 -5.09 -7.76 -10.37
C PRO A 123 -4.78 -7.65 -8.87
N TYR A 124 -5.03 -6.46 -8.34
CA TYR A 124 -4.78 -6.20 -6.93
C TYR A 124 -5.95 -5.45 -6.30
N ILE A 125 -7.15 -5.78 -6.77
CA ILE A 125 -8.35 -5.13 -6.25
C ILE A 125 -8.76 -5.79 -4.94
N HIS A 126 -9.25 -4.97 -4.03
CA HIS A 126 -9.68 -5.46 -2.73
C HIS A 126 -11.21 -5.33 -2.60
N SER A 127 -11.87 -6.47 -2.67
CA SER A 127 -13.32 -6.50 -2.56
C SER A 127 -13.74 -6.65 -1.10
N GLY A 128 -15.02 -6.41 -0.86
CA GLY A 128 -15.56 -6.52 0.49
C GLY A 128 -16.55 -7.67 0.60
N PRO A 129 -17.22 -7.74 1.78
CA PRO A 129 -18.20 -8.79 2.02
C PRO A 129 -19.49 -8.53 1.24
N SER A 130 -19.70 -9.33 0.21
CA SER A 130 -20.89 -9.20 -0.62
C SER A 130 -21.07 -7.74 -1.05
N SER A 131 -20.62 -7.46 -2.26
CA SER A 131 -20.73 -6.12 -2.79
C SER A 131 -22.18 -5.81 -3.16
N GLY A 132 -22.68 -4.72 -2.62
CA GLY A 132 -24.04 -4.30 -2.87
C GLY A 132 -24.73 -3.83 -1.59
N GLY A 1 4.56 27.21 9.67
CA GLY A 1 3.34 27.72 9.08
C GLY A 1 3.60 28.36 7.72
N SER A 2 3.88 27.51 6.75
CA SER A 2 4.16 27.97 5.40
C SER A 2 3.72 26.90 4.39
N SER A 3 4.38 25.76 4.45
CA SER A 3 4.07 24.67 3.55
C SER A 3 2.80 23.96 4.01
N GLY A 4 2.18 23.26 3.06
CA GLY A 4 0.96 22.53 3.35
C GLY A 4 1.22 21.02 3.40
N SER A 5 2.02 20.62 4.38
CA SER A 5 2.35 19.21 4.55
C SER A 5 2.77 18.94 5.99
N SER A 6 1.89 18.25 6.71
CA SER A 6 2.16 17.92 8.10
C SER A 6 3.53 17.27 8.22
N GLY A 7 4.00 17.20 9.46
CA GLY A 7 5.30 16.60 9.74
C GLY A 7 5.24 15.69 10.96
N SER A 8 5.24 14.40 10.69
CA SER A 8 5.19 13.41 11.76
C SER A 8 6.31 12.38 11.58
N GLU A 9 6.94 12.04 12.70
CA GLU A 9 8.03 11.08 12.68
C GLU A 9 8.19 10.44 14.06
N SER A 10 7.76 9.19 14.15
CA SER A 10 7.86 8.46 15.40
C SER A 10 7.84 6.96 15.13
N ILE A 11 9.03 6.38 15.05
CA ILE A 11 9.17 4.97 14.79
C ILE A 11 10.64 4.56 14.95
N CYS A 12 10.90 3.81 16.02
CA CYS A 12 12.26 3.36 16.28
C CYS A 12 12.50 2.08 15.49
N ASN A 13 13.59 2.08 14.74
CA ASN A 13 13.94 0.92 13.94
C ASN A 13 15.29 0.36 14.42
N SER A 14 15.35 -0.97 14.48
CA SER A 14 16.57 -1.63 14.92
C SER A 14 16.40 -3.15 14.80
N LEU A 15 17.44 -3.79 14.30
CA LEU A 15 17.42 -5.24 14.13
C LEU A 15 16.06 -5.65 13.56
N ASN A 16 15.97 -5.63 12.25
CA ASN A 16 14.73 -6.01 11.57
C ASN A 16 15.07 -6.89 10.37
N SER A 17 14.61 -8.13 10.45
CA SER A 17 14.86 -9.08 9.38
C SER A 17 14.18 -8.61 8.09
N LYS A 18 14.67 -9.12 6.97
CA LYS A 18 14.12 -8.76 5.68
C LYS A 18 13.35 -9.95 5.10
N LEU A 19 12.26 -9.63 4.42
CA LEU A 19 11.43 -10.66 3.81
C LEU A 19 10.81 -10.12 2.53
N GLU A 20 10.45 -11.03 1.65
CA GLU A 20 9.84 -10.66 0.39
C GLU A 20 8.84 -9.51 0.60
N PRO A 21 8.71 -8.66 -0.45
CA PRO A 21 7.81 -7.52 -0.40
C PRO A 21 6.35 -7.98 -0.54
N THR A 22 5.79 -8.44 0.58
CA THR A 22 4.42 -8.90 0.59
C THR A 22 3.63 -8.20 1.69
N LEU A 23 2.31 -8.21 1.53
CA LEU A 23 1.44 -7.57 2.50
C LEU A 23 1.78 -8.08 3.90
N GLU A 24 1.57 -9.38 4.09
CA GLU A 24 1.86 -10.00 5.37
C GLU A 24 3.22 -9.54 5.90
N ASN A 25 4.23 -9.65 5.04
CA ASN A 25 5.57 -9.25 5.41
C ASN A 25 5.80 -7.81 4.97
N LEU A 26 4.99 -6.91 5.51
CA LEU A 26 5.10 -5.50 5.19
C LEU A 26 5.92 -4.79 6.26
N GLU A 27 5.80 -5.30 7.49
CA GLU A 27 6.54 -4.73 8.60
C GLU A 27 8.01 -5.12 8.53
N ASN A 28 8.25 -6.39 8.21
CA ASN A 28 9.60 -6.90 8.10
C ASN A 28 10.20 -6.46 6.77
N LEU A 29 9.33 -5.99 5.88
CA LEU A 29 9.76 -5.54 4.57
C LEU A 29 10.79 -4.43 4.74
N ASP A 30 11.56 -4.21 3.68
CA ASP A 30 12.58 -3.18 3.69
C ASP A 30 12.30 -2.16 2.58
N VAL A 31 11.52 -1.14 2.94
CA VAL A 31 11.17 -0.09 2.00
C VAL A 31 12.44 0.47 1.37
N SER A 32 13.55 0.30 2.08
CA SER A 32 14.83 0.79 1.60
C SER A 32 15.53 -0.29 0.77
N ALA A 33 14.72 -1.24 0.30
CA ALA A 33 15.24 -2.32 -0.51
C ALA A 33 14.84 -2.12 -1.97
N PHE A 34 13.59 -1.73 -2.15
CA PHE A 34 13.07 -1.50 -3.49
C PHE A 34 14.01 -0.59 -4.29
N GLN A 35 14.36 -1.05 -5.48
CA GLN A 35 15.24 -0.29 -6.35
C GLN A 35 14.43 0.68 -7.22
N ALA A 36 13.12 0.57 -7.11
CA ALA A 36 12.23 1.42 -7.87
C ALA A 36 12.74 2.86 -7.82
N PRO A 37 12.19 3.70 -8.74
CA PRO A 37 12.59 5.10 -8.81
C PRO A 37 11.99 5.90 -7.65
N GLU A 38 12.68 6.97 -7.29
CA GLU A 38 12.22 7.82 -6.21
C GLU A 38 10.95 8.58 -6.62
N ASP A 39 10.61 8.44 -7.90
CA ASP A 39 9.44 9.09 -8.44
C ASP A 39 8.44 8.03 -8.92
N LEU A 40 8.62 6.83 -8.42
CA LEU A 40 7.76 5.72 -8.80
C LEU A 40 6.32 6.21 -8.88
N LEU A 41 5.80 6.64 -7.74
CA LEU A 41 4.44 7.14 -7.67
C LEU A 41 4.46 8.66 -7.70
N ASP A 42 5.20 9.20 -8.66
CA ASP A 42 5.32 10.63 -8.81
C ASP A 42 3.92 11.24 -8.95
N GLY A 43 3.67 12.25 -8.13
CA GLY A 43 2.38 12.93 -8.14
C GLY A 43 1.24 11.92 -8.09
N CYS A 44 1.43 10.89 -7.27
CA CYS A 44 0.42 9.86 -7.11
C CYS A 44 -0.03 9.83 -5.66
N ARG A 45 -1.22 10.36 -5.42
CA ARG A 45 -1.78 10.40 -4.08
C ARG A 45 -2.52 9.09 -3.77
N ILE A 46 -2.01 8.40 -2.76
CA ILE A 46 -2.61 7.14 -2.34
C ILE A 46 -3.10 7.26 -0.90
N TYR A 47 -4.14 6.49 -0.61
CA TYR A 47 -4.72 6.52 0.73
C TYR A 47 -4.49 5.18 1.45
N LEU A 48 -4.04 5.28 2.69
CA LEU A 48 -3.77 4.10 3.49
C LEU A 48 -4.98 3.80 4.38
N CYS A 49 -5.61 2.67 4.11
CA CYS A 49 -6.78 2.26 4.87
C CYS A 49 -6.49 0.90 5.51
N GLY A 50 -6.47 0.89 6.83
CA GLY A 50 -6.21 -0.33 7.57
C GLY A 50 -4.71 -0.48 7.87
N PHE A 51 -4.12 0.62 8.31
CA PHE A 51 -2.71 0.63 8.65
C PHE A 51 -2.44 1.45 9.91
N SER A 52 -1.51 0.96 10.71
CA SER A 52 -1.15 1.64 11.94
C SER A 52 0.31 1.37 12.29
N GLY A 53 0.55 0.13 12.72
CA GLY A 53 1.90 -0.27 13.08
C GLY A 53 2.88 -0.07 11.92
N ARG A 54 4.02 -0.74 12.01
CA ARG A 54 5.02 -0.65 10.98
C ARG A 54 4.38 -0.60 9.59
N LYS A 55 3.31 -1.38 9.45
CA LYS A 55 2.58 -1.43 8.20
C LYS A 55 2.40 -0.01 7.65
N LEU A 56 1.91 0.86 8.52
CA LEU A 56 1.67 2.24 8.14
C LEU A 56 3.01 2.89 7.78
N ASP A 57 3.83 3.10 8.81
CA ASP A 57 5.13 3.71 8.62
C ASP A 57 5.76 3.20 7.31
N LYS A 58 5.79 1.88 7.20
CA LYS A 58 6.36 1.24 6.02
C LYS A 58 5.87 1.99 4.78
N LEU A 59 4.56 1.96 4.59
CA LEU A 59 3.94 2.63 3.45
C LEU A 59 4.35 4.10 3.44
N ARG A 60 4.17 4.73 4.60
CA ARG A 60 4.50 6.14 4.74
C ARG A 60 5.88 6.42 4.14
N ARG A 61 6.70 5.38 4.09
CA ARG A 61 8.04 5.50 3.55
C ARG A 61 8.04 5.12 2.06
N LEU A 62 7.20 4.14 1.73
CA LEU A 62 7.09 3.67 0.36
C LEU A 62 6.42 4.76 -0.49
N ILE A 63 5.16 5.01 -0.18
CA ILE A 63 4.40 6.01 -0.91
C ILE A 63 5.26 7.25 -1.11
N ASN A 64 6.08 7.53 -0.10
CA ASN A 64 6.97 8.69 -0.16
C ASN A 64 8.18 8.36 -1.03
N SER A 65 8.73 7.18 -0.81
CA SER A 65 9.88 6.73 -1.56
C SER A 65 9.60 6.83 -3.06
N GLY A 66 8.44 6.30 -3.45
CA GLY A 66 8.05 6.32 -4.84
C GLY A 66 7.65 7.74 -5.28
N GLY A 67 7.54 8.62 -4.29
CA GLY A 67 7.18 10.00 -4.57
C GLY A 67 5.70 10.24 -4.29
N GLY A 68 4.94 9.15 -4.29
CA GLY A 68 3.51 9.23 -4.04
C GLY A 68 3.22 10.03 -2.78
N VAL A 69 1.98 10.51 -2.69
CA VAL A 69 1.57 11.29 -1.54
C VAL A 69 0.52 10.51 -0.75
N ARG A 70 0.94 10.07 0.43
CA ARG A 70 0.05 9.30 1.30
C ARG A 70 -0.93 10.24 2.01
N PHE A 71 -2.21 10.01 1.76
CA PHE A 71 -3.26 10.82 2.37
C PHE A 71 -3.81 10.14 3.61
N ASN A 72 -3.62 10.79 4.75
CA ASN A 72 -4.10 10.27 6.01
C ASN A 72 -5.62 10.13 5.95
N GLN A 73 -6.23 10.96 5.13
CA GLN A 73 -7.68 10.94 4.97
C GLN A 73 -8.05 10.82 3.49
N LEU A 74 -9.02 9.96 3.23
CA LEU A 74 -9.48 9.74 1.86
C LEU A 74 -10.32 10.94 1.42
N ASN A 75 -10.18 11.27 0.14
CA ASN A 75 -10.92 12.39 -0.43
C ASN A 75 -10.50 12.59 -1.88
N GLU A 76 -11.02 13.66 -2.47
CA GLU A 76 -10.70 13.98 -3.84
C GLU A 76 -9.22 14.34 -3.98
N ASP A 77 -8.38 13.32 -3.88
CA ASP A 77 -6.95 13.53 -3.98
C ASP A 77 -6.26 12.17 -4.19
N VAL A 78 -6.63 11.22 -3.34
CA VAL A 78 -6.06 9.89 -3.41
C VAL A 78 -6.49 9.23 -4.74
N THR A 79 -5.53 9.18 -5.65
CA THR A 79 -5.79 8.58 -6.95
C THR A 79 -5.85 7.05 -6.85
N HIS A 80 -5.37 6.56 -5.71
CA HIS A 80 -5.37 5.13 -5.47
C HIS A 80 -5.61 4.86 -3.98
N VAL A 81 -6.40 3.82 -3.72
CA VAL A 81 -6.71 3.45 -2.35
C VAL A 81 -6.06 2.11 -2.03
N ILE A 82 -5.32 2.09 -0.93
CA ILE A 82 -4.64 0.88 -0.50
C ILE A 82 -5.35 0.32 0.74
N VAL A 83 -6.13 -0.72 0.52
CA VAL A 83 -6.86 -1.36 1.61
C VAL A 83 -6.03 -2.52 2.16
N GLY A 84 -5.70 -2.41 3.44
CA GLY A 84 -4.91 -3.44 4.10
C GLY A 84 -5.81 -4.44 4.81
N ASP A 85 -6.92 -3.93 5.34
CA ASP A 85 -7.87 -4.76 6.05
C ASP A 85 -9.26 -4.58 5.43
N TYR A 86 -9.70 -3.33 5.40
CA TYR A 86 -11.01 -3.02 4.84
C TYR A 86 -11.00 -1.65 4.17
N ASP A 87 -12.08 -1.36 3.46
CA ASP A 87 -12.21 -0.09 2.78
C ASP A 87 -13.44 0.65 3.30
N ASP A 88 -13.51 0.74 4.63
CA ASP A 88 -14.62 1.42 5.28
C ASP A 88 -14.69 2.86 4.78
N GLU A 89 -13.64 3.61 5.10
CA GLU A 89 -13.57 5.01 4.69
C GLU A 89 -14.07 5.17 3.25
N LEU A 90 -13.52 4.36 2.37
CA LEU A 90 -13.89 4.39 0.97
C LEU A 90 -15.40 4.62 0.86
N LYS A 91 -16.14 3.84 1.64
CA LYS A 91 -17.59 3.95 1.64
C LYS A 91 -18.00 5.39 1.96
N GLN A 92 -17.47 5.88 3.07
CA GLN A 92 -17.76 7.24 3.50
C GLN A 92 -17.44 8.23 2.37
N PHE A 93 -16.23 8.09 1.83
CA PHE A 93 -15.79 8.96 0.76
C PHE A 93 -16.77 8.93 -0.42
N TRP A 94 -17.30 7.74 -0.67
CA TRP A 94 -18.24 7.55 -1.75
C TRP A 94 -19.55 8.25 -1.37
N ASN A 95 -19.64 8.62 -0.10
CA ASN A 95 -20.82 9.30 0.39
C ASN A 95 -20.50 10.77 0.63
N LYS A 96 -19.31 11.16 0.20
CA LYS A 96 -18.87 12.53 0.36
C LYS A 96 -18.66 13.16 -1.03
N SER A 97 -17.58 12.74 -1.68
CA SER A 97 -17.26 13.25 -2.99
C SER A 97 -17.54 12.18 -4.05
N ALA A 98 -17.72 12.64 -5.28
CA ALA A 98 -17.99 11.73 -6.39
C ALA A 98 -16.68 11.40 -7.10
N HIS A 99 -16.12 10.25 -6.76
CA HIS A 99 -14.87 9.81 -7.35
C HIS A 99 -14.73 8.30 -7.19
N ARG A 100 -14.02 7.70 -8.14
CA ARG A 100 -13.80 6.26 -8.11
C ARG A 100 -12.31 5.95 -8.16
N PRO A 101 -11.69 5.88 -6.94
CA PRO A 101 -10.28 5.59 -6.83
C PRO A 101 -9.99 4.11 -7.11
N HIS A 102 -8.74 3.73 -6.88
CA HIS A 102 -8.33 2.35 -7.09
C HIS A 102 -8.18 1.65 -5.75
N VAL A 103 -9.16 0.82 -5.43
CA VAL A 103 -9.14 0.08 -4.18
C VAL A 103 -8.32 -1.20 -4.36
N VAL A 104 -7.08 -1.14 -3.90
CA VAL A 104 -6.19 -2.28 -4.01
C VAL A 104 -5.50 -2.51 -2.65
N GLY A 105 -4.68 -3.55 -2.62
CA GLY A 105 -3.97 -3.88 -1.39
C GLY A 105 -2.50 -3.44 -1.48
N ALA A 106 -1.96 -3.08 -0.33
CA ALA A 106 -0.58 -2.63 -0.25
C ALA A 106 0.28 -3.53 -1.14
N LYS A 107 -0.05 -4.82 -1.15
CA LYS A 107 0.68 -5.78 -1.94
C LYS A 107 1.04 -5.16 -3.29
N TRP A 108 0.03 -4.55 -3.92
CA TRP A 108 0.22 -3.91 -5.21
C TRP A 108 1.36 -2.90 -5.07
N LEU A 109 1.13 -1.91 -4.21
CA LEU A 109 2.12 -0.87 -3.99
C LEU A 109 3.51 -1.51 -3.95
N LEU A 110 3.64 -2.53 -3.12
CA LEU A 110 4.91 -3.23 -2.98
C LEU A 110 5.41 -3.64 -4.36
N GLU A 111 4.62 -4.49 -5.01
CA GLU A 111 4.98 -4.96 -6.34
C GLU A 111 5.40 -3.80 -7.23
N CYS A 112 4.67 -2.70 -7.09
CA CYS A 112 4.96 -1.51 -7.88
C CYS A 112 6.44 -1.17 -7.71
N PHE A 113 6.86 -1.13 -6.45
CA PHE A 113 8.25 -0.81 -6.12
C PHE A 113 9.17 -1.98 -6.48
N SER A 114 8.77 -3.16 -6.06
CA SER A 114 9.54 -4.36 -6.33
C SER A 114 9.79 -4.50 -7.83
N LYS A 115 8.77 -4.15 -8.60
CA LYS A 115 8.85 -4.24 -10.05
C LYS A 115 9.60 -3.01 -10.58
N GLY A 116 9.55 -1.94 -9.79
CA GLY A 116 10.21 -0.71 -10.17
C GLY A 116 9.25 0.21 -10.93
N TYR A 117 8.10 -0.35 -11.30
CA TYR A 117 7.10 0.42 -12.03
C TYR A 117 5.69 0.06 -11.55
N MET A 118 4.75 0.95 -11.84
CA MET A 118 3.37 0.74 -11.45
C MET A 118 2.75 -0.41 -12.24
N LEU A 119 2.08 -1.30 -11.50
CA LEU A 119 1.44 -2.44 -12.11
C LEU A 119 -0.08 -2.23 -12.12
N SER A 120 -0.78 -3.19 -12.70
CA SER A 120 -2.22 -3.12 -12.77
C SER A 120 -2.83 -3.26 -11.37
N GLU A 121 -3.93 -2.56 -11.17
CA GLU A 121 -4.61 -2.59 -9.89
C GLU A 121 -5.76 -3.61 -9.92
N GLU A 122 -6.24 -3.87 -11.12
CA GLU A 122 -7.32 -4.81 -11.31
C GLU A 122 -6.97 -6.16 -10.67
N PRO A 123 -5.71 -6.61 -10.93
CA PRO A 123 -5.24 -7.87 -10.40
C PRO A 123 -4.93 -7.75 -8.91
N TYR A 124 -5.18 -6.56 -8.38
CA TYR A 124 -4.93 -6.30 -6.97
C TYR A 124 -6.09 -5.53 -6.34
N ILE A 125 -7.30 -5.87 -6.77
CA ILE A 125 -8.49 -5.22 -6.27
C ILE A 125 -8.89 -5.86 -4.93
N HIS A 126 -9.53 -5.07 -4.10
CA HIS A 126 -9.96 -5.54 -2.79
C HIS A 126 -11.50 -5.60 -2.75
N SER A 127 -12.01 -6.82 -2.80
CA SER A 127 -13.45 -7.02 -2.78
C SER A 127 -13.85 -7.74 -1.49
N GLY A 128 -15.16 -7.94 -1.34
CA GLY A 128 -15.68 -8.62 -0.17
C GLY A 128 -16.90 -9.46 -0.53
N PRO A 129 -17.31 -10.31 0.45
CA PRO A 129 -18.47 -11.18 0.24
C PRO A 129 -19.77 -10.38 0.36
N SER A 130 -20.28 -9.99 -0.80
CA SER A 130 -21.52 -9.23 -0.86
C SER A 130 -22.70 -10.16 -1.15
N SER A 131 -22.71 -10.69 -2.36
CA SER A 131 -23.78 -11.59 -2.77
C SER A 131 -23.94 -12.71 -1.74
N GLY A 132 -22.86 -13.43 -1.51
CA GLY A 132 -22.86 -14.52 -0.55
C GLY A 132 -22.49 -15.84 -1.22
N GLY A 1 -8.59 -22.61 34.27
CA GLY A 1 -7.88 -22.79 33.01
C GLY A 1 -7.79 -21.46 32.25
N SER A 2 -6.95 -21.47 31.22
CA SER A 2 -6.76 -20.28 30.40
C SER A 2 -6.09 -20.65 29.09
N SER A 3 -6.08 -19.70 28.17
CA SER A 3 -5.48 -19.91 26.87
C SER A 3 -4.82 -18.61 26.38
N GLY A 4 -4.04 -18.76 25.31
CA GLY A 4 -3.35 -17.62 24.73
C GLY A 4 -2.66 -17.99 23.42
N SER A 5 -2.05 -17.00 22.80
CA SER A 5 -1.36 -17.22 21.54
C SER A 5 -0.32 -16.10 21.32
N SER A 6 0.73 -16.47 20.59
CA SER A 6 1.79 -15.51 20.29
C SER A 6 2.57 -15.97 19.07
N GLY A 7 3.37 -15.05 18.53
CA GLY A 7 4.18 -15.35 17.37
C GLY A 7 5.66 -15.47 17.75
N SER A 8 6.51 -15.24 16.75
CA SER A 8 7.94 -15.31 16.97
C SER A 8 8.68 -14.74 15.76
N GLU A 9 9.95 -14.40 15.99
CA GLU A 9 10.77 -13.84 14.94
C GLU A 9 12.25 -13.91 15.32
N SER A 10 13.10 -13.59 14.36
CA SER A 10 14.53 -13.62 14.57
C SER A 10 15.04 -12.21 14.88
N ILE A 11 16.08 -12.16 15.71
CA ILE A 11 16.66 -10.88 16.09
C ILE A 11 18.19 -10.98 16.01
N CYS A 12 18.72 -10.44 14.93
CA CYS A 12 20.17 -10.47 14.72
C CYS A 12 20.49 -9.61 13.50
N ASN A 13 21.65 -8.98 13.54
CA ASN A 13 22.09 -8.13 12.45
C ASN A 13 22.78 -8.99 11.39
N SER A 14 21.99 -9.41 10.41
CA SER A 14 22.51 -10.24 9.33
C SER A 14 21.41 -10.49 8.29
N LEU A 15 21.85 -10.88 7.11
CA LEU A 15 20.92 -11.16 6.02
C LEU A 15 20.03 -12.34 6.41
N ASN A 16 18.84 -12.02 6.91
CA ASN A 16 17.89 -13.03 7.32
C ASN A 16 16.72 -12.37 8.05
N SER A 17 17.07 -11.58 9.06
CA SER A 17 16.06 -10.88 9.84
C SER A 17 15.02 -10.26 8.91
N LYS A 18 15.50 -9.84 7.74
CA LYS A 18 14.62 -9.22 6.76
C LYS A 18 14.18 -10.27 5.74
N LEU A 19 12.87 -10.35 5.54
CA LEU A 19 12.31 -11.31 4.61
C LEU A 19 11.99 -10.60 3.29
N GLU A 20 11.27 -11.30 2.43
CA GLU A 20 10.89 -10.75 1.14
C GLU A 20 9.89 -9.62 1.33
N PRO A 21 9.88 -8.68 0.34
CA PRO A 21 8.98 -7.54 0.39
C PRO A 21 7.55 -7.96 0.04
N THR A 22 6.96 -8.73 0.93
CA THR A 22 5.60 -9.21 0.74
C THR A 22 4.69 -8.73 1.87
N LEU A 23 3.42 -8.58 1.54
CA LEU A 23 2.44 -8.14 2.52
C LEU A 23 2.61 -8.95 3.80
N GLU A 24 2.57 -10.26 3.65
CA GLU A 24 2.72 -11.16 4.78
C GLU A 24 3.99 -10.83 5.56
N ASN A 25 4.89 -10.13 4.89
CA ASN A 25 6.15 -9.74 5.52
C ASN A 25 6.32 -8.22 5.40
N LEU A 26 5.29 -7.51 5.85
CA LEU A 26 5.32 -6.06 5.80
C LEU A 26 6.11 -5.54 7.00
N GLU A 27 6.00 -6.25 8.11
CA GLU A 27 6.71 -5.87 9.32
C GLU A 27 8.19 -6.21 9.20
N ASN A 28 8.46 -7.28 8.48
CA ASN A 28 9.84 -7.73 8.29
C ASN A 28 10.26 -7.42 6.85
N LEU A 29 9.72 -6.34 6.32
CA LEU A 29 10.04 -5.93 4.97
C LEU A 29 10.96 -4.72 5.00
N ASP A 30 11.81 -4.63 3.98
CA ASP A 30 12.76 -3.52 3.89
C ASP A 30 12.36 -2.61 2.72
N VAL A 31 11.52 -1.64 3.03
CA VAL A 31 11.06 -0.70 2.02
C VAL A 31 12.27 -0.09 1.31
N SER A 32 13.33 0.08 2.07
CA SER A 32 14.56 0.64 1.53
C SER A 32 15.21 -0.34 0.55
N ALA A 33 14.63 -1.53 0.49
CA ALA A 33 15.14 -2.57 -0.39
C ALA A 33 14.72 -2.26 -1.83
N PHE A 34 13.45 -1.93 -1.97
CA PHE A 34 12.90 -1.62 -3.28
C PHE A 34 13.82 -0.65 -4.04
N GLN A 35 14.23 -1.06 -5.22
CA GLN A 35 15.09 -0.24 -6.04
C GLN A 35 14.27 0.73 -6.88
N ALA A 36 12.95 0.65 -6.70
CA ALA A 36 12.04 1.51 -7.45
C ALA A 36 12.62 2.93 -7.47
N PRO A 37 12.07 3.75 -8.43
CA PRO A 37 12.51 5.12 -8.57
C PRO A 37 11.97 6.00 -7.44
N GLU A 38 12.57 7.18 -7.31
CA GLU A 38 12.15 8.12 -6.29
C GLU A 38 10.94 8.92 -6.76
N ASP A 39 10.41 8.52 -7.91
CA ASP A 39 9.25 9.19 -8.48
C ASP A 39 8.27 8.14 -9.01
N LEU A 40 8.39 6.94 -8.47
CA LEU A 40 7.52 5.85 -8.88
C LEU A 40 6.08 6.35 -8.98
N LEU A 41 5.56 6.78 -7.84
CA LEU A 41 4.20 7.29 -7.79
C LEU A 41 4.24 8.82 -7.76
N ASP A 42 5.08 9.38 -8.61
CA ASP A 42 5.22 10.83 -8.69
C ASP A 42 3.82 11.46 -8.76
N GLY A 43 3.62 12.44 -7.89
CA GLY A 43 2.34 13.13 -7.85
C GLY A 43 1.17 12.14 -7.81
N CYS A 44 1.35 11.10 -7.00
CA CYS A 44 0.32 10.09 -6.86
C CYS A 44 -0.18 10.11 -5.42
N ARG A 45 -1.40 10.62 -5.26
CA ARG A 45 -2.02 10.69 -3.95
C ARG A 45 -2.77 9.40 -3.64
N ILE A 46 -2.21 8.63 -2.71
CA ILE A 46 -2.83 7.38 -2.31
C ILE A 46 -3.31 7.49 -0.87
N TYR A 47 -4.27 6.63 -0.54
CA TYR A 47 -4.83 6.62 0.81
C TYR A 47 -4.60 5.27 1.49
N LEU A 48 -3.97 5.34 2.65
CA LEU A 48 -3.68 4.13 3.41
C LEU A 48 -4.81 3.87 4.41
N CYS A 49 -5.26 2.63 4.44
CA CYS A 49 -6.34 2.25 5.34
C CYS A 49 -6.22 0.75 5.61
N GLY A 50 -6.30 0.40 6.89
CA GLY A 50 -6.21 -0.99 7.29
C GLY A 50 -4.86 -1.29 7.95
N PHE A 51 -4.00 -0.27 7.93
CA PHE A 51 -2.67 -0.42 8.51
C PHE A 51 -2.55 0.40 9.80
N SER A 52 -1.35 0.39 10.36
CA SER A 52 -1.09 1.12 11.59
C SER A 52 0.08 0.49 12.34
N GLY A 53 1.15 1.27 12.45
CA GLY A 53 2.35 0.81 13.13
C GLY A 53 3.47 0.52 12.14
N ARG A 54 3.54 -0.73 11.72
CA ARG A 54 4.56 -1.16 10.77
C ARG A 54 3.98 -1.20 9.36
N LYS A 55 3.05 -2.12 9.15
CA LYS A 55 2.41 -2.27 7.85
C LYS A 55 2.08 -0.88 7.29
N LEU A 56 1.61 -0.02 8.17
CA LEU A 56 1.25 1.33 7.79
C LEU A 56 2.52 2.12 7.43
N ASP A 57 3.29 2.41 8.46
CA ASP A 57 4.54 3.15 8.28
C ASP A 57 5.22 2.67 7.01
N LYS A 58 5.30 1.35 6.88
CA LYS A 58 5.93 0.75 5.71
C LYS A 58 5.54 1.53 4.47
N LEU A 59 4.24 1.50 4.17
CA LEU A 59 3.73 2.20 3.01
C LEU A 59 4.21 3.65 3.03
N ARG A 60 3.93 4.32 4.14
CA ARG A 60 4.33 5.71 4.29
C ARG A 60 5.72 5.93 3.71
N ARG A 61 6.59 4.94 3.93
CA ARG A 61 7.95 5.01 3.43
C ARG A 61 7.98 4.70 1.93
N LEU A 62 7.23 3.68 1.56
CA LEU A 62 7.16 3.27 0.16
C LEU A 62 6.67 4.44 -0.69
N ILE A 63 5.41 4.82 -0.46
CA ILE A 63 4.81 5.91 -1.18
C ILE A 63 5.85 7.02 -1.39
N ASN A 64 6.40 7.47 -0.27
CA ASN A 64 7.40 8.52 -0.31
C ASN A 64 8.59 8.07 -1.17
N SER A 65 8.96 6.81 -0.97
CA SER A 65 10.08 6.24 -1.71
C SER A 65 9.77 6.27 -3.21
N GLY A 66 8.50 6.48 -3.51
CA GLY A 66 8.06 6.52 -4.91
C GLY A 66 7.65 7.95 -5.29
N GLY A 67 7.78 8.85 -4.34
CA GLY A 67 7.43 10.24 -4.57
C GLY A 67 5.93 10.47 -4.32
N GLY A 68 5.21 9.36 -4.24
CA GLY A 68 3.77 9.43 -3.99
C GLY A 68 3.46 10.27 -2.75
N VAL A 69 2.23 10.76 -2.70
CA VAL A 69 1.80 11.57 -1.58
C VAL A 69 0.78 10.77 -0.74
N ARG A 70 1.18 10.50 0.49
CA ARG A 70 0.32 9.75 1.40
C ARG A 70 -0.74 10.66 2.01
N PHE A 71 -1.97 10.48 1.57
CA PHE A 71 -3.07 11.28 2.07
C PHE A 71 -3.64 10.70 3.36
N ASN A 72 -3.58 11.51 4.41
CA ASN A 72 -4.08 11.09 5.71
C ASN A 72 -5.61 11.10 5.68
N GLN A 73 -6.15 11.67 4.61
CA GLN A 73 -7.60 11.74 4.45
C GLN A 73 -8.00 11.33 3.04
N LEU A 74 -9.31 11.26 2.84
CA LEU A 74 -9.85 10.89 1.53
C LEU A 74 -10.64 12.06 0.96
N ASN A 75 -10.88 11.99 -0.35
CA ASN A 75 -11.63 13.03 -1.02
C ASN A 75 -11.25 13.04 -2.51
N GLU A 76 -11.79 14.02 -3.22
CA GLU A 76 -11.52 14.14 -4.64
C GLU A 76 -10.06 14.51 -4.88
N ASP A 77 -9.23 13.48 -5.04
CA ASP A 77 -7.81 13.68 -5.25
C ASP A 77 -7.09 12.35 -5.13
N VAL A 78 -7.60 11.51 -4.23
CA VAL A 78 -7.01 10.20 -4.01
C VAL A 78 -6.99 9.43 -5.32
N THR A 79 -5.77 9.15 -5.80
CA THR A 79 -5.59 8.43 -7.04
C THR A 79 -5.67 6.92 -6.78
N HIS A 80 -5.46 6.55 -5.53
CA HIS A 80 -5.51 5.15 -5.14
C HIS A 80 -5.74 5.04 -3.64
N VAL A 81 -6.13 3.85 -3.21
CA VAL A 81 -6.39 3.60 -1.80
C VAL A 81 -5.86 2.21 -1.42
N ILE A 82 -4.69 2.21 -0.81
CA ILE A 82 -4.06 0.97 -0.40
C ILE A 82 -4.76 0.43 0.86
N VAL A 83 -5.59 -0.57 0.64
CA VAL A 83 -6.33 -1.17 1.75
C VAL A 83 -5.58 -2.41 2.24
N GLY A 84 -5.48 -2.52 3.56
CA GLY A 84 -4.79 -3.64 4.17
C GLY A 84 -5.79 -4.67 4.71
N ASP A 85 -7.05 -4.24 4.79
CA ASP A 85 -8.10 -5.10 5.28
C ASP A 85 -9.46 -4.57 4.83
N TYR A 86 -9.62 -3.25 4.96
CA TYR A 86 -10.85 -2.61 4.56
C TYR A 86 -10.71 -1.08 4.63
N ASP A 87 -11.76 -0.41 4.18
CA ASP A 87 -11.77 1.04 4.19
C ASP A 87 -13.22 1.54 4.31
N ASP A 88 -13.59 1.90 5.53
CA ASP A 88 -14.93 2.40 5.78
C ASP A 88 -15.09 3.80 5.19
N GLU A 89 -14.11 4.64 5.50
CA GLU A 89 -14.12 6.01 5.01
C GLU A 89 -14.66 6.05 3.58
N LEU A 90 -14.09 5.21 2.74
CA LEU A 90 -14.49 5.14 1.34
C LEU A 90 -16.00 5.33 1.25
N LYS A 91 -16.72 4.42 1.89
CA LYS A 91 -18.17 4.47 1.89
C LYS A 91 -18.63 5.92 2.10
N GLN A 92 -18.13 6.51 3.17
CA GLN A 92 -18.47 7.89 3.49
C GLN A 92 -18.10 8.81 2.33
N PHE A 93 -16.88 8.66 1.86
CA PHE A 93 -16.38 9.47 0.76
C PHE A 93 -17.23 9.25 -0.50
N TRP A 94 -17.87 8.09 -0.56
CA TRP A 94 -18.71 7.75 -1.69
C TRP A 94 -20.12 8.28 -1.41
N ASN A 95 -20.32 8.70 -0.17
CA ASN A 95 -21.61 9.22 0.25
C ASN A 95 -21.52 10.74 0.38
N LYS A 96 -20.42 11.29 -0.13
CA LYS A 96 -20.20 12.72 -0.07
C LYS A 96 -19.65 13.19 -1.42
N SER A 97 -18.49 12.66 -1.78
CA SER A 97 -17.86 13.01 -3.03
C SER A 97 -18.14 11.95 -4.09
N ALA A 98 -18.03 12.37 -5.34
CA ALA A 98 -18.28 11.46 -6.46
C ALA A 98 -16.95 11.12 -7.13
N HIS A 99 -16.43 9.95 -6.80
CA HIS A 99 -15.17 9.50 -7.36
C HIS A 99 -14.96 8.02 -7.02
N ARG A 100 -14.19 7.36 -7.88
CA ARG A 100 -13.90 5.94 -7.69
C ARG A 100 -12.39 5.71 -7.67
N PRO A 101 -11.81 5.77 -6.45
CA PRO A 101 -10.38 5.56 -6.28
C PRO A 101 -10.02 4.08 -6.42
N HIS A 102 -8.75 3.84 -6.70
CA HIS A 102 -8.27 2.48 -6.87
C HIS A 102 -7.98 1.87 -5.50
N VAL A 103 -8.89 1.03 -5.05
CA VAL A 103 -8.76 0.37 -3.76
C VAL A 103 -8.02 -0.95 -3.94
N VAL A 104 -6.71 -0.90 -3.74
CA VAL A 104 -5.89 -2.09 -3.88
C VAL A 104 -5.16 -2.36 -2.56
N GLY A 105 -4.40 -3.44 -2.55
CA GLY A 105 -3.66 -3.83 -1.36
C GLY A 105 -2.18 -3.46 -1.49
N ALA A 106 -1.58 -3.15 -0.35
CA ALA A 106 -0.17 -2.77 -0.32
C ALA A 106 0.61 -3.70 -1.25
N LYS A 107 0.20 -4.96 -1.27
CA LYS A 107 0.86 -5.95 -2.10
C LYS A 107 1.23 -5.33 -3.44
N TRP A 108 0.25 -4.64 -4.03
CA TRP A 108 0.46 -3.98 -5.30
C TRP A 108 1.62 -3.00 -5.15
N LEU A 109 1.41 -2.02 -4.27
CA LEU A 109 2.43 -1.01 -4.03
C LEU A 109 3.81 -1.68 -3.97
N LEU A 110 3.90 -2.67 -3.09
CA LEU A 110 5.16 -3.40 -2.93
C LEU A 110 5.69 -3.81 -4.30
N GLU A 111 4.94 -4.68 -4.96
CA GLU A 111 5.33 -5.16 -6.28
C GLU A 111 5.81 -3.99 -7.14
N CYS A 112 5.02 -2.93 -7.15
CA CYS A 112 5.36 -1.75 -7.92
C CYS A 112 6.80 -1.35 -7.58
N PHE A 113 7.02 -1.10 -6.31
CA PHE A 113 8.33 -0.71 -5.84
C PHE A 113 9.34 -1.84 -6.01
N SER A 114 8.82 -3.00 -6.39
CA SER A 114 9.66 -4.16 -6.60
C SER A 114 10.16 -4.20 -8.04
N LYS A 115 9.26 -3.88 -8.95
CA LYS A 115 9.59 -3.87 -10.37
C LYS A 115 10.12 -2.49 -10.76
N GLY A 116 9.70 -1.49 -9.99
CA GLY A 116 10.13 -0.12 -10.24
C GLY A 116 9.08 0.64 -11.05
N TYR A 117 8.12 -0.12 -11.57
CA TYR A 117 7.05 0.48 -12.36
C TYR A 117 5.68 0.02 -11.85
N MET A 118 4.72 0.93 -11.93
CA MET A 118 3.37 0.65 -11.49
C MET A 118 2.78 -0.51 -12.28
N LEU A 119 2.05 -1.37 -11.57
CA LEU A 119 1.42 -2.52 -12.20
C LEU A 119 -0.10 -2.35 -12.16
N SER A 120 -0.78 -3.26 -12.83
CA SER A 120 -2.24 -3.23 -12.88
C SER A 120 -2.81 -3.28 -11.46
N GLU A 121 -3.87 -2.52 -11.25
CA GLU A 121 -4.51 -2.46 -9.95
C GLU A 121 -5.70 -3.44 -9.91
N GLU A 122 -6.04 -3.95 -11.08
CA GLU A 122 -7.15 -4.89 -11.19
C GLU A 122 -6.80 -6.21 -10.49
N PRO A 123 -5.53 -6.66 -10.73
CA PRO A 123 -5.06 -7.90 -10.14
C PRO A 123 -4.76 -7.71 -8.65
N TYR A 124 -5.04 -6.52 -8.16
CA TYR A 124 -4.79 -6.20 -6.76
C TYR A 124 -5.94 -5.36 -6.19
N ILE A 125 -7.16 -5.75 -6.56
CA ILE A 125 -8.34 -5.04 -6.09
C ILE A 125 -8.77 -5.63 -4.75
N HIS A 126 -9.35 -4.78 -3.93
CA HIS A 126 -9.81 -5.19 -2.61
C HIS A 126 -11.35 -5.18 -2.59
N SER A 127 -11.91 -6.38 -2.59
CA SER A 127 -13.35 -6.53 -2.57
C SER A 127 -13.80 -7.00 -1.19
N GLY A 128 -15.10 -6.88 -0.94
CA GLY A 128 -15.68 -7.29 0.33
C GLY A 128 -16.55 -8.54 0.16
N PRO A 129 -17.48 -8.72 1.13
CA PRO A 129 -18.37 -9.87 1.10
C PRO A 129 -19.46 -9.68 0.04
N SER A 130 -20.21 -8.61 0.20
CA SER A 130 -21.29 -8.30 -0.74
C SER A 130 -22.29 -9.45 -0.76
N SER A 131 -23.33 -9.30 0.05
CA SER A 131 -24.37 -10.32 0.13
C SER A 131 -23.75 -11.69 0.41
N GLY A 132 -23.83 -12.09 1.67
CA GLY A 132 -23.27 -13.38 2.07
C GLY A 132 -24.31 -14.19 2.86
N GLY A 1 -25.02 -1.09 -8.60
CA GLY A 1 -25.10 -2.13 -7.58
C GLY A 1 -23.79 -2.21 -6.78
N SER A 2 -23.82 -1.63 -5.59
CA SER A 2 -22.66 -1.64 -4.72
C SER A 2 -22.76 -2.78 -3.72
N SER A 3 -22.04 -3.85 -4.01
CA SER A 3 -22.04 -5.01 -3.13
C SER A 3 -20.78 -5.02 -2.27
N GLY A 4 -20.88 -5.69 -1.14
CA GLY A 4 -19.76 -5.78 -0.22
C GLY A 4 -20.12 -6.65 0.99
N SER A 5 -19.24 -6.63 1.98
CA SER A 5 -19.44 -7.40 3.19
C SER A 5 -18.28 -7.18 4.16
N SER A 6 -17.09 -7.53 3.70
CA SER A 6 -15.89 -7.38 4.51
C SER A 6 -15.98 -8.28 5.74
N GLY A 7 -14.85 -8.91 6.05
CA GLY A 7 -14.79 -9.80 7.20
C GLY A 7 -13.79 -10.92 6.97
N SER A 8 -12.52 -10.59 7.16
CA SER A 8 -11.45 -11.56 6.98
C SER A 8 -10.32 -11.29 7.97
N GLU A 9 -9.44 -12.27 8.10
CA GLU A 9 -8.32 -12.15 9.01
C GLU A 9 -7.36 -13.35 8.85
N SER A 10 -6.12 -13.13 9.24
CA SER A 10 -5.12 -14.17 9.14
C SER A 10 -3.78 -13.67 9.71
N ILE A 11 -2.94 -14.62 10.10
CA ILE A 11 -1.65 -14.29 10.65
C ILE A 11 -0.58 -15.17 9.99
N CYS A 12 0.67 -14.84 10.30
CA CYS A 12 1.79 -15.58 9.75
C CYS A 12 2.86 -15.72 10.83
N ASN A 13 3.77 -16.65 10.60
CA ASN A 13 4.85 -16.90 11.54
C ASN A 13 5.96 -15.87 11.33
N SER A 14 6.94 -15.90 12.22
CA SER A 14 8.06 -14.97 12.13
C SER A 14 9.38 -15.74 12.11
N LEU A 15 10.32 -15.22 11.34
CA LEU A 15 11.62 -15.85 11.23
C LEU A 15 12.44 -15.13 10.15
N ASN A 16 13.75 -15.25 10.27
CA ASN A 16 14.65 -14.62 9.32
C ASN A 16 14.48 -13.10 9.40
N SER A 17 15.42 -12.40 8.76
CA SER A 17 15.38 -10.95 8.75
C SER A 17 15.04 -10.44 7.35
N LYS A 18 14.06 -9.55 7.30
CA LYS A 18 13.64 -8.98 6.03
C LYS A 18 13.16 -10.10 5.11
N LEU A 19 11.84 -10.26 5.06
CA LEU A 19 11.24 -11.29 4.22
C LEU A 19 10.78 -10.66 2.91
N GLU A 20 10.02 -11.45 2.15
CA GLU A 20 9.52 -10.99 0.87
C GLU A 20 8.59 -9.78 1.06
N PRO A 21 8.53 -8.93 0.01
CA PRO A 21 7.69 -7.74 0.05
C PRO A 21 6.22 -8.10 -0.11
N THR A 22 5.74 -8.93 0.82
CA THR A 22 4.35 -9.36 0.79
C THR A 22 3.57 -8.75 1.96
N LEU A 23 2.28 -8.60 1.76
CA LEU A 23 1.43 -8.03 2.79
C LEU A 23 1.67 -8.77 4.11
N GLU A 24 1.58 -10.09 4.05
CA GLU A 24 1.79 -10.91 5.23
C GLU A 24 3.17 -10.63 5.83
N ASN A 25 4.02 -10.01 5.03
CA ASN A 25 5.37 -9.68 5.47
C ASN A 25 5.60 -8.18 5.27
N LEU A 26 4.67 -7.39 5.81
CA LEU A 26 4.77 -5.94 5.70
C LEU A 26 5.70 -5.42 6.79
N GLU A 27 5.54 -5.97 7.98
CA GLU A 27 6.36 -5.57 9.11
C GLU A 27 7.81 -6.00 8.90
N ASN A 28 7.97 -7.17 8.31
CA ASN A 28 9.29 -7.70 8.04
C ASN A 28 9.69 -7.37 6.60
N LEU A 29 9.42 -6.13 6.21
CA LEU A 29 9.73 -5.67 4.87
C LEU A 29 10.94 -4.75 4.93
N ASP A 30 11.58 -4.58 3.78
CA ASP A 30 12.75 -3.72 3.68
C ASP A 30 12.54 -2.70 2.56
N VAL A 31 11.80 -1.65 2.89
CA VAL A 31 11.51 -0.60 1.92
C VAL A 31 12.84 -0.07 1.36
N SER A 32 13.90 -0.27 2.12
CA SER A 32 15.21 0.18 1.71
C SER A 32 15.82 -0.81 0.71
N ALA A 33 15.03 -1.82 0.39
CA ALA A 33 15.48 -2.84 -0.55
C ALA A 33 15.03 -2.45 -1.97
N PHE A 34 13.79 -1.99 -2.06
CA PHE A 34 13.24 -1.57 -3.33
C PHE A 34 14.20 -0.63 -4.08
N GLN A 35 14.47 -0.98 -5.32
CA GLN A 35 15.36 -0.17 -6.14
C GLN A 35 14.56 0.79 -7.01
N ALA A 36 13.24 0.68 -6.90
CA ALA A 36 12.35 1.53 -7.68
C ALA A 36 12.87 2.98 -7.63
N PRO A 37 12.28 3.82 -8.53
CA PRO A 37 12.68 5.21 -8.60
C PRO A 37 12.10 6.00 -7.42
N GLU A 38 12.65 7.20 -7.22
CA GLU A 38 12.20 8.06 -6.15
C GLU A 38 10.97 8.86 -6.58
N ASP A 39 10.51 8.57 -7.79
CA ASP A 39 9.35 9.24 -8.34
C ASP A 39 8.36 8.21 -8.87
N LEU A 40 8.54 6.98 -8.41
CA LEU A 40 7.68 5.89 -8.84
C LEU A 40 6.23 6.39 -8.90
N LEU A 41 5.73 6.81 -7.73
CA LEU A 41 4.37 7.30 -7.63
C LEU A 41 4.39 8.83 -7.72
N ASP A 42 5.19 9.34 -8.65
CA ASP A 42 5.31 10.77 -8.84
C ASP A 42 3.91 11.36 -9.01
N GLY A 43 3.66 12.43 -8.27
CA GLY A 43 2.38 13.12 -8.33
C GLY A 43 1.23 12.11 -8.25
N CYS A 44 1.38 11.14 -7.37
CA CYS A 44 0.37 10.11 -7.20
C CYS A 44 -0.12 10.16 -5.75
N ARG A 45 -1.34 10.67 -5.60
CA ARG A 45 -1.94 10.79 -4.28
C ARG A 45 -2.70 9.50 -3.94
N ILE A 46 -2.16 8.76 -2.98
CA ILE A 46 -2.78 7.51 -2.55
C ILE A 46 -3.24 7.66 -1.10
N TYR A 47 -4.33 6.97 -0.79
CA TYR A 47 -4.88 7.01 0.55
C TYR A 47 -4.61 5.70 1.30
N LEU A 48 -3.85 5.83 2.39
CA LEU A 48 -3.50 4.67 3.19
C LEU A 48 -4.65 4.37 4.16
N CYS A 49 -5.26 3.21 3.98
CA CYS A 49 -6.37 2.80 4.83
C CYS A 49 -5.99 1.48 5.50
N GLY A 50 -6.75 1.14 6.53
CA GLY A 50 -6.51 -0.09 7.27
C GLY A 50 -5.00 -0.35 7.41
N PHE A 51 -4.32 0.63 7.96
CA PHE A 51 -2.88 0.53 8.16
C PHE A 51 -2.46 1.23 9.45
N SER A 52 -1.70 0.51 10.25
CA SER A 52 -1.22 1.05 11.52
C SER A 52 0.03 0.29 11.98
N GLY A 53 0.90 1.00 12.66
CA GLY A 53 2.13 0.41 13.16
C GLY A 53 3.19 0.33 12.06
N ARG A 54 3.80 -0.85 11.96
CA ARG A 54 4.83 -1.07 10.96
C ARG A 54 4.21 -1.05 9.55
N LYS A 55 3.12 -1.80 9.40
CA LYS A 55 2.44 -1.87 8.13
C LYS A 55 2.37 -0.47 7.51
N LEU A 56 1.85 0.47 8.28
CA LEU A 56 1.73 1.83 7.83
C LEU A 56 3.12 2.45 7.66
N ASP A 57 3.86 2.42 8.75
CA ASP A 57 5.21 2.95 8.75
C ASP A 57 5.90 2.61 7.44
N LYS A 58 5.63 1.39 6.97
CA LYS A 58 6.21 0.91 5.73
C LYS A 58 5.67 1.75 4.56
N LEU A 59 4.41 1.52 4.24
CA LEU A 59 3.76 2.24 3.16
C LEU A 59 4.21 3.70 3.19
N ARG A 60 4.36 4.22 4.40
CA ARG A 60 4.78 5.59 4.57
C ARG A 60 6.15 5.82 3.92
N ARG A 61 7.09 4.95 4.28
CA ARG A 61 8.43 5.04 3.75
C ARG A 61 8.43 4.70 2.25
N LEU A 62 7.47 3.87 1.87
CA LEU A 62 7.35 3.46 0.49
C LEU A 62 6.85 4.64 -0.35
N ILE A 63 5.58 4.97 -0.15
CA ILE A 63 4.98 6.08 -0.88
C ILE A 63 5.99 7.20 -1.04
N ASN A 64 6.53 7.64 0.10
CA ASN A 64 7.51 8.72 0.11
C ASN A 64 8.72 8.29 -0.73
N SER A 65 9.15 7.06 -0.50
CA SER A 65 10.29 6.52 -1.22
C SER A 65 10.00 6.51 -2.72
N GLY A 66 8.73 6.37 -3.05
CA GLY A 66 8.30 6.34 -4.44
C GLY A 66 7.95 7.74 -4.94
N GLY A 67 7.94 8.68 -4.00
CA GLY A 67 7.62 10.06 -4.33
C GLY A 67 6.11 10.33 -4.16
N GLY A 68 5.36 9.25 -4.07
CA GLY A 68 3.92 9.35 -3.90
C GLY A 68 3.56 10.25 -2.72
N VAL A 69 2.32 10.72 -2.74
CA VAL A 69 1.85 11.59 -1.67
C VAL A 69 0.81 10.85 -0.84
N ARG A 70 1.16 10.59 0.41
CA ARG A 70 0.28 9.88 1.31
C ARG A 70 -0.80 10.83 1.84
N PHE A 71 -1.98 10.70 1.28
CA PHE A 71 -3.10 11.54 1.68
C PHE A 71 -3.67 11.08 3.03
N ASN A 72 -3.73 12.01 3.96
CA ASN A 72 -4.25 11.73 5.28
C ASN A 72 -5.78 11.67 5.23
N GLN A 73 -6.32 12.17 4.13
CA GLN A 73 -7.76 12.19 3.94
C GLN A 73 -8.12 11.64 2.56
N LEU A 74 -9.41 11.43 2.35
CA LEU A 74 -9.90 10.91 1.09
C LEU A 74 -10.65 12.02 0.34
N ASN A 75 -10.86 11.79 -0.94
CA ASN A 75 -11.57 12.76 -1.77
C ASN A 75 -11.35 12.40 -3.25
N GLU A 76 -11.86 13.28 -4.11
CA GLU A 76 -11.73 13.08 -5.54
C GLU A 76 -10.27 13.23 -5.97
N ASP A 77 -9.48 13.82 -5.08
CA ASP A 77 -8.07 14.03 -5.36
C ASP A 77 -7.35 12.68 -5.34
N VAL A 78 -7.66 11.90 -4.32
CA VAL A 78 -7.05 10.58 -4.17
C VAL A 78 -7.03 9.88 -5.53
N THR A 79 -5.95 9.15 -5.76
CA THR A 79 -5.79 8.43 -7.01
C THR A 79 -5.82 6.92 -6.76
N HIS A 80 -5.61 6.55 -5.50
CA HIS A 80 -5.59 5.15 -5.12
C HIS A 80 -5.85 5.03 -3.62
N VAL A 81 -6.32 3.86 -3.22
CA VAL A 81 -6.61 3.60 -1.82
C VAL A 81 -6.07 2.21 -1.44
N ILE A 82 -4.88 2.21 -0.86
CA ILE A 82 -4.25 0.98 -0.45
C ILE A 82 -4.94 0.46 0.82
N VAL A 83 -5.66 -0.63 0.66
CA VAL A 83 -6.37 -1.23 1.78
C VAL A 83 -5.57 -2.42 2.30
N GLY A 84 -5.54 -2.53 3.63
CA GLY A 84 -4.81 -3.61 4.27
C GLY A 84 -5.76 -4.54 5.03
N ASP A 85 -6.93 -4.02 5.34
CA ASP A 85 -7.94 -4.78 6.05
C ASP A 85 -9.25 -4.77 5.27
N TYR A 86 -9.69 -3.56 4.96
CA TYR A 86 -10.93 -3.39 4.21
C TYR A 86 -11.23 -1.91 3.97
N ASP A 87 -11.07 -1.13 5.03
CA ASP A 87 -11.31 0.30 4.95
C ASP A 87 -12.82 0.56 5.09
N ASP A 88 -13.19 1.12 6.23
CA ASP A 88 -14.59 1.42 6.50
C ASP A 88 -14.87 2.88 6.11
N GLU A 89 -13.87 3.72 6.30
CA GLU A 89 -14.00 5.13 5.97
C GLU A 89 -14.35 5.29 4.49
N LEU A 90 -13.64 4.55 3.66
CA LEU A 90 -13.86 4.61 2.22
C LEU A 90 -15.37 4.69 1.95
N LYS A 91 -16.09 3.77 2.57
CA LYS A 91 -17.53 3.71 2.41
C LYS A 91 -18.12 5.11 2.60
N GLN A 92 -17.67 5.77 3.66
CA GLN A 92 -18.14 7.11 3.96
C GLN A 92 -17.86 8.05 2.79
N PHE A 93 -16.62 8.02 2.33
CA PHE A 93 -16.21 8.86 1.22
C PHE A 93 -17.11 8.63 0.00
N TRP A 94 -17.48 7.37 -0.18
CA TRP A 94 -18.34 7.02 -1.30
C TRP A 94 -19.68 7.72 -1.12
N ASN A 95 -19.97 8.07 0.13
CA ASN A 95 -21.20 8.75 0.45
C ASN A 95 -20.95 10.25 0.59
N LYS A 96 -19.76 10.66 0.15
CA LYS A 96 -19.38 12.06 0.21
C LYS A 96 -19.21 12.60 -1.21
N SER A 97 -18.00 12.41 -1.74
CA SER A 97 -17.69 12.87 -3.08
C SER A 97 -17.98 11.75 -4.09
N ALA A 98 -18.19 12.18 -5.33
CA ALA A 98 -18.47 11.23 -6.41
C ALA A 98 -17.18 10.94 -7.18
N HIS A 99 -16.57 9.81 -6.84
CA HIS A 99 -15.33 9.41 -7.49
C HIS A 99 -15.07 7.93 -7.23
N ARG A 100 -14.28 7.33 -8.11
CA ARG A 100 -13.95 5.92 -7.99
C ARG A 100 -12.43 5.74 -7.90
N PRO A 101 -11.92 5.76 -6.64
CA PRO A 101 -10.50 5.59 -6.41
C PRO A 101 -10.08 4.14 -6.60
N HIS A 102 -8.78 3.95 -6.81
CA HIS A 102 -8.23 2.62 -7.01
C HIS A 102 -8.03 1.94 -5.65
N VAL A 103 -8.96 1.05 -5.33
CA VAL A 103 -8.89 0.32 -4.08
C VAL A 103 -8.12 -0.99 -4.29
N VAL A 104 -6.86 -0.96 -3.91
CA VAL A 104 -6.01 -2.13 -4.06
C VAL A 104 -5.30 -2.40 -2.73
N GLY A 105 -4.56 -3.50 -2.69
CA GLY A 105 -3.83 -3.88 -1.51
C GLY A 105 -2.36 -3.48 -1.60
N ALA A 106 -1.78 -3.18 -0.46
CA ALA A 106 -0.38 -2.78 -0.41
C ALA A 106 0.44 -3.66 -1.34
N LYS A 107 0.05 -4.93 -1.40
CA LYS A 107 0.73 -5.89 -2.25
C LYS A 107 1.15 -5.20 -3.55
N TRP A 108 0.18 -4.54 -4.17
CA TRP A 108 0.43 -3.84 -5.41
C TRP A 108 1.58 -2.85 -5.18
N LEU A 109 1.31 -1.88 -4.32
CA LEU A 109 2.30 -0.88 -3.99
C LEU A 109 3.68 -1.53 -3.89
N LEU A 110 3.73 -2.61 -3.13
CA LEU A 110 4.97 -3.35 -2.94
C LEU A 110 5.58 -3.68 -4.32
N GLU A 111 4.84 -4.46 -5.08
CA GLU A 111 5.28 -4.86 -6.39
C GLU A 111 5.76 -3.64 -7.19
N CYS A 112 4.93 -2.60 -7.17
CA CYS A 112 5.25 -1.38 -7.87
C CYS A 112 6.74 -1.09 -7.67
N PHE A 113 7.12 -0.97 -6.41
CA PHE A 113 8.50 -0.69 -6.06
C PHE A 113 9.42 -1.85 -6.47
N SER A 114 9.10 -3.02 -5.92
CA SER A 114 9.89 -4.21 -6.20
C SER A 114 10.10 -4.34 -7.72
N LYS A 115 9.04 -4.05 -8.46
CA LYS A 115 9.09 -4.13 -9.90
C LYS A 115 9.78 -2.87 -10.46
N GLY A 116 9.72 -1.81 -9.67
CA GLY A 116 10.33 -0.55 -10.06
C GLY A 116 9.35 0.32 -10.84
N TYR A 117 8.27 -0.32 -11.30
CA TYR A 117 7.25 0.38 -12.05
C TYR A 117 5.85 0.03 -11.53
N MET A 118 4.89 0.87 -11.90
CA MET A 118 3.52 0.67 -11.48
C MET A 118 2.86 -0.45 -12.29
N LEU A 119 1.98 -1.18 -11.63
CA LEU A 119 1.28 -2.28 -12.28
C LEU A 119 -0.22 -1.97 -12.29
N SER A 120 -0.98 -2.91 -12.86
CA SER A 120 -2.42 -2.75 -12.94
C SER A 120 -3.04 -2.83 -11.55
N GLU A 121 -4.08 -2.05 -11.36
CA GLU A 121 -4.78 -2.01 -10.07
C GLU A 121 -5.98 -2.97 -10.10
N GLU A 122 -6.27 -3.48 -11.29
CA GLU A 122 -7.37 -4.39 -11.46
C GLU A 122 -7.03 -5.76 -10.86
N PRO A 123 -5.78 -6.23 -11.15
CA PRO A 123 -5.32 -7.50 -10.66
C PRO A 123 -4.97 -7.41 -9.17
N TYR A 124 -5.15 -6.22 -8.62
CA TYR A 124 -4.86 -5.99 -7.22
C TYR A 124 -6.00 -5.23 -6.53
N ILE A 125 -7.21 -5.52 -6.99
CA ILE A 125 -8.39 -4.88 -6.43
C ILE A 125 -8.71 -5.49 -5.06
N HIS A 126 -9.35 -4.69 -4.23
CA HIS A 126 -9.72 -5.14 -2.89
C HIS A 126 -11.24 -5.27 -2.80
N SER A 127 -11.69 -6.52 -2.80
CA SER A 127 -13.12 -6.80 -2.71
C SER A 127 -13.41 -7.67 -1.49
N GLY A 128 -14.63 -7.56 -0.99
CA GLY A 128 -15.04 -8.34 0.17
C GLY A 128 -15.74 -9.62 -0.26
N PRO A 129 -15.45 -10.71 0.51
CA PRO A 129 -16.05 -12.01 0.22
C PRO A 129 -17.52 -12.05 0.66
N SER A 130 -18.26 -12.95 0.03
CA SER A 130 -19.67 -13.10 0.35
C SER A 130 -20.33 -14.08 -0.62
N SER A 131 -20.99 -15.08 -0.04
CA SER A 131 -21.66 -16.09 -0.84
C SER A 131 -22.50 -16.99 0.06
N GLY A 132 -23.81 -16.94 -0.15
CA GLY A 132 -24.73 -17.75 0.64
C GLY A 132 -25.96 -16.93 1.03
N GLY A 1 -2.29 0.99 33.44
CA GLY A 1 -2.16 0.47 32.10
C GLY A 1 -0.90 -0.39 31.96
N SER A 2 -0.48 -0.55 30.71
CA SER A 2 0.71 -1.34 30.42
C SER A 2 0.89 -1.47 28.90
N SER A 3 2.06 -1.08 28.45
CA SER A 3 2.39 -1.15 27.03
C SER A 3 3.82 -1.64 26.84
N GLY A 4 4.18 -1.83 25.58
CA GLY A 4 5.52 -2.30 25.25
C GLY A 4 5.97 -1.75 23.89
N SER A 5 7.19 -2.10 23.52
CA SER A 5 7.75 -1.64 22.25
C SER A 5 9.06 -2.39 21.96
N SER A 6 9.51 -2.27 20.73
CA SER A 6 10.75 -2.92 20.31
C SER A 6 11.32 -2.21 19.10
N GLY A 7 12.55 -2.59 18.76
CA GLY A 7 13.22 -2.00 17.61
C GLY A 7 13.97 -3.06 16.81
N SER A 8 15.05 -2.63 16.18
CA SER A 8 15.86 -3.54 15.38
C SER A 8 17.05 -2.78 14.78
N GLU A 9 18.06 -3.54 14.39
CA GLU A 9 19.26 -2.95 13.80
C GLU A 9 19.67 -3.75 12.56
N SER A 10 20.35 -3.05 11.66
CA SER A 10 20.81 -3.68 10.42
C SER A 10 22.34 -3.78 10.43
N ILE A 11 22.81 -5.02 10.36
CA ILE A 11 24.25 -5.27 10.35
C ILE A 11 24.59 -6.17 9.16
N CYS A 12 25.73 -5.85 8.54
CA CYS A 12 26.18 -6.61 7.39
C CYS A 12 25.15 -6.47 6.28
N ASN A 13 25.63 -6.62 5.05
CA ASN A 13 24.76 -6.51 3.89
C ASN A 13 24.96 -7.73 2.99
N SER A 14 24.07 -8.70 3.17
CA SER A 14 24.14 -9.92 2.38
C SER A 14 22.72 -10.42 2.06
N LEU A 15 22.49 -10.68 0.79
CA LEU A 15 21.20 -11.15 0.34
C LEU A 15 20.81 -12.39 1.16
N ASN A 16 19.74 -12.23 1.94
CA ASN A 16 19.26 -13.32 2.77
C ASN A 16 18.10 -12.82 3.64
N SER A 17 18.36 -11.73 4.35
CA SER A 17 17.36 -11.14 5.22
C SER A 17 16.22 -10.57 4.38
N LYS A 18 15.24 -10.01 5.07
CA LYS A 18 14.08 -9.42 4.41
C LYS A 18 13.30 -10.52 3.70
N LEU A 19 12.00 -10.58 4.01
CA LEU A 19 11.13 -11.57 3.41
C LEU A 19 10.57 -11.03 2.09
N GLU A 20 9.56 -11.72 1.59
CA GLU A 20 8.93 -11.32 0.35
C GLU A 20 8.09 -10.06 0.56
N PRO A 21 7.96 -9.27 -0.55
CA PRO A 21 7.19 -8.04 -0.50
C PRO A 21 5.69 -8.32 -0.47
N THR A 22 5.26 -8.99 0.59
CA THR A 22 3.85 -9.32 0.75
C THR A 22 3.25 -8.58 1.94
N LEU A 23 1.93 -8.55 1.96
CA LEU A 23 1.21 -7.88 3.03
C LEU A 23 1.58 -8.53 4.37
N GLU A 24 1.29 -9.82 4.46
CA GLU A 24 1.57 -10.57 5.66
C GLU A 24 2.99 -10.30 6.14
N ASN A 25 3.82 -9.86 5.20
CA ASN A 25 5.21 -9.56 5.50
C ASN A 25 5.49 -8.09 5.20
N LEU A 26 4.74 -7.22 5.85
CA LEU A 26 4.89 -5.80 5.66
C LEU A 26 5.88 -5.25 6.69
N GLU A 27 5.81 -5.81 7.89
CA GLU A 27 6.71 -5.38 8.96
C GLU A 27 8.15 -5.80 8.65
N ASN A 28 8.27 -6.98 8.05
CA ASN A 28 9.58 -7.51 7.70
C ASN A 28 10.07 -6.83 6.41
N LEU A 29 9.15 -6.73 5.46
CA LEU A 29 9.48 -6.11 4.18
C LEU A 29 10.27 -4.82 4.44
N ASP A 30 11.21 -4.55 3.52
CA ASP A 30 12.03 -3.37 3.63
C ASP A 30 11.65 -2.38 2.52
N VAL A 31 11.37 -1.16 2.93
CA VAL A 31 11.01 -0.12 1.99
C VAL A 31 12.27 0.44 1.33
N SER A 32 13.34 0.45 2.10
CA SER A 32 14.61 0.96 1.61
C SER A 32 15.31 -0.12 0.77
N ALA A 33 14.61 -1.22 0.57
CA ALA A 33 15.16 -2.33 -0.20
C ALA A 33 14.82 -2.12 -1.67
N PHE A 34 13.57 -1.76 -1.93
CA PHE A 34 13.12 -1.53 -3.28
C PHE A 34 14.09 -0.65 -4.05
N GLN A 35 14.36 -1.04 -5.28
CA GLN A 35 15.28 -0.30 -6.12
C GLN A 35 14.51 0.63 -7.07
N ALA A 36 13.20 0.68 -6.84
CA ALA A 36 12.34 1.52 -7.66
C ALA A 36 12.86 2.96 -7.62
N PRO A 37 12.27 3.80 -8.51
CA PRO A 37 12.66 5.20 -8.58
C PRO A 37 12.08 5.99 -7.41
N GLU A 38 12.77 7.07 -7.08
CA GLU A 38 12.33 7.92 -5.97
C GLU A 38 11.06 8.69 -6.37
N ASP A 39 10.71 8.59 -7.64
CA ASP A 39 9.52 9.25 -8.15
C ASP A 39 8.54 8.21 -8.68
N LEU A 40 8.71 6.99 -8.21
CA LEU A 40 7.86 5.90 -8.62
C LEU A 40 6.41 6.41 -8.74
N LEU A 41 5.87 6.79 -7.60
CA LEU A 41 4.50 7.29 -7.55
C LEU A 41 4.52 8.82 -7.68
N ASP A 42 5.16 9.28 -8.75
CA ASP A 42 5.27 10.70 -9.00
C ASP A 42 3.87 11.25 -9.33
N GLY A 43 3.48 12.26 -8.56
CA GLY A 43 2.18 12.88 -8.75
C GLY A 43 1.06 11.84 -8.67
N CYS A 44 1.23 10.90 -7.75
CA CYS A 44 0.24 9.85 -7.56
C CYS A 44 -0.18 9.86 -6.09
N ARG A 45 -1.37 10.38 -5.85
CA ARG A 45 -1.90 10.45 -4.50
C ARG A 45 -2.57 9.14 -4.13
N ILE A 46 -2.09 8.54 -3.04
CA ILE A 46 -2.65 7.29 -2.57
C ILE A 46 -3.15 7.46 -1.14
N TYR A 47 -4.23 6.76 -0.83
CA TYR A 47 -4.82 6.82 0.49
C TYR A 47 -4.61 5.51 1.25
N LEU A 48 -3.91 5.63 2.38
CA LEU A 48 -3.64 4.46 3.21
C LEU A 48 -4.83 4.20 4.13
N CYS A 49 -5.25 2.95 4.16
CA CYS A 49 -6.37 2.56 5.01
C CYS A 49 -6.04 1.21 5.66
N GLY A 50 -6.66 0.99 6.81
CA GLY A 50 -6.42 -0.24 7.55
C GLY A 50 -4.94 -0.55 7.66
N PHE A 51 -4.20 0.41 8.19
CA PHE A 51 -2.76 0.26 8.35
C PHE A 51 -2.29 0.92 9.66
N SER A 52 -1.50 0.16 10.41
CA SER A 52 -0.98 0.65 11.67
C SER A 52 0.34 -0.06 12.01
N GLY A 53 1.06 0.52 12.96
CA GLY A 53 2.33 -0.05 13.37
C GLY A 53 3.38 0.09 12.27
N ARG A 54 3.93 -1.05 11.87
CA ARG A 54 4.95 -1.06 10.83
C ARG A 54 4.29 -0.99 9.45
N LYS A 55 3.27 -1.82 9.27
CA LYS A 55 2.55 -1.86 8.01
C LYS A 55 2.36 -0.43 7.48
N LEU A 56 1.86 0.42 8.37
CA LEU A 56 1.63 1.82 8.01
C LEU A 56 2.98 2.50 7.77
N ASP A 57 3.76 2.59 8.83
CA ASP A 57 5.07 3.22 8.75
C ASP A 57 5.73 2.83 7.42
N LYS A 58 5.70 1.54 7.13
CA LYS A 58 6.28 1.03 5.91
C LYS A 58 5.72 1.80 4.72
N LEU A 59 4.43 1.61 4.48
CA LEU A 59 3.76 2.28 3.38
C LEU A 59 4.18 3.75 3.35
N ARG A 60 3.94 4.42 4.46
CA ARG A 60 4.30 5.83 4.57
C ARG A 60 5.64 6.10 3.89
N ARG A 61 6.63 5.31 4.28
CA ARG A 61 7.96 5.45 3.71
C ARG A 61 7.95 5.09 2.22
N LEU A 62 7.22 4.03 1.91
CA LEU A 62 7.12 3.57 0.53
C LEU A 62 6.57 4.70 -0.33
N ILE A 63 5.29 5.00 -0.13
CA ILE A 63 4.64 6.05 -0.88
C ILE A 63 5.61 7.21 -1.08
N ASN A 64 6.13 7.70 0.04
CA ASN A 64 7.07 8.81 0.00
C ASN A 64 8.27 8.42 -0.86
N SER A 65 8.77 7.22 -0.63
CA SER A 65 9.91 6.72 -1.39
C SER A 65 9.60 6.75 -2.89
N GLY A 66 8.33 6.60 -3.20
CA GLY A 66 7.89 6.61 -4.59
C GLY A 66 7.58 8.03 -5.05
N GLY A 67 7.45 8.93 -4.08
CA GLY A 67 7.15 10.31 -4.38
C GLY A 67 5.65 10.59 -4.26
N GLY A 68 4.88 9.52 -4.22
CA GLY A 68 3.44 9.64 -4.09
C GLY A 68 3.05 10.40 -2.82
N VAL A 69 1.80 10.83 -2.79
CA VAL A 69 1.30 11.56 -1.64
C VAL A 69 0.29 10.70 -0.88
N ARG A 70 0.64 10.38 0.35
CA ARG A 70 -0.22 9.56 1.19
C ARG A 70 -1.28 10.43 1.87
N PHE A 71 -2.52 10.25 1.42
CA PHE A 71 -3.62 11.01 1.98
C PHE A 71 -4.20 10.32 3.22
N ASN A 72 -3.94 10.93 4.37
CA ASN A 72 -4.42 10.40 5.63
C ASN A 72 -5.95 10.35 5.62
N GLN A 73 -6.52 11.16 4.73
CA GLN A 73 -7.97 11.22 4.61
C GLN A 73 -8.38 10.91 3.16
N LEU A 74 -9.59 10.37 3.03
CA LEU A 74 -10.13 10.04 1.73
C LEU A 74 -10.75 11.29 1.09
N ASN A 75 -10.29 11.59 -0.11
CA ASN A 75 -10.79 12.76 -0.82
C ASN A 75 -10.74 12.48 -2.32
N GLU A 76 -11.05 13.52 -3.09
CA GLU A 76 -11.05 13.40 -4.54
C GLU A 76 -9.64 13.66 -5.09
N ASP A 77 -8.68 13.66 -4.18
CA ASP A 77 -7.30 13.89 -4.55
C ASP A 77 -6.60 12.54 -4.74
N VAL A 78 -6.76 11.67 -3.75
CA VAL A 78 -6.16 10.35 -3.81
C VAL A 78 -6.60 9.65 -5.09
N THR A 79 -5.65 9.01 -5.74
CA THR A 79 -5.93 8.29 -6.98
C THR A 79 -5.93 6.79 -6.73
N HIS A 80 -5.37 6.40 -5.59
CA HIS A 80 -5.30 5.01 -5.22
C HIS A 80 -5.55 4.85 -3.72
N VAL A 81 -6.17 3.73 -3.37
CA VAL A 81 -6.48 3.45 -1.97
C VAL A 81 -5.95 2.07 -1.60
N ILE A 82 -4.86 2.08 -0.84
CA ILE A 82 -4.24 0.84 -0.41
C ILE A 82 -4.97 0.31 0.82
N VAL A 83 -5.63 -0.82 0.63
CA VAL A 83 -6.39 -1.45 1.71
C VAL A 83 -5.52 -2.54 2.35
N GLY A 84 -5.37 -2.42 3.67
CA GLY A 84 -4.58 -3.39 4.42
C GLY A 84 -5.46 -4.45 5.05
N ASP A 85 -6.63 -4.01 5.50
CA ASP A 85 -7.58 -4.90 6.14
C ASP A 85 -8.97 -4.67 5.54
N TYR A 86 -9.35 -3.39 5.48
CA TYR A 86 -10.64 -3.02 4.93
C TYR A 86 -10.69 -1.53 4.61
N ASP A 87 -11.49 -1.21 3.60
CA ASP A 87 -11.64 0.18 3.18
C ASP A 87 -13.01 0.70 3.62
N ASP A 88 -13.03 1.29 4.81
CA ASP A 88 -14.27 1.83 5.36
C ASP A 88 -14.39 3.30 4.96
N GLU A 89 -13.38 4.07 5.33
CA GLU A 89 -13.37 5.49 5.03
C GLU A 89 -13.93 5.74 3.64
N LEU A 90 -13.35 5.05 2.66
CA LEU A 90 -13.79 5.19 1.29
C LEU A 90 -15.31 5.30 1.25
N LYS A 91 -15.96 4.47 2.05
CA LYS A 91 -17.42 4.49 2.11
C LYS A 91 -17.90 5.91 2.36
N GLN A 92 -17.35 6.51 3.42
CA GLN A 92 -17.72 7.87 3.78
C GLN A 92 -17.46 8.82 2.61
N PHE A 93 -16.32 8.60 1.96
CA PHE A 93 -15.94 9.43 0.82
C PHE A 93 -16.87 9.19 -0.37
N TRP A 94 -17.42 7.98 -0.41
CA TRP A 94 -18.32 7.60 -1.49
C TRP A 94 -19.64 8.36 -1.29
N ASN A 95 -19.88 8.72 -0.04
CA ASN A 95 -21.09 9.45 0.30
C ASN A 95 -20.81 10.95 0.32
N LYS A 96 -19.56 11.28 -0.01
CA LYS A 96 -19.15 12.68 -0.04
C LYS A 96 -18.99 13.13 -1.50
N SER A 97 -17.84 12.78 -2.06
CA SER A 97 -17.56 13.14 -3.44
C SER A 97 -17.77 11.93 -4.36
N ALA A 98 -17.98 12.22 -5.63
CA ALA A 98 -18.19 11.18 -6.61
C ALA A 98 -16.86 10.83 -7.29
N HIS A 99 -16.25 9.76 -6.79
CA HIS A 99 -14.97 9.32 -7.34
C HIS A 99 -14.74 7.85 -6.98
N ARG A 100 -14.11 7.14 -7.90
CA ARG A 100 -13.81 5.73 -7.69
C ARG A 100 -12.30 5.49 -7.76
N PRO A 101 -11.65 5.59 -6.58
CA PRO A 101 -10.21 5.38 -6.50
C PRO A 101 -9.87 3.89 -6.61
N HIS A 102 -8.62 3.62 -6.93
CA HIS A 102 -8.15 2.25 -7.06
C HIS A 102 -7.97 1.63 -5.67
N VAL A 103 -8.87 0.72 -5.34
CA VAL A 103 -8.82 0.06 -4.05
C VAL A 103 -8.04 -1.25 -4.18
N VAL A 104 -6.77 -1.18 -3.83
CA VAL A 104 -5.90 -2.36 -3.91
C VAL A 104 -5.19 -2.53 -2.57
N GLY A 105 -4.39 -3.59 -2.51
CA GLY A 105 -3.64 -3.89 -1.30
C GLY A 105 -2.17 -3.50 -1.46
N ALA A 106 -1.55 -3.22 -0.32
CA ALA A 106 -0.14 -2.83 -0.31
C ALA A 106 0.66 -3.80 -1.18
N LYS A 107 0.09 -4.98 -1.36
CA LYS A 107 0.74 -6.00 -2.17
C LYS A 107 0.91 -5.48 -3.60
N TRP A 108 0.21 -4.39 -3.89
CA TRP A 108 0.28 -3.78 -5.20
C TRP A 108 1.23 -2.59 -5.13
N LEU A 109 1.70 -2.33 -3.92
CA LEU A 109 2.62 -1.22 -3.69
C LEU A 109 4.06 -1.72 -3.80
N LEU A 110 4.32 -2.83 -3.13
CA LEU A 110 5.64 -3.42 -3.15
C LEU A 110 6.03 -3.76 -4.60
N GLU A 111 5.19 -4.54 -5.23
CA GLU A 111 5.42 -4.94 -6.62
C GLU A 111 5.80 -3.71 -7.46
N CYS A 112 5.13 -2.62 -7.17
CA CYS A 112 5.37 -1.37 -7.89
C CYS A 112 6.82 -0.95 -7.64
N PHE A 113 7.16 -0.82 -6.36
CA PHE A 113 8.51 -0.43 -5.98
C PHE A 113 9.51 -1.55 -6.27
N SER A 114 8.97 -2.70 -6.67
CA SER A 114 9.80 -3.85 -6.97
C SER A 114 10.04 -3.93 -8.49
N LYS A 115 8.96 -3.76 -9.23
CA LYS A 115 9.04 -3.81 -10.68
C LYS A 115 9.70 -2.53 -11.20
N GLY A 116 9.62 -1.49 -10.38
CA GLY A 116 10.21 -0.21 -10.74
C GLY A 116 9.15 0.73 -11.31
N TYR A 117 8.00 0.16 -11.62
CA TYR A 117 6.90 0.94 -12.17
C TYR A 117 5.55 0.46 -11.62
N MET A 118 4.54 1.28 -11.83
CA MET A 118 3.20 0.95 -11.35
C MET A 118 2.61 -0.22 -12.13
N LEU A 119 1.81 -1.00 -11.43
CA LEU A 119 1.17 -2.17 -12.04
C LEU A 119 -0.34 -1.98 -12.01
N SER A 120 -1.03 -2.96 -12.59
CA SER A 120 -2.48 -2.92 -12.64
C SER A 120 -3.06 -3.06 -11.23
N GLU A 121 -4.15 -2.34 -10.99
CA GLU A 121 -4.80 -2.38 -9.69
C GLU A 121 -5.95 -3.38 -9.70
N GLU A 122 -6.26 -3.88 -10.89
CA GLU A 122 -7.33 -4.84 -11.06
C GLU A 122 -6.91 -6.19 -10.49
N PRO A 123 -5.65 -6.58 -10.79
CA PRO A 123 -5.11 -7.85 -10.32
C PRO A 123 -4.77 -7.78 -8.83
N TYR A 124 -5.07 -6.63 -8.24
CA TYR A 124 -4.80 -6.41 -6.83
C TYR A 124 -5.96 -5.67 -6.15
N ILE A 125 -7.17 -6.05 -6.55
CA ILE A 125 -8.36 -5.43 -6.00
C ILE A 125 -8.71 -6.11 -4.67
N HIS A 126 -9.29 -5.33 -3.77
CA HIS A 126 -9.69 -5.84 -2.47
C HIS A 126 -11.20 -5.80 -2.34
N SER A 127 -11.80 -6.98 -2.41
CA SER A 127 -13.24 -7.10 -2.30
C SER A 127 -13.61 -7.75 -0.96
N GLY A 128 -14.91 -7.75 -0.68
CA GLY A 128 -15.41 -8.33 0.55
C GLY A 128 -16.80 -8.95 0.34
N PRO A 129 -17.53 -9.08 1.49
CA PRO A 129 -18.87 -9.65 1.44
C PRO A 129 -19.87 -8.66 0.86
N SER A 130 -20.14 -8.81 -0.43
CA SER A 130 -21.08 -7.93 -1.11
C SER A 130 -21.53 -8.57 -2.42
N SER A 131 -22.84 -8.73 -2.56
CA SER A 131 -23.41 -9.31 -3.76
C SER A 131 -24.92 -9.52 -3.57
N GLY A 132 -25.65 -9.23 -4.64
CA GLY A 132 -27.10 -9.38 -4.60
C GLY A 132 -27.69 -9.20 -6.00
N GLY A 1 -6.23 -35.57 24.62
CA GLY A 1 -5.16 -35.12 23.74
C GLY A 1 -4.83 -33.65 23.99
N SER A 2 -4.86 -32.86 22.93
CA SER A 2 -4.56 -31.45 23.03
C SER A 2 -5.84 -30.64 23.17
N SER A 3 -5.92 -29.90 24.26
CA SER A 3 -7.10 -29.08 24.53
C SER A 3 -7.44 -28.24 23.30
N GLY A 4 -8.74 -28.07 23.08
CA GLY A 4 -9.21 -27.29 21.94
C GLY A 4 -10.00 -26.07 22.41
N SER A 5 -9.41 -24.91 22.24
CA SER A 5 -10.05 -23.66 22.63
C SER A 5 -9.15 -22.48 22.27
N SER A 6 -9.46 -21.87 21.15
CA SER A 6 -8.69 -20.72 20.69
C SER A 6 -9.48 -19.97 19.61
N GLY A 7 -9.78 -20.67 18.53
CA GLY A 7 -10.51 -20.08 17.42
C GLY A 7 -9.87 -20.42 16.08
N SER A 8 -9.71 -19.39 15.27
CA SER A 8 -9.11 -19.56 13.94
C SER A 8 -8.34 -18.30 13.56
N GLU A 9 -7.39 -18.49 12.65
CA GLU A 9 -6.59 -17.37 12.18
C GLU A 9 -5.80 -17.77 10.93
N SER A 10 -5.79 -16.86 9.96
CA SER A 10 -5.09 -17.11 8.71
C SER A 10 -3.61 -17.38 8.99
N ILE A 11 -3.03 -18.23 8.15
CA ILE A 11 -1.63 -18.57 8.30
C ILE A 11 -0.78 -17.30 8.19
N CYS A 12 0.05 -17.10 9.20
CA CYS A 12 0.92 -15.93 9.24
C CYS A 12 2.34 -16.40 9.55
N ASN A 13 3.25 -16.01 8.68
CA ASN A 13 4.65 -16.37 8.84
C ASN A 13 5.30 -15.45 9.87
N SER A 14 6.17 -16.03 10.68
CA SER A 14 6.87 -15.27 11.71
C SER A 14 8.38 -15.47 11.57
N LEU A 15 9.06 -14.36 11.35
CA LEU A 15 10.51 -14.40 11.19
C LEU A 15 11.03 -12.98 10.95
N ASN A 16 11.89 -12.53 11.86
CA ASN A 16 12.46 -11.20 11.76
C ASN A 16 13.65 -11.24 10.81
N SER A 17 13.39 -10.92 9.55
CA SER A 17 14.42 -10.92 8.54
C SER A 17 13.82 -10.60 7.17
N LYS A 18 14.67 -10.06 6.30
CA LYS A 18 14.23 -9.70 4.96
C LYS A 18 13.32 -10.81 4.41
N LEU A 19 12.31 -10.39 3.66
CA LEU A 19 11.37 -11.34 3.09
C LEU A 19 10.73 -10.70 1.85
N GLU A 20 10.21 -11.57 0.99
CA GLU A 20 9.57 -11.12 -0.24
C GLU A 20 8.64 -9.94 0.05
N PRO A 21 8.45 -9.09 -0.99
CA PRO A 21 7.60 -7.92 -0.86
C PRO A 21 6.12 -8.32 -0.87
N THR A 22 5.71 -8.98 0.20
CA THR A 22 4.33 -9.43 0.32
C THR A 22 3.65 -8.72 1.50
N LEU A 23 2.34 -8.56 1.37
CA LEU A 23 1.55 -7.90 2.40
C LEU A 23 1.96 -8.46 3.77
N GLU A 24 1.67 -9.73 3.96
CA GLU A 24 1.99 -10.40 5.21
C GLU A 24 3.33 -9.90 5.74
N ASN A 25 4.39 -10.23 5.00
CA ASN A 25 5.73 -9.83 5.38
C ASN A 25 5.97 -8.38 4.94
N LEU A 26 5.16 -7.49 5.51
CA LEU A 26 5.28 -6.08 5.19
C LEU A 26 6.11 -5.37 6.26
N GLU A 27 6.09 -5.96 7.45
CA GLU A 27 6.83 -5.41 8.57
C GLU A 27 8.33 -5.69 8.41
N ASN A 28 8.62 -6.96 8.17
CA ASN A 28 10.01 -7.39 7.99
C ASN A 28 10.56 -6.81 6.69
N LEU A 29 9.63 -6.48 5.79
CA LEU A 29 10.00 -5.92 4.50
C LEU A 29 10.87 -4.68 4.73
N ASP A 30 11.91 -4.57 3.91
CA ASP A 30 12.80 -3.43 4.01
C ASP A 30 12.56 -2.49 2.83
N VAL A 31 11.83 -1.41 3.12
CA VAL A 31 11.52 -0.43 2.10
C VAL A 31 12.82 0.10 1.49
N SER A 32 13.89 -0.01 2.25
CA SER A 32 15.19 0.44 1.79
C SER A 32 15.81 -0.60 0.86
N ALA A 33 15.03 -1.64 0.57
CA ALA A 33 15.48 -2.70 -0.30
C ALA A 33 15.04 -2.39 -1.74
N PHE A 34 13.81 -1.93 -1.86
CA PHE A 34 13.26 -1.60 -3.17
C PHE A 34 14.23 -0.70 -3.95
N GLN A 35 14.47 -1.10 -5.19
CA GLN A 35 15.36 -0.35 -6.06
C GLN A 35 14.56 0.64 -6.93
N ALA A 36 13.24 0.54 -6.81
CA ALA A 36 12.36 1.40 -7.59
C ALA A 36 12.91 2.83 -7.54
N PRO A 37 12.34 3.69 -8.44
CA PRO A 37 12.76 5.08 -8.52
C PRO A 37 12.19 5.88 -7.35
N GLU A 38 12.78 7.04 -7.13
CA GLU A 38 12.36 7.91 -6.06
C GLU A 38 11.14 8.74 -6.50
N ASP A 39 10.66 8.44 -7.70
CA ASP A 39 9.52 9.14 -8.25
C ASP A 39 8.51 8.11 -8.79
N LEU A 40 8.69 6.87 -8.36
CA LEU A 40 7.81 5.79 -8.78
C LEU A 40 6.37 6.32 -8.85
N LEU A 41 5.82 6.56 -7.67
CA LEU A 41 4.46 7.05 -7.57
C LEU A 41 4.47 8.58 -7.70
N ASP A 42 5.16 9.05 -8.73
CA ASP A 42 5.26 10.49 -8.97
C ASP A 42 3.86 11.03 -9.26
N GLY A 43 3.50 12.07 -8.51
CA GLY A 43 2.20 12.70 -8.68
C GLY A 43 1.08 11.66 -8.59
N CYS A 44 1.24 10.73 -7.67
CA CYS A 44 0.25 9.69 -7.46
C CYS A 44 -0.21 9.74 -6.00
N ARG A 45 -1.40 10.27 -5.81
CA ARG A 45 -1.97 10.37 -4.48
C ARG A 45 -2.73 9.09 -4.12
N ILE A 46 -2.29 8.47 -3.03
CA ILE A 46 -2.91 7.25 -2.57
C ILE A 46 -3.45 7.45 -1.15
N TYR A 47 -4.41 6.62 -0.79
CA TYR A 47 -5.01 6.70 0.53
C TYR A 47 -4.74 5.42 1.34
N LEU A 48 -4.00 5.60 2.43
CA LEU A 48 -3.66 4.48 3.29
C LEU A 48 -4.83 4.22 4.25
N CYS A 49 -5.37 3.02 4.15
CA CYS A 49 -6.48 2.62 5.00
C CYS A 49 -6.19 1.23 5.56
N GLY A 50 -6.34 1.10 6.86
CA GLY A 50 -6.09 -0.17 7.52
C GLY A 50 -4.60 -0.41 7.70
N PHE A 51 -3.93 0.56 8.29
CA PHE A 51 -2.49 0.45 8.52
C PHE A 51 -2.09 1.15 9.82
N SER A 52 -1.23 0.49 10.57
CA SER A 52 -0.77 1.03 11.84
C SER A 52 0.46 0.26 12.31
N GLY A 53 1.35 0.97 13.00
CA GLY A 53 2.55 0.37 13.52
C GLY A 53 3.65 0.33 12.45
N ARG A 54 4.06 -0.88 12.09
CA ARG A 54 5.09 -1.06 11.08
C ARG A 54 4.48 -0.97 9.69
N LYS A 55 3.44 -1.75 9.47
CA LYS A 55 2.77 -1.77 8.18
C LYS A 55 2.64 -0.34 7.66
N LEU A 56 2.03 0.50 8.49
CA LEU A 56 1.84 1.90 8.12
C LEU A 56 3.21 2.54 7.86
N ASP A 57 4.03 2.56 8.90
CA ASP A 57 5.35 3.15 8.80
C ASP A 57 5.97 2.77 7.45
N LYS A 58 5.80 1.50 7.09
CA LYS A 58 6.33 1.00 5.84
C LYS A 58 5.73 1.81 4.68
N LEU A 59 4.46 1.54 4.41
CA LEU A 59 3.77 2.23 3.34
C LEU A 59 4.18 3.70 3.33
N ARG A 60 4.26 4.27 4.53
CA ARG A 60 4.64 5.66 4.67
C ARG A 60 6.00 5.92 3.99
N ARG A 61 6.96 5.07 4.33
CA ARG A 61 8.29 5.20 3.77
C ARG A 61 8.28 4.83 2.28
N LEU A 62 7.52 3.78 1.98
CA LEU A 62 7.42 3.31 0.60
C LEU A 62 6.92 4.45 -0.28
N ILE A 63 5.68 4.86 -0.03
CA ILE A 63 5.08 5.94 -0.81
C ILE A 63 6.12 7.03 -1.04
N ASN A 64 6.68 7.51 0.07
CA ASN A 64 7.69 8.56 0.00
C ASN A 64 8.83 8.09 -0.90
N SER A 65 9.19 6.83 -0.75
CA SER A 65 10.27 6.26 -1.54
C SER A 65 9.87 6.21 -3.01
N GLY A 66 8.58 6.35 -3.25
CA GLY A 66 8.04 6.32 -4.60
C GLY A 66 7.68 7.73 -5.08
N GLY A 67 7.70 8.66 -4.14
CA GLY A 67 7.37 10.05 -4.44
C GLY A 67 5.86 10.27 -4.36
N GLY A 68 5.14 9.20 -4.07
CA GLY A 68 3.70 9.28 -3.96
C GLY A 68 3.28 10.05 -2.70
N VAL A 69 2.00 10.41 -2.67
CA VAL A 69 1.46 11.14 -1.53
C VAL A 69 0.32 10.34 -0.91
N ARG A 70 0.50 10.01 0.36
CA ARG A 70 -0.51 9.24 1.07
C ARG A 70 -1.53 10.18 1.73
N PHE A 71 -2.80 9.91 1.47
CA PHE A 71 -3.87 10.73 2.02
C PHE A 71 -4.48 10.06 3.24
N ASN A 72 -4.35 10.72 4.37
CA ASN A 72 -4.89 10.21 5.63
C ASN A 72 -6.42 10.26 5.57
N GLN A 73 -6.92 11.09 4.67
CA GLN A 73 -8.36 11.23 4.51
C GLN A 73 -8.77 10.94 3.07
N LEU A 74 -9.93 10.33 2.93
CA LEU A 74 -10.44 9.98 1.61
C LEU A 74 -11.14 11.19 1.01
N ASN A 75 -10.73 11.52 -0.21
CA ASN A 75 -11.30 12.66 -0.91
C ASN A 75 -11.12 12.48 -2.42
N GLU A 76 -11.50 13.51 -3.15
CA GLU A 76 -11.38 13.47 -4.61
C GLU A 76 -9.96 13.85 -5.03
N ASP A 77 -9.09 13.93 -4.04
CA ASP A 77 -7.69 14.29 -4.30
C ASP A 77 -6.89 13.00 -4.55
N VAL A 78 -7.08 12.04 -3.66
CA VAL A 78 -6.39 10.77 -3.77
C VAL A 78 -6.82 10.07 -5.06
N THR A 79 -5.90 9.32 -5.63
CA THR A 79 -6.17 8.58 -6.86
C THR A 79 -6.22 7.08 -6.58
N HIS A 80 -5.51 6.67 -5.54
CA HIS A 80 -5.47 5.27 -5.17
C HIS A 80 -5.82 5.12 -3.68
N VAL A 81 -6.29 3.94 -3.33
CA VAL A 81 -6.66 3.66 -1.95
C VAL A 81 -6.15 2.28 -1.56
N ILE A 82 -5.01 2.27 -0.90
CA ILE A 82 -4.40 1.02 -0.45
C ILE A 82 -5.13 0.51 0.78
N VAL A 83 -5.99 -0.47 0.56
CA VAL A 83 -6.75 -1.05 1.65
C VAL A 83 -5.94 -2.19 2.29
N GLY A 84 -5.44 -1.91 3.48
CA GLY A 84 -4.65 -2.90 4.20
C GLY A 84 -5.49 -3.62 5.26
N ASP A 85 -6.67 -3.07 5.50
CA ASP A 85 -7.59 -3.65 6.47
C ASP A 85 -8.92 -2.90 6.42
N TYR A 86 -9.71 -3.24 5.42
CA TYR A 86 -11.01 -2.61 5.25
C TYR A 86 -10.88 -1.09 5.08
N ASP A 87 -11.62 -0.57 4.12
CA ASP A 87 -11.58 0.85 3.84
C ASP A 87 -12.97 1.46 4.13
N ASP A 88 -13.53 1.03 5.25
CA ASP A 88 -14.84 1.52 5.66
C ASP A 88 -14.93 3.02 5.37
N GLU A 89 -13.78 3.68 5.43
CA GLU A 89 -13.72 5.11 5.18
C GLU A 89 -14.20 5.41 3.76
N LEU A 90 -13.58 4.76 2.80
CA LEU A 90 -13.93 4.96 1.40
C LEU A 90 -15.46 5.07 1.28
N LYS A 91 -16.13 4.06 1.82
CA LYS A 91 -17.59 4.03 1.78
C LYS A 91 -18.12 5.44 2.03
N GLN A 92 -17.50 6.12 2.99
CA GLN A 92 -17.92 7.47 3.34
C GLN A 92 -17.69 8.41 2.15
N PHE A 93 -16.50 8.31 1.58
CA PHE A 93 -16.15 9.14 0.44
C PHE A 93 -17.08 8.88 -0.74
N TRP A 94 -17.73 7.73 -0.70
CA TRP A 94 -18.65 7.33 -1.76
C TRP A 94 -19.99 8.04 -1.50
N ASN A 95 -20.19 8.39 -0.23
CA ASN A 95 -21.42 9.06 0.15
C ASN A 95 -21.16 10.56 0.30
N LYS A 96 -19.95 10.96 -0.06
CA LYS A 96 -19.56 12.35 0.02
C LYS A 96 -19.45 12.94 -1.38
N SER A 97 -18.38 12.60 -2.05
CA SER A 97 -18.14 13.08 -3.41
C SER A 97 -18.30 11.94 -4.41
N ALA A 98 -18.57 12.30 -5.65
CA ALA A 98 -18.74 11.32 -6.71
C ALA A 98 -17.38 11.03 -7.35
N HIS A 99 -16.78 9.94 -6.90
CA HIS A 99 -15.48 9.55 -7.43
C HIS A 99 -15.15 8.13 -6.93
N ARG A 100 -14.54 7.36 -7.82
CA ARG A 100 -14.16 6.00 -7.50
C ARG A 100 -12.64 5.82 -7.63
N PRO A 101 -11.96 5.90 -6.46
CA PRO A 101 -10.51 5.75 -6.43
C PRO A 101 -10.10 4.29 -6.61
N HIS A 102 -8.84 4.09 -6.96
CA HIS A 102 -8.32 2.76 -7.17
C HIS A 102 -8.11 2.08 -5.82
N VAL A 103 -8.96 1.11 -5.53
CA VAL A 103 -8.88 0.37 -4.29
C VAL A 103 -8.07 -0.90 -4.50
N VAL A 104 -6.88 -0.92 -3.92
CA VAL A 104 -6.00 -2.07 -4.04
C VAL A 104 -5.32 -2.34 -2.68
N GLY A 105 -4.52 -3.38 -2.66
CA GLY A 105 -3.82 -3.76 -1.45
C GLY A 105 -2.34 -3.38 -1.54
N ALA A 106 -1.76 -3.07 -0.38
CA ALA A 106 -0.36 -2.69 -0.31
C ALA A 106 0.45 -3.60 -1.22
N LYS A 107 0.03 -4.86 -1.28
CA LYS A 107 0.72 -5.84 -2.12
C LYS A 107 1.14 -5.18 -3.43
N TRP A 108 0.19 -4.51 -4.06
CA TRP A 108 0.44 -3.84 -5.31
C TRP A 108 1.56 -2.82 -5.09
N LEU A 109 1.29 -1.87 -4.21
CA LEU A 109 2.26 -0.84 -3.89
C LEU A 109 3.65 -1.46 -3.81
N LEU A 110 3.71 -2.61 -3.13
CA LEU A 110 4.97 -3.32 -2.97
C LEU A 110 5.56 -3.63 -4.34
N GLU A 111 4.83 -4.46 -5.08
CA GLU A 111 5.26 -4.84 -6.41
C GLU A 111 5.76 -3.61 -7.19
N CYS A 112 4.94 -2.57 -7.15
CA CYS A 112 5.28 -1.33 -7.85
C CYS A 112 6.78 -1.06 -7.63
N PHE A 113 7.16 -0.96 -6.37
CA PHE A 113 8.53 -0.70 -6.01
C PHE A 113 9.43 -1.86 -6.44
N SER A 114 9.13 -3.03 -5.90
CA SER A 114 9.90 -4.23 -6.21
C SER A 114 10.12 -4.33 -7.72
N LYS A 115 9.03 -4.17 -8.46
CA LYS A 115 9.09 -4.24 -9.90
C LYS A 115 9.79 -2.99 -10.44
N GLY A 116 9.69 -1.92 -9.68
CA GLY A 116 10.30 -0.65 -10.06
C GLY A 116 9.37 0.16 -10.95
N TYR A 117 8.21 -0.42 -11.23
CA TYR A 117 7.22 0.23 -12.07
C TYR A 117 5.79 -0.06 -11.57
N MET A 118 4.89 0.84 -11.90
CA MET A 118 3.50 0.69 -11.51
C MET A 118 2.82 -0.43 -12.29
N LEU A 119 1.98 -1.18 -11.58
CA LEU A 119 1.27 -2.29 -12.19
C LEU A 119 -0.23 -1.97 -12.21
N SER A 120 -0.99 -2.91 -12.75
CA SER A 120 -2.44 -2.75 -12.83
C SER A 120 -3.05 -2.82 -11.43
N GLU A 121 -4.09 -2.03 -11.24
CA GLU A 121 -4.78 -1.99 -9.96
C GLU A 121 -5.98 -2.94 -9.97
N GLU A 122 -6.28 -3.46 -11.15
CA GLU A 122 -7.39 -4.37 -11.31
C GLU A 122 -7.05 -5.74 -10.72
N PRO A 123 -5.80 -6.20 -11.05
CA PRO A 123 -5.33 -7.48 -10.56
C PRO A 123 -4.96 -7.40 -9.08
N TYR A 124 -5.15 -6.23 -8.52
CA TYR A 124 -4.83 -6.00 -7.11
C TYR A 124 -5.97 -5.25 -6.42
N ILE A 125 -7.19 -5.56 -6.82
CA ILE A 125 -8.35 -4.92 -6.24
C ILE A 125 -8.68 -5.59 -4.90
N HIS A 126 -9.19 -4.77 -3.99
CA HIS A 126 -9.55 -5.27 -2.67
C HIS A 126 -11.07 -5.33 -2.54
N SER A 127 -11.58 -6.56 -2.49
CA SER A 127 -13.01 -6.77 -2.37
C SER A 127 -13.33 -7.41 -1.01
N GLY A 128 -14.61 -7.40 -0.69
CA GLY A 128 -15.07 -7.97 0.57
C GLY A 128 -16.31 -8.83 0.37
N PRO A 129 -16.35 -9.98 1.11
CA PRO A 129 -17.47 -10.89 1.02
C PRO A 129 -18.69 -10.34 1.75
N SER A 130 -19.83 -10.96 1.50
CA SER A 130 -21.07 -10.54 2.13
C SER A 130 -22.21 -11.48 1.71
N SER A 131 -23.24 -11.51 2.54
CA SER A 131 -24.40 -12.34 2.26
C SER A 131 -25.51 -11.51 1.63
N GLY A 132 -25.70 -11.71 0.33
CA GLY A 132 -26.72 -10.98 -0.40
C GLY A 132 -26.14 -10.36 -1.67
N GLY A 1 3.66 -4.11 51.40
CA GLY A 1 4.68 -5.13 51.31
C GLY A 1 4.55 -5.92 50.01
N SER A 2 5.42 -5.63 49.07
CA SER A 2 5.41 -6.30 47.78
C SER A 2 6.78 -6.16 47.09
N SER A 3 7.03 -7.08 46.18
CA SER A 3 8.29 -7.06 45.44
C SER A 3 8.31 -8.19 44.41
N GLY A 4 7.55 -7.98 43.34
CA GLY A 4 7.46 -8.96 42.27
C GLY A 4 7.95 -8.37 40.94
N SER A 5 8.97 -9.01 40.38
CA SER A 5 9.53 -8.56 39.13
C SER A 5 10.65 -9.51 38.70
N SER A 6 10.96 -9.47 37.40
CA SER A 6 12.00 -10.32 36.84
C SER A 6 12.19 -10.00 35.36
N GLY A 7 13.36 -10.40 34.86
CA GLY A 7 13.68 -10.17 33.47
C GLY A 7 15.18 -9.96 33.28
N SER A 8 15.67 -10.36 32.11
CA SER A 8 17.08 -10.22 31.80
C SER A 8 17.35 -10.74 30.38
N GLU A 9 18.14 -9.97 29.65
CA GLU A 9 18.50 -10.33 28.29
C GLU A 9 19.23 -9.18 27.60
N SER A 10 20.29 -9.55 26.89
CA SER A 10 21.09 -8.56 26.19
C SER A 10 22.25 -9.26 25.46
N ILE A 11 21.99 -9.61 24.21
CA ILE A 11 22.99 -10.27 23.39
C ILE A 11 22.46 -10.43 21.96
N CYS A 12 23.28 -10.00 21.01
CA CYS A 12 22.90 -10.08 19.62
C CYS A 12 24.16 -9.84 18.77
N ASN A 13 24.17 -10.47 17.61
CA ASN A 13 25.31 -10.34 16.70
C ASN A 13 25.01 -11.10 15.40
N SER A 14 24.46 -10.36 14.44
CA SER A 14 24.13 -10.96 13.16
C SER A 14 23.40 -9.93 12.29
N LEU A 15 23.79 -9.88 11.02
CA LEU A 15 23.20 -8.95 10.08
C LEU A 15 21.88 -9.52 9.59
N ASN A 16 21.96 -10.68 8.95
CA ASN A 16 20.77 -11.34 8.42
C ASN A 16 20.12 -10.43 7.37
N SER A 17 19.21 -11.03 6.62
CA SER A 17 18.51 -10.30 5.58
C SER A 17 17.00 -10.34 5.84
N LYS A 18 16.37 -9.19 5.63
CA LYS A 18 14.93 -9.07 5.84
C LYS A 18 14.22 -10.18 5.04
N LEU A 19 12.90 -10.17 5.15
CA LEU A 19 12.09 -11.16 4.46
C LEU A 19 11.68 -10.61 3.09
N GLU A 20 10.71 -11.28 2.49
CA GLU A 20 10.22 -10.86 1.19
C GLU A 20 9.28 -9.66 1.33
N PRO A 21 9.24 -8.83 0.25
CA PRO A 21 8.39 -7.65 0.23
C PRO A 21 6.93 -8.04 0.05
N THR A 22 6.46 -8.91 0.93
CA THR A 22 5.07 -9.36 0.87
C THR A 22 4.27 -8.77 2.03
N LEU A 23 2.95 -8.86 1.90
CA LEU A 23 2.06 -8.35 2.93
C LEU A 23 2.36 -9.04 4.26
N GLU A 24 2.19 -10.37 4.24
CA GLU A 24 2.43 -11.16 5.44
C GLU A 24 3.73 -10.72 6.10
N ASN A 25 4.63 -10.17 5.30
CA ASN A 25 5.91 -9.71 5.79
C ASN A 25 6.06 -8.22 5.50
N LEU A 26 5.13 -7.44 6.04
CA LEU A 26 5.16 -6.00 5.84
C LEU A 26 6.06 -5.36 6.90
N GLU A 27 5.91 -5.84 8.12
CA GLU A 27 6.71 -5.32 9.23
C GLU A 27 8.16 -5.77 9.09
N ASN A 28 8.37 -6.73 8.20
CA ASN A 28 9.70 -7.25 7.96
C ASN A 28 10.17 -6.83 6.57
N LEU A 29 9.25 -6.24 5.83
CA LEU A 29 9.56 -5.78 4.48
C LEU A 29 10.52 -4.59 4.55
N ASP A 30 11.57 -4.67 3.75
CA ASP A 30 12.57 -3.62 3.72
C ASP A 30 12.28 -2.68 2.55
N VAL A 31 11.46 -1.67 2.83
CA VAL A 31 11.09 -0.70 1.81
C VAL A 31 12.36 -0.15 1.15
N SER A 32 13.40 -0.01 1.97
CA SER A 32 14.67 0.51 1.50
C SER A 32 15.29 -0.49 0.50
N ALA A 33 14.68 -1.65 0.42
CA ALA A 33 15.17 -2.69 -0.48
C ALA A 33 14.76 -2.35 -1.91
N PHE A 34 13.49 -1.96 -2.05
CA PHE A 34 12.96 -1.61 -3.36
C PHE A 34 13.90 -0.64 -4.09
N GLN A 35 14.31 -1.04 -5.28
CA GLN A 35 15.19 -0.22 -6.09
C GLN A 35 14.38 0.74 -6.96
N ALA A 36 13.06 0.67 -6.79
CA ALA A 36 12.17 1.52 -7.57
C ALA A 36 12.71 2.95 -7.56
N PRO A 37 12.13 3.78 -8.47
CA PRO A 37 12.54 5.17 -8.58
C PRO A 37 12.00 6.01 -7.42
N GLU A 38 12.67 7.11 -7.17
CA GLU A 38 12.26 8.00 -6.09
C GLU A 38 11.01 8.78 -6.50
N ASP A 39 10.59 8.58 -7.74
CA ASP A 39 9.42 9.25 -8.26
C ASP A 39 8.43 8.21 -8.79
N LEU A 40 8.60 6.98 -8.31
CA LEU A 40 7.72 5.91 -8.72
C LEU A 40 6.28 6.41 -8.81
N LEU A 41 5.79 6.90 -7.68
CA LEU A 41 4.44 7.42 -7.62
C LEU A 41 4.48 8.94 -7.73
N ASP A 42 5.13 9.41 -8.79
CA ASP A 42 5.25 10.84 -9.02
C ASP A 42 3.86 11.43 -9.26
N GLY A 43 3.55 12.46 -8.49
CA GLY A 43 2.25 13.12 -8.60
C GLY A 43 1.11 12.11 -8.55
N CYS A 44 1.29 11.11 -7.69
CA CYS A 44 0.28 10.07 -7.53
C CYS A 44 -0.15 10.05 -6.06
N ARG A 45 -1.38 10.50 -5.84
CA ARG A 45 -1.93 10.54 -4.49
C ARG A 45 -2.58 9.20 -4.14
N ILE A 46 -2.14 8.65 -3.02
CA ILE A 46 -2.67 7.36 -2.57
C ILE A 46 -3.20 7.51 -1.14
N TYR A 47 -4.28 6.81 -0.86
CA TYR A 47 -4.88 6.85 0.47
C TYR A 47 -4.71 5.52 1.19
N LEU A 48 -4.01 5.59 2.32
CA LEU A 48 -3.76 4.40 3.12
C LEU A 48 -4.98 4.13 4.01
N CYS A 49 -5.40 2.87 4.01
CA CYS A 49 -6.54 2.46 4.81
C CYS A 49 -6.24 1.10 5.42
N GLY A 50 -6.58 0.96 6.69
CA GLY A 50 -6.35 -0.30 7.40
C GLY A 50 -4.85 -0.58 7.55
N PHE A 51 -4.16 0.38 8.14
CA PHE A 51 -2.73 0.24 8.34
C PHE A 51 -2.29 0.96 9.62
N SER A 52 -1.47 0.27 10.40
CA SER A 52 -0.97 0.82 11.64
C SER A 52 0.35 0.15 12.02
N GLY A 53 1.05 0.77 12.97
CA GLY A 53 2.32 0.24 13.42
C GLY A 53 3.38 0.33 12.32
N ARG A 54 3.91 -0.83 11.97
CA ARG A 54 4.93 -0.89 10.93
C ARG A 54 4.27 -0.93 9.55
N LYS A 55 3.29 -1.80 9.41
CA LYS A 55 2.58 -1.94 8.15
C LYS A 55 2.36 -0.56 7.53
N LEU A 56 1.92 0.37 8.38
CA LEU A 56 1.67 1.72 7.93
C LEU A 56 3.00 2.43 7.67
N ASP A 57 3.81 2.50 8.73
CA ASP A 57 5.11 3.14 8.63
C ASP A 57 5.75 2.78 7.28
N LYS A 58 5.67 1.50 6.95
CA LYS A 58 6.24 1.02 5.70
C LYS A 58 5.63 1.80 4.54
N LEU A 59 4.35 1.53 4.29
CA LEU A 59 3.65 2.19 3.22
C LEU A 59 4.04 3.68 3.18
N ARG A 60 4.00 4.28 4.36
CA ARG A 60 4.35 5.69 4.49
C ARG A 60 5.71 5.96 3.84
N ARG A 61 6.65 5.06 4.13
CA ARG A 61 8.00 5.20 3.58
C ARG A 61 8.00 4.85 2.09
N LEU A 62 7.10 3.96 1.73
CA LEU A 62 6.99 3.53 0.33
C LEU A 62 6.46 4.70 -0.51
N ILE A 63 5.20 5.03 -0.27
CA ILE A 63 4.56 6.12 -1.00
C ILE A 63 5.57 7.26 -1.18
N ASN A 64 6.12 7.70 -0.06
CA ASN A 64 7.08 8.78 -0.07
C ASN A 64 8.28 8.38 -0.94
N SER A 65 8.73 7.15 -0.74
CA SER A 65 9.86 6.64 -1.48
C SER A 65 9.55 6.67 -2.99
N GLY A 66 8.26 6.57 -3.29
CA GLY A 66 7.82 6.59 -4.68
C GLY A 66 7.57 8.01 -5.16
N GLY A 67 7.42 8.91 -4.20
CA GLY A 67 7.17 10.31 -4.50
C GLY A 67 5.68 10.63 -4.46
N GLY A 68 4.89 9.60 -4.18
CA GLY A 68 3.44 9.76 -4.11
C GLY A 68 3.04 10.45 -2.81
N VAL A 69 1.78 10.86 -2.76
CA VAL A 69 1.26 11.54 -1.59
C VAL A 69 0.31 10.59 -0.85
N ARG A 70 0.45 10.56 0.46
CA ARG A 70 -0.39 9.72 1.29
C ARG A 70 -1.46 10.55 1.99
N PHE A 71 -2.69 10.38 1.52
CA PHE A 71 -3.82 11.11 2.09
C PHE A 71 -4.40 10.37 3.29
N ASN A 72 -4.08 10.88 4.47
CA ASN A 72 -4.57 10.29 5.70
C ASN A 72 -6.10 10.30 5.71
N GLN A 73 -6.65 11.10 4.80
CA GLN A 73 -8.09 11.22 4.70
C GLN A 73 -8.53 11.02 3.24
N LEU A 74 -9.66 10.35 3.09
CA LEU A 74 -10.20 10.09 1.76
C LEU A 74 -10.75 11.39 1.17
N ASN A 75 -10.28 11.72 -0.02
CA ASN A 75 -10.72 12.92 -0.69
C ASN A 75 -10.72 12.69 -2.20
N GLU A 76 -11.00 13.76 -2.94
CA GLU A 76 -11.04 13.68 -4.39
C GLU A 76 -9.65 13.94 -4.96
N ASP A 77 -8.65 13.83 -4.10
CA ASP A 77 -7.28 14.04 -4.50
C ASP A 77 -6.60 12.69 -4.71
N VAL A 78 -6.76 11.83 -3.73
CA VAL A 78 -6.16 10.50 -3.79
C VAL A 78 -6.59 9.81 -5.08
N THR A 79 -5.64 9.12 -5.70
CA THR A 79 -5.90 8.42 -6.94
C THR A 79 -5.67 6.91 -6.76
N HIS A 80 -5.40 6.54 -5.52
CA HIS A 80 -5.15 5.15 -5.21
C HIS A 80 -5.47 4.89 -3.73
N VAL A 81 -6.11 3.76 -3.48
CA VAL A 81 -6.46 3.39 -2.12
C VAL A 81 -5.92 1.98 -1.82
N ILE A 82 -4.92 1.96 -0.96
CA ILE A 82 -4.30 0.69 -0.58
C ILE A 82 -4.99 0.15 0.68
N VAL A 83 -5.82 -0.86 0.47
CA VAL A 83 -6.55 -1.47 1.58
C VAL A 83 -5.66 -2.55 2.21
N GLY A 84 -5.31 -2.32 3.47
CA GLY A 84 -4.48 -3.25 4.20
C GLY A 84 -5.34 -4.21 5.02
N ASP A 85 -6.37 -3.66 5.64
CA ASP A 85 -7.27 -4.45 6.46
C ASP A 85 -8.71 -4.26 5.96
N TYR A 86 -9.05 -3.01 5.70
CA TYR A 86 -10.39 -2.68 5.22
C TYR A 86 -10.49 -1.21 4.85
N ASP A 87 -11.62 -0.85 4.27
CA ASP A 87 -11.85 0.53 3.86
C ASP A 87 -13.29 0.93 4.21
N ASP A 88 -13.44 1.49 5.40
CA ASP A 88 -14.75 1.92 5.86
C ASP A 88 -14.96 3.40 5.52
N GLU A 89 -13.85 4.13 5.54
CA GLU A 89 -13.89 5.56 5.24
C GLU A 89 -14.24 5.77 3.77
N LEU A 90 -13.57 5.03 2.91
CA LEU A 90 -13.80 5.12 1.47
C LEU A 90 -15.31 5.15 1.21
N LYS A 91 -16.00 4.19 1.80
CA LYS A 91 -17.43 4.09 1.64
C LYS A 91 -18.08 5.45 1.95
N GLN A 92 -17.52 6.12 2.94
CA GLN A 92 -18.02 7.42 3.35
C GLN A 92 -17.78 8.45 2.24
N PHE A 93 -16.58 8.40 1.68
CA PHE A 93 -16.21 9.31 0.62
C PHE A 93 -17.06 9.06 -0.64
N TRP A 94 -17.70 7.90 -0.66
CA TRP A 94 -18.53 7.53 -1.79
C TRP A 94 -19.87 8.24 -1.63
N ASN A 95 -20.08 8.80 -0.45
CA ASN A 95 -21.32 9.51 -0.17
C ASN A 95 -21.00 10.99 0.11
N LYS A 96 -19.76 11.36 -0.19
CA LYS A 96 -19.31 12.73 0.03
C LYS A 96 -19.09 13.39 -1.33
N SER A 97 -17.96 13.05 -1.94
CA SER A 97 -17.62 13.61 -3.23
C SER A 97 -17.80 12.56 -4.33
N ALA A 98 -17.95 13.05 -5.56
CA ALA A 98 -18.12 12.16 -6.69
C ALA A 98 -16.75 11.72 -7.22
N HIS A 99 -16.33 10.55 -6.77
CA HIS A 99 -15.04 10.01 -7.18
C HIS A 99 -14.88 8.60 -6.61
N ARG A 100 -14.49 7.68 -7.48
CA ARG A 100 -14.29 6.30 -7.08
C ARG A 100 -12.84 5.89 -7.33
N PRO A 101 -12.01 6.02 -6.26
CA PRO A 101 -10.60 5.67 -6.35
C PRO A 101 -10.42 4.15 -6.34
N HIS A 102 -9.29 3.72 -6.88
CA HIS A 102 -8.99 2.30 -6.95
C HIS A 102 -8.88 1.74 -5.53
N VAL A 103 -9.09 0.43 -5.43
CA VAL A 103 -9.03 -0.24 -4.14
C VAL A 103 -8.24 -1.54 -4.29
N VAL A 104 -6.96 -1.45 -3.98
CA VAL A 104 -6.09 -2.61 -4.08
C VAL A 104 -5.36 -2.82 -2.74
N GLY A 105 -4.56 -3.87 -2.69
CA GLY A 105 -3.81 -4.19 -1.49
C GLY A 105 -2.38 -3.63 -1.57
N ALA A 106 -1.73 -3.61 -0.42
CA ALA A 106 -0.37 -3.11 -0.34
C ALA A 106 0.52 -3.93 -1.29
N LYS A 107 0.21 -5.21 -1.38
CA LYS A 107 0.97 -6.11 -2.23
C LYS A 107 1.33 -5.38 -3.53
N TRP A 108 0.31 -4.75 -4.12
CA TRP A 108 0.50 -4.02 -5.36
C TRP A 108 1.65 -3.02 -5.14
N LEU A 109 1.41 -2.09 -4.23
CA LEU A 109 2.40 -1.07 -3.93
C LEU A 109 3.79 -1.71 -3.90
N LEU A 110 3.87 -2.84 -3.22
CA LEU A 110 5.13 -3.56 -3.11
C LEU A 110 5.64 -3.91 -4.50
N GLU A 111 4.82 -4.65 -5.23
CA GLU A 111 5.18 -5.05 -6.58
C GLU A 111 5.61 -3.84 -7.40
N CYS A 112 4.98 -2.71 -7.11
CA CYS A 112 5.29 -1.48 -7.81
C CYS A 112 6.74 -1.10 -7.49
N PHE A 113 7.02 -0.95 -6.20
CA PHE A 113 8.36 -0.60 -5.76
C PHE A 113 9.34 -1.74 -5.99
N SER A 114 8.77 -2.91 -6.28
CA SER A 114 9.58 -4.09 -6.53
C SER A 114 9.92 -4.20 -8.02
N LYS A 115 8.91 -3.95 -8.84
CA LYS A 115 9.09 -4.02 -10.29
C LYS A 115 9.75 -2.73 -10.77
N GLY A 116 9.68 -1.71 -9.92
CA GLY A 116 10.28 -0.43 -10.25
C GLY A 116 9.26 0.49 -10.94
N TYR A 117 8.18 -0.13 -11.40
CA TYR A 117 7.13 0.62 -12.07
C TYR A 117 5.74 0.15 -11.60
N MET A 118 4.77 1.05 -11.73
CA MET A 118 3.41 0.75 -11.34
C MET A 118 2.82 -0.36 -12.20
N LEU A 119 2.08 -1.25 -11.54
CA LEU A 119 1.45 -2.36 -12.23
C LEU A 119 -0.07 -2.19 -12.18
N SER A 120 -0.75 -3.12 -12.84
CA SER A 120 -2.20 -3.10 -12.87
C SER A 120 -2.76 -3.24 -11.46
N GLU A 121 -3.84 -2.50 -11.21
CA GLU A 121 -4.48 -2.55 -9.90
C GLU A 121 -5.66 -3.52 -9.93
N GLU A 122 -6.19 -3.73 -11.12
CA GLU A 122 -7.32 -4.62 -11.30
C GLU A 122 -6.99 -6.01 -10.73
N PRO A 123 -5.77 -6.51 -11.07
CA PRO A 123 -5.33 -7.80 -10.59
C PRO A 123 -4.93 -7.74 -9.12
N TYR A 124 -5.18 -6.59 -8.52
CA TYR A 124 -4.84 -6.38 -7.12
C TYR A 124 -6.02 -5.74 -6.36
N ILE A 125 -7.19 -5.81 -6.99
CA ILE A 125 -8.37 -5.24 -6.38
C ILE A 125 -8.69 -5.98 -5.08
N HIS A 126 -9.20 -5.23 -4.13
CA HIS A 126 -9.53 -5.79 -2.83
C HIS A 126 -11.06 -5.83 -2.67
N SER A 127 -11.60 -7.04 -2.72
CA SER A 127 -13.04 -7.22 -2.58
C SER A 127 -13.35 -7.99 -1.30
N GLY A 128 -14.47 -7.63 -0.69
CA GLY A 128 -14.89 -8.28 0.54
C GLY A 128 -15.75 -9.52 0.25
N PRO A 129 -16.05 -10.28 1.33
CA PRO A 129 -16.86 -11.47 1.20
C PRO A 129 -18.34 -11.12 1.00
N SER A 130 -18.97 -11.85 0.11
CA SER A 130 -20.38 -11.63 -0.19
C SER A 130 -20.95 -12.82 -0.95
N SER A 131 -22.26 -12.98 -0.85
CA SER A 131 -22.94 -14.07 -1.53
C SER A 131 -22.62 -15.40 -0.83
N GLY A 132 -21.34 -15.72 -0.79
CA GLY A 132 -20.88 -16.95 -0.17
C GLY A 132 -19.47 -16.79 0.40
N GLY A 1 10.52 9.99 27.99
CA GLY A 1 9.56 8.91 27.84
C GLY A 1 8.15 9.45 27.62
N SER A 2 7.99 10.17 26.53
CA SER A 2 6.70 10.75 26.19
C SER A 2 6.36 10.48 24.72
N SER A 3 5.33 9.68 24.53
CA SER A 3 4.90 9.33 23.19
C SER A 3 3.64 8.45 23.25
N GLY A 4 2.68 8.80 22.42
CA GLY A 4 1.43 8.06 22.37
C GLY A 4 1.27 7.34 21.03
N SER A 5 1.77 6.11 21.00
CA SER A 5 1.70 5.30 19.79
C SER A 5 2.32 3.93 20.03
N SER A 6 1.63 2.91 19.53
CA SER A 6 2.11 1.54 19.69
C SER A 6 2.57 0.99 18.34
N GLY A 7 3.80 1.35 17.98
CA GLY A 7 4.36 0.91 16.72
C GLY A 7 5.87 1.14 16.69
N SER A 8 6.56 0.30 15.91
CA SER A 8 8.00 0.42 15.79
C SER A 8 8.37 1.72 15.08
N GLU A 9 8.50 2.77 15.88
CA GLU A 9 8.84 4.08 15.36
C GLU A 9 10.24 4.49 15.83
N SER A 10 10.81 5.45 15.12
CA SER A 10 12.14 5.94 15.45
C SER A 10 13.09 4.77 15.70
N ILE A 11 13.71 4.31 14.62
CA ILE A 11 14.63 3.20 14.70
C ILE A 11 15.36 3.05 13.36
N CYS A 12 16.68 3.04 13.44
CA CYS A 12 17.50 2.91 12.25
C CYS A 12 18.97 2.76 12.69
N ASN A 13 19.32 1.54 13.06
CA ASN A 13 20.67 1.25 13.49
C ASN A 13 21.08 -0.13 12.99
N SER A 14 22.05 -0.13 12.07
CA SER A 14 22.54 -1.36 11.50
C SER A 14 21.41 -2.09 10.76
N LEU A 15 21.72 -2.48 9.53
CA LEU A 15 20.73 -3.17 8.70
C LEU A 15 20.46 -4.56 9.30
N ASN A 16 19.23 -5.00 9.14
CA ASN A 16 18.83 -6.30 9.66
C ASN A 16 17.34 -6.51 9.40
N SER A 17 16.93 -7.77 9.45
CA SER A 17 15.55 -8.13 9.21
C SER A 17 15.13 -7.71 7.79
N LYS A 18 14.55 -8.66 7.08
CA LYS A 18 14.09 -8.41 5.72
C LYS A 18 13.24 -9.59 5.25
N LEU A 19 12.20 -9.25 4.50
CA LEU A 19 11.30 -10.27 3.98
C LEU A 19 10.72 -9.79 2.64
N GLU A 20 10.16 -10.74 1.91
CA GLU A 20 9.56 -10.43 0.62
C GLU A 20 8.69 -9.19 0.72
N PRO A 21 8.67 -8.40 -0.39
CA PRO A 21 7.87 -7.17 -0.42
C PRO A 21 6.39 -7.50 -0.59
N THR A 22 5.88 -8.28 0.35
CA THR A 22 4.48 -8.66 0.33
C THR A 22 3.74 -8.06 1.52
N LEU A 23 2.42 -8.01 1.39
CA LEU A 23 1.58 -7.46 2.44
C LEU A 23 1.89 -8.17 3.76
N GLU A 24 1.44 -9.41 3.85
CA GLU A 24 1.66 -10.21 5.04
C GLU A 24 3.06 -9.93 5.61
N ASN A 25 3.97 -9.60 4.72
CA ASN A 25 5.34 -9.31 5.12
C ASN A 25 5.61 -7.83 4.93
N LEU A 26 4.84 -7.01 5.64
CA LEU A 26 5.00 -5.57 5.57
C LEU A 26 5.84 -5.09 6.74
N GLU A 27 5.75 -5.83 7.85
CA GLU A 27 6.50 -5.49 9.04
C GLU A 27 8.00 -5.73 8.81
N ASN A 28 8.30 -6.92 8.34
CA ASN A 28 9.69 -7.29 8.07
C ASN A 28 10.04 -6.93 6.62
N LEU A 29 9.51 -5.80 6.19
CA LEU A 29 9.76 -5.34 4.84
C LEU A 29 10.86 -4.28 4.87
N ASP A 30 11.55 -4.16 3.73
CA ASP A 30 12.64 -3.19 3.61
C ASP A 30 12.30 -2.19 2.50
N VAL A 31 11.71 -1.08 2.91
CA VAL A 31 11.35 -0.05 1.97
C VAL A 31 12.60 0.55 1.34
N SER A 32 13.74 0.21 1.94
CA SER A 32 15.01 0.70 1.46
C SER A 32 15.66 -0.34 0.53
N ALA A 33 14.87 -1.34 0.19
CA ALA A 33 15.34 -2.40 -0.69
C ALA A 33 14.89 -2.11 -2.13
N PHE A 34 13.63 -1.71 -2.25
CA PHE A 34 13.08 -1.40 -3.55
C PHE A 34 14.01 -0.48 -4.35
N GLN A 35 14.42 -0.97 -5.50
CA GLN A 35 15.32 -0.21 -6.35
C GLN A 35 14.51 0.74 -7.25
N ALA A 36 13.20 0.63 -7.14
CA ALA A 36 12.31 1.47 -7.93
C ALA A 36 12.81 2.91 -7.89
N PRO A 37 12.22 3.75 -8.79
CA PRO A 37 12.60 5.15 -8.87
C PRO A 37 12.03 5.94 -7.68
N GLU A 38 12.73 7.01 -7.34
CA GLU A 38 12.29 7.85 -6.24
C GLU A 38 11.02 8.60 -6.61
N ASP A 39 10.63 8.47 -7.87
CA ASP A 39 9.43 9.12 -8.36
C ASP A 39 8.45 8.06 -8.89
N LEU A 40 8.68 6.83 -8.44
CA LEU A 40 7.83 5.72 -8.85
C LEU A 40 6.38 6.20 -8.92
N LEU A 41 5.92 6.75 -7.81
CA LEU A 41 4.54 7.26 -7.74
C LEU A 41 4.57 8.78 -7.82
N ASP A 42 5.15 9.28 -8.90
CA ASP A 42 5.23 10.71 -9.11
C ASP A 42 3.82 11.29 -9.25
N GLY A 43 3.55 12.31 -8.45
CA GLY A 43 2.24 12.96 -8.47
C GLY A 43 1.13 11.93 -8.36
N CYS A 44 1.34 10.96 -7.48
CA CYS A 44 0.35 9.91 -7.26
C CYS A 44 -0.08 9.96 -5.79
N ARG A 45 -1.32 10.39 -5.59
CA ARG A 45 -1.86 10.48 -4.24
C ARG A 45 -2.65 9.22 -3.90
N ILE A 46 -2.14 8.49 -2.92
CA ILE A 46 -2.78 7.25 -2.49
C ILE A 46 -3.28 7.43 -1.05
N TYR A 47 -4.32 6.67 -0.74
CA TYR A 47 -4.91 6.73 0.59
C TYR A 47 -4.63 5.43 1.36
N LEU A 48 -4.06 5.60 2.54
CA LEU A 48 -3.74 4.46 3.39
C LEU A 48 -4.92 4.17 4.32
N CYS A 49 -5.47 2.98 4.17
CA CYS A 49 -6.61 2.58 4.99
C CYS A 49 -6.30 1.20 5.57
N GLY A 50 -6.65 1.04 6.85
CA GLY A 50 -6.42 -0.21 7.54
C GLY A 50 -4.92 -0.50 7.68
N PHE A 51 -4.25 0.40 8.39
CA PHE A 51 -2.81 0.26 8.60
C PHE A 51 -2.39 0.92 9.91
N SER A 52 -1.86 0.11 10.81
CA SER A 52 -1.41 0.59 12.10
C SER A 52 -0.22 -0.23 12.58
N GLY A 53 0.87 0.47 12.86
CA GLY A 53 2.08 -0.18 13.32
C GLY A 53 3.23 0.00 12.32
N ARG A 54 3.68 -1.11 11.78
CA ARG A 54 4.77 -1.08 10.81
C ARG A 54 4.21 -0.94 9.39
N LYS A 55 3.27 -1.83 9.07
CA LYS A 55 2.66 -1.82 7.75
C LYS A 55 2.40 -0.37 7.32
N LEU A 56 1.99 0.43 8.28
CA LEU A 56 1.71 1.84 8.03
C LEU A 56 3.02 2.58 7.80
N ASP A 57 3.79 2.72 8.87
CA ASP A 57 5.07 3.40 8.79
C ASP A 57 5.76 3.04 7.48
N LYS A 58 5.68 1.76 7.15
CA LYS A 58 6.30 1.26 5.92
C LYS A 58 5.79 2.10 4.74
N LEU A 59 4.50 1.99 4.48
CA LEU A 59 3.90 2.73 3.39
C LEU A 59 4.37 4.18 3.43
N ARG A 60 4.23 4.78 4.60
CA ARG A 60 4.64 6.16 4.78
C ARG A 60 6.02 6.40 4.18
N ARG A 61 6.81 5.33 4.16
CA ARG A 61 8.15 5.40 3.60
C ARG A 61 8.15 4.93 2.15
N LEU A 62 7.33 3.93 1.88
CA LEU A 62 7.23 3.38 0.53
C LEU A 62 6.63 4.44 -0.39
N ILE A 63 5.40 4.84 -0.06
CA ILE A 63 4.71 5.84 -0.85
C ILE A 63 5.64 7.03 -1.10
N ASN A 64 6.32 7.43 -0.04
CA ASN A 64 7.25 8.55 -0.14
C ASN A 64 8.41 8.17 -1.06
N SER A 65 8.87 6.94 -0.91
CA SER A 65 9.98 6.44 -1.71
C SER A 65 9.68 6.68 -3.19
N GLY A 66 8.52 6.23 -3.62
CA GLY A 66 8.11 6.39 -5.00
C GLY A 66 7.76 7.85 -5.31
N GLY A 67 7.84 8.67 -4.28
CA GLY A 67 7.53 10.08 -4.42
C GLY A 67 6.04 10.35 -4.19
N GLY A 68 5.27 9.28 -4.27
CA GLY A 68 3.82 9.39 -4.06
C GLY A 68 3.51 10.14 -2.77
N VAL A 69 2.22 10.37 -2.56
CA VAL A 69 1.78 11.07 -1.37
C VAL A 69 0.61 10.31 -0.73
N ARG A 70 0.81 9.92 0.52
CA ARG A 70 -0.21 9.19 1.25
C ARG A 70 -1.15 10.15 1.96
N PHE A 71 -2.44 9.92 1.78
CA PHE A 71 -3.46 10.75 2.40
C PHE A 71 -4.08 10.06 3.61
N ASN A 72 -3.88 10.66 4.77
CA ASN A 72 -4.41 10.12 6.01
C ASN A 72 -5.93 9.99 5.89
N GLN A 73 -6.51 10.91 5.14
CA GLN A 73 -7.95 10.91 4.94
C GLN A 73 -8.28 10.84 3.45
N LEU A 74 -9.24 9.98 3.12
CA LEU A 74 -9.65 9.82 1.73
C LEU A 74 -10.49 11.03 1.32
N ASN A 75 -10.35 11.39 0.05
CA ASN A 75 -11.08 12.52 -0.50
C ASN A 75 -10.66 12.74 -1.95
N GLU A 76 -11.26 13.76 -2.55
CA GLU A 76 -10.95 14.10 -3.94
C GLU A 76 -9.49 14.52 -4.07
N ASP A 77 -8.61 13.52 -4.02
CA ASP A 77 -7.19 13.78 -4.13
C ASP A 77 -6.45 12.45 -4.33
N VAL A 78 -6.89 11.46 -3.58
CA VAL A 78 -6.28 10.13 -3.65
C VAL A 78 -6.71 9.46 -4.95
N THR A 79 -5.72 9.18 -5.79
CA THR A 79 -5.98 8.54 -7.07
C THR A 79 -6.05 7.02 -6.89
N HIS A 80 -5.52 6.56 -5.77
CA HIS A 80 -5.52 5.13 -5.47
C HIS A 80 -5.75 4.92 -3.98
N VAL A 81 -6.42 3.82 -3.66
CA VAL A 81 -6.71 3.50 -2.27
C VAL A 81 -6.10 2.14 -1.94
N ILE A 82 -5.16 2.15 -1.00
CA ILE A 82 -4.50 0.93 -0.58
C ILE A 82 -5.16 0.41 0.70
N VAL A 83 -5.99 -0.60 0.52
CA VAL A 83 -6.69 -1.20 1.64
C VAL A 83 -5.88 -2.39 2.16
N GLY A 84 -5.72 -2.40 3.48
CA GLY A 84 -4.96 -3.48 4.12
C GLY A 84 -5.91 -4.56 4.66
N ASP A 85 -6.77 -4.16 5.58
CA ASP A 85 -7.72 -5.07 6.17
C ASP A 85 -9.13 -4.69 5.74
N TYR A 86 -9.37 -3.39 5.67
CA TYR A 86 -10.66 -2.88 5.27
C TYR A 86 -10.63 -1.37 5.06
N ASP A 87 -11.66 -0.86 4.41
CA ASP A 87 -11.75 0.56 4.14
C ASP A 87 -13.18 1.04 4.43
N ASP A 88 -13.37 1.59 5.62
CA ASP A 88 -14.67 2.09 6.01
C ASP A 88 -14.84 3.52 5.51
N GLU A 89 -13.73 4.24 5.50
CA GLU A 89 -13.75 5.62 5.04
C GLU A 89 -14.17 5.70 3.58
N LEU A 90 -13.68 4.75 2.80
CA LEU A 90 -14.01 4.70 1.39
C LEU A 90 -15.52 4.85 1.22
N LYS A 91 -16.25 3.91 1.79
CA LYS A 91 -17.70 3.93 1.70
C LYS A 91 -18.20 5.36 1.92
N GLN A 92 -17.60 6.02 2.90
CA GLN A 92 -17.97 7.39 3.22
C GLN A 92 -17.66 8.32 2.04
N PHE A 93 -16.45 8.17 1.53
CA PHE A 93 -16.01 8.98 0.40
C PHE A 93 -16.92 8.78 -0.81
N TRP A 94 -17.64 7.67 -0.79
CA TRP A 94 -18.56 7.35 -1.87
C TRP A 94 -19.86 8.12 -1.63
N ASN A 95 -20.05 8.53 -0.39
CA ASN A 95 -21.23 9.27 -0.02
C ASN A 95 -20.87 10.75 0.19
N LYS A 96 -19.64 11.07 -0.17
CA LYS A 96 -19.16 12.45 -0.02
C LYS A 96 -18.98 13.07 -1.41
N SER A 97 -17.85 12.77 -2.01
CA SER A 97 -17.55 13.30 -3.34
C SER A 97 -17.73 12.20 -4.39
N ALA A 98 -17.92 12.64 -5.62
CA ALA A 98 -18.09 11.71 -6.72
C ALA A 98 -16.73 11.35 -7.32
N HIS A 99 -16.21 10.21 -6.87
CA HIS A 99 -14.91 9.75 -7.34
C HIS A 99 -14.72 8.30 -6.92
N ARG A 100 -14.32 7.48 -7.90
CA ARG A 100 -14.09 6.07 -7.64
C ARG A 100 -12.61 5.73 -7.84
N PRO A 101 -11.85 5.77 -6.72
CA PRO A 101 -10.42 5.47 -6.76
C PRO A 101 -10.19 3.97 -6.92
N HIS A 102 -8.92 3.61 -6.97
CA HIS A 102 -8.53 2.21 -7.11
C HIS A 102 -8.33 1.60 -5.73
N VAL A 103 -9.21 0.65 -5.40
CA VAL A 103 -9.12 -0.02 -4.11
C VAL A 103 -8.30 -1.30 -4.27
N VAL A 104 -7.04 -1.20 -3.88
CA VAL A 104 -6.13 -2.33 -3.96
C VAL A 104 -5.41 -2.51 -2.63
N GLY A 105 -4.59 -3.56 -2.56
CA GLY A 105 -3.84 -3.85 -1.36
C GLY A 105 -2.40 -3.37 -1.48
N ALA A 106 -1.81 -3.03 -0.35
CA ALA A 106 -0.44 -2.56 -0.32
C ALA A 106 0.42 -3.46 -1.21
N LYS A 107 0.11 -4.74 -1.16
CA LYS A 107 0.84 -5.72 -1.96
C LYS A 107 1.17 -5.12 -3.33
N TRP A 108 0.14 -4.55 -3.94
CA TRP A 108 0.31 -3.93 -5.25
C TRP A 108 1.42 -2.90 -5.14
N LEU A 109 1.22 -1.94 -4.25
CA LEU A 109 2.19 -0.88 -4.05
C LEU A 109 3.59 -1.50 -3.98
N LEU A 110 3.70 -2.57 -3.22
CA LEU A 110 4.97 -3.26 -3.06
C LEU A 110 5.51 -3.65 -4.44
N GLU A 111 4.77 -4.51 -5.11
CA GLU A 111 5.15 -4.97 -6.43
C GLU A 111 5.56 -3.79 -7.30
N CYS A 112 4.77 -2.72 -7.21
CA CYS A 112 5.06 -1.52 -7.98
C CYS A 112 6.51 -1.14 -7.77
N PHE A 113 6.94 -1.18 -6.51
CA PHE A 113 8.31 -0.83 -6.17
C PHE A 113 9.26 -2.00 -6.48
N SER A 114 8.85 -3.18 -6.03
CA SER A 114 9.65 -4.37 -6.25
C SER A 114 9.94 -4.54 -7.73
N LYS A 115 8.97 -4.19 -8.54
CA LYS A 115 9.11 -4.29 -9.99
C LYS A 115 9.84 -3.05 -10.51
N GLY A 116 9.71 -1.96 -9.77
CA GLY A 116 10.35 -0.71 -10.15
C GLY A 116 9.41 0.17 -10.96
N TYR A 117 8.32 -0.45 -11.40
CA TYR A 117 7.33 0.27 -12.19
C TYR A 117 5.91 -0.09 -11.74
N MET A 118 5.05 0.92 -11.70
CA MET A 118 3.67 0.72 -11.29
C MET A 118 3.02 -0.39 -12.12
N LEU A 119 2.22 -1.20 -11.44
CA LEU A 119 1.52 -2.29 -12.09
C LEU A 119 0.01 -2.06 -12.01
N SER A 120 -0.73 -2.96 -12.62
CA SER A 120 -2.18 -2.87 -12.63
C SER A 120 -2.72 -3.13 -11.22
N GLU A 121 -3.83 -2.47 -10.92
CA GLU A 121 -4.47 -2.63 -9.62
C GLU A 121 -5.62 -3.63 -9.71
N GLU A 122 -6.14 -3.78 -10.91
CA GLU A 122 -7.24 -4.71 -11.14
C GLU A 122 -6.92 -6.07 -10.52
N PRO A 123 -5.69 -6.56 -10.80
CA PRO A 123 -5.25 -7.84 -10.28
C PRO A 123 -4.90 -7.74 -8.79
N TYR A 124 -5.13 -6.55 -8.25
CA TYR A 124 -4.85 -6.31 -6.85
C TYR A 124 -6.00 -5.56 -6.17
N ILE A 125 -7.19 -5.73 -6.75
CA ILE A 125 -8.37 -5.06 -6.22
C ILE A 125 -8.70 -5.67 -4.85
N HIS A 126 -9.40 -4.87 -4.05
CA HIS A 126 -9.78 -5.29 -2.72
C HIS A 126 -11.30 -5.43 -2.65
N SER A 127 -11.74 -6.68 -2.52
CA SER A 127 -13.17 -6.96 -2.44
C SER A 127 -13.64 -6.87 -0.99
N GLY A 128 -14.88 -6.45 -0.83
CA GLY A 128 -15.46 -6.32 0.50
C GLY A 128 -16.92 -6.78 0.51
N PRO A 129 -17.80 -5.93 -0.07
CA PRO A 129 -19.22 -6.24 -0.13
C PRO A 129 -19.50 -7.30 -1.19
N SER A 130 -20.78 -7.53 -1.43
CA SER A 130 -21.20 -8.51 -2.41
C SER A 130 -22.48 -8.04 -3.11
N SER A 131 -22.73 -8.62 -4.28
CA SER A 131 -23.90 -8.27 -5.05
C SER A 131 -24.68 -9.54 -5.42
N GLY A 132 -25.93 -9.34 -5.80
CA GLY A 132 -26.78 -10.45 -6.19
C GLY A 132 -26.33 -11.05 -7.52
N GLY A 1 2.74 -13.08 -16.34
CA GLY A 1 1.70 -12.26 -15.75
C GLY A 1 0.33 -12.97 -15.82
N SER A 2 0.16 -13.93 -14.94
CA SER A 2 -1.09 -14.69 -14.88
C SER A 2 -2.21 -13.81 -14.34
N SER A 3 -3.42 -14.13 -14.76
CA SER A 3 -4.59 -13.38 -14.34
C SER A 3 -5.29 -14.12 -13.19
N GLY A 4 -4.91 -13.76 -11.98
CA GLY A 4 -5.49 -14.38 -10.80
C GLY A 4 -5.74 -13.34 -9.69
N SER A 5 -7.00 -13.15 -9.38
CA SER A 5 -7.38 -12.19 -8.35
C SER A 5 -6.75 -12.59 -7.02
N SER A 6 -6.05 -11.63 -6.43
CA SER A 6 -5.39 -11.86 -5.15
C SER A 6 -6.43 -11.95 -4.03
N GLY A 7 -6.01 -12.53 -2.92
CA GLY A 7 -6.89 -12.69 -1.78
C GLY A 7 -6.40 -13.82 -0.86
N SER A 8 -5.66 -13.42 0.16
CA SER A 8 -5.13 -14.39 1.11
C SER A 8 -4.89 -13.71 2.46
N GLU A 9 -5.93 -13.70 3.28
CA GLU A 9 -5.84 -13.09 4.60
C GLU A 9 -5.44 -14.14 5.65
N SER A 10 -4.24 -13.98 6.16
CA SER A 10 -3.73 -14.90 7.16
C SER A 10 -2.46 -14.32 7.80
N ILE A 11 -2.66 -13.57 8.86
CA ILE A 11 -1.54 -12.95 9.57
C ILE A 11 -1.37 -13.64 10.92
N CYS A 12 -0.13 -14.02 11.20
CA CYS A 12 0.19 -14.67 12.46
C CYS A 12 1.71 -14.85 12.54
N ASN A 13 2.21 -14.79 13.76
CA ASN A 13 3.64 -14.94 13.98
C ASN A 13 4.39 -13.81 13.27
N SER A 14 5.49 -13.39 13.88
CA SER A 14 6.30 -12.33 13.31
C SER A 14 7.57 -12.15 14.13
N LEU A 15 8.70 -12.38 13.48
CA LEU A 15 9.99 -12.25 14.14
C LEU A 15 10.90 -11.35 13.29
N ASN A 16 11.83 -10.70 13.97
CA ASN A 16 12.76 -9.81 13.30
C ASN A 16 13.56 -10.60 12.26
N SER A 17 13.37 -10.23 11.01
CA SER A 17 14.07 -10.90 9.92
C SER A 17 13.48 -10.47 8.58
N LYS A 18 14.33 -9.84 7.77
CA LYS A 18 13.91 -9.37 6.46
C LYS A 18 13.12 -10.47 5.75
N LEU A 19 12.19 -10.05 4.91
CA LEU A 19 11.37 -10.99 4.16
C LEU A 19 10.86 -10.31 2.89
N GLU A 20 10.49 -11.15 1.92
CA GLU A 20 10.00 -10.65 0.66
C GLU A 20 9.02 -9.49 0.89
N PRO A 21 8.93 -8.59 -0.13
CA PRO A 21 8.05 -7.45 -0.05
C PRO A 21 6.59 -7.86 -0.24
N THR A 22 6.15 -8.76 0.63
CA THR A 22 4.78 -9.25 0.58
C THR A 22 3.96 -8.68 1.74
N LEU A 23 2.66 -8.60 1.52
CA LEU A 23 1.76 -8.08 2.54
C LEU A 23 2.05 -8.77 3.87
N GLU A 24 1.94 -10.10 3.84
CA GLU A 24 2.19 -10.90 5.03
C GLU A 24 3.49 -10.46 5.70
N ASN A 25 4.37 -9.87 4.89
CA ASN A 25 5.65 -9.40 5.39
C ASN A 25 5.77 -7.89 5.16
N LEU A 26 4.86 -7.16 5.78
CA LEU A 26 4.85 -5.71 5.65
C LEU A 26 5.64 -5.10 6.79
N GLU A 27 5.44 -5.64 7.98
CA GLU A 27 6.13 -5.16 9.16
C GLU A 27 7.59 -5.61 9.15
N ASN A 28 7.83 -6.71 8.43
CA ASN A 28 9.17 -7.26 8.33
C ASN A 28 9.72 -6.99 6.94
N LEU A 29 9.19 -5.95 6.32
CA LEU A 29 9.62 -5.57 4.98
C LEU A 29 10.58 -4.39 5.07
N ASP A 30 11.43 -4.27 4.05
CA ASP A 30 12.40 -3.20 4.00
C ASP A 30 12.09 -2.29 2.82
N VAL A 31 11.31 -1.26 3.09
CA VAL A 31 10.94 -0.31 2.05
C VAL A 31 12.20 0.21 1.36
N SER A 32 13.26 0.32 2.14
CA SER A 32 14.53 0.80 1.63
C SER A 32 15.15 -0.24 0.69
N ALA A 33 14.49 -1.40 0.63
CA ALA A 33 14.96 -2.47 -0.22
C ALA A 33 14.60 -2.16 -1.67
N PHE A 34 13.35 -1.77 -1.86
CA PHE A 34 12.86 -1.44 -3.19
C PHE A 34 13.81 -0.46 -3.90
N GLN A 35 14.22 -0.84 -5.10
CA GLN A 35 15.11 -0.01 -5.89
C GLN A 35 14.31 0.93 -6.79
N ALA A 36 13.00 0.76 -6.75
CA ALA A 36 12.11 1.58 -7.56
C ALA A 36 12.60 3.04 -7.52
N PRO A 37 12.10 3.83 -8.51
CA PRO A 37 12.47 5.23 -8.59
C PRO A 37 11.78 6.06 -7.52
N GLU A 38 12.35 7.23 -7.24
CA GLU A 38 11.79 8.11 -6.25
C GLU A 38 10.54 8.81 -6.79
N ASP A 39 10.36 8.68 -8.09
CA ASP A 39 9.21 9.29 -8.75
C ASP A 39 8.26 8.19 -9.23
N LEU A 40 8.40 7.02 -8.62
CA LEU A 40 7.56 5.88 -8.97
C LEU A 40 6.12 6.36 -9.14
N LEU A 41 5.59 6.92 -8.07
CA LEU A 41 4.22 7.42 -8.09
C LEU A 41 4.24 8.95 -8.13
N ASP A 42 5.17 9.48 -8.91
CA ASP A 42 5.30 10.92 -9.05
C ASP A 42 3.92 11.53 -9.24
N GLY A 43 3.59 12.45 -8.34
CA GLY A 43 2.30 13.13 -8.39
C GLY A 43 1.15 12.13 -8.27
N CYS A 44 1.35 11.16 -7.38
CA CYS A 44 0.34 10.13 -7.16
C CYS A 44 -0.08 10.19 -5.69
N ARG A 45 -1.29 10.69 -5.47
CA ARG A 45 -1.82 10.80 -4.13
C ARG A 45 -2.44 9.46 -3.68
N ILE A 46 -1.68 8.75 -2.87
CA ILE A 46 -2.14 7.45 -2.37
C ILE A 46 -2.63 7.62 -0.93
N TYR A 47 -3.34 6.61 -0.47
CA TYR A 47 -3.87 6.62 0.89
C TYR A 47 -3.86 5.22 1.50
N LEU A 48 -4.15 5.17 2.79
CA LEU A 48 -4.17 3.90 3.50
C LEU A 48 -5.53 3.74 4.20
N CYS A 49 -6.19 2.63 3.90
CA CYS A 49 -7.48 2.35 4.49
C CYS A 49 -7.44 0.95 5.10
N GLY A 50 -7.22 0.92 6.41
CA GLY A 50 -7.16 -0.34 7.13
C GLY A 50 -5.73 -0.62 7.60
N PHE A 51 -4.97 0.45 7.75
CA PHE A 51 -3.59 0.32 8.19
C PHE A 51 -3.37 1.07 9.50
N SER A 52 -2.21 0.84 10.10
CA SER A 52 -1.85 1.49 11.35
C SER A 52 -0.40 1.20 11.70
N GLY A 53 -0.16 -0.03 12.15
CA GLY A 53 1.18 -0.44 12.52
C GLY A 53 2.16 -0.22 11.37
N ARG A 54 3.33 -0.84 11.49
CA ARG A 54 4.36 -0.72 10.47
C ARG A 54 3.73 -0.70 9.08
N LYS A 55 2.69 -1.53 8.93
CA LYS A 55 2.00 -1.62 7.66
C LYS A 55 1.81 -0.22 7.08
N LEU A 56 1.33 0.67 7.93
CA LEU A 56 1.10 2.04 7.52
C LEU A 56 2.44 2.71 7.18
N ASP A 57 3.22 2.94 8.22
CA ASP A 57 4.53 3.56 8.06
C ASP A 57 5.18 3.02 6.79
N LYS A 58 5.06 1.71 6.60
CA LYS A 58 5.64 1.05 5.44
C LYS A 58 5.22 1.82 4.18
N LEU A 59 3.92 1.85 3.94
CA LEU A 59 3.38 2.53 2.77
C LEU A 59 3.87 3.98 2.78
N ARG A 60 3.75 4.61 3.95
CA ARG A 60 4.17 5.99 4.09
C ARG A 60 5.58 6.19 3.52
N ARG A 61 6.47 5.28 3.89
CA ARG A 61 7.84 5.34 3.42
C ARG A 61 7.90 5.03 1.92
N LEU A 62 7.14 4.03 1.53
CA LEU A 62 7.10 3.61 0.14
C LEU A 62 6.63 4.78 -0.72
N ILE A 63 5.38 5.16 -0.52
CA ILE A 63 4.79 6.26 -1.27
C ILE A 63 5.85 7.36 -1.46
N ASN A 64 6.41 7.81 -0.34
CA ASN A 64 7.42 8.84 -0.37
C ASN A 64 8.63 8.33 -1.16
N SER A 65 9.01 7.10 -0.87
CA SER A 65 10.15 6.49 -1.54
C SER A 65 9.88 6.38 -3.04
N GLY A 66 8.62 6.58 -3.39
CA GLY A 66 8.21 6.51 -4.79
C GLY A 66 7.83 7.90 -5.32
N GLY A 67 7.91 8.87 -4.42
CA GLY A 67 7.56 10.24 -4.78
C GLY A 67 6.07 10.50 -4.62
N GLY A 68 5.32 9.41 -4.58
CA GLY A 68 3.87 9.50 -4.43
C GLY A 68 3.50 10.39 -3.24
N VAL A 69 2.30 10.95 -3.32
CA VAL A 69 1.82 11.82 -2.26
C VAL A 69 1.01 10.99 -1.26
N ARG A 70 1.57 10.86 -0.06
CA ARG A 70 0.92 10.10 0.99
C ARG A 70 -0.03 11.01 1.78
N PHE A 71 -1.31 10.89 1.45
CA PHE A 71 -2.33 11.69 2.11
C PHE A 71 -2.60 11.17 3.53
N ASN A 72 -3.07 12.07 4.38
CA ASN A 72 -3.36 11.71 5.75
C ASN A 72 -4.82 11.25 5.85
N GLN A 73 -5.65 11.82 4.99
CA GLN A 73 -7.06 11.47 4.97
C GLN A 73 -7.55 11.28 3.53
N LEU A 74 -8.48 10.35 3.37
CA LEU A 74 -9.03 10.07 2.06
C LEU A 74 -9.90 11.26 1.61
N ASN A 75 -10.19 11.28 0.31
CA ASN A 75 -11.00 12.34 -0.25
C ASN A 75 -10.71 12.47 -1.75
N GLU A 76 -11.33 13.46 -2.36
CA GLU A 76 -11.14 13.69 -3.78
C GLU A 76 -9.70 14.11 -4.06
N ASP A 77 -8.86 13.11 -4.33
CA ASP A 77 -7.47 13.36 -4.61
C ASP A 77 -6.71 12.04 -4.60
N VAL A 78 -7.13 11.15 -3.71
CA VAL A 78 -6.49 9.85 -3.59
C VAL A 78 -6.60 9.11 -4.93
N THR A 79 -5.47 9.03 -5.61
CA THR A 79 -5.42 8.35 -6.90
C THR A 79 -5.43 6.83 -6.70
N HIS A 80 -5.14 6.42 -5.48
CA HIS A 80 -5.11 5.01 -5.15
C HIS A 80 -5.45 4.82 -3.67
N VAL A 81 -6.19 3.76 -3.40
CA VAL A 81 -6.58 3.45 -2.03
C VAL A 81 -6.04 2.07 -1.65
N ILE A 82 -4.95 2.10 -0.88
CA ILE A 82 -4.32 0.86 -0.44
C ILE A 82 -5.05 0.36 0.82
N VAL A 83 -5.64 -0.83 0.68
CA VAL A 83 -6.35 -1.43 1.79
C VAL A 83 -5.50 -2.55 2.40
N GLY A 84 -5.55 -2.64 3.72
CA GLY A 84 -4.80 -3.65 4.43
C GLY A 84 -5.69 -4.82 4.85
N ASP A 85 -6.91 -4.48 5.24
CA ASP A 85 -7.87 -5.48 5.67
C ASP A 85 -9.24 -5.19 5.03
N TYR A 86 -9.66 -3.93 5.17
CA TYR A 86 -10.93 -3.50 4.61
C TYR A 86 -10.95 -1.99 4.41
N ASP A 87 -11.95 -1.54 3.66
CA ASP A 87 -12.09 -0.12 3.39
C ASP A 87 -13.49 0.34 3.83
N ASP A 88 -13.57 0.68 5.11
CA ASP A 88 -14.84 1.14 5.68
C ASP A 88 -14.91 2.66 5.60
N GLU A 89 -13.73 3.28 5.63
CA GLU A 89 -13.64 4.72 5.56
C GLU A 89 -14.02 5.22 4.16
N LEU A 90 -13.52 4.51 3.16
CA LEU A 90 -13.80 4.86 1.78
C LEU A 90 -15.29 5.18 1.64
N LYS A 91 -16.12 4.24 2.09
CA LYS A 91 -17.56 4.43 2.02
C LYS A 91 -17.91 5.88 2.33
N GLN A 92 -17.32 6.38 3.40
CA GLN A 92 -17.55 7.75 3.81
C GLN A 92 -17.24 8.72 2.67
N PHE A 93 -16.04 8.57 2.13
CA PHE A 93 -15.59 9.41 1.03
C PHE A 93 -16.55 9.30 -0.17
N TRP A 94 -17.28 8.20 -0.19
CA TRP A 94 -18.22 7.96 -1.27
C TRP A 94 -19.52 8.70 -0.93
N ASN A 95 -19.73 8.92 0.35
CA ASN A 95 -20.91 9.61 0.82
C ASN A 95 -20.63 11.12 0.86
N LYS A 96 -19.42 11.48 0.47
CA LYS A 96 -19.02 12.87 0.45
C LYS A 96 -18.91 13.34 -1.00
N SER A 97 -17.95 12.78 -1.71
CA SER A 97 -17.73 13.13 -3.10
C SER A 97 -17.93 11.91 -3.98
N ALA A 98 -18.19 12.17 -5.26
CA ALA A 98 -18.40 11.11 -6.21
C ALA A 98 -17.08 10.79 -6.93
N HIS A 99 -16.43 9.75 -6.44
CA HIS A 99 -15.15 9.33 -7.01
C HIS A 99 -14.95 7.84 -6.78
N ARG A 100 -14.29 7.20 -7.74
CA ARG A 100 -14.02 5.78 -7.65
C ARG A 100 -12.52 5.51 -7.76
N PRO A 101 -11.84 5.53 -6.58
CA PRO A 101 -10.41 5.29 -6.53
C PRO A 101 -10.09 3.81 -6.73
N HIS A 102 -8.81 3.51 -6.75
CA HIS A 102 -8.35 2.14 -6.93
C HIS A 102 -8.11 1.49 -5.57
N VAL A 103 -9.06 0.67 -5.16
CA VAL A 103 -8.97 -0.02 -3.89
C VAL A 103 -8.16 -1.30 -4.06
N VAL A 104 -6.87 -1.20 -3.77
CA VAL A 104 -5.98 -2.34 -3.90
C VAL A 104 -5.26 -2.57 -2.56
N GLY A 105 -4.49 -3.65 -2.53
CA GLY A 105 -3.74 -3.98 -1.32
C GLY A 105 -2.27 -3.58 -1.46
N ALA A 106 -1.68 -3.25 -0.32
CA ALA A 106 -0.29 -2.84 -0.29
C ALA A 106 0.52 -3.75 -1.22
N LYS A 107 0.12 -5.02 -1.26
CA LYS A 107 0.80 -6.00 -2.10
C LYS A 107 1.17 -5.33 -3.43
N TRP A 108 0.19 -4.64 -4.00
CA TRP A 108 0.41 -3.96 -5.27
C TRP A 108 1.56 -2.96 -5.09
N LEU A 109 1.31 -1.98 -4.24
CA LEU A 109 2.31 -0.96 -3.96
C LEU A 109 3.70 -1.60 -3.93
N LEU A 110 3.81 -2.66 -3.15
CA LEU A 110 5.07 -3.37 -3.02
C LEU A 110 5.56 -3.78 -4.41
N GLU A 111 4.78 -4.63 -5.06
CA GLU A 111 5.13 -5.10 -6.38
C GLU A 111 5.60 -3.94 -7.25
N CYS A 112 4.92 -2.82 -7.10
CA CYS A 112 5.26 -1.62 -7.86
C CYS A 112 6.70 -1.23 -7.52
N PHE A 113 6.93 -1.01 -6.24
CA PHE A 113 8.25 -0.63 -5.77
C PHE A 113 9.23 -1.78 -5.91
N SER A 114 8.69 -2.96 -6.18
CA SER A 114 9.51 -4.15 -6.35
C SER A 114 9.96 -4.28 -7.81
N LYS A 115 9.00 -4.09 -8.71
CA LYS A 115 9.29 -4.18 -10.13
C LYS A 115 10.00 -2.91 -10.59
N GLY A 116 9.83 -1.85 -9.80
CA GLY A 116 10.46 -0.58 -10.12
C GLY A 116 9.46 0.35 -10.82
N TYR A 117 8.37 -0.23 -11.29
CA TYR A 117 7.35 0.53 -11.98
C TYR A 117 5.95 0.16 -11.47
N MET A 118 4.99 1.01 -11.80
CA MET A 118 3.61 0.78 -11.39
C MET A 118 2.98 -0.35 -12.21
N LEU A 119 2.28 -1.23 -11.52
CA LEU A 119 1.63 -2.35 -12.16
C LEU A 119 0.11 -2.15 -12.12
N SER A 120 -0.60 -3.07 -12.75
CA SER A 120 -2.05 -2.99 -12.79
C SER A 120 -2.63 -3.21 -11.38
N GLU A 121 -3.73 -2.52 -11.13
CA GLU A 121 -4.38 -2.61 -9.83
C GLU A 121 -5.51 -3.65 -9.89
N GLU A 122 -5.81 -4.09 -11.10
CA GLU A 122 -6.86 -5.07 -11.30
C GLU A 122 -6.49 -6.40 -10.63
N PRO A 123 -5.18 -6.78 -10.79
CA PRO A 123 -4.69 -8.02 -10.20
C PRO A 123 -4.47 -7.85 -8.70
N TYR A 124 -4.82 -6.67 -8.21
CA TYR A 124 -4.67 -6.38 -6.79
C TYR A 124 -5.87 -5.59 -6.26
N ILE A 125 -7.05 -6.02 -6.69
CA ILE A 125 -8.28 -5.37 -6.27
C ILE A 125 -8.76 -5.98 -4.95
N HIS A 126 -9.41 -5.15 -4.16
CA HIS A 126 -9.92 -5.58 -2.87
C HIS A 126 -11.45 -5.57 -2.88
N SER A 127 -12.02 -6.76 -2.95
CA SER A 127 -13.47 -6.89 -2.97
C SER A 127 -13.94 -7.65 -1.72
N GLY A 128 -13.46 -8.89 -1.61
CA GLY A 128 -13.82 -9.73 -0.48
C GLY A 128 -14.41 -11.06 -0.95
N PRO A 129 -15.77 -11.16 -0.85
CA PRO A 129 -16.46 -12.37 -1.27
C PRO A 129 -16.53 -12.46 -2.79
N SER A 130 -15.87 -13.49 -3.31
CA SER A 130 -15.85 -13.71 -4.75
C SER A 130 -16.98 -14.66 -5.16
N SER A 131 -18.08 -14.54 -4.42
CA SER A 131 -19.25 -15.38 -4.70
C SER A 131 -20.53 -14.61 -4.40
N GLY A 132 -21.56 -14.93 -5.16
CA GLY A 132 -22.85 -14.27 -4.99
C GLY A 132 -23.60 -14.17 -6.33
#